data_6Y63
#
_entry.id   6Y63
#
_cell.length_a   130.286
_cell.length_b   79.930
_cell.length_c   145.884
_cell.angle_alpha   90.000
_cell.angle_beta   116.000
_cell.angle_gamma   90.000
#
_symmetry.space_group_name_H-M   'P 1 21 1'
#
loop_
_entity.id
_entity.type
_entity.pdbx_description
1 polymer 'Capsid protein VP1'
2 branched 'N-acetyl-alpha-neuraminic acid-(2-3)-beta-D-galactopyranose'
3 non-polymer (4S)-2-METHYL-2,4-PENTANEDIOL
4 non-polymer 'MAGNESIUM ION'
5 non-polymer 'N-acetyl-alpha-neuraminic acid'
6 water water
#
_entity_poly.entity_id   1
_entity_poly.type   'polypeptide(L)'
_entity_poly.pdbx_seq_one_letter_code
;MGSSHHHHHHSSGLVPRGSHMGGIEVLAVRTGPDSITEIEAYLNPRMGQPQNEDFYGFSDNVTVSDDFGSDAPPWKQFPC
YSTARISLPMLNQDMTSDTILMWEAISCRTEVMGVNMLTNVHSAQKRVYENDREGTGIGVEGMGYHMFAIGGEPLELQFM
VFNHRATYPAEATVIKNPGASSQVFDPNLKGTLTADGVFPVEAWGPDPFKNENTRYFGQYTGGTQTPPVLTFTNTQTTIL
LDENGVGPLCKGDGLFLSCADIVGFFTQHNKKMSFRGLPRYFRVTLRKRVVKN
;
_entity_poly.pdbx_strand_id   AAA,BBB,CCC,DDD,EEE,FFF,GGG,HHH,III,JJJ
#
loop_
_chem_comp.id
_chem_comp.type
_chem_comp.name
_chem_comp.formula
GAL D-saccharide, beta linking beta-D-galactopyranose 'C6 H12 O6'
MG non-polymer 'MAGNESIUM ION' 'Mg 2'
MPD non-polymer (4S)-2-METHYL-2,4-PENTANEDIOL 'C6 H14 O2'
SIA D-saccharide, alpha linking 'N-acetyl-alpha-neuraminic acid' 'C11 H19 N O9'
#
# COMPACT_ATOMS: atom_id res chain seq x y z
N ILE A 36 16.70 15.27 -16.37
CA ILE A 36 17.31 16.07 -15.26
C ILE A 36 18.61 16.71 -15.76
N THR A 37 19.04 17.78 -15.10
CA THR A 37 20.43 18.34 -15.20
C THR A 37 21.01 18.41 -13.77
N GLU A 38 22.23 17.90 -13.58
CA GLU A 38 22.94 17.90 -12.28
C GLU A 38 24.04 18.96 -12.28
N ILE A 39 24.08 19.78 -11.22
CA ILE A 39 25.11 20.82 -10.94
C ILE A 39 25.93 20.34 -9.75
N GLU A 40 27.27 20.34 -9.84
CA GLU A 40 28.16 20.06 -8.68
C GLU A 40 28.96 21.32 -8.37
N ALA A 41 29.12 21.64 -7.10
CA ALA A 41 29.83 22.85 -6.64
C ALA A 41 30.42 22.58 -5.26
N TYR A 42 31.43 23.37 -4.91
CA TYR A 42 31.97 23.40 -3.53
C TYR A 42 31.96 24.84 -3.02
N LEU A 43 31.86 24.96 -1.70
CA LEU A 43 32.07 26.23 -0.97
C LEU A 43 33.19 25.98 0.06
N ASN A 44 34.29 26.70 -0.07
CA ASN A 44 35.38 26.68 0.93
C ASN A 44 34.92 27.47 2.14
N PRO A 45 35.36 27.09 3.36
CA PRO A 45 35.00 27.82 4.56
C PRO A 45 35.67 29.19 4.63
N ARG A 46 35.07 30.09 5.38
CA ARG A 46 35.56 31.47 5.60
C ARG A 46 35.67 31.69 7.10
N MET A 47 36.64 31.02 7.72
CA MET A 47 36.79 31.01 9.20
C MET A 47 37.55 32.26 9.67
N GLY A 48 38.24 32.98 8.76
CA GLY A 48 38.83 34.29 9.09
C GLY A 48 40.18 34.54 8.46
N GLN A 49 41.09 33.56 8.50
CA GLN A 49 42.47 33.70 7.95
C GLN A 49 42.38 33.69 6.42
N PRO A 50 43.23 34.50 5.75
CA PRO A 50 43.12 34.68 4.30
C PRO A 50 43.49 33.43 3.48
N GLN A 51 42.85 33.33 2.31
CA GLN A 51 43.10 32.27 1.30
C GLN A 51 44.59 32.24 0.92
N ASN A 52 45.07 31.08 0.48
CA ASN A 52 46.41 30.89 -0.13
C ASN A 52 47.51 31.38 0.82
N GLU A 53 47.24 31.38 2.13
CA GLU A 53 48.27 31.63 3.19
C GLU A 53 48.18 30.48 4.19
N ASP A 54 49.15 30.40 5.11
CA ASP A 54 49.45 29.14 5.83
C ASP A 54 48.29 28.69 6.73
N PHE A 55 47.36 29.59 7.09
CA PHE A 55 46.30 29.28 8.08
C PHE A 55 44.91 29.28 7.41
N TYR A 56 44.86 29.06 6.09
CA TYR A 56 43.61 28.95 5.31
C TYR A 56 42.81 27.77 5.87
N GLY A 57 41.55 28.01 6.25
CA GLY A 57 40.71 27.00 6.91
C GLY A 57 40.53 27.30 8.39
N PHE A 58 41.38 28.17 8.94
CA PHE A 58 41.42 28.55 10.36
C PHE A 58 40.99 30.00 10.53
N SER A 59 40.52 30.33 11.73
CA SER A 59 40.44 31.72 12.21
C SER A 59 41.80 32.11 12.78
N ASP A 60 41.98 33.41 12.99
CA ASP A 60 43.07 33.93 13.85
C ASP A 60 42.71 33.54 15.30
N ASN A 61 43.67 33.58 16.20
CA ASN A 61 43.42 33.19 17.61
C ASN A 61 42.36 34.11 18.22
N VAL A 62 41.40 33.52 18.93
CA VAL A 62 40.22 34.25 19.47
C VAL A 62 40.64 35.02 20.73
N THR A 63 40.37 36.32 20.73
CA THR A 63 40.47 37.18 21.92
C THR A 63 39.08 37.34 22.52
N VAL A 64 39.03 37.55 23.82
CA VAL A 64 37.77 37.63 24.61
C VAL A 64 37.73 38.98 25.31
N SER A 65 36.66 39.75 25.11
CA SER A 65 36.50 41.08 25.74
C SER A 65 36.32 40.94 27.25
N ASP A 66 36.70 41.98 27.99
CA ASP A 66 36.55 42.07 29.47
C ASP A 66 35.08 42.31 29.82
N ASP A 67 34.30 42.91 28.92
CA ASP A 67 32.87 43.28 29.17
C ASP A 67 32.13 43.45 27.85
N PHE A 68 30.81 43.62 27.90
CA PHE A 68 29.95 43.78 26.69
C PHE A 68 30.21 45.15 26.04
N GLY A 69 30.40 46.19 26.85
CA GLY A 69 30.51 47.60 26.39
C GLY A 69 31.68 47.81 25.43
N SER A 70 32.83 47.20 25.72
CA SER A 70 34.11 47.38 24.97
C SER A 70 34.39 46.18 24.05
N ASP A 71 33.40 45.34 23.81
CA ASP A 71 33.55 44.12 22.98
C ASP A 71 33.80 44.55 21.53
N ALA A 72 34.88 44.06 20.92
CA ALA A 72 35.29 44.38 19.55
C ALA A 72 36.03 43.19 18.97
N PRO A 73 35.33 42.21 18.37
CA PRO A 73 35.99 41.06 17.76
C PRO A 73 36.78 41.49 16.54
N PRO A 74 38.13 41.37 16.56
CA PRO A 74 38.92 41.81 15.41
C PRO A 74 38.66 40.97 14.17
N TRP A 75 38.85 41.58 13.00
CA TRP A 75 38.77 40.88 11.71
C TRP A 75 39.71 39.67 11.75
N LYS A 76 39.22 38.52 11.27
CA LYS A 76 39.94 37.22 11.11
C LYS A 76 39.70 36.29 12.31
N GLN A 77 39.13 36.79 13.40
CA GLN A 77 38.94 36.00 14.65
C GLN A 77 37.56 35.35 14.70
N PHE A 78 36.72 35.50 13.68
CA PHE A 78 35.35 34.91 13.67
C PHE A 78 34.99 34.48 12.26
N PRO A 79 34.24 33.36 12.14
CA PRO A 79 33.80 32.86 10.85
C PRO A 79 32.67 33.69 10.25
N CYS A 80 32.62 33.68 8.91
CA CYS A 80 31.54 34.30 8.09
C CYS A 80 30.91 33.22 7.20
N TYR A 81 29.73 33.48 6.67
CA TYR A 81 29.06 32.56 5.72
C TYR A 81 29.81 32.50 4.38
N SER A 82 29.85 31.31 3.80
CA SER A 82 30.23 31.05 2.40
C SER A 82 28.97 31.13 1.53
N THR A 83 29.07 31.70 0.33
CA THR A 83 27.90 31.79 -0.59
C THR A 83 28.42 31.92 -2.03
N ALA A 84 27.66 31.39 -2.97
CA ALA A 84 27.95 31.47 -4.42
C ALA A 84 26.63 31.45 -5.19
N ARG A 85 26.61 32.14 -6.33
CA ARG A 85 25.58 31.97 -7.37
C ARG A 85 26.21 31.12 -8.46
N ILE A 86 25.56 30.02 -8.83
CA ILE A 86 25.96 29.19 -10.00
C ILE A 86 25.10 29.60 -11.19
N SER A 87 25.71 30.02 -12.30
CA SER A 87 25.01 30.28 -13.59
C SER A 87 24.52 28.96 -14.19
N LEU A 88 23.22 28.79 -14.36
CA LEU A 88 22.65 27.58 -14.99
C LEU A 88 22.53 27.80 -16.49
N PRO A 89 22.44 26.73 -17.31
CA PRO A 89 22.23 26.88 -18.75
C PRO A 89 21.08 27.85 -19.04
N MET A 90 21.32 28.84 -19.91
CA MET A 90 20.31 29.90 -20.19
C MET A 90 19.04 29.28 -20.79
N LEU A 91 17.87 29.72 -20.35
CA LEU A 91 16.57 29.13 -20.80
C LEU A 91 15.87 30.03 -21.82
N ASN A 92 16.34 31.26 -22.00
CA ASN A 92 15.80 32.15 -23.08
C ASN A 92 14.29 32.35 -22.91
N GLN A 93 13.85 32.91 -21.80
CA GLN A 93 12.40 32.94 -21.50
C GLN A 93 11.87 34.37 -21.63
N ASP A 94 10.72 34.51 -22.29
CA ASP A 94 9.93 35.77 -22.40
C ASP A 94 9.25 36.03 -21.04
N MET A 95 9.88 36.84 -20.18
CA MET A 95 9.37 37.22 -18.83
C MET A 95 8.13 38.10 -18.94
N THR A 96 7.67 38.42 -20.16
CA THR A 96 6.40 39.15 -20.44
C THR A 96 5.25 38.17 -20.65
N SER A 97 5.51 36.94 -21.12
CA SER A 97 4.48 35.97 -21.58
C SER A 97 3.85 35.24 -20.38
N ASP A 98 2.82 34.44 -20.64
CA ASP A 98 1.97 33.73 -19.63
C ASP A 98 2.72 32.49 -19.12
N THR A 99 3.40 31.77 -20.02
CA THR A 99 4.17 30.53 -19.73
C THR A 99 5.67 30.83 -19.80
N ILE A 100 6.43 30.53 -18.75
CA ILE A 100 7.92 30.58 -18.77
C ILE A 100 8.49 29.28 -18.19
N LEU A 101 9.70 28.92 -18.65
CA LEU A 101 10.48 27.79 -18.10
C LEU A 101 11.43 28.34 -17.04
N MET A 102 11.53 27.67 -15.91
CA MET A 102 12.58 27.96 -14.90
C MET A 102 13.18 26.62 -14.51
N TRP A 103 14.46 26.66 -14.17
CA TRP A 103 15.18 25.54 -13.52
C TRP A 103 14.57 25.35 -12.14
N GLU A 104 14.15 24.12 -11.85
CA GLU A 104 13.56 23.73 -10.55
C GLU A 104 14.54 22.78 -9.88
N ALA A 105 15.04 23.15 -8.69
CA ALA A 105 15.88 22.28 -7.85
C ALA A 105 14.99 21.26 -7.14
N ILE A 106 15.03 19.99 -7.51
CA ILE A 106 14.07 18.96 -7.01
C ILE A 106 14.72 18.18 -5.88
N SER A 107 16.04 18.09 -5.85
CA SER A 107 16.77 17.31 -4.82
C SER A 107 18.23 17.73 -4.78
N CYS A 108 18.94 17.35 -3.73
CA CYS A 108 20.37 17.65 -3.61
C CYS A 108 21.04 16.54 -2.81
N ARG A 109 22.32 16.36 -3.03
CA ARG A 109 23.21 15.68 -2.06
C ARG A 109 24.16 16.76 -1.56
N THR A 110 24.46 16.78 -0.27
CA THR A 110 25.50 17.67 0.27
C THR A 110 26.38 16.83 1.19
N GLU A 111 27.68 17.08 1.17
CA GLU A 111 28.67 16.38 2.03
C GLU A 111 29.62 17.44 2.60
N VAL A 112 29.96 17.33 3.88
CA VAL A 112 31.13 18.04 4.47
C VAL A 112 32.35 17.25 3.99
N MET A 113 33.32 17.92 3.34
CA MET A 113 34.51 17.24 2.77
C MET A 113 35.68 17.41 3.74
N GLY A 114 36.65 16.51 3.66
CA GLY A 114 37.90 16.59 4.44
C GLY A 114 37.73 16.19 5.90
N VAL A 115 36.65 15.47 6.22
CA VAL A 115 36.43 14.99 7.62
C VAL A 115 37.66 14.17 8.02
N ASN A 116 38.22 13.44 7.06
CA ASN A 116 39.43 12.60 7.22
C ASN A 116 40.52 13.38 7.99
N MET A 117 40.64 14.68 7.80
CA MET A 117 41.81 15.45 8.30
C MET A 117 41.74 15.52 9.83
N LEU A 118 40.56 15.25 10.41
CA LEU A 118 40.34 15.39 11.86
C LEU A 118 40.98 14.20 12.60
N THR A 119 41.51 13.20 11.89
CA THR A 119 42.27 12.09 12.50
C THR A 119 43.71 12.53 12.80
N ASN A 120 44.07 13.79 12.48
CA ASN A 120 45.38 14.41 12.77
C ASN A 120 45.44 14.84 14.23
N VAL A 121 46.24 14.15 15.05
CA VAL A 121 46.50 14.57 16.45
C VAL A 121 48.01 14.78 16.68
N HIS A 122 48.77 15.19 15.65
CA HIS A 122 50.23 15.43 15.77
C HIS A 122 50.60 16.88 15.48
N SER A 123 49.72 17.69 14.86
CA SER A 123 50.10 19.02 14.31
C SER A 123 49.95 20.12 15.37
N ALA A 124 51.00 20.31 16.21
CA ALA A 124 51.17 21.47 17.11
C ALA A 124 49.92 21.70 17.96
N GLN A 125 49.34 20.63 18.49
CA GLN A 125 48.11 20.69 19.34
C GLN A 125 48.49 20.55 20.82
N LYS A 126 47.82 21.29 21.72
CA LYS A 126 47.85 21.00 23.17
C LYS A 126 47.72 19.49 23.37
N ARG A 127 48.57 18.92 24.21
CA ARG A 127 48.59 17.45 24.44
C ARG A 127 47.55 17.07 25.49
N VAL A 128 47.12 15.83 25.44
CA VAL A 128 46.16 15.25 26.42
C VAL A 128 46.75 15.39 27.84
N TYR A 129 48.02 15.05 28.03
CA TYR A 129 48.73 15.13 29.34
C TYR A 129 49.82 16.21 29.27
N GLU A 130 49.41 17.47 29.28
CA GLU A 130 50.34 18.59 29.03
C GLU A 130 51.37 18.67 30.16
N ASN A 131 50.98 18.34 31.40
CA ASN A 131 51.90 18.36 32.57
C ASN A 131 53.01 17.31 32.39
N ASP A 132 52.75 16.26 31.61
CA ASP A 132 53.71 15.14 31.38
C ASP A 132 54.38 15.32 30.01
N ARG A 133 54.05 16.39 29.27
CA ARG A 133 54.45 16.57 27.85
C ARG A 133 54.22 15.23 27.14
N GLU A 134 53.03 14.65 27.29
CA GLU A 134 52.78 13.29 26.78
C GLU A 134 51.36 13.14 26.25
N GLY A 135 51.20 12.17 25.36
CA GLY A 135 49.91 11.79 24.77
C GLY A 135 49.72 12.41 23.41
N THR A 136 48.62 12.10 22.75
CA THR A 136 48.27 12.72 21.45
C THR A 136 47.98 14.20 21.67
N GLY A 137 47.90 14.97 20.59
CA GLY A 137 47.16 16.24 20.62
C GLY A 137 45.70 15.97 20.96
N ILE A 138 45.00 16.99 21.46
CA ILE A 138 43.57 16.86 21.82
C ILE A 138 42.71 16.94 20.56
N GLY A 139 43.29 17.29 19.42
CA GLY A 139 42.58 17.35 18.13
C GLY A 139 41.61 18.52 18.10
N VAL A 140 40.77 18.57 17.07
CA VAL A 140 39.73 19.61 16.96
C VAL A 140 38.57 19.19 17.89
N GLU A 141 38.18 20.04 18.82
CA GLU A 141 37.01 19.81 19.67
C GLU A 141 36.27 21.13 19.92
N GLY A 142 35.05 21.00 20.40
CA GLY A 142 34.20 22.13 20.76
C GLY A 142 33.07 22.27 19.76
N MET A 143 32.63 23.50 19.53
CA MET A 143 31.33 23.75 18.89
C MET A 143 31.34 23.30 17.44
N GLY A 144 30.23 22.67 17.05
CA GLY A 144 29.88 22.37 15.65
C GLY A 144 28.76 23.29 15.21
N TYR A 145 28.92 23.97 14.09
CA TYR A 145 27.82 24.74 13.47
C TYR A 145 27.85 24.39 11.99
N HIS A 146 26.82 23.66 11.54
CA HIS A 146 26.72 23.16 10.16
C HIS A 146 25.39 23.62 9.60
N MET A 147 25.42 24.50 8.62
CA MET A 147 24.16 24.94 7.99
C MET A 147 24.41 25.02 6.49
N PHE A 148 23.38 24.71 5.73
CA PHE A 148 23.46 24.94 4.28
C PHE A 148 22.09 25.38 3.78
N ALA A 149 22.10 26.10 2.66
CA ALA A 149 20.87 26.61 2.01
C ALA A 149 21.02 26.47 0.50
N ILE A 150 19.92 26.11 -0.13
CA ILE A 150 19.82 25.93 -1.60
C ILE A 150 18.56 26.71 -2.03
N GLY A 151 18.73 27.67 -2.92
CA GLY A 151 17.60 28.55 -3.27
C GLY A 151 17.68 29.05 -4.69
N GLY A 152 16.56 29.60 -5.15
CA GLY A 152 16.46 30.23 -6.48
C GLY A 152 16.68 31.73 -6.38
N GLU A 153 17.11 32.21 -5.22
CA GLU A 153 17.51 33.63 -5.01
C GLU A 153 18.39 33.70 -3.76
N PRO A 154 19.05 34.84 -3.46
CA PRO A 154 19.93 34.93 -2.29
C PRO A 154 19.24 34.54 -0.97
N LEU A 155 19.98 33.93 -0.05
CA LEU A 155 19.48 33.58 1.29
C LEU A 155 19.07 34.87 2.03
N GLU A 156 17.85 34.91 2.57
CA GLU A 156 17.33 36.09 3.31
C GLU A 156 17.67 35.92 4.79
N LEU A 157 18.20 36.97 5.41
CA LEU A 157 18.88 36.91 6.72
C LEU A 157 18.10 37.71 7.74
N GLN A 158 18.11 37.22 8.98
CA GLN A 158 17.67 37.96 10.17
C GLN A 158 18.93 38.29 10.97
N PHE A 159 19.13 39.56 11.29
CA PHE A 159 20.27 40.01 12.13
C PHE A 159 19.97 39.62 13.57
N MET A 160 20.88 38.92 14.23
CA MET A 160 20.71 38.65 15.69
C MET A 160 22.06 38.33 16.30
N VAL A 161 22.38 38.97 17.42
CA VAL A 161 23.72 38.88 18.06
C VAL A 161 23.54 38.55 19.54
N PHE A 162 24.57 37.97 20.12
CA PHE A 162 24.65 37.62 21.56
C PHE A 162 24.73 38.90 22.38
N ASN A 163 25.53 39.86 21.90
CA ASN A 163 25.80 41.14 22.59
C ASN A 163 25.70 42.29 21.57
N HIS A 164 24.68 43.13 21.67
CA HIS A 164 24.41 44.20 20.66
C HIS A 164 25.52 45.26 20.65
N ARG A 165 26.27 45.40 21.75
CA ARG A 165 27.31 46.45 21.89
C ARG A 165 28.64 46.01 21.29
N ALA A 166 28.74 44.79 20.75
CA ALA A 166 29.90 44.34 19.95
C ALA A 166 30.10 45.34 18.81
N THR A 167 31.33 45.78 18.59
CA THR A 167 31.71 46.57 17.41
C THR A 167 32.46 45.67 16.42
N TYR A 168 31.81 45.34 15.31
CA TYR A 168 32.35 44.48 14.25
C TYR A 168 33.28 45.32 13.40
N PRO A 169 34.30 44.69 12.78
CA PRO A 169 35.28 45.42 12.00
C PRO A 169 34.70 45.85 10.63
N ALA A 170 35.36 46.84 10.02
CA ALA A 170 34.95 47.47 8.76
C ALA A 170 34.77 46.41 7.68
N GLU A 171 35.56 45.33 7.73
CA GLU A 171 35.58 44.28 6.67
C GLU A 171 34.26 43.50 6.67
N ALA A 172 33.57 43.46 7.81
CA ALA A 172 32.34 42.64 8.02
C ALA A 172 31.12 43.43 7.58
N THR A 173 30.12 42.76 7.03
CA THR A 173 28.79 43.33 6.74
C THR A 173 27.89 43.03 7.93
N VAL A 174 27.55 44.05 8.71
CA VAL A 174 26.56 43.98 9.82
C VAL A 174 25.64 45.19 9.73
N ILE A 175 24.62 45.18 10.57
CA ILE A 175 23.83 46.40 10.92
C ILE A 175 24.56 47.07 12.10
N LYS A 176 25.10 48.26 11.85
CA LYS A 176 25.86 49.03 12.87
C LYS A 176 24.88 49.56 13.92
N ASN A 177 25.35 49.72 15.15
CA ASN A 177 24.58 50.22 16.33
C ASN A 177 23.17 49.66 16.29
N PRO A 178 23.00 48.32 16.30
CA PRO A 178 21.69 47.73 16.08
C PRO A 178 20.68 47.93 17.22
N GLY A 179 21.14 48.22 18.44
CA GLY A 179 20.25 48.37 19.60
C GLY A 179 20.04 47.03 20.32
N ALA A 180 19.58 47.09 21.57
CA ALA A 180 19.41 45.92 22.47
C ALA A 180 18.40 44.91 21.89
N SER A 181 17.42 45.35 21.08
CA SER A 181 16.40 44.46 20.49
C SER A 181 17.07 43.45 19.53
N SER A 182 18.30 43.72 19.08
CA SER A 182 19.06 42.81 18.18
C SER A 182 19.54 41.55 18.92
N GLN A 183 19.43 41.53 20.24
CA GLN A 183 19.80 40.34 21.07
C GLN A 183 18.70 39.30 20.99
N VAL A 184 17.53 39.71 20.52
CA VAL A 184 16.37 38.81 20.25
C VAL A 184 15.82 39.18 18.87
N PHE A 185 14.55 38.88 18.57
CA PHE A 185 13.97 39.12 17.23
C PHE A 185 13.48 40.57 17.13
N ASP A 186 13.99 41.29 16.13
CA ASP A 186 13.56 42.67 15.76
C ASP A 186 13.22 42.63 14.28
N PRO A 187 11.92 42.80 13.93
CA PRO A 187 11.46 42.71 12.55
C PRO A 187 12.08 43.74 11.59
N ASN A 188 12.70 44.78 12.14
CA ASN A 188 13.41 45.84 11.37
C ASN A 188 14.78 45.35 10.88
N LEU A 189 15.36 44.30 11.46
CA LEU A 189 16.81 44.01 11.26
C LEU A 189 17.01 42.86 10.27
N LYS A 190 16.86 43.18 8.99
CA LYS A 190 16.87 42.19 7.89
C LYS A 190 18.14 42.39 7.06
N GLY A 191 18.47 41.38 6.29
CA GLY A 191 19.59 41.42 5.33
C GLY A 191 19.43 40.34 4.31
N THR A 192 20.26 40.34 3.26
N THR A 192 20.36 40.31 3.35
CA THR A 192 20.34 39.22 2.29
CA THR A 192 20.41 39.34 2.24
C THR A 192 21.81 38.88 2.12
C THR A 192 21.86 38.89 2.10
N LEU A 193 22.10 37.59 1.94
CA LEU A 193 23.47 37.03 1.84
C LEU A 193 23.98 37.21 0.41
N THR A 194 24.63 38.35 0.17
CA THR A 194 24.96 38.84 -1.19
C THR A 194 26.46 38.85 -1.42
N ALA A 195 27.24 38.37 -0.45
CA ALA A 195 28.71 38.31 -0.56
C ALA A 195 29.27 37.19 0.30
N ASP A 196 30.26 36.52 -0.25
CA ASP A 196 31.02 35.42 0.39
C ASP A 196 31.98 36.01 1.43
N GLY A 197 32.10 35.37 2.59
CA GLY A 197 33.18 35.60 3.55
C GLY A 197 33.11 36.90 4.34
N VAL A 198 31.96 37.59 4.41
CA VAL A 198 31.92 38.92 5.12
C VAL A 198 30.73 39.05 6.06
N PHE A 199 29.71 38.19 5.95
CA PHE A 199 28.56 38.20 6.89
C PHE A 199 28.93 37.30 8.06
N PRO A 200 29.14 37.84 9.28
CA PRO A 200 29.54 37.01 10.41
C PRO A 200 28.44 35.99 10.71
N VAL A 201 28.86 34.76 10.93
CA VAL A 201 27.93 33.68 11.33
C VAL A 201 27.25 34.13 12.63
N GLU A 202 28.00 34.74 13.55
CA GLU A 202 27.48 35.08 14.90
C GLU A 202 26.52 36.27 14.87
N ALA A 203 26.33 36.95 13.73
CA ALA A 203 25.45 38.14 13.63
C ALA A 203 24.24 37.91 12.71
N TRP A 204 24.25 36.88 11.87
CA TRP A 204 23.18 36.63 10.88
C TRP A 204 22.73 35.16 10.94
N GLY A 205 21.44 34.95 10.80
CA GLY A 205 20.86 33.60 10.60
C GLY A 205 19.76 33.66 9.55
N PRO A 206 19.30 32.49 9.07
CA PRO A 206 18.21 32.46 8.09
C PRO A 206 16.95 33.11 8.65
N ASP A 207 16.28 33.94 7.85
CA ASP A 207 15.02 34.61 8.19
C ASP A 207 13.84 33.69 7.90
N PRO A 208 13.17 33.09 8.92
CA PRO A 208 12.08 32.16 8.64
C PRO A 208 10.79 32.86 8.14
N PHE A 209 10.75 34.20 8.24
CA PHE A 209 9.62 35.01 7.71
C PHE A 209 9.72 35.16 6.19
N LYS A 210 10.85 34.79 5.59
CA LYS A 210 11.07 34.89 4.14
C LYS A 210 11.54 33.52 3.65
N ASN A 211 12.40 33.48 2.65
CA ASN A 211 13.03 32.23 2.18
C ASN A 211 11.95 31.26 1.69
N GLU A 212 10.90 31.76 1.02
CA GLU A 212 9.84 30.90 0.42
C GLU A 212 10.43 30.10 -0.74
N ASN A 213 11.54 30.56 -1.32
CA ASN A 213 12.13 29.99 -2.55
C ASN A 213 13.52 29.44 -2.26
N THR A 214 13.80 29.14 -0.98
CA THR A 214 15.08 28.56 -0.52
C THR A 214 14.74 27.48 0.53
N ARG A 215 15.50 26.39 0.55
CA ARG A 215 15.43 25.41 1.67
C ARG A 215 16.73 25.56 2.47
N TYR A 216 16.64 25.70 3.79
CA TYR A 216 17.83 25.76 4.66
C TYR A 216 17.71 24.74 5.79
N PHE A 217 18.88 24.33 6.26
CA PHE A 217 19.04 23.27 7.29
C PHE A 217 20.26 23.63 8.12
N GLY A 218 20.13 23.58 9.44
CA GLY A 218 21.21 23.94 10.36
C GLY A 218 21.21 23.06 11.60
N GLN A 219 22.41 22.76 12.11
CA GLN A 219 22.57 22.12 13.44
C GLN A 219 23.69 22.83 14.18
N TYR A 220 23.42 23.17 15.44
CA TYR A 220 24.42 23.73 16.38
C TYR A 220 24.64 22.73 17.52
N THR A 221 25.90 22.38 17.76
CA THR A 221 26.28 21.72 19.02
C THR A 221 27.36 22.56 19.69
N GLY A 222 27.06 23.07 20.89
CA GLY A 222 27.95 24.00 21.59
C GLY A 222 29.00 23.29 22.42
N GLY A 223 29.65 24.08 23.28
CA GLY A 223 30.78 23.64 24.10
C GLY A 223 32.11 23.95 23.42
N THR A 224 33.18 23.78 24.19
CA THR A 224 34.58 24.04 23.77
C THR A 224 35.41 22.75 23.82
N GLN A 225 34.93 21.73 24.53
CA GLN A 225 35.59 20.38 24.64
C GLN A 225 34.68 19.28 24.07
N THR A 226 33.57 19.64 23.45
CA THR A 226 32.62 18.68 22.84
C THR A 226 33.29 17.90 21.73
N PRO A 227 33.14 16.57 21.65
CA PRO A 227 33.64 15.83 20.50
C PRO A 227 32.86 16.19 19.23
N PRO A 228 33.53 16.51 18.10
CA PRO A 228 32.82 16.69 16.84
C PRO A 228 32.28 15.34 16.35
N VAL A 229 31.09 15.40 15.74
CA VAL A 229 30.44 14.21 15.15
C VAL A 229 30.08 14.59 13.71
N LEU A 230 30.68 13.92 12.73
CA LEU A 230 30.40 14.18 11.30
C LEU A 230 30.19 12.85 10.58
N THR A 231 29.28 12.82 9.62
CA THR A 231 29.04 11.65 8.75
C THR A 231 29.29 12.10 7.32
N PHE A 232 29.65 11.18 6.44
CA PHE A 232 29.78 11.48 5.00
C PHE A 232 29.38 10.21 4.23
N THR A 233 28.71 10.42 3.11
CA THR A 233 28.29 9.34 2.20
C THR A 233 27.88 9.99 0.89
N ASN A 234 28.00 9.24 -0.19
CA ASN A 234 27.54 9.71 -1.53
C ASN A 234 26.16 9.08 -1.80
N THR A 235 25.47 8.58 -0.77
CA THR A 235 24.21 7.81 -0.97
C THR A 235 22.97 8.53 -0.42
N GLN A 236 23.10 9.72 0.15
CA GLN A 236 21.98 10.41 0.84
C GLN A 236 21.46 11.54 -0.07
N THR A 237 20.17 11.52 -0.37
CA THR A 237 19.50 12.55 -1.19
C THR A 237 18.47 13.25 -0.31
N THR A 238 18.46 14.58 -0.34
CA THR A 238 17.42 15.41 0.30
C THR A 238 16.50 15.98 -0.77
N ILE A 239 15.22 15.64 -0.70
CA ILE A 239 14.18 16.18 -1.60
C ILE A 239 13.98 17.65 -1.22
N LEU A 240 13.86 18.52 -2.22
CA LEU A 240 13.74 19.99 -2.01
C LEU A 240 12.35 20.49 -2.39
N LEU A 241 11.44 19.59 -2.82
CA LEU A 241 10.02 19.95 -3.10
C LEU A 241 9.36 20.40 -1.79
N ASP A 242 8.56 21.45 -1.85
CA ASP A 242 7.80 22.01 -0.72
C ASP A 242 6.49 21.24 -0.59
N GLU A 243 5.59 21.74 0.27
CA GLU A 243 4.28 21.11 0.61
C GLU A 243 3.47 20.90 -0.67
N ASN A 244 3.66 21.75 -1.69
CA ASN A 244 2.88 21.77 -2.95
C ASN A 244 3.58 20.99 -4.08
N GLY A 245 4.71 20.32 -3.82
CA GLY A 245 5.43 19.53 -4.84
C GLY A 245 6.32 20.40 -5.73
N VAL A 246 6.67 21.60 -5.26
CA VAL A 246 7.51 22.59 -6.01
C VAL A 246 8.85 22.77 -5.29
N GLY A 247 9.97 22.59 -5.98
CA GLY A 247 11.31 22.92 -5.45
C GLY A 247 11.68 24.39 -5.66
N PRO A 248 12.84 24.87 -5.15
CA PRO A 248 13.31 26.21 -5.47
C PRO A 248 13.36 26.45 -6.98
N LEU A 249 12.85 27.61 -7.39
CA LEU A 249 12.78 28.00 -8.82
C LEU A 249 13.84 29.07 -9.08
N CYS A 250 14.75 28.82 -10.02
CA CYS A 250 16.00 29.61 -10.14
C CYS A 250 15.78 30.88 -10.95
N LYS A 251 15.59 31.98 -10.22
CA LYS A 251 15.38 33.34 -10.78
C LYS A 251 16.63 33.75 -11.54
N GLY A 252 16.44 34.23 -12.78
CA GLY A 252 17.53 34.64 -13.67
C GLY A 252 18.49 33.50 -13.95
N ASP A 253 17.99 32.27 -13.94
CA ASP A 253 18.81 31.05 -14.22
C ASP A 253 20.01 31.05 -13.26
N GLY A 254 19.79 31.46 -12.00
CA GLY A 254 20.83 31.44 -10.94
C GLY A 254 20.47 30.46 -9.81
N LEU A 255 21.41 29.59 -9.44
CA LEU A 255 21.29 28.65 -8.28
C LEU A 255 22.14 29.22 -7.14
N PHE A 256 21.53 29.47 -5.98
CA PHE A 256 22.18 30.13 -4.82
C PHE A 256 22.48 29.08 -3.74
N LEU A 257 23.77 28.93 -3.45
CA LEU A 257 24.29 27.97 -2.44
C LEU A 257 24.93 28.76 -1.31
N SER A 258 24.61 28.41 -0.06
CA SER A 258 25.15 29.07 1.13
C SER A 258 25.46 28.01 2.18
N CYS A 259 26.50 28.23 2.98
CA CYS A 259 26.79 27.30 4.10
C CYS A 259 27.69 27.97 5.14
N ALA A 260 27.77 27.31 6.28
CA ALA A 260 28.82 27.53 7.29
C ALA A 260 29.07 26.17 7.93
N ASP A 261 30.33 25.77 8.02
CA ASP A 261 30.74 24.46 8.55
C ASP A 261 31.90 24.67 9.53
N ILE A 262 31.57 25.17 10.71
CA ILE A 262 32.52 25.25 11.86
C ILE A 262 32.62 23.85 12.44
N VAL A 263 33.82 23.25 12.46
CA VAL A 263 33.95 21.86 12.98
CA VAL A 263 34.00 21.86 12.96
C VAL A 263 34.34 21.89 14.46
N GLY A 264 35.00 22.94 14.91
CA GLY A 264 35.40 23.10 16.31
C GLY A 264 36.61 24.00 16.39
N PHE A 265 37.37 23.88 17.47
CA PHE A 265 38.57 24.72 17.72
C PHE A 265 39.84 23.88 17.65
N PHE A 266 40.87 24.52 17.10
CA PHE A 266 42.28 24.11 17.19
C PHE A 266 42.86 24.80 18.42
N THR A 267 43.38 24.02 19.37
CA THR A 267 44.07 24.54 20.57
C THR A 267 45.59 24.29 20.45
N GLN A 268 46.39 25.35 20.51
CA GLN A 268 47.87 25.27 20.42
C GLN A 268 48.45 24.90 21.79
N HIS A 269 49.73 24.53 21.86
CA HIS A 269 50.42 24.23 23.15
C HIS A 269 50.24 25.38 24.14
N ASN A 270 50.25 26.62 23.67
CA ASN A 270 50.14 27.83 24.54
C ASN A 270 48.68 28.18 24.84
N LYS A 271 47.75 27.31 24.43
CA LYS A 271 46.31 27.33 24.80
C LYS A 271 45.56 28.38 23.97
N LYS A 272 46.21 29.00 22.99
CA LYS A 272 45.48 29.88 22.03
C LYS A 272 44.58 29.00 21.18
N MET A 273 43.36 29.46 20.96
CA MET A 273 42.29 28.67 20.30
C MET A 273 41.79 29.44 19.07
N SER A 274 41.59 28.71 17.98
CA SER A 274 41.10 29.23 16.68
C SER A 274 40.00 28.32 16.13
N PHE A 275 39.05 28.89 15.40
CA PHE A 275 38.02 28.11 14.65
C PHE A 275 38.72 27.30 13.56
N ARG A 276 38.23 26.08 13.30
CA ARG A 276 38.60 25.29 12.11
C ARG A 276 37.31 24.96 11.34
N GLY A 277 37.33 25.13 10.03
CA GLY A 277 36.18 24.88 9.14
C GLY A 277 36.53 23.86 8.10
N LEU A 278 35.52 23.29 7.47
CA LEU A 278 35.70 22.37 6.34
C LEU A 278 34.85 22.85 5.18
N PRO A 279 35.27 22.50 3.94
CA PRO A 279 34.51 22.83 2.75
C PRO A 279 33.29 21.91 2.61
N ARG A 280 32.29 22.38 1.89
CA ARG A 280 31.03 21.64 1.66
C ARG A 280 30.82 21.42 0.16
N TYR A 281 30.50 20.18 -0.20
CA TYR A 281 30.10 19.73 -1.55
C TYR A 281 28.59 19.83 -1.70
N PHE A 282 28.17 20.27 -2.87
CA PHE A 282 26.74 20.30 -3.29
C PHE A 282 26.58 19.59 -4.63
N ARG A 283 25.60 18.68 -4.71
CA ARG A 283 25.09 18.15 -6.00
C ARG A 283 23.60 18.47 -6.04
N VAL A 284 23.17 19.29 -6.99
CA VAL A 284 21.75 19.72 -7.08
C VAL A 284 21.20 19.17 -8.40
N THR A 285 20.09 18.45 -8.32
CA THR A 285 19.34 17.96 -9.49
C THR A 285 18.25 18.95 -9.81
N LEU A 286 18.21 19.43 -11.07
CA LEU A 286 17.26 20.45 -11.52
C LEU A 286 16.49 19.92 -12.73
N ARG A 287 15.23 20.30 -12.86
CA ARG A 287 14.47 19.98 -14.09
C ARG A 287 13.94 21.29 -14.66
N LYS A 288 13.74 21.34 -15.97
CA LYS A 288 13.03 22.50 -16.57
C LYS A 288 11.56 22.36 -16.19
N ARG A 289 10.98 23.41 -15.61
CA ARG A 289 9.56 23.45 -15.17
C ARG A 289 8.84 24.54 -15.95
N VAL A 290 7.65 24.20 -16.45
CA VAL A 290 6.69 25.18 -17.04
C VAL A 290 6.04 25.91 -15.85
N VAL A 291 6.18 27.24 -15.77
CA VAL A 291 5.69 28.07 -14.63
C VAL A 291 4.73 29.16 -15.17
N LYS A 292 3.58 29.34 -14.53
CA LYS A 292 2.54 30.33 -14.93
C LYS A 292 3.00 31.74 -14.52
N ILE B 36 23.65 -14.91 -9.38
CA ILE B 36 23.72 -14.12 -8.11
C ILE B 36 24.73 -14.77 -7.15
N THR B 37 26.01 -14.34 -7.20
CA THR B 37 27.11 -14.88 -6.35
C THR B 37 27.34 -13.95 -5.14
N GLU B 38 27.83 -14.54 -4.06
CA GLU B 38 28.17 -13.82 -2.80
C GLU B 38 29.69 -13.91 -2.59
N ILE B 39 30.31 -12.77 -2.30
CA ILE B 39 31.75 -12.62 -1.94
C ILE B 39 31.82 -12.25 -0.46
N GLU B 40 32.71 -12.90 0.29
CA GLU B 40 33.04 -12.51 1.69
C GLU B 40 34.54 -12.18 1.75
N ALA B 41 34.90 -11.08 2.40
CA ALA B 41 36.30 -10.63 2.51
C ALA B 41 36.49 -9.93 3.85
N TYR B 42 37.73 -9.86 4.32
CA TYR B 42 38.12 -9.02 5.48
C TYR B 42 39.20 -8.06 5.04
N LEU B 43 39.24 -6.89 5.67
CA LEU B 43 40.36 -5.94 5.57
C LEU B 43 40.87 -5.72 6.99
N ASN B 44 42.13 -6.10 7.23
CA ASN B 44 42.80 -5.80 8.52
C ASN B 44 43.17 -4.32 8.55
N PRO B 45 43.17 -3.70 9.76
CA PRO B 45 43.53 -2.30 9.89
C PRO B 45 45.02 -2.05 9.65
N ARG B 46 45.36 -0.83 9.24
CA ARG B 46 46.74 -0.39 8.99
C ARG B 46 47.02 0.84 9.84
N MET B 47 47.07 0.63 11.16
CA MET B 47 47.19 1.73 12.15
C MET B 47 48.65 2.21 12.24
N GLY B 48 49.64 1.42 11.80
CA GLY B 48 51.03 1.91 11.70
C GLY B 48 52.07 0.85 12.02
N GLN B 49 51.90 0.08 13.09
CA GLN B 49 52.87 -0.98 13.48
C GLN B 49 52.76 -2.14 12.52
N PRO B 50 53.90 -2.82 12.23
CA PRO B 50 53.93 -3.88 11.24
C PRO B 50 53.13 -5.12 11.61
N GLN B 51 52.65 -5.79 10.56
CA GLN B 51 52.01 -7.13 10.57
C GLN B 51 52.93 -8.15 11.25
N ASN B 52 52.33 -9.16 11.88
CA ASN B 52 53.05 -10.37 12.35
C ASN B 52 54.05 -9.99 13.45
N GLU B 53 53.89 -8.81 14.08
CA GLU B 53 54.75 -8.36 15.20
C GLU B 53 53.83 -7.94 16.35
N ASP B 54 54.39 -7.66 17.53
CA ASP B 54 53.63 -7.69 18.80
C ASP B 54 52.58 -6.58 18.84
N PHE B 55 52.70 -5.52 18.04
CA PHE B 55 51.80 -4.35 18.12
C PHE B 55 50.91 -4.25 16.88
N TYR B 56 50.74 -5.33 16.13
CA TYR B 56 49.80 -5.41 14.98
C TYR B 56 48.40 -4.99 15.46
N GLY B 57 47.81 -4.00 14.82
CA GLY B 57 46.48 -3.45 15.19
C GLY B 57 46.65 -2.10 15.86
N PHE B 58 47.87 -1.74 16.27
CA PHE B 58 48.19 -0.46 16.93
C PHE B 58 49.09 0.42 16.03
N SER B 59 49.09 1.73 16.31
CA SER B 59 50.14 2.65 15.83
C SER B 59 51.31 2.58 16.80
N ASP B 60 52.44 3.14 16.40
CA ASP B 60 53.52 3.54 17.33
C ASP B 60 53.00 4.71 18.16
N ASN B 61 53.65 5.03 19.27
CA ASN B 61 53.19 6.12 20.16
C ASN B 61 53.23 7.46 19.43
N VAL B 62 52.19 8.26 19.61
CA VAL B 62 51.99 9.52 18.82
C VAL B 62 52.89 10.60 19.41
N THR B 63 53.74 11.21 18.57
CA THR B 63 54.52 12.41 18.93
C THR B 63 53.82 13.62 18.32
N VAL B 64 54.00 14.76 18.96
CA VAL B 64 53.30 16.01 18.58
C VAL B 64 54.34 17.08 18.30
N SER B 65 54.23 17.77 17.17
CA SER B 65 55.17 18.84 16.76
C SER B 65 54.95 20.07 17.63
N ASP B 66 55.94 20.96 17.67
CA ASP B 66 55.87 22.22 18.44
C ASP B 66 55.17 23.27 17.58
N ASP B 67 55.18 23.12 16.26
CA ASP B 67 54.58 24.12 15.35
C ASP B 67 54.24 23.47 14.02
N PHE B 68 53.52 24.20 13.18
CA PHE B 68 53.09 23.71 11.85
C PHE B 68 54.30 23.60 10.92
N GLY B 69 55.28 24.50 11.04
CA GLY B 69 56.42 24.54 10.11
C GLY B 69 57.30 23.30 10.20
N SER B 70 57.55 22.80 11.41
CA SER B 70 58.49 21.68 11.71
C SER B 70 57.76 20.34 11.80
N ASP B 71 56.46 20.31 11.50
CA ASP B 71 55.58 19.13 11.70
C ASP B 71 56.01 18.01 10.73
N ALA B 72 56.40 16.86 11.29
CA ALA B 72 56.84 15.67 10.56
C ALA B 72 56.37 14.41 11.30
N PRO B 73 55.16 13.91 11.03
CA PRO B 73 54.68 12.71 11.72
C PRO B 73 55.49 11.51 11.25
N PRO B 74 56.27 10.85 12.13
CA PRO B 74 57.08 9.73 11.69
C PRO B 74 56.23 8.54 11.22
N TRP B 75 56.80 7.75 10.33
CA TRP B 75 56.16 6.51 9.83
C TRP B 75 55.82 5.62 11.03
N LYS B 76 54.62 5.06 11.01
CA LYS B 76 54.06 4.10 12.02
C LYS B 76 53.23 4.85 13.06
N GLN B 77 53.24 6.20 13.10
CA GLN B 77 52.53 6.96 14.16
C GLN B 77 51.15 7.42 13.69
N PHE B 78 50.71 7.02 12.49
CA PHE B 78 49.40 7.45 11.94
C PHE B 78 48.80 6.34 11.09
N PRO B 79 47.45 6.22 11.13
CA PRO B 79 46.76 5.19 10.38
C PRO B 79 46.70 5.52 8.88
N CYS B 80 46.65 4.48 8.06
CA CYS B 80 46.42 4.57 6.61
C CYS B 80 45.19 3.75 6.23
N TYR B 81 44.64 4.00 5.04
CA TYR B 81 43.46 3.28 4.53
C TYR B 81 43.85 1.83 4.23
N SER B 82 42.93 0.92 4.51
CA SER B 82 42.98 -0.48 4.04
C SER B 82 42.24 -0.58 2.70
N THR B 83 42.75 -1.39 1.78
CA THR B 83 42.06 -1.64 0.49
C THR B 83 42.46 -3.00 -0.06
N ALA B 84 41.54 -3.60 -0.79
CA ALA B 84 41.79 -4.85 -1.54
C ALA B 84 40.94 -4.84 -2.81
N ARG B 85 41.51 -5.43 -3.87
CA ARG B 85 40.75 -5.80 -5.09
C ARG B 85 40.47 -7.29 -4.99
N ILE B 86 39.19 -7.67 -4.98
CA ILE B 86 38.76 -9.09 -5.02
C ILE B 86 38.53 -9.49 -6.48
N SER B 87 39.17 -10.58 -6.92
CA SER B 87 39.00 -11.18 -8.28
C SER B 87 37.68 -11.95 -8.33
N LEU B 88 36.79 -11.55 -9.24
CA LEU B 88 35.47 -12.22 -9.42
C LEU B 88 35.59 -13.25 -10.54
N PRO B 89 34.66 -14.23 -10.65
CA PRO B 89 34.69 -15.20 -11.74
C PRO B 89 34.75 -14.49 -13.10
N MET B 90 35.52 -15.03 -14.05
CA MET B 90 35.76 -14.37 -15.36
C MET B 90 34.42 -14.10 -16.05
N LEU B 91 34.26 -12.89 -16.57
CA LEU B 91 32.98 -12.37 -17.12
C LEU B 91 33.29 -11.15 -17.98
N ASN B 92 33.66 -10.03 -17.32
CA ASN B 92 34.43 -8.86 -17.84
C ASN B 92 33.58 -7.59 -17.69
N ILE B 100 28.20 -7.60 -23.88
CA ILE B 100 29.18 -7.53 -22.75
C ILE B 100 28.44 -7.67 -21.40
N LEU B 101 29.06 -8.40 -20.47
CA LEU B 101 28.51 -8.67 -19.11
C LEU B 101 29.48 -8.11 -18.06
N MET B 102 28.93 -7.67 -16.94
CA MET B 102 29.71 -7.20 -15.78
C MET B 102 29.01 -7.66 -14.52
N TRP B 103 29.80 -8.04 -13.51
CA TRP B 103 29.30 -8.25 -12.13
C TRP B 103 28.80 -6.92 -11.55
N GLU B 104 27.55 -6.89 -11.09
CA GLU B 104 26.91 -5.70 -10.47
C GLU B 104 26.73 -5.99 -8.98
N ALA B 105 27.35 -5.20 -8.11
CA ALA B 105 27.16 -5.27 -6.64
C ALA B 105 25.78 -4.71 -6.29
N ILE B 106 24.84 -5.54 -5.81
CA ILE B 106 23.44 -5.13 -5.58
C ILE B 106 23.23 -4.81 -4.10
N SER B 107 23.97 -5.47 -3.21
CA SER B 107 23.81 -5.24 -1.75
C SER B 107 25.07 -5.69 -1.03
N CYS B 108 25.14 -5.34 0.25
CA CYS B 108 26.28 -5.76 1.09
C CYS B 108 25.82 -5.86 2.54
N ARG B 109 26.59 -6.62 3.29
CA ARG B 109 26.67 -6.58 4.76
C ARG B 109 28.09 -6.18 5.09
N THR B 110 28.26 -5.34 6.11
CA THR B 110 29.60 -5.01 6.61
C THR B 110 29.54 -5.01 8.13
N GLU B 111 30.58 -5.51 8.79
N GLU B 111 30.61 -5.45 8.79
CA GLU B 111 30.67 -5.56 10.27
CA GLU B 111 30.67 -5.52 10.26
C GLU B 111 32.09 -5.16 10.69
C GLU B 111 32.10 -5.18 10.72
N VAL B 112 32.23 -4.33 11.74
CA VAL B 112 33.51 -4.13 12.45
C VAL B 112 33.68 -5.35 13.35
N MET B 113 34.72 -6.15 13.14
CA MET B 113 34.94 -7.41 13.89
C MET B 113 35.82 -7.13 15.11
N GLY B 114 35.72 -7.95 16.14
CA GLY B 114 36.60 -7.87 17.31
C GLY B 114 36.19 -6.77 18.29
N VAL B 115 34.96 -6.26 18.19
CA VAL B 115 34.46 -5.24 19.16
C VAL B 115 34.59 -5.83 20.57
N ASN B 116 34.42 -7.15 20.69
CA ASN B 116 34.53 -7.91 21.97
C ASN B 116 35.83 -7.56 22.71
N MET B 117 36.95 -7.31 22.01
CA MET B 117 38.28 -7.16 22.65
C MET B 117 38.31 -5.89 23.49
N LEU B 118 37.39 -4.94 23.25
CA LEU B 118 37.37 -3.62 23.95
C LEU B 118 36.84 -3.79 25.38
N THR B 119 36.41 -4.98 25.78
CA THR B 119 36.02 -5.27 27.18
C THR B 119 37.26 -5.56 28.03
N ASN B 120 38.45 -5.54 27.41
CA ASN B 120 39.76 -5.72 28.09
C ASN B 120 40.17 -4.41 28.76
N VAL B 121 40.16 -4.40 30.10
CA VAL B 121 40.63 -3.24 30.91
C VAL B 121 41.72 -3.73 31.88
N HIS B 122 42.50 -4.75 31.50
CA HIS B 122 43.64 -5.27 32.32
C HIS B 122 45.00 -5.17 31.62
N SER B 123 45.08 -5.00 30.30
CA SER B 123 46.34 -5.13 29.53
C SER B 123 47.09 -3.78 29.50
N ALA B 124 47.89 -3.52 30.54
CA ALA B 124 48.93 -2.47 30.58
C ALA B 124 48.35 -1.10 30.25
N GLN B 125 47.17 -0.80 30.79
CA GLN B 125 46.46 0.48 30.51
C GLN B 125 46.59 1.42 31.71
N LYS B 126 46.73 2.71 31.45
CA LYS B 126 46.61 3.75 32.50
C LYS B 126 45.35 3.44 33.31
N ARG B 127 45.47 3.45 34.64
N ARG B 127 45.46 3.49 34.65
CA ARG B 127 44.36 3.07 35.56
CA ARG B 127 44.38 3.09 35.57
C ARG B 127 43.41 4.27 35.74
C ARG B 127 43.43 4.27 35.78
N VAL B 128 42.16 3.99 36.11
CA VAL B 128 41.12 5.04 36.38
C VAL B 128 41.61 5.94 37.52
N TYR B 129 42.18 5.36 38.58
CA TYR B 129 42.67 6.12 39.76
C TYR B 129 44.19 6.00 39.87
N GLU B 130 44.89 6.66 38.94
CA GLU B 130 46.34 6.41 38.73
C GLU B 130 47.14 6.87 39.97
N ASN B 131 46.70 7.91 40.67
CA ASN B 131 47.35 8.44 41.90
C ASN B 131 47.28 7.36 42.99
N ASP B 132 46.15 6.67 43.09
CA ASP B 132 45.91 5.58 44.07
C ASP B 132 46.46 4.25 43.54
N ARG B 133 46.92 4.20 42.30
CA ARG B 133 47.38 2.96 41.60
C ARG B 133 46.23 1.93 41.65
N GLU B 134 45.00 2.36 41.39
CA GLU B 134 43.82 1.48 41.59
C GLU B 134 42.80 1.69 40.47
N GLY B 135 41.87 0.75 40.37
CA GLY B 135 40.80 0.75 39.38
C GLY B 135 41.18 -0.06 38.16
N THR B 136 40.25 -0.20 37.22
CA THR B 136 40.49 -0.86 35.92
C THR B 136 41.44 -0.01 35.09
N GLY B 137 41.91 -0.55 33.99
CA GLY B 137 42.47 0.28 32.92
C GLY B 137 41.39 1.20 32.38
N ILE B 138 41.76 2.31 31.77
CA ILE B 138 40.73 3.21 31.15
C ILE B 138 40.20 2.61 29.86
N GLY B 139 40.85 1.56 29.32
CA GLY B 139 40.44 0.95 28.05
C GLY B 139 40.75 1.84 26.87
N VAL B 140 40.23 1.49 25.70
CA VAL B 140 40.37 2.29 24.46
C VAL B 140 39.36 3.45 24.55
N GLU B 141 39.84 4.67 24.35
CA GLU B 141 39.00 5.89 24.41
C GLU B 141 39.44 6.84 23.31
N GLY B 142 38.54 7.77 22.94
CA GLY B 142 38.86 8.87 22.05
C GLY B 142 38.27 8.66 20.68
N MET B 143 38.95 9.15 19.66
CA MET B 143 38.30 9.39 18.35
C MET B 143 37.96 8.05 17.69
N GLY B 144 36.80 8.02 17.05
CA GLY B 144 36.34 6.91 16.21
C GLY B 144 36.23 7.42 14.78
N TYR B 145 36.89 6.77 13.85
CA TYR B 145 36.75 7.05 12.41
C TYR B 145 36.45 5.73 11.73
N HIS B 146 35.23 5.59 11.22
CA HIS B 146 34.72 4.35 10.60
C HIS B 146 34.21 4.71 9.21
N MET B 147 34.86 4.17 8.19
CA MET B 147 34.43 4.43 6.80
C MET B 147 34.66 3.17 6.00
N PHE B 148 33.75 2.89 5.07
CA PHE B 148 33.96 1.80 4.11
C PHE B 148 33.47 2.26 2.74
N ALA B 149 34.01 1.62 1.72
CA ALA B 149 33.64 1.87 0.31
C ALA B 149 33.61 0.53 -0.43
N ILE B 150 32.64 0.37 -1.32
CA ILE B 150 32.47 -0.82 -2.19
C ILE B 150 32.25 -0.27 -3.59
N GLY B 151 33.09 -0.64 -4.54
CA GLY B 151 33.01 -0.07 -5.90
C GLY B 151 33.49 -1.02 -6.96
N GLY B 152 33.30 -0.63 -8.23
CA GLY B 152 33.74 -1.44 -9.38
C GLY B 152 35.05 -0.93 -9.95
N GLU B 153 35.69 0.03 -9.26
CA GLU B 153 37.02 0.59 -9.60
C GLU B 153 37.59 1.19 -8.31
N PRO B 154 38.89 1.52 -8.26
CA PRO B 154 39.48 2.11 -7.05
C PRO B 154 38.69 3.33 -6.55
N LEU B 155 38.63 3.46 -5.23
CA LEU B 155 38.05 4.63 -4.54
C LEU B 155 38.79 5.88 -5.03
N GLU B 156 38.04 6.90 -5.44
CA GLU B 156 38.62 8.19 -5.88
C GLU B 156 38.72 9.09 -4.65
N LEU B 157 39.88 9.73 -4.50
CA LEU B 157 40.28 10.47 -3.28
C LEU B 157 40.43 11.95 -3.58
N GLN B 158 40.09 12.74 -2.58
CA GLN B 158 40.45 14.17 -2.48
C GLN B 158 41.53 14.31 -1.41
N PHE B 159 42.65 14.95 -1.76
CA PHE B 159 43.73 15.26 -0.79
C PHE B 159 43.28 16.45 0.05
N MET B 160 43.33 16.33 1.37
CA MET B 160 43.03 17.45 2.29
C MET B 160 43.66 17.18 3.64
N VAL B 161 44.42 18.14 4.15
CA VAL B 161 45.22 17.95 5.39
C VAL B 161 44.88 19.08 6.34
N PHE B 162 45.07 18.82 7.62
CA PHE B 162 44.91 19.81 8.70
C PHE B 162 45.98 20.91 8.54
N ASN B 163 47.23 20.51 8.25
CA ASN B 163 48.40 21.42 8.17
C ASN B 163 49.18 21.09 6.89
N HIS B 164 49.17 21.99 5.91
CA HIS B 164 49.78 21.72 4.58
C HIS B 164 51.29 21.54 4.69
N ARG B 165 51.91 22.06 5.75
CA ARG B 165 53.38 22.07 5.94
C ARG B 165 53.88 20.80 6.62
N ALA B 166 52.98 19.88 6.98
CA ALA B 166 53.37 18.57 7.52
C ALA B 166 54.22 17.86 6.47
N THR B 167 55.38 17.33 6.87
CA THR B 167 56.25 16.50 5.99
C THR B 167 55.94 15.04 6.29
N TYR B 168 55.25 14.37 5.37
CA TYR B 168 54.91 12.93 5.49
C TYR B 168 56.17 12.13 5.18
N PRO B 169 56.27 10.92 5.76
CA PRO B 169 57.41 10.05 5.48
C PRO B 169 57.37 9.42 4.08
N ALA B 170 58.54 9.00 3.61
CA ALA B 170 58.78 8.42 2.28
C ALA B 170 57.86 7.20 2.06
N GLU B 171 57.56 6.47 3.13
CA GLU B 171 56.72 5.25 3.11
C GLU B 171 55.27 5.56 2.72
N ALA B 172 54.81 6.78 3.02
CA ALA B 172 53.42 7.24 2.82
C ALA B 172 53.24 7.74 1.38
N THR B 173 52.06 7.55 0.80
CA THR B 173 51.66 8.15 -0.49
C THR B 173 50.86 9.42 -0.20
N VAL B 174 51.40 10.58 -0.57
CA VAL B 174 50.78 11.91 -0.39
C VAL B 174 51.07 12.76 -1.63
N ILE B 175 50.47 13.93 -1.71
CA ILE B 175 50.93 15.02 -2.62
C ILE B 175 51.94 15.84 -1.83
N LYS B 176 53.20 15.83 -2.26
CA LYS B 176 54.31 16.55 -1.59
C LYS B 176 54.16 18.05 -1.88
N ASN B 177 54.54 18.89 -0.93
CA ASN B 177 54.41 20.38 -1.02
C ASN B 177 53.07 20.72 -1.64
N PRO B 178 51.95 20.33 -0.98
CA PRO B 178 50.63 20.52 -1.57
C PRO B 178 50.15 21.98 -1.58
N GLY B 179 50.71 22.82 -0.70
CA GLY B 179 50.38 24.24 -0.58
C GLY B 179 49.19 24.47 0.33
N ALA B 180 49.02 25.74 0.71
CA ALA B 180 48.00 26.19 1.68
C ALA B 180 46.58 25.79 1.25
N SER B 181 46.29 25.68 -0.06
CA SER B 181 44.92 25.38 -0.58
C SER B 181 44.52 23.97 -0.16
N SER B 182 45.48 23.11 0.16
CA SER B 182 45.27 21.69 0.54
C SER B 182 44.65 21.60 1.95
N GLN B 183 44.59 22.69 2.71
CA GLN B 183 43.92 22.74 4.04
C GLN B 183 42.40 22.82 3.89
N VAL B 184 41.94 23.14 2.68
CA VAL B 184 40.49 23.12 2.32
C VAL B 184 40.38 22.41 0.97
N PHE B 185 39.35 22.72 0.18
CA PHE B 185 39.13 22.03 -1.10
C PHE B 185 39.94 22.74 -2.19
N ASP B 186 40.81 21.98 -2.85
CA ASP B 186 41.50 22.39 -4.10
C ASP B 186 41.23 21.34 -5.16
N PRO B 187 40.56 21.71 -6.27
CA PRO B 187 40.15 20.74 -7.28
C PRO B 187 41.33 20.07 -8.00
N ASN B 188 42.54 20.60 -7.85
CA ASN B 188 43.76 20.02 -8.47
C ASN B 188 44.28 18.80 -7.69
N LEU B 189 43.89 18.59 -6.43
CA LEU B 189 44.61 17.64 -5.53
C LEU B 189 43.81 16.33 -5.42
N LYS B 190 43.96 15.49 -6.43
CA LYS B 190 43.20 14.24 -6.58
C LYS B 190 44.14 13.05 -6.36
N GLY B 191 43.55 11.91 -6.00
CA GLY B 191 44.23 10.61 -5.99
C GLY B 191 43.25 9.48 -6.15
N THR B 192 43.75 8.27 -6.22
CA THR B 192 42.94 7.03 -6.20
C THR B 192 43.62 6.06 -5.26
N LEU B 193 42.82 5.28 -4.54
CA LEU B 193 43.28 4.39 -3.47
C LEU B 193 43.75 3.09 -4.12
N THR B 194 45.02 3.05 -4.52
CA THR B 194 45.61 1.99 -5.37
C THR B 194 46.49 1.05 -4.54
N ALA B 195 46.70 1.35 -3.25
CA ALA B 195 47.58 0.52 -2.39
C ALA B 195 47.07 0.52 -0.94
N ASP B 196 47.21 -0.64 -0.33
CA ASP B 196 46.86 -0.91 1.08
C ASP B 196 47.95 -0.38 2.02
N GLY B 197 47.56 0.31 3.09
CA GLY B 197 48.44 0.64 4.22
C GLY B 197 49.41 1.78 3.98
N VAL B 198 49.19 2.66 2.98
CA VAL B 198 50.17 3.74 2.66
C VAL B 198 49.49 5.09 2.41
N PHE B 199 48.19 5.15 2.16
CA PHE B 199 47.49 6.45 2.02
C PHE B 199 47.08 6.91 3.42
N PRO B 200 47.67 7.98 3.99
CA PRO B 200 47.32 8.39 5.34
C PRO B 200 45.84 8.80 5.43
N VAL B 201 45.15 8.33 6.47
CA VAL B 201 43.74 8.71 6.69
C VAL B 201 43.66 10.24 6.80
N GLU B 202 44.60 10.86 7.51
CA GLU B 202 44.56 12.31 7.79
C GLU B 202 44.90 13.17 6.57
N ALA B 203 45.23 12.58 5.41
CA ALA B 203 45.59 13.33 4.18
C ALA B 203 44.62 13.08 3.03
N TRP B 204 43.84 12.00 3.07
CA TRP B 204 42.96 11.60 1.93
C TRP B 204 41.55 11.29 2.44
N GLY B 205 40.55 11.79 1.73
CA GLY B 205 39.14 11.46 1.96
C GLY B 205 38.46 11.07 0.64
N PRO B 206 37.26 10.47 0.68
CA PRO B 206 36.53 10.17 -0.54
C PRO B 206 36.17 11.46 -1.29
N ASP B 207 36.30 11.42 -2.63
CA ASP B 207 36.05 12.59 -3.51
C ASP B 207 34.60 12.55 -3.96
N PRO B 208 33.73 13.46 -3.48
CA PRO B 208 32.30 13.39 -3.82
C PRO B 208 32.05 13.83 -5.28
N PHE B 209 33.05 14.44 -5.90
CA PHE B 209 32.99 14.90 -7.32
C PHE B 209 33.15 13.70 -8.24
N LYS B 210 33.63 12.56 -7.74
CA LYS B 210 33.80 11.33 -8.54
C LYS B 210 33.04 10.19 -7.85
N ASN B 211 33.57 8.96 -7.89
CA ASN B 211 32.99 7.78 -7.21
C ASN B 211 31.56 7.51 -7.72
N GLU B 212 31.31 7.68 -9.02
CA GLU B 212 29.99 7.41 -9.62
C GLU B 212 29.73 5.89 -9.60
N ASN B 213 30.79 5.10 -9.47
CA ASN B 213 30.77 3.62 -9.57
C ASN B 213 31.22 3.01 -8.24
N THR B 214 31.15 3.78 -7.16
CA THR B 214 31.50 3.37 -5.79
C THR B 214 30.47 3.96 -4.83
N ARG B 215 30.09 3.20 -3.80
CA ARG B 215 29.31 3.75 -2.66
C ARG B 215 30.25 3.81 -1.45
N TYR B 216 30.28 4.95 -0.77
CA TYR B 216 31.08 5.08 0.48
C TYR B 216 30.21 5.68 1.56
N PHE B 217 30.64 5.41 2.80
CA PHE B 217 29.93 5.73 4.06
C PHE B 217 30.98 5.94 5.13
N GLY B 218 30.85 7.02 5.90
CA GLY B 218 31.85 7.34 6.93
C GLY B 218 31.20 8.02 8.11
N GLN B 219 31.78 7.82 9.30
CA GLN B 219 31.39 8.54 10.53
C GLN B 219 32.65 8.81 11.34
N TYR B 220 32.82 10.07 11.75
CA TYR B 220 33.87 10.56 12.64
C TYR B 220 33.24 11.01 13.96
N THR B 221 33.77 10.52 15.08
CA THR B 221 33.51 11.06 16.43
C THR B 221 34.85 11.42 17.05
N GLY B 222 35.06 12.69 17.36
CA GLY B 222 36.36 13.20 17.82
C GLY B 222 36.57 13.01 19.30
N GLY B 223 37.58 13.69 19.81
CA GLY B 223 37.92 13.64 21.25
C GLY B 223 39.04 12.65 21.53
N THR B 224 39.62 12.74 22.72
CA THR B 224 40.69 11.83 23.19
C THR B 224 40.21 11.01 24.39
N GLN B 225 39.12 11.41 25.03
CA GLN B 225 38.49 10.71 26.18
C GLN B 225 37.08 10.18 25.83
N THR B 226 36.65 10.31 24.57
CA THR B 226 35.29 9.93 24.12
C THR B 226 35.10 8.41 24.25
N PRO B 227 33.97 7.94 24.81
CA PRO B 227 33.68 6.51 24.77
C PRO B 227 33.40 6.02 23.36
N PRO B 228 34.09 4.95 22.89
CA PRO B 228 33.75 4.31 21.64
C PRO B 228 32.32 3.73 21.68
N VAL B 229 31.61 3.83 20.56
CA VAL B 229 30.25 3.24 20.41
C VAL B 229 30.23 2.44 19.11
N LEU B 230 30.09 1.13 19.22
CA LEU B 230 30.14 0.20 18.07
C LEU B 230 28.95 -0.73 18.19
N THR B 231 28.34 -1.05 17.07
CA THR B 231 27.27 -2.08 17.01
C THR B 231 27.71 -3.16 16.04
N PHE B 232 27.19 -4.36 16.22
CA PHE B 232 27.45 -5.50 15.31
C PHE B 232 26.20 -6.37 15.23
N THR B 233 25.93 -6.89 14.04
CA THR B 233 24.81 -7.80 13.78
C THR B 233 25.08 -8.49 12.44
N ASN B 234 24.52 -9.66 12.23
CA ASN B 234 24.57 -10.33 10.90
C ASN B 234 23.22 -10.17 10.20
N THR B 235 22.39 -9.20 10.62
CA THR B 235 20.98 -9.06 10.14
C THR B 235 20.78 -7.80 9.29
N GLN B 236 21.81 -6.98 9.11
CA GLN B 236 21.68 -5.65 8.46
C GLN B 236 22.23 -5.73 7.02
N THR B 237 21.39 -5.40 6.04
CA THR B 237 21.78 -5.37 4.61
C THR B 237 21.66 -3.92 4.11
N THR B 238 22.66 -3.43 3.38
CA THR B 238 22.63 -2.11 2.70
C THR B 238 22.52 -2.35 1.20
N ILE B 239 21.48 -1.80 0.58
CA ILE B 239 21.29 -1.87 -0.90
C ILE B 239 22.31 -0.90 -1.54
N LEU B 240 22.96 -1.33 -2.61
CA LEU B 240 24.04 -0.54 -3.28
C LEU B 240 23.52 0.03 -4.61
N LEU B 241 22.26 -0.23 -4.96
CA LEU B 241 21.62 0.39 -6.15
C LEU B 241 21.58 1.91 -5.99
N ASP B 242 21.87 2.65 -7.07
CA ASP B 242 21.78 4.13 -7.13
C ASP B 242 20.33 4.52 -7.48
N GLU B 243 20.11 5.81 -7.77
CA GLU B 243 18.79 6.42 -8.08
C GLU B 243 18.13 5.72 -9.28
N ASN B 244 18.92 5.11 -10.17
CA ASN B 244 18.44 4.48 -11.44
C ASN B 244 18.34 2.95 -11.32
N GLY B 245 18.60 2.39 -10.13
CA GLY B 245 18.50 0.93 -9.87
C GLY B 245 19.72 0.17 -10.35
N VAL B 246 20.89 0.84 -10.43
CA VAL B 246 22.16 0.23 -10.90
C VAL B 246 23.17 0.20 -9.74
N GLY B 247 23.71 -0.98 -9.46
CA GLY B 247 24.79 -1.18 -8.48
C GLY B 247 26.16 -0.86 -9.08
N PRO B 248 27.22 -0.76 -8.26
CA PRO B 248 28.59 -0.67 -8.77
C PRO B 248 28.86 -1.77 -9.81
N LEU B 249 29.44 -1.40 -10.95
CA LEU B 249 29.74 -2.35 -12.05
C LEU B 249 31.25 -2.61 -12.05
N CYS B 250 31.61 -3.88 -11.91
CA CYS B 250 33.00 -4.32 -11.63
C CYS B 250 33.82 -4.38 -12.92
N LYS B 251 34.56 -3.31 -13.20
CA LYS B 251 35.46 -3.21 -14.38
C LYS B 251 36.60 -4.23 -14.22
N GLY B 252 36.87 -4.99 -15.28
CA GLY B 252 37.93 -6.02 -15.28
C GLY B 252 37.66 -7.11 -14.27
N ASP B 253 36.39 -7.29 -13.85
CA ASP B 253 35.97 -8.38 -12.93
C ASP B 253 36.67 -8.19 -11.58
N GLY B 254 36.89 -6.92 -11.21
CA GLY B 254 37.45 -6.53 -9.90
C GLY B 254 36.39 -5.89 -9.02
N LEU B 255 36.28 -6.36 -7.78
CA LEU B 255 35.48 -5.74 -6.69
C LEU B 255 36.43 -5.04 -5.73
N PHE B 256 36.26 -3.74 -5.55
CA PHE B 256 37.16 -2.87 -4.77
C PHE B 256 36.52 -2.54 -3.43
N LEU B 257 37.18 -2.99 -2.36
CA LEU B 257 36.78 -2.77 -0.96
C LEU B 257 37.82 -1.86 -0.31
N SER B 258 37.36 -0.87 0.44
CA SER B 258 38.25 0.08 1.15
C SER B 258 37.67 0.35 2.53
N CYS B 259 38.50 0.65 3.51
CA CYS B 259 37.98 1.08 4.83
C CYS B 259 39.08 1.68 5.69
N ALA B 260 38.64 2.31 6.77
CA ALA B 260 39.44 2.75 7.92
C ALA B 260 38.55 2.57 9.15
N ASP B 261 39.06 1.90 10.18
CA ASP B 261 38.30 1.64 11.43
C ASP B 261 39.18 1.96 12.64
N ILE B 262 39.38 3.25 12.89
CA ILE B 262 40.05 3.77 14.11
C ILE B 262 39.02 3.68 15.22
N VAL B 263 39.30 2.90 16.28
CA VAL B 263 38.37 2.70 17.42
CA VAL B 263 38.33 2.75 17.38
C VAL B 263 38.66 3.73 18.51
N GLY B 264 39.92 4.12 18.64
CA GLY B 264 40.32 5.13 19.64
C GLY B 264 41.79 4.97 19.96
N PHE B 265 42.19 5.43 21.13
CA PHE B 265 43.60 5.35 21.59
C PHE B 265 43.76 4.39 22.76
N PHE B 266 44.91 3.74 22.75
CA PHE B 266 45.49 2.94 23.87
C PHE B 266 46.44 3.85 24.64
N THR B 267 46.18 4.05 25.92
CA THR B 267 46.99 4.90 26.82
C THR B 267 47.72 3.97 27.80
N GLN B 268 49.04 4.01 27.75
CA GLN B 268 49.93 3.22 28.64
C GLN B 268 50.04 3.92 29.98
N HIS B 269 50.58 3.21 30.98
CA HIS B 269 50.82 3.78 32.33
C HIS B 269 51.68 5.05 32.22
N ASN B 270 52.62 5.11 31.29
CA ASN B 270 53.53 6.29 31.14
C ASN B 270 52.86 7.38 30.31
N LYS B 271 51.57 7.22 29.97
CA LYS B 271 50.70 8.19 29.25
C LYS B 271 51.01 8.26 27.74
N LYS B 272 51.86 7.39 27.21
CA LYS B 272 52.05 7.29 25.75
C LYS B 272 50.77 6.73 25.12
N MET B 273 50.37 7.31 23.99
CA MET B 273 49.08 6.99 23.34
C MET B 273 49.33 6.56 21.90
N SER B 274 48.63 5.50 21.51
CA SER B 274 48.68 4.89 20.18
C SER B 274 47.25 4.70 19.68
N PHE B 275 47.08 4.76 18.37
CA PHE B 275 45.82 4.38 17.69
C PHE B 275 45.61 2.89 17.85
N ARG B 276 44.35 2.49 18.07
CA ARG B 276 43.92 1.07 17.96
C ARG B 276 42.84 0.97 16.89
N GLY B 277 42.99 0.01 15.99
CA GLY B 277 42.05 -0.26 14.89
C GLY B 277 41.48 -1.66 14.96
N LEU B 278 40.39 -1.88 14.25
CA LEU B 278 39.77 -3.21 14.13
C LEU B 278 39.60 -3.59 12.66
N PRO B 279 39.56 -4.90 12.38
CA PRO B 279 39.33 -5.38 11.03
C PRO B 279 37.83 -5.26 10.68
N ARG B 280 37.55 -5.23 9.38
CA ARG B 280 36.18 -5.09 8.85
C ARG B 280 35.86 -6.28 7.94
N TYR B 281 34.66 -6.84 8.15
CA TYR B 281 34.03 -7.88 7.32
C TYR B 281 33.17 -7.22 6.24
N PHE B 282 33.21 -7.82 5.04
CA PHE B 282 32.39 -7.42 3.88
C PHE B 282 31.75 -8.70 3.33
N ARG B 283 30.44 -8.65 3.10
CA ARG B 283 29.73 -9.63 2.25
C ARG B 283 29.10 -8.82 1.13
N VAL B 284 29.40 -9.15 -0.14
CA VAL B 284 28.85 -8.39 -1.29
C VAL B 284 28.11 -9.38 -2.19
N THR B 285 26.85 -9.08 -2.48
CA THR B 285 25.98 -9.89 -3.35
C THR B 285 26.07 -9.23 -4.73
N LEU B 286 26.49 -10.00 -5.73
CA LEU B 286 26.62 -9.50 -7.12
C LEU B 286 25.74 -10.36 -8.04
N ARG B 287 25.31 -9.77 -9.15
CA ARG B 287 24.58 -10.52 -10.22
C ARG B 287 25.24 -10.17 -11.56
N LYS B 288 25.20 -11.08 -12.52
CA LYS B 288 25.67 -10.80 -13.90
C LYS B 288 24.67 -9.84 -14.53
N ARG B 289 25.17 -8.71 -15.04
CA ARG B 289 24.33 -7.72 -15.75
C ARG B 289 24.85 -7.56 -17.18
N VAL B 290 23.93 -7.52 -18.14
CA VAL B 290 24.25 -7.14 -19.55
C VAL B 290 24.49 -5.63 -19.60
N VAL B 291 25.69 -5.22 -19.98
CA VAL B 291 26.03 -3.78 -20.22
C VAL B 291 26.49 -3.66 -21.68
N ILE C 36 2.59 -23.33 16.33
CA ILE C 36 3.34 -22.22 17.01
C ILE C 36 3.49 -22.55 18.49
N THR C 37 4.73 -22.64 18.96
CA THR C 37 5.11 -22.85 20.38
C THR C 37 6.02 -21.69 20.82
N GLU C 38 5.88 -21.25 22.07
CA GLU C 38 6.72 -20.16 22.62
C GLU C 38 7.54 -20.76 23.76
N ILE C 39 8.83 -20.50 23.76
CA ILE C 39 9.68 -20.91 24.90
C ILE C 39 10.21 -19.63 25.55
N GLU C 40 10.32 -19.67 26.87
CA GLU C 40 10.90 -18.58 27.68
C GLU C 40 12.09 -19.17 28.41
N ALA C 41 13.17 -18.41 28.51
CA ALA C 41 14.41 -18.84 29.17
C ALA C 41 15.13 -17.60 29.71
N TYR C 42 15.99 -17.83 30.69
CA TYR C 42 16.90 -16.79 31.20
C TYR C 42 18.32 -17.29 31.05
N LEU C 43 19.24 -16.35 30.87
CA LEU C 43 20.69 -16.60 31.00
C LEU C 43 21.23 -15.65 32.06
N ASN C 44 21.73 -16.21 33.15
CA ASN C 44 22.41 -15.41 34.20
C ASN C 44 23.77 -15.00 33.65
N PRO C 45 24.28 -13.83 34.09
CA PRO C 45 25.59 -13.36 33.66
C PRO C 45 26.72 -14.20 34.27
N ARG C 46 27.88 -14.18 33.63
CA ARG C 46 29.08 -14.91 34.08
C ARG C 46 30.22 -13.89 34.17
N MET C 47 30.10 -12.95 35.09
CA MET C 47 31.05 -11.82 35.22
C MET C 47 32.35 -12.28 35.89
N GLY C 48 32.37 -13.42 36.58
CA GLY C 48 33.60 -14.04 37.10
C GLY C 48 33.42 -14.70 38.46
N GLN C 49 32.79 -14.02 39.42
CA GLN C 49 32.60 -14.58 40.78
C GLN C 49 31.64 -15.75 40.70
N PRO C 50 31.89 -16.82 41.46
CA PRO C 50 31.07 -18.03 41.34
C PRO C 50 29.63 -17.86 41.83
N GLN C 51 28.76 -18.69 41.24
CA GLN C 51 27.33 -18.84 41.59
C GLN C 51 27.20 -19.04 43.10
N ASN C 52 26.13 -18.47 43.65
CA ASN C 52 25.57 -18.79 44.99
C ASN C 52 26.61 -18.48 46.06
N GLU C 53 27.54 -17.55 45.76
CA GLU C 53 28.44 -16.89 46.73
C GLU C 53 28.14 -15.39 46.67
N ASP C 54 28.68 -14.62 47.61
CA ASP C 54 28.16 -13.26 47.93
C ASP C 54 28.34 -12.28 46.77
N PHE C 55 29.24 -12.52 45.81
CA PHE C 55 29.50 -11.55 44.72
C PHE C 55 29.01 -12.09 43.37
N TYR C 56 28.08 -13.03 43.40
CA TYR C 56 27.42 -13.54 42.18
C TYR C 56 26.81 -12.36 41.41
N GLY C 57 27.18 -12.22 40.13
CA GLY C 57 26.76 -11.09 39.30
C GLY C 57 27.88 -10.10 39.07
N PHE C 58 28.95 -10.18 39.85
CA PHE C 58 30.15 -9.32 39.75
C PHE C 58 31.35 -10.17 39.28
N SER C 59 32.36 -9.49 38.75
CA SER C 59 33.74 -10.02 38.69
C SER C 59 34.41 -9.82 40.06
N ASP C 60 35.53 -10.49 40.25
CA ASP C 60 36.51 -10.10 41.29
C ASP C 60 37.08 -8.74 40.89
N ASN C 61 37.72 -8.04 41.83
CA ASN C 61 38.32 -6.72 41.53
C ASN C 61 39.38 -6.87 40.44
N VAL C 62 39.37 -5.96 39.46
CA VAL C 62 40.28 -6.03 38.29
C VAL C 62 41.67 -5.55 38.69
N THR C 63 42.68 -6.37 38.37
CA THR C 63 44.11 -5.97 38.46
C THR C 63 44.60 -5.70 37.04
N VAL C 64 45.56 -4.80 36.94
CA VAL C 64 46.06 -4.31 35.64
C VAL C 64 47.54 -4.62 35.57
N SER C 65 47.97 -5.20 34.45
CA SER C 65 49.39 -5.58 34.22
C SER C 65 50.24 -4.34 33.95
N ASP C 66 51.53 -4.43 34.21
CA ASP C 66 52.50 -3.34 33.92
C ASP C 66 52.79 -3.28 32.43
N ASP C 67 52.70 -4.40 31.71
CA ASP C 67 53.14 -4.48 30.30
C ASP C 67 52.46 -5.69 29.64
N PHE C 68 52.51 -5.75 28.30
CA PHE C 68 51.85 -6.81 27.49
C PHE C 68 52.54 -8.16 27.69
N GLY C 69 53.84 -8.15 27.96
CA GLY C 69 54.63 -9.39 28.12
C GLY C 69 54.28 -10.16 29.37
N SER C 70 53.84 -9.48 30.43
CA SER C 70 53.54 -10.06 31.77
C SER C 70 52.07 -9.76 32.09
N ASP C 71 51.17 -10.29 31.28
CA ASP C 71 49.73 -9.97 31.33
C ASP C 71 48.96 -11.28 31.50
N ALA C 72 48.55 -11.59 32.73
CA ALA C 72 47.88 -12.86 33.05
C ALA C 72 46.70 -12.54 33.97
N PRO C 73 45.53 -12.21 33.41
CA PRO C 73 44.37 -11.89 34.24
C PRO C 73 43.91 -13.11 35.00
N PRO C 74 43.88 -13.05 36.34
CA PRO C 74 43.41 -14.19 37.14
C PRO C 74 41.94 -14.54 36.86
N TRP C 75 41.66 -15.83 36.92
CA TRP C 75 40.26 -16.33 36.88
C TRP C 75 39.42 -15.51 37.85
N LYS C 76 38.23 -15.12 37.39
CA LYS C 76 37.17 -14.38 38.14
C LYS C 76 37.27 -12.87 37.86
N GLN C 77 38.38 -12.38 37.29
CA GLN C 77 38.54 -10.92 37.10
C GLN C 77 38.02 -10.44 35.74
N PHE C 78 37.48 -11.32 34.89
CA PHE C 78 36.96 -10.92 33.56
C PHE C 78 35.69 -11.69 33.23
N PRO C 79 34.76 -11.07 32.48
CA PRO C 79 33.53 -11.72 32.10
C PRO C 79 33.70 -12.76 30.97
N CYS C 80 32.83 -13.75 31.00
CA CYS C 80 32.68 -14.77 29.93
C CYS C 80 31.26 -14.75 29.40
N TYR C 81 31.08 -15.32 28.22
CA TYR C 81 29.75 -15.44 27.57
C TYR C 81 28.89 -16.41 28.38
N SER C 82 27.62 -16.11 28.41
CA SER C 82 26.55 -17.02 28.85
C SER C 82 26.00 -17.78 27.64
N THR C 83 25.68 -19.05 27.83
CA THR C 83 25.05 -19.84 26.76
C THR C 83 24.23 -20.98 27.37
N ALA C 84 23.15 -21.34 26.68
CA ALA C 84 22.35 -22.53 27.01
C ALA C 84 21.77 -23.15 25.73
N ARG C 85 21.66 -24.47 25.74
CA ARG C 85 20.88 -25.22 24.75
C ARG C 85 19.55 -25.57 25.42
N ILE C 86 18.45 -25.07 24.87
CA ILE C 86 17.09 -25.40 25.34
C ILE C 86 16.64 -26.65 24.58
N SER C 87 16.25 -27.71 25.30
CA SER C 87 15.67 -28.95 24.72
C SER C 87 14.24 -28.64 24.25
N LEU C 88 14.01 -28.72 22.95
CA LEU C 88 12.64 -28.56 22.38
C LEU C 88 11.97 -29.91 22.27
N PRO C 89 10.62 -29.96 22.14
CA PRO C 89 9.94 -31.25 22.01
C PRO C 89 10.58 -32.07 20.88
N MET C 90 10.95 -33.33 21.17
CA MET C 90 11.60 -34.25 20.20
C MET C 90 10.66 -34.47 19.01
N LEU C 91 11.16 -34.26 17.79
CA LEU C 91 10.34 -34.35 16.54
C LEU C 91 10.63 -35.68 15.83
N ASN C 92 11.59 -35.70 14.90
CA ASN C 92 11.83 -36.82 13.96
C ASN C 92 12.35 -38.05 14.68
N GLN C 93 11.75 -39.20 14.39
CA GLN C 93 12.29 -40.54 14.76
C GLN C 93 13.62 -40.81 14.03
N ASP C 94 13.87 -40.22 12.83
CA ASP C 94 15.14 -40.42 12.04
C ASP C 94 15.47 -39.25 11.10
N MET C 95 16.71 -38.74 11.16
CA MET C 95 17.15 -37.53 10.41
C MET C 95 17.38 -37.80 8.92
N THR C 96 17.39 -39.06 8.45
CA THR C 96 17.58 -39.39 7.00
C THR C 96 16.22 -39.43 6.27
N SER C 97 15.09 -39.30 6.97
CA SER C 97 13.71 -39.44 6.43
C SER C 97 13.46 -38.54 5.21
N ASP C 98 12.50 -38.94 4.37
CA ASP C 98 12.04 -38.21 3.15
C ASP C 98 11.37 -36.89 3.57
N THR C 99 10.66 -36.89 4.71
CA THR C 99 10.11 -35.66 5.33
C THR C 99 10.79 -35.46 6.70
N ILE C 100 11.53 -34.35 6.87
CA ILE C 100 12.23 -33.95 8.14
C ILE C 100 11.50 -32.74 8.73
N LEU C 101 11.02 -32.85 9.97
CA LEU C 101 10.45 -31.69 10.70
C LEU C 101 11.55 -31.07 11.57
N MET C 102 11.64 -29.76 11.58
CA MET C 102 12.51 -29.02 12.53
C MET C 102 11.72 -27.85 13.12
N TRP C 103 12.05 -27.49 14.36
CA TRP C 103 11.59 -26.23 14.97
C TRP C 103 12.33 -25.07 14.30
N GLU C 104 11.56 -24.11 13.81
CA GLU C 104 12.11 -22.87 13.20
C GLU C 104 11.80 -21.71 14.14
N ALA C 105 12.83 -20.97 14.55
CA ALA C 105 12.64 -19.73 15.35
C ALA C 105 12.24 -18.60 14.40
N ILE C 106 11.03 -18.09 14.51
CA ILE C 106 10.54 -17.08 13.52
C ILE C 106 10.64 -15.67 14.12
N SER C 107 10.63 -15.54 15.43
CA SER C 107 10.69 -14.20 16.08
C SER C 107 11.13 -14.40 17.53
N CYS C 108 11.55 -13.30 18.16
CA CYS C 108 11.85 -13.34 19.61
C CYS C 108 11.52 -12.01 20.26
N ARG C 109 11.44 -12.03 21.58
CA ARG C 109 11.56 -10.84 22.43
C ARG C 109 12.70 -11.12 23.38
N THR C 110 13.49 -10.11 23.72
CA THR C 110 14.56 -10.28 24.70
C THR C 110 14.56 -9.02 25.57
N GLU C 111 14.81 -9.20 26.86
CA GLU C 111 14.87 -8.09 27.83
C GLU C 111 16.07 -8.30 28.73
N VAL C 112 16.81 -7.22 29.02
CA VAL C 112 17.76 -7.23 30.15
C VAL C 112 16.91 -7.13 31.42
N MET C 113 17.10 -8.05 32.37
CA MET C 113 16.34 -8.05 33.63
C MET C 113 17.16 -7.40 34.75
N GLY C 114 16.47 -6.91 35.78
CA GLY C 114 17.11 -6.34 36.97
C GLY C 114 17.69 -4.95 36.74
N VAL C 115 17.30 -4.27 35.66
CA VAL C 115 17.75 -2.86 35.45
C VAL C 115 17.37 -2.04 36.68
N ASN C 116 16.26 -2.37 37.32
CA ASN C 116 15.82 -1.69 38.58
C ASN C 116 16.95 -1.62 39.62
N MET C 117 17.84 -2.61 39.69
CA MET C 117 18.82 -2.65 40.81
C MET C 117 19.83 -1.50 40.69
N LEU C 118 19.96 -0.89 39.51
CA LEU C 118 20.99 0.14 39.27
C LEU C 118 20.55 1.48 39.88
N THR C 119 19.35 1.53 40.46
CA THR C 119 18.88 2.68 41.26
C THR C 119 19.49 2.67 42.67
N ASN C 120 20.27 1.64 43.00
CA ASN C 120 20.99 1.49 44.29
C ASN C 120 22.24 2.35 44.29
N VAL C 121 22.26 3.40 45.10
CA VAL C 121 23.48 4.25 45.25
C VAL C 121 23.87 4.29 46.74
N HIS C 122 23.55 3.23 47.48
CA HIS C 122 23.90 3.16 48.93
C HIS C 122 24.83 1.98 49.28
N SER C 123 24.99 0.97 48.44
CA SER C 123 25.70 -0.28 48.81
C SER C 123 27.21 -0.16 48.54
N ALA C 124 27.98 0.32 49.51
CA ALA C 124 29.46 0.23 49.55
C ALA C 124 30.12 0.81 48.30
N GLN C 125 29.58 1.90 47.77
CA GLN C 125 30.09 2.56 46.54
C GLN C 125 30.92 3.78 46.92
N LYS C 126 32.03 3.98 46.21
CA LYS C 126 32.77 5.26 46.25
C LYS C 126 31.74 6.39 46.16
N ARG C 127 31.85 7.38 47.05
N ARG C 127 31.88 7.40 47.02
CA ARG C 127 30.86 8.50 47.16
CA ARG C 127 30.89 8.50 47.10
C ARG C 127 31.21 9.60 46.14
C ARG C 127 31.23 9.60 46.11
N VAL C 128 30.21 10.36 45.71
CA VAL C 128 30.37 11.51 44.79
C VAL C 128 31.41 12.50 45.37
N TYR C 129 31.33 12.80 46.67
CA TYR C 129 32.20 13.78 47.39
C TYR C 129 33.03 13.02 48.44
N GLU C 130 33.93 12.16 47.97
CA GLU C 130 34.64 11.18 48.84
C GLU C 130 35.47 11.94 49.89
N ASN C 131 36.03 13.10 49.54
CA ASN C 131 36.87 13.93 50.46
C ASN C 131 36.03 14.41 51.64
N ASP C 132 34.73 14.68 51.42
CA ASP C 132 33.80 15.15 52.48
C ASP C 132 33.05 13.96 53.07
N ARG C 133 33.34 12.74 52.62
CA ARG C 133 32.60 11.52 53.02
C ARG C 133 31.10 11.78 52.86
N GLU C 134 30.70 12.31 51.72
CA GLU C 134 29.30 12.78 51.54
C GLU C 134 28.81 12.51 50.11
N GLY C 135 27.49 12.55 49.97
CA GLY C 135 26.81 12.33 48.67
C GLY C 135 26.38 10.88 48.54
N THR C 136 25.67 10.57 47.46
CA THR C 136 25.36 9.19 47.07
C THR C 136 26.63 8.44 46.71
N GLY C 137 26.53 7.12 46.59
CA GLY C 137 27.49 6.34 45.82
C GLY C 137 27.46 6.78 44.37
N ILE C 138 28.54 6.54 43.61
CA ILE C 138 28.59 6.94 42.18
C ILE C 138 27.78 5.94 41.35
N GLY C 139 27.38 4.80 41.93
CA GLY C 139 26.58 3.77 41.26
C GLY C 139 27.43 3.01 40.27
N VAL C 140 26.79 2.25 39.38
CA VAL C 140 27.48 1.52 38.31
C VAL C 140 27.69 2.52 37.17
N GLU C 141 28.93 2.61 36.67
CA GLU C 141 29.27 3.48 35.51
C GLU C 141 30.29 2.75 34.64
N GLY C 142 30.49 3.24 33.43
CA GLY C 142 31.51 2.70 32.53
C GLY C 142 30.91 1.88 31.41
N MET C 143 31.67 0.90 30.91
CA MET C 143 31.37 0.27 29.62
C MET C 143 30.10 -0.57 29.72
N GLY C 144 29.32 -0.51 28.65
CA GLY C 144 28.18 -1.40 28.40
C GLY C 144 28.54 -2.31 27.25
N TYR C 145 28.49 -3.62 27.45
CA TYR C 145 28.61 -4.59 26.34
C TYR C 145 27.40 -5.51 26.41
N HIS C 146 26.53 -5.41 25.42
CA HIS C 146 25.22 -6.09 25.38
C HIS C 146 25.14 -6.81 24.06
N MET C 147 25.11 -8.13 24.10
CA MET C 147 24.96 -8.90 22.84
C MET C 147 24.08 -10.09 23.15
N PHE C 148 23.32 -10.51 22.17
CA PHE C 148 22.59 -11.78 22.27
C PHE C 148 22.60 -12.44 20.91
N ALA C 149 22.39 -13.76 20.95
CA ALA C 149 22.31 -14.60 19.75
C ALA C 149 21.27 -15.68 19.95
N ILE C 150 20.55 -15.98 18.89
CA ILE C 150 19.54 -17.05 18.84
C ILE C 150 19.84 -17.87 17.60
N GLY C 151 20.02 -19.17 17.76
CA GLY C 151 20.38 -20.04 16.62
C GLY C 151 19.96 -21.47 16.81
N GLY C 152 20.03 -22.22 15.72
CA GLY C 152 19.74 -23.67 15.70
C GLY C 152 20.96 -24.52 15.90
N GLU C 153 22.09 -23.91 16.25
CA GLU C 153 23.36 -24.59 16.60
C GLU C 153 24.20 -23.61 17.39
N PRO C 154 25.31 -24.07 18.03
CA PRO C 154 26.16 -23.18 18.80
C PRO C 154 26.63 -21.97 18.00
N LEU C 155 26.78 -20.85 18.72
CA LEU C 155 27.29 -19.59 18.12
C LEU C 155 28.70 -19.83 17.62
N GLU C 156 28.96 -19.47 16.36
CA GLU C 156 30.31 -19.61 15.77
C GLU C 156 31.10 -18.34 16.08
N LEU C 157 32.34 -18.51 16.55
CA LEU C 157 33.12 -17.41 17.15
C LEU C 157 34.38 -17.16 16.33
N GLN C 158 34.82 -15.91 16.31
CA GLN C 158 36.16 -15.49 15.86
C GLN C 158 36.98 -15.14 17.12
N PHE C 159 38.16 -15.73 17.25
CA PHE C 159 39.10 -15.37 18.34
C PHE C 159 39.73 -14.03 18.00
N MET C 160 39.69 -13.06 18.92
CA MET C 160 40.38 -11.77 18.68
C MET C 160 40.62 -11.09 20.02
N VAL C 161 41.85 -10.65 20.25
CA VAL C 161 42.27 -10.11 21.58
C VAL C 161 42.97 -8.77 21.44
N PHE C 162 42.91 -7.97 22.49
CA PHE C 162 43.59 -6.66 22.57
C PHE C 162 45.11 -6.88 22.54
N ASN C 163 45.60 -7.83 23.34
CA ASN C 163 47.04 -8.15 23.52
C ASN C 163 47.21 -9.66 23.35
N HIS C 164 47.88 -10.11 22.29
CA HIS C 164 47.98 -11.57 21.98
C HIS C 164 48.80 -12.28 23.05
N ARG C 165 49.66 -11.57 23.76
CA ARG C 165 50.58 -12.20 24.74
C ARG C 165 49.88 -12.40 26.09
N ALA C 166 48.63 -11.98 26.24
CA ALA C 166 47.84 -12.25 27.46
C ALA C 166 47.78 -13.77 27.69
N THR C 167 47.99 -14.18 28.93
CA THR C 167 47.90 -15.61 29.33
C THR C 167 46.60 -15.78 30.11
N TYR C 168 45.66 -16.51 29.53
CA TYR C 168 44.36 -16.77 30.17
C TYR C 168 44.49 -17.94 31.12
N PRO C 169 43.67 -17.96 32.18
CA PRO C 169 43.76 -19.00 33.20
C PRO C 169 43.17 -20.33 32.73
N ALA C 170 43.48 -21.40 33.46
CA ALA C 170 43.10 -22.79 33.14
C ALA C 170 41.58 -22.93 32.93
N GLU C 171 40.77 -22.18 33.70
CA GLU C 171 39.29 -22.28 33.69
C GLU C 171 38.71 -21.82 32.34
N ALA C 172 39.41 -20.94 31.63
CA ALA C 172 38.90 -20.27 30.42
C ALA C 172 39.15 -21.16 29.20
N THR C 173 38.27 -21.10 28.21
CA THR C 173 38.48 -21.69 26.86
C THR C 173 38.99 -20.58 25.94
N VAL C 174 40.24 -20.70 25.48
CA VAL C 174 40.88 -19.72 24.55
C VAL C 174 41.72 -20.50 23.57
N ILE C 175 42.16 -19.87 22.49
CA ILE C 175 43.25 -20.40 21.62
C ILE C 175 44.57 -19.98 22.28
N LYS C 176 45.39 -20.95 22.67
CA LYS C 176 46.68 -20.70 23.37
C LYS C 176 47.72 -20.25 22.35
N ASN C 177 48.62 -19.34 22.74
CA ASN C 177 49.68 -18.78 21.87
C ASN C 177 49.10 -18.39 20.51
N PRO C 178 48.06 -17.55 20.49
CA PRO C 178 47.37 -17.23 19.26
C PRO C 178 48.21 -16.46 18.22
N GLY C 179 49.27 -15.77 18.68
CA GLY C 179 50.18 -14.99 17.84
C GLY C 179 49.66 -13.60 17.54
N ALA C 180 50.56 -12.78 17.02
CA ALA C 180 50.34 -11.34 16.70
C ALA C 180 49.07 -11.15 15.86
N SER C 181 48.79 -12.05 14.92
CA SER C 181 47.64 -11.98 13.95
C SER C 181 46.31 -11.94 14.70
N SER C 182 46.27 -12.50 15.91
CA SER C 182 45.02 -12.59 16.73
C SER C 182 44.63 -11.24 17.31
N GLN C 183 45.49 -10.21 17.15
CA GLN C 183 45.15 -8.80 17.53
C GLN C 183 44.24 -8.18 16.48
N VAL C 184 44.21 -8.80 15.30
CA VAL C 184 43.30 -8.40 14.19
C VAL C 184 42.66 -9.68 13.67
N PHE C 185 42.19 -9.71 12.43
CA PHE C 185 41.49 -10.90 11.90
C PHE C 185 42.52 -11.88 11.37
N ASP C 186 42.45 -13.10 11.87
CA ASP C 186 43.21 -14.27 11.33
C ASP C 186 42.20 -15.36 11.05
N PRO C 187 42.02 -15.79 9.78
CA PRO C 187 40.98 -16.77 9.43
C PRO C 187 41.17 -18.15 10.06
N ASN C 188 42.34 -18.42 10.65
CA ASN C 188 42.65 -19.72 11.30
C ASN C 188 42.07 -19.78 12.72
N LEU C 189 41.69 -18.65 13.31
CA LEU C 189 41.40 -18.57 14.77
C LEU C 189 39.88 -18.62 15.02
N LYS C 190 39.32 -19.82 14.93
CA LYS C 190 37.85 -20.07 14.99
C LYS C 190 37.53 -20.88 16.25
N GLY C 191 36.28 -20.78 16.68
CA GLY C 191 35.75 -21.57 17.79
C GLY C 191 34.23 -21.55 17.73
N THR C 192 33.59 -22.30 18.60
CA THR C 192 32.13 -22.30 18.77
C THR C 192 31.83 -22.28 20.27
N LEU C 193 30.76 -21.58 20.64
CA LEU C 193 30.39 -21.32 22.04
C LEU C 193 29.66 -22.56 22.55
N THR C 194 30.42 -23.51 23.05
CA THR C 194 29.93 -24.86 23.43
C THR C 194 29.79 -24.99 24.95
N ALA C 195 30.15 -23.98 25.73
CA ALA C 195 30.12 -24.09 27.20
C ALA C 195 29.85 -22.72 27.80
N ASP C 196 29.08 -22.74 28.89
CA ASP C 196 28.65 -21.53 29.62
C ASP C 196 29.80 -21.06 30.52
N GLY C 197 30.01 -19.74 30.62
CA GLY C 197 30.83 -19.13 31.68
C GLY C 197 32.33 -19.40 31.56
N VAL C 198 32.85 -19.76 30.38
CA VAL C 198 34.30 -20.06 30.20
C VAL C 198 34.93 -19.39 28.96
N PHE C 199 34.16 -18.89 27.98
CA PHE C 199 34.73 -18.20 26.80
C PHE C 199 34.85 -16.72 27.15
N PRO C 200 36.07 -16.16 27.33
CA PRO C 200 36.20 -14.76 27.72
C PRO C 200 35.57 -13.86 26.67
N VAL C 201 34.76 -12.91 27.12
CA VAL C 201 34.19 -11.88 26.21
C VAL C 201 35.36 -11.18 25.50
N GLU C 202 36.46 -10.87 26.20
CA GLU C 202 37.54 -10.04 25.59
C GLU C 202 38.37 -10.85 24.59
N ALA C 203 38.13 -12.15 24.44
CA ALA C 203 38.90 -13.02 23.51
C ALA C 203 38.05 -13.58 22.37
N TRP C 204 36.73 -13.53 22.44
CA TRP C 204 35.86 -14.14 21.39
C TRP C 204 34.74 -13.18 21.02
N GLY C 205 34.40 -13.14 19.75
CA GLY C 205 33.28 -12.36 19.20
C GLY C 205 32.56 -13.21 18.16
N PRO C 206 31.34 -12.81 17.75
CA PRO C 206 30.63 -13.55 16.71
C PRO C 206 31.37 -13.49 15.36
N ASP C 207 31.42 -14.63 14.67
CA ASP C 207 32.10 -14.81 13.36
C ASP C 207 31.11 -14.47 12.25
N PRO C 208 31.27 -13.33 11.55
CA PRO C 208 30.37 -12.98 10.45
C PRO C 208 30.56 -13.84 9.18
N PHE C 209 31.65 -14.60 9.10
CA PHE C 209 31.94 -15.54 7.98
C PHE C 209 31.08 -16.80 8.13
N LYS C 210 30.51 -17.04 9.31
CA LYS C 210 29.70 -18.24 9.57
C LYS C 210 28.35 -17.77 10.11
N ASN C 211 27.75 -18.52 11.02
CA ASN C 211 26.46 -18.17 11.67
C ASN C 211 25.34 -17.97 10.64
N GLU C 212 25.28 -18.79 9.58
CA GLU C 212 24.14 -18.80 8.62
C GLU C 212 22.84 -19.20 9.33
N ASN C 213 22.93 -19.92 10.44
CA ASN C 213 21.77 -20.52 11.15
C ASN C 213 21.61 -19.89 12.54
N THR C 214 22.13 -18.68 12.74
CA THR C 214 22.07 -17.91 14.02
C THR C 214 21.88 -16.45 13.67
N ARG C 215 21.08 -15.73 14.46
CA ARG C 215 21.01 -14.25 14.39
C ARG C 215 21.68 -13.72 15.67
N TYR C 216 22.63 -12.79 15.51
CA TYR C 216 23.31 -12.15 16.67
C TYR C 216 23.24 -10.63 16.51
N PHE C 217 23.24 -9.95 17.65
CA PHE C 217 23.05 -8.49 17.80
C PHE C 217 23.92 -8.02 18.96
N GLY C 218 24.67 -6.95 18.78
CA GLY C 218 25.53 -6.45 19.86
C GLY C 218 25.67 -4.95 19.83
N GLN C 219 25.87 -4.34 21.00
CA GLN C 219 26.25 -2.93 21.11
C GLN C 219 27.30 -2.81 22.23
N TYR C 220 28.34 -2.04 21.95
CA TYR C 220 29.41 -1.70 22.91
C TYR C 220 29.42 -0.19 23.08
N THR C 221 29.33 0.27 24.32
CA THR C 221 29.71 1.65 24.70
C THR C 221 30.88 1.58 25.67
N GLY C 222 31.98 2.27 25.38
CA GLY C 222 33.20 2.12 26.17
C GLY C 222 33.29 3.09 27.32
N GLY C 223 34.50 3.20 27.87
CA GLY C 223 34.81 4.11 28.98
C GLY C 223 34.65 3.46 30.35
N THR C 224 34.95 4.24 31.41
CA THR C 224 34.98 3.74 32.79
C THR C 224 34.07 4.57 33.69
N GLN C 225 33.73 5.79 33.28
CA GLN C 225 32.80 6.70 34.01
C GLN C 225 31.57 7.02 33.14
N THR C 226 31.41 6.33 32.01
CA THR C 226 30.26 6.52 31.10
C THR C 226 28.95 6.21 31.80
N PRO C 227 27.89 7.05 31.67
CA PRO C 227 26.59 6.66 32.20
C PRO C 227 26.05 5.45 31.45
N PRO C 228 25.61 4.40 32.17
CA PRO C 228 24.88 3.28 31.56
C PRO C 228 23.51 3.76 31.06
N VAL C 229 23.13 3.29 29.89
CA VAL C 229 21.78 3.53 29.31
C VAL C 229 21.18 2.17 29.00
N LEU C 230 20.06 1.85 29.65
CA LEU C 230 19.38 0.56 29.45
C LEU C 230 17.89 0.82 29.32
N THR C 231 17.26 0.12 28.40
CA THR C 231 15.78 0.19 28.21
C THR C 231 15.24 -1.22 28.36
N PHE C 232 13.98 -1.34 28.74
CA PHE C 232 13.31 -2.65 28.88
C PHE C 232 11.83 -2.44 28.61
N THR C 233 11.23 -3.41 27.92
CA THR C 233 9.79 -3.44 27.65
C THR C 233 9.40 -4.86 27.25
N ASN C 234 8.15 -5.23 27.48
CA ASN C 234 7.64 -6.55 27.04
C ASN C 234 6.92 -6.41 25.71
N THR C 235 7.16 -5.32 24.96
CA THR C 235 6.34 -4.98 23.77
C THR C 235 7.13 -5.10 22.46
N GLN C 236 8.41 -5.41 22.50
CA GLN C 236 9.31 -5.31 21.32
C GLN C 236 9.59 -6.71 20.75
N THR C 237 9.27 -6.93 19.47
CA THR C 237 9.50 -8.22 18.78
C THR C 237 10.59 -8.00 17.74
N THR C 238 11.55 -8.91 17.68
CA THR C 238 12.54 -8.98 16.57
C THR C 238 12.19 -10.17 15.69
N ILE C 239 11.97 -9.96 14.40
CA ILE C 239 11.76 -11.07 13.43
C ILE C 239 13.12 -11.70 13.15
N LEU C 240 13.20 -13.03 13.16
CA LEU C 240 14.49 -13.76 12.97
C LEU C 240 14.54 -14.38 11.57
N LEU C 241 13.54 -14.17 10.73
CA LEU C 241 13.56 -14.65 9.32
C LEU C 241 14.71 -13.97 8.57
N ASP C 242 15.44 -14.74 7.74
CA ASP C 242 16.52 -14.20 6.88
C ASP C 242 15.88 -13.68 5.58
N GLU C 243 16.71 -13.23 4.64
CA GLU C 243 16.28 -12.65 3.34
C GLU C 243 15.50 -13.70 2.53
N ASN C 244 15.67 -15.00 2.79
CA ASN C 244 14.92 -16.09 2.11
C ASN C 244 13.64 -16.46 2.89
N GLY C 245 13.29 -15.73 3.95
CA GLY C 245 12.06 -15.97 4.75
C GLY C 245 12.21 -17.18 5.67
N VAL C 246 13.45 -17.54 6.03
CA VAL C 246 13.72 -18.74 6.86
C VAL C 246 14.33 -18.29 8.18
N GLY C 247 13.79 -18.76 9.30
CA GLY C 247 14.38 -18.54 10.63
C GLY C 247 15.46 -19.57 10.94
N PRO C 248 16.23 -19.38 12.04
CA PRO C 248 17.08 -20.46 12.55
C PRO C 248 16.32 -21.79 12.67
N LEU C 249 16.93 -22.87 12.21
CA LEU C 249 16.38 -24.25 12.25
C LEU C 249 17.16 -25.06 13.29
N CYS C 250 16.42 -25.63 14.24
CA CYS C 250 16.97 -26.18 15.51
C CYS C 250 17.46 -27.61 15.29
N LYS C 251 18.74 -27.74 14.96
CA LYS C 251 19.41 -29.04 14.79
C LYS C 251 19.39 -29.82 16.12
N GLY C 252 19.02 -31.09 16.06
CA GLY C 252 18.90 -31.98 17.24
C GLY C 252 17.80 -31.53 18.17
N ASP C 253 16.86 -30.72 17.67
CA ASP C 253 15.73 -30.17 18.47
C ASP C 253 16.33 -29.38 19.66
N GLY C 254 17.41 -28.65 19.40
CA GLY C 254 18.07 -27.76 20.36
C GLY C 254 17.96 -26.31 19.93
N LEU C 255 17.57 -25.41 20.82
CA LEU C 255 17.57 -23.95 20.57
C LEU C 255 18.73 -23.36 21.35
N PHE C 256 19.63 -22.65 20.68
CA PHE C 256 20.91 -22.20 21.28
C PHE C 256 20.80 -20.71 21.57
N LEU C 257 20.89 -20.37 22.85
CA LEU C 257 20.77 -18.97 23.32
C LEU C 257 22.11 -18.56 23.89
N SER C 258 22.59 -17.37 23.51
CA SER C 258 23.90 -16.84 23.97
C SER C 258 23.78 -15.36 24.27
N CYS C 259 24.54 -14.87 25.24
CA CYS C 259 24.59 -13.42 25.52
C CYS C 259 25.77 -13.04 26.39
N ALA C 260 26.01 -11.73 26.43
CA ALA C 260 26.86 -11.06 27.43
C ALA C 260 26.20 -9.72 27.72
N ASP C 261 26.04 -9.38 29.00
CA ASP C 261 25.35 -8.14 29.44
C ASP C 261 26.16 -7.49 30.57
N ILE C 262 27.33 -6.96 30.20
CA ILE C 262 28.17 -6.09 31.08
C ILE C 262 27.48 -4.72 31.20
N VAL C 263 27.09 -4.31 32.39
CA VAL C 263 26.35 -3.02 32.52
CA VAL C 263 26.34 -3.04 32.59
C VAL C 263 27.33 -1.93 32.93
N GLY C 264 28.47 -2.29 33.51
CA GLY C 264 29.51 -1.31 33.84
C GLY C 264 30.31 -1.81 35.02
N PHE C 265 30.92 -0.89 35.77
CA PHE C 265 31.81 -1.21 36.91
C PHE C 265 31.19 -0.74 38.20
N PHE C 266 31.39 -1.55 39.24
CA PHE C 266 31.15 -1.23 40.65
C PHE C 266 32.49 -0.75 41.22
N THR C 267 32.51 0.46 41.78
CA THR C 267 33.71 1.07 42.38
C THR C 267 33.49 1.14 43.89
N GLN C 268 34.38 0.47 44.64
CA GLN C 268 34.34 0.45 46.12
C GLN C 268 34.96 1.74 46.67
N HIS C 269 34.82 1.97 47.96
CA HIS C 269 35.43 3.13 48.67
C HIS C 269 36.95 3.16 48.44
N ASN C 270 37.59 2.01 48.33
CA ASN C 270 39.07 1.88 48.19
C ASN C 270 39.46 1.96 46.71
N LYS C 271 38.49 2.27 45.83
CA LYS C 271 38.68 2.53 44.39
C LYS C 271 38.89 1.21 43.63
N LYS C 272 38.78 0.06 44.27
CA LYS C 272 38.83 -1.24 43.53
C LYS C 272 37.55 -1.35 42.70
N MET C 273 37.69 -1.85 41.48
CA MET C 273 36.59 -1.87 40.48
C MET C 273 36.36 -3.30 40.00
N SER C 274 35.10 -3.66 39.86
CA SER C 274 34.64 -4.98 39.39
C SER C 274 33.56 -4.80 38.31
N PHE C 275 33.52 -5.71 37.35
CA PHE C 275 32.40 -5.79 36.37
C PHE C 275 31.12 -6.15 37.12
N ARG C 276 30.00 -5.54 36.72
CA ARG C 276 28.63 -5.93 37.12
C ARG C 276 27.85 -6.31 35.85
N GLY C 277 27.15 -7.44 35.92
CA GLY C 277 26.36 -8.00 34.81
C GLY C 277 24.90 -8.14 35.19
N LEU C 278 24.03 -8.29 34.20
CA LEU C 278 22.60 -8.53 34.46
C LEU C 278 22.16 -9.72 33.63
N PRO C 279 21.15 -10.47 34.14
CA PRO C 279 20.57 -11.60 33.42
C PRO C 279 19.71 -11.10 32.26
N ARG C 280 19.54 -11.99 31.28
CA ARG C 280 18.78 -11.71 30.05
C ARG C 280 17.64 -12.71 29.94
N TYR C 281 16.46 -12.19 29.63
CA TYR C 281 15.25 -12.95 29.28
C TYR C 281 15.17 -13.12 27.76
N PHE C 282 14.73 -14.30 27.35
CA PHE C 282 14.45 -14.65 25.93
C PHE C 282 13.05 -15.22 25.86
N ARG C 283 12.26 -14.73 24.92
CA ARG C 283 11.00 -15.40 24.50
C ARG C 283 11.19 -15.73 23.03
N VAL C 284 11.14 -17.00 22.65
CA VAL C 284 11.37 -17.36 21.23
C VAL C 284 10.11 -18.06 20.72
N THR C 285 9.57 -17.54 19.64
CA THR C 285 8.38 -18.14 18.98
C THR C 285 8.88 -19.10 17.91
N LEU C 286 8.44 -20.36 17.97
CA LEU C 286 8.89 -21.42 17.03
C LEU C 286 7.68 -22.02 16.34
N ARG C 287 7.88 -22.46 15.08
CA ARG C 287 6.89 -23.29 14.34
C ARG C 287 7.60 -24.57 13.87
N LYS C 288 6.91 -25.71 13.90
CA LYS C 288 7.36 -26.94 13.22
C LYS C 288 7.31 -26.71 11.72
N ARG C 289 8.44 -26.82 11.03
CA ARG C 289 8.60 -26.63 9.58
C ARG C 289 9.05 -27.98 9.00
N VAL C 290 8.40 -28.45 7.93
CA VAL C 290 9.01 -29.49 7.06
C VAL C 290 10.23 -28.83 6.42
N VAL C 291 11.37 -29.52 6.40
CA VAL C 291 12.66 -28.99 5.85
C VAL C 291 13.16 -29.92 4.75
N LYS C 292 13.61 -29.36 3.62
CA LYS C 292 14.28 -30.10 2.51
C LYS C 292 15.55 -30.78 3.03
N SER D 35 -19.30 1.84 24.05
CA SER D 35 -18.18 1.35 23.19
C SER D 35 -16.82 1.81 23.75
N ILE D 36 -16.54 3.12 23.79
CA ILE D 36 -15.19 3.68 24.16
C ILE D 36 -15.30 4.62 25.36
N THR D 37 -14.34 4.50 26.28
CA THR D 37 -14.19 5.36 27.49
C THR D 37 -12.72 5.75 27.59
N GLU D 38 -12.44 6.97 28.01
CA GLU D 38 -11.08 7.43 28.36
C GLU D 38 -11.05 7.60 29.87
N ILE D 39 -10.00 7.11 30.53
CA ILE D 39 -9.81 7.49 31.94
C ILE D 39 -8.50 8.26 32.01
N GLU D 40 -8.46 9.23 32.90
CA GLU D 40 -7.23 10.01 33.18
C GLU D 40 -6.88 9.79 34.64
N ALA D 41 -5.59 9.66 34.94
CA ALA D 41 -5.13 9.50 36.33
C ALA D 41 -3.73 10.08 36.51
N TYR D 42 -3.35 10.33 37.76
CA TYR D 42 -1.96 10.68 38.10
C TYR D 42 -1.46 9.70 39.15
N LEU D 43 -0.13 9.54 39.18
CA LEU D 43 0.57 8.84 40.28
C LEU D 43 1.66 9.79 40.74
N ASN D 44 1.56 10.23 41.98
CA ASN D 44 2.65 11.00 42.62
C ASN D 44 3.80 10.07 42.90
N PRO D 45 5.04 10.61 42.90
CA PRO D 45 6.22 9.81 43.16
C PRO D 45 6.30 9.44 44.65
N ARG D 46 7.01 8.37 44.94
CA ARG D 46 7.23 7.88 46.32
C ARG D 46 8.75 7.76 46.56
N MET D 47 9.41 8.91 46.62
CA MET D 47 10.89 8.99 46.70
C MET D 47 11.39 8.70 48.13
N GLY D 48 10.54 8.85 49.15
CA GLY D 48 10.90 8.47 50.52
C GLY D 48 10.31 9.37 51.58
N GLN D 49 10.43 10.70 51.43
CA GLN D 49 9.91 11.66 52.42
C GLN D 49 8.38 11.63 52.41
N PRO D 50 7.73 11.75 53.59
CA PRO D 50 6.27 11.63 53.66
C PRO D 50 5.50 12.72 52.91
N GLN D 51 4.31 12.32 52.46
CA GLN D 51 3.29 13.18 51.84
C GLN D 51 3.01 14.39 52.73
N ASN D 52 2.76 15.53 52.10
CA ASN D 52 2.15 16.73 52.72
C ASN D 52 3.05 17.27 53.84
N GLU D 53 4.35 17.02 53.73
CA GLU D 53 5.39 17.62 54.60
C GLU D 53 6.38 18.30 53.64
N ASP D 54 7.36 19.04 54.15
CA ASP D 54 8.11 20.03 53.35
C ASP D 54 8.96 19.37 52.26
N PHE D 55 9.25 18.06 52.34
CA PHE D 55 10.19 17.43 51.39
C PHE D 55 9.47 16.39 50.54
N TYR D 56 8.16 16.53 50.42
CA TYR D 56 7.34 15.69 49.52
C TYR D 56 7.90 15.81 48.10
N GLY D 57 8.23 14.68 47.48
CA GLY D 57 8.84 14.60 46.14
C GLY D 57 10.31 14.23 46.19
N PHE D 58 10.90 14.23 47.39
CA PHE D 58 12.33 13.99 47.63
C PHE D 58 12.45 12.74 48.51
N SER D 59 13.61 12.11 48.45
CA SER D 59 14.05 11.17 49.50
C SER D 59 14.66 11.97 50.66
N ASP D 60 14.89 11.28 51.76
CA ASP D 60 15.86 11.72 52.79
C ASP D 60 17.28 11.60 52.21
N ASN D 61 18.23 12.31 52.79
CA ASN D 61 19.62 12.31 52.28
C ASN D 61 20.18 10.88 52.33
N VAL D 62 20.85 10.48 51.26
CA VAL D 62 21.36 9.10 51.06
C VAL D 62 22.61 8.92 51.92
N THR D 63 22.64 7.86 52.69
CA THR D 63 23.82 7.39 53.45
C THR D 63 24.33 6.15 52.72
N VAL D 64 25.64 5.99 52.69
CA VAL D 64 26.32 4.92 51.92
C VAL D 64 27.05 4.02 52.93
N SER D 65 26.79 2.73 52.86
CA SER D 65 27.41 1.71 53.73
C SER D 65 28.90 1.54 53.37
N ASP D 66 29.68 1.03 54.31
CA ASP D 66 31.14 0.84 54.15
C ASP D 66 31.42 -0.41 53.31
N ASP D 67 30.52 -1.39 53.34
CA ASP D 67 30.74 -2.71 52.67
C ASP D 67 29.39 -3.43 52.54
N PHE D 68 29.33 -4.51 51.75
CA PHE D 68 28.06 -5.23 51.49
C PHE D 68 27.51 -5.91 52.75
N GLY D 69 28.37 -6.33 53.69
CA GLY D 69 27.91 -7.06 54.88
C GLY D 69 27.32 -6.14 55.93
N SER D 70 27.57 -4.83 55.83
CA SER D 70 27.09 -3.84 56.83
C SER D 70 26.09 -2.87 56.18
N ASP D 71 25.25 -3.36 55.30
CA ASP D 71 24.36 -2.57 54.42
C ASP D 71 22.92 -2.71 54.89
N ALA D 72 22.30 -1.62 55.32
CA ALA D 72 20.89 -1.59 55.74
C ALA D 72 20.34 -0.22 55.38
N PRO D 73 19.81 -0.01 54.16
CA PRO D 73 19.39 1.32 53.74
C PRO D 73 18.24 1.79 54.62
N PRO D 74 18.37 2.93 55.32
CA PRO D 74 17.25 3.38 56.15
C PRO D 74 15.98 3.79 55.37
N TRP D 75 14.83 3.59 56.01
CA TRP D 75 13.53 4.04 55.45
C TRP D 75 13.60 5.54 55.17
N LYS D 76 13.05 5.92 54.01
CA LYS D 76 12.93 7.30 53.44
C LYS D 76 14.14 7.63 52.55
N GLN D 77 15.19 6.81 52.51
CA GLN D 77 16.42 7.15 51.76
C GLN D 77 16.41 6.54 50.35
N PHE D 78 15.37 5.80 49.98
CA PHE D 78 15.31 5.14 48.65
C PHE D 78 13.90 5.18 48.10
N PRO D 79 13.76 5.31 46.77
CA PRO D 79 12.44 5.34 46.16
C PRO D 79 11.74 3.99 46.06
N CYS D 80 10.41 4.03 46.07
CA CYS D 80 9.52 2.86 45.93
C CYS D 80 8.60 3.10 44.74
N TYR D 81 8.06 2.03 44.18
CA TYR D 81 7.11 2.12 43.05
C TYR D 81 5.81 2.80 43.52
N SER D 82 5.25 3.61 42.63
CA SER D 82 3.86 4.11 42.72
C SER D 82 2.92 3.12 42.02
N THR D 83 1.71 2.97 42.52
CA THR D 83 0.70 2.11 41.86
C THR D 83 -0.68 2.51 42.33
N ALA D 84 -1.66 2.29 41.47
CA ALA D 84 -3.07 2.54 41.79
C ALA D 84 -3.92 1.61 40.94
N ARG D 85 -5.07 1.25 41.46
CA ARG D 85 -6.12 0.57 40.70
C ARG D 85 -7.23 1.57 40.47
N ILE D 86 -7.54 1.82 39.22
CA ILE D 86 -8.67 2.71 38.82
C ILE D 86 -9.88 1.81 38.63
N SER D 87 -10.97 2.10 39.34
N SER D 87 -10.97 2.11 39.33
CA SER D 87 -12.30 1.47 39.17
CA SER D 87 -12.30 1.44 39.18
C SER D 87 -12.93 1.95 37.86
C SER D 87 -12.98 1.93 37.90
N LEU D 88 -13.28 1.02 36.97
CA LEU D 88 -13.90 1.35 35.67
C LEU D 88 -15.42 1.16 35.75
N PRO D 89 -16.18 1.75 34.80
CA PRO D 89 -17.62 1.58 34.78
C PRO D 89 -17.97 0.09 34.74
N MET D 90 -18.98 -0.32 35.52
CA MET D 90 -19.35 -1.75 35.64
C MET D 90 -19.60 -2.35 34.24
N LEU D 91 -18.94 -3.47 33.94
CA LEU D 91 -19.01 -4.13 32.61
C LEU D 91 -18.67 -5.61 32.78
N ASN D 92 -17.43 -5.92 33.18
CA ASN D 92 -17.00 -7.30 33.49
C ASN D 92 -17.88 -7.88 34.61
N GLN D 93 -18.33 -7.05 35.57
CA GLN D 93 -19.11 -7.53 36.74
C GLN D 93 -20.59 -7.19 36.55
N ASP D 94 -20.97 -6.82 35.32
CA ASP D 94 -22.37 -6.60 34.89
C ASP D 94 -23.07 -7.96 34.87
N MET D 95 -24.22 -8.05 35.55
CA MET D 95 -24.96 -9.33 35.75
C MET D 95 -26.24 -9.39 34.89
N THR D 96 -26.34 -8.57 33.85
CA THR D 96 -27.51 -8.55 32.91
C THR D 96 -27.28 -9.51 31.73
N SER D 97 -26.08 -10.07 31.59
N SER D 97 -26.07 -10.06 31.58
CA SER D 97 -25.69 -11.03 30.53
CA SER D 97 -25.74 -11.07 30.55
C SER D 97 -24.72 -12.08 31.09
C SER D 97 -24.73 -12.08 31.08
N ASP D 98 -24.84 -13.33 30.61
CA ASP D 98 -23.87 -14.42 30.92
C ASP D 98 -22.63 -14.22 30.01
N THR D 99 -22.76 -13.49 28.90
CA THR D 99 -21.62 -13.13 28.00
C THR D 99 -20.58 -12.37 28.85
N ILE D 100 -19.32 -12.80 28.80
CA ILE D 100 -18.17 -12.12 29.49
C ILE D 100 -17.75 -10.89 28.67
N LEU D 101 -17.94 -9.70 29.24
CA LEU D 101 -17.46 -8.42 28.67
C LEU D 101 -16.32 -7.91 29.53
N MET D 102 -15.32 -7.29 28.92
CA MET D 102 -14.19 -6.69 29.65
C MET D 102 -13.82 -5.38 28.94
N TRP D 103 -13.45 -4.37 29.74
CA TRP D 103 -12.75 -3.18 29.21
C TRP D 103 -11.39 -3.63 28.68
N GLU D 104 -11.09 -3.21 27.46
CA GLU D 104 -9.81 -3.50 26.77
C GLU D 104 -9.07 -2.18 26.62
N ALA D 105 -7.87 -2.06 27.17
CA ALA D 105 -7.04 -0.86 26.99
C ALA D 105 -6.37 -0.97 25.62
N ILE D 106 -6.74 -0.10 24.69
CA ILE D 106 -6.25 -0.22 23.29
C ILE D 106 -5.11 0.78 23.07
N SER D 107 -5.04 1.84 23.87
CA SER D 107 -3.96 2.83 23.70
C SER D 107 -3.87 3.72 24.93
N CYS D 108 -2.77 4.45 25.03
CA CYS D 108 -2.57 5.41 26.14
C CYS D 108 -1.71 6.59 25.68
N ARG D 109 -1.83 7.66 26.44
CA ARG D 109 -0.87 8.77 26.48
C ARG D 109 -0.32 8.77 27.91
N THR D 110 0.98 8.96 28.06
CA THR D 110 1.53 9.16 29.41
C THR D 110 2.56 10.28 29.32
N GLU D 111 2.62 11.11 30.35
CA GLU D 111 3.52 12.28 30.41
C GLU D 111 4.10 12.32 31.82
N VAL D 112 5.39 12.60 31.91
CA VAL D 112 5.98 13.05 33.21
C VAL D 112 5.55 14.51 33.39
N MET D 113 4.92 14.85 34.51
CA MET D 113 4.44 16.22 34.77
C MET D 113 5.48 16.95 35.61
N GLY D 114 5.49 18.28 35.54
CA GLY D 114 6.34 19.12 36.40
C GLY D 114 7.77 19.22 35.91
N VAL D 115 8.04 18.83 34.67
CA VAL D 115 9.41 18.95 34.09
C VAL D 115 9.85 20.42 34.19
N ASN D 116 8.89 21.34 34.05
CA ASN D 116 9.14 22.79 34.20
C ASN D 116 9.95 23.08 35.48
N MET D 117 9.73 22.38 36.60
CA MET D 117 10.33 22.77 37.90
C MET D 117 11.86 22.62 37.85
N LEU D 118 12.40 21.80 36.94
CA LEU D 118 13.85 21.51 36.88
C LEU D 118 14.62 22.70 36.28
N THR D 119 13.92 23.78 35.88
CA THR D 119 14.58 25.05 35.46
C THR D 119 14.94 25.87 36.71
N ASN D 120 14.58 25.40 37.91
CA ASN D 120 14.95 26.01 39.21
C ASN D 120 16.41 25.71 39.52
N VAL D 121 17.28 26.73 39.53
CA VAL D 121 18.70 26.59 39.94
C VAL D 121 19.01 27.61 41.04
N HIS D 122 18.04 27.90 41.91
CA HIS D 122 18.21 28.87 43.03
C HIS D 122 17.88 28.28 44.40
N SER D 123 17.16 27.16 44.49
CA SER D 123 16.65 26.61 45.77
C SER D 123 17.71 25.76 46.47
N ALA D 124 18.59 26.40 47.25
CA ALA D 124 19.47 25.77 48.27
C ALA D 124 20.30 24.66 47.62
N GLN D 125 20.84 24.93 46.45
CA GLN D 125 21.60 23.91 45.66
C GLN D 125 23.08 24.21 45.75
N LYS D 126 23.90 23.17 45.86
CA LYS D 126 25.36 23.31 45.63
C LYS D 126 25.57 24.12 44.34
N ARG D 127 26.45 25.12 44.38
CA ARG D 127 26.68 26.07 43.25
C ARG D 127 27.71 25.51 42.28
N VAL D 128 27.65 25.95 41.04
CA VAL D 128 28.61 25.54 39.97
C VAL D 128 30.03 25.87 40.43
N TYR D 129 30.25 27.05 41.03
CA TYR D 129 31.58 27.52 41.49
C TYR D 129 31.54 27.66 43.01
N GLU D 130 31.43 26.52 43.71
CA GLU D 130 31.13 26.48 45.17
C GLU D 130 32.28 27.16 45.94
N ASN D 131 33.53 27.00 45.51
CA ASN D 131 34.71 27.61 46.17
C ASN D 131 34.60 29.13 46.14
N ASP D 132 34.00 29.70 45.09
CA ASP D 132 33.81 31.17 44.92
C ASP D 132 32.41 31.58 45.35
N ARG D 133 31.59 30.66 45.87
CA ARG D 133 30.19 30.94 46.27
C ARG D 133 29.49 31.67 45.11
N GLU D 134 29.68 31.17 43.89
CA GLU D 134 29.20 31.86 42.68
C GLU D 134 28.59 30.87 41.69
N GLY D 135 27.79 31.40 40.78
CA GLY D 135 27.13 30.65 39.70
C GLY D 135 25.75 30.18 40.14
N THR D 136 25.03 29.54 39.23
CA THR D 136 23.70 28.92 39.52
C THR D 136 23.91 27.72 40.44
N GLY D 137 22.85 27.25 41.06
CA GLY D 137 22.83 25.88 41.60
C GLY D 137 23.11 24.90 40.47
N ILE D 138 23.58 23.69 40.80
CA ILE D 138 23.88 22.69 39.74
C ILE D 138 22.56 22.05 39.28
N GLY D 139 21.48 22.30 40.00
CA GLY D 139 20.14 21.78 39.65
C GLY D 139 20.09 20.29 39.91
N VAL D 140 19.07 19.65 39.39
CA VAL D 140 18.89 18.19 39.55
C VAL D 140 19.76 17.52 38.50
N GLU D 141 20.61 16.60 38.93
CA GLU D 141 21.58 15.89 38.07
C GLU D 141 21.63 14.43 38.53
N GLY D 142 22.05 13.55 37.63
CA GLY D 142 22.37 12.16 37.96
C GLY D 142 21.35 11.23 37.34
N MET D 143 21.04 10.14 38.02
CA MET D 143 20.40 8.99 37.37
C MET D 143 18.94 9.35 37.05
N GLY D 144 18.51 8.90 35.89
CA GLY D 144 17.10 8.91 35.48
C GLY D 144 16.61 7.48 35.48
N TYR D 145 15.49 7.21 36.13
CA TYR D 145 14.82 5.90 36.00
C TYR D 145 13.36 6.21 35.77
N HIS D 146 12.85 5.85 34.59
CA HIS D 146 11.48 6.18 34.18
C HIS D 146 10.86 4.88 33.70
N MET D 147 9.84 4.42 34.41
CA MET D 147 9.14 3.19 33.98
C MET D 147 7.65 3.37 34.24
N PHE D 148 6.84 2.81 33.37
CA PHE D 148 5.39 2.78 33.63
C PHE D 148 4.86 1.43 33.14
N ALA D 149 3.75 1.01 33.74
CA ALA D 149 3.02 -0.21 33.35
C ALA D 149 1.53 0.09 33.38
N ILE D 150 0.83 -0.45 32.39
CA ILE D 150 -0.65 -0.35 32.30
C ILE D 150 -1.14 -1.77 32.09
N GLY D 151 -2.05 -2.24 32.95
CA GLY D 151 -2.51 -3.62 32.84
C GLY D 151 -3.90 -3.82 33.35
N GLY D 152 -4.44 -5.01 33.10
CA GLY D 152 -5.76 -5.46 33.59
C GLY D 152 -5.68 -6.25 34.87
N GLU D 153 -4.50 -6.33 35.48
CA GLU D 153 -4.27 -6.94 36.80
C GLU D 153 -2.96 -6.37 37.37
N PRO D 154 -2.67 -6.59 38.65
CA PRO D 154 -1.46 -6.03 39.26
C PRO D 154 -0.19 -6.39 38.50
N LEU D 155 0.78 -5.47 38.49
CA LEU D 155 2.09 -5.70 37.86
C LEU D 155 2.81 -6.85 38.61
N GLU D 156 3.27 -7.84 37.86
CA GLU D 156 4.00 -9.01 38.40
C GLU D 156 5.48 -8.65 38.46
N LEU D 157 6.13 -8.96 39.58
CA LEU D 157 7.48 -8.47 39.87
C LEU D 157 8.44 -9.63 40.01
N GLN D 158 9.68 -9.37 39.58
CA GLN D 158 10.86 -10.21 39.85
C GLN D 158 11.70 -9.48 40.89
N PHE D 159 12.05 -10.16 41.97
CA PHE D 159 12.95 -9.62 43.01
C PHE D 159 14.37 -9.69 42.48
N MET D 160 15.11 -8.58 42.50
CA MET D 160 16.53 -8.59 42.11
C MET D 160 17.19 -7.36 42.71
N VAL D 161 18.35 -7.57 43.35
CA VAL D 161 19.05 -6.55 44.15
C VAL D 161 20.53 -6.50 43.76
N PHE D 162 21.13 -5.35 43.96
CA PHE D 162 22.57 -5.13 43.71
C PHE D 162 23.39 -5.98 44.68
N ASN D 163 22.99 -5.94 45.96
CA ASN D 163 23.64 -6.63 47.11
C ASN D 163 22.58 -7.41 47.90
N HIS D 164 22.63 -8.73 47.87
CA HIS D 164 21.63 -9.57 48.55
C HIS D 164 21.70 -9.36 50.07
N ARG D 165 22.83 -8.92 50.62
CA ARG D 165 23.01 -8.81 52.10
C ARG D 165 22.43 -7.48 52.63
N ALA D 166 21.95 -6.60 51.77
CA ALA D 166 21.24 -5.39 52.21
C ALA D 166 20.05 -5.82 53.06
N THR D 167 19.92 -5.27 54.26
CA THR D 167 18.72 -5.49 55.09
C THR D 167 17.78 -4.29 54.92
N TYR D 168 16.65 -4.50 54.26
CA TYR D 168 15.65 -3.43 53.98
C TYR D 168 14.88 -3.18 55.26
N PRO D 169 14.37 -1.95 55.42
CA PRO D 169 13.66 -1.59 56.65
C PRO D 169 12.24 -2.20 56.75
N ALA D 170 11.70 -2.13 57.95
CA ALA D 170 10.40 -2.72 58.32
C ALA D 170 9.31 -2.21 57.40
N GLU D 171 9.39 -0.95 56.96
CA GLU D 171 8.33 -0.25 56.17
C GLU D 171 8.24 -0.82 54.75
N ALA D 172 9.33 -1.42 54.25
CA ALA D 172 9.50 -1.86 52.85
C ALA D 172 8.92 -3.27 52.68
N THR D 173 8.37 -3.60 51.52
CA THR D 173 7.99 -4.97 51.16
C THR D 173 9.10 -5.57 50.30
N VAL D 174 9.77 -6.59 50.83
CA VAL D 174 10.93 -7.26 50.16
C VAL D 174 10.84 -8.74 50.50
N ILE D 175 11.67 -9.54 49.84
CA ILE D 175 11.92 -10.94 50.27
C ILE D 175 13.12 -10.89 51.22
N LYS D 176 12.91 -11.24 52.49
CA LYS D 176 14.00 -11.21 53.50
C LYS D 176 14.94 -12.37 53.25
N ASN D 177 16.22 -12.18 53.59
CA ASN D 177 17.31 -13.18 53.44
C ASN D 177 17.23 -13.84 52.07
N PRO D 178 17.18 -13.05 50.98
CA PRO D 178 16.87 -13.63 49.67
C PRO D 178 17.97 -14.54 49.11
N GLY D 179 19.19 -14.45 49.62
CA GLY D 179 20.32 -15.29 49.18
C GLY D 179 21.05 -14.72 47.96
N ALA D 180 22.27 -15.19 47.73
CA ALA D 180 23.19 -14.66 46.69
C ALA D 180 22.54 -14.70 45.30
N SER D 181 21.67 -15.66 45.04
CA SER D 181 20.98 -15.88 43.74
C SER D 181 20.11 -14.66 43.38
N SER D 182 19.71 -13.86 44.35
CA SER D 182 18.86 -12.67 44.15
C SER D 182 19.64 -11.50 43.55
N GLN D 183 20.97 -11.62 43.41
CA GLN D 183 21.81 -10.61 42.72
C GLN D 183 21.70 -10.75 41.19
N VAL D 184 21.15 -11.87 40.75
CA VAL D 184 20.84 -12.14 39.32
C VAL D 184 19.45 -12.75 39.28
N PHE D 185 19.11 -13.56 38.27
CA PHE D 185 17.75 -14.11 38.16
C PHE D 185 17.63 -15.40 38.96
N ASP D 186 16.65 -15.42 39.85
CA ASP D 186 16.25 -16.63 40.62
C ASP D 186 14.75 -16.80 40.43
N PRO D 187 14.29 -17.87 39.74
CA PRO D 187 12.88 -18.06 39.45
C PRO D 187 11.97 -18.24 40.69
N ASN D 188 12.55 -18.47 41.86
CA ASN D 188 11.77 -18.58 43.11
C ASN D 188 11.36 -17.21 43.66
N LEU D 189 11.97 -16.12 43.21
CA LEU D 189 11.87 -14.83 43.93
C LEU D 189 10.92 -13.88 43.20
N LYS D 190 9.63 -14.08 43.45
CA LYS D 190 8.51 -13.41 42.74
C LYS D 190 7.73 -12.54 43.72
N GLY D 191 7.08 -11.52 43.19
CA GLY D 191 6.12 -10.71 43.95
C GLY D 191 5.11 -10.09 43.02
N THR D 192 4.21 -9.31 43.61
N THR D 192 4.11 -9.40 43.57
CA THR D 192 3.09 -8.61 42.93
CA THR D 192 3.16 -8.58 42.79
C THR D 192 3.03 -7.19 43.48
C THR D 192 3.07 -7.20 43.44
N LEU D 193 2.94 -6.16 42.62
CA LEU D 193 2.91 -4.76 43.08
C LEU D 193 1.50 -4.46 43.59
N THR D 194 1.26 -4.74 44.87
CA THR D 194 -0.09 -4.72 45.46
C THR D 194 -0.28 -3.50 46.36
N ALA D 195 0.74 -2.64 46.50
CA ALA D 195 0.68 -1.51 47.44
C ALA D 195 1.60 -0.39 46.95
N ASP D 196 1.13 0.82 47.11
CA ASP D 196 1.82 2.07 46.72
C ASP D 196 2.90 2.41 47.77
N GLY D 197 4.06 2.88 47.30
CA GLY D 197 5.09 3.51 48.16
C GLY D 197 5.80 2.58 49.11
N VAL D 198 5.84 1.27 48.87
CA VAL D 198 6.54 0.34 49.81
C VAL D 198 7.40 -0.70 49.10
N PHE D 199 7.25 -0.94 47.80
CA PHE D 199 8.14 -1.86 47.05
C PHE D 199 9.34 -1.09 46.55
N PRO D 200 10.57 -1.31 47.07
CA PRO D 200 11.72 -0.52 46.65
C PRO D 200 12.02 -0.72 45.17
N VAL D 201 12.26 0.38 44.47
CA VAL D 201 12.66 0.33 43.04
C VAL D 201 13.90 -0.56 42.94
N GLU D 202 14.84 -0.43 43.88
CA GLU D 202 16.14 -1.10 43.74
C GLU D 202 16.04 -2.60 44.05
N ALA D 203 14.87 -3.11 44.46
CA ALA D 203 14.71 -4.54 44.85
C ALA D 203 13.74 -5.28 43.93
N TRP D 204 12.97 -4.57 43.10
CA TRP D 204 11.90 -5.19 42.29
C TRP D 204 11.85 -4.56 40.89
N GLY D 205 11.59 -5.40 39.91
CA GLY D 205 11.35 -4.95 38.53
C GLY D 205 10.29 -5.83 37.88
N PRO D 206 9.76 -5.41 36.71
CA PRO D 206 8.73 -6.17 36.04
C PRO D 206 9.25 -7.55 35.67
N ASP D 207 8.42 -8.57 35.89
CA ASP D 207 8.77 -9.98 35.60
C ASP D 207 8.41 -10.28 34.15
N PRO D 208 9.39 -10.48 33.25
CA PRO D 208 9.08 -10.77 31.85
C PRO D 208 8.52 -12.18 31.62
N PHE D 209 8.62 -13.07 32.62
CA PHE D 209 8.03 -14.43 32.52
C PHE D 209 6.52 -14.37 32.74
N LYS D 210 6.00 -13.26 33.25
CA LYS D 210 4.55 -13.09 33.47
C LYS D 210 4.09 -11.82 32.74
N ASN D 211 3.15 -11.09 33.32
CA ASN D 211 2.64 -9.82 32.75
C ASN D 211 2.10 -9.99 31.33
N GLU D 212 1.43 -11.12 31.05
CA GLU D 212 0.80 -11.34 29.72
C GLU D 212 -0.35 -10.35 29.52
N ASN D 213 -0.85 -9.70 30.58
CA ASN D 213 -2.03 -8.81 30.54
C ASN D 213 -1.67 -7.39 30.97
N THR D 214 -0.39 -7.02 30.88
CA THR D 214 0.18 -5.71 31.23
C THR D 214 1.20 -5.35 30.15
N ARG D 215 1.28 -4.07 29.77
CA ARG D 215 2.41 -3.56 28.96
C ARG D 215 3.26 -2.70 29.88
N TYR D 216 4.58 -2.90 29.86
CA TYR D 216 5.47 -2.06 30.69
C TYR D 216 6.61 -1.57 29.81
N PHE D 217 7.16 -0.43 30.19
CA PHE D 217 8.21 0.30 29.44
C PHE D 217 9.12 0.95 30.48
N GLY D 218 10.41 0.84 30.27
CA GLY D 218 11.39 1.42 31.21
C GLY D 218 12.61 1.95 30.50
N GLN D 219 13.18 3.02 31.05
CA GLN D 219 14.51 3.49 30.66
C GLN D 219 15.29 3.91 31.90
N TYR D 220 16.55 3.49 31.93
CA TYR D 220 17.52 3.85 32.96
C TYR D 220 18.67 4.58 32.31
N THR D 221 19.00 5.75 32.83
CA THR D 221 20.23 6.50 32.50
C THR D 221 20.99 6.77 33.79
N GLY D 222 22.19 6.20 33.93
CA GLY D 222 22.93 6.22 35.20
C GLY D 222 23.79 7.46 35.35
N GLY D 223 24.68 7.44 36.34
CA GLY D 223 25.59 8.55 36.63
C GLY D 223 25.01 9.42 37.72
N THR D 224 25.85 10.24 38.36
CA THR D 224 25.44 11.17 39.44
C THR D 224 25.54 12.62 38.94
N GLN D 225 26.23 12.87 37.83
CA GLN D 225 26.34 14.23 37.21
C GLN D 225 25.69 14.24 35.82
N THR D 226 24.98 13.19 35.42
CA THR D 226 24.29 13.10 34.12
C THR D 226 23.17 14.14 34.06
N PRO D 227 23.07 14.91 32.95
CA PRO D 227 21.93 15.78 32.76
C PRO D 227 20.66 14.97 32.52
N PRO D 228 19.55 15.29 33.23
CA PRO D 228 18.27 14.67 32.92
C PRO D 228 17.81 15.09 31.52
N VAL D 229 17.19 14.15 30.81
CA VAL D 229 16.57 14.43 29.49
C VAL D 229 15.12 13.97 29.54
N LEU D 230 14.19 14.93 29.50
CA LEU D 230 12.74 14.61 29.58
C LEU D 230 12.03 15.30 28.42
N THR D 231 11.03 14.64 27.86
CA THR D 231 10.15 15.22 26.82
C THR D 231 8.72 15.16 27.34
N PHE D 232 7.88 16.07 26.89
CA PHE D 232 6.46 16.07 27.28
C PHE D 232 5.67 16.59 26.09
N THR D 233 4.52 15.98 25.83
CA THR D 233 3.61 16.41 24.74
C THR D 233 2.25 15.76 25.01
N ASN D 234 1.17 16.36 24.52
CA ASN D 234 -0.19 15.77 24.60
C ASN D 234 -0.55 15.14 23.24
N THR D 235 0.43 14.89 22.37
CA THR D 235 0.21 14.43 20.98
C THR D 235 0.74 13.01 20.76
N GLN D 236 1.33 12.35 21.76
CA GLN D 236 2.01 11.05 21.55
C GLN D 236 1.09 9.93 22.10
N THR D 237 0.72 8.99 21.24
CA THR D 237 -0.12 7.82 21.58
C THR D 237 0.73 6.55 21.51
N THR D 238 0.62 5.69 22.53
CA THR D 238 1.23 4.34 22.55
C THR D 238 0.10 3.33 22.37
N ILE D 239 0.17 2.53 21.31
CA ILE D 239 -0.77 1.41 21.06
C ILE D 239 -0.45 0.32 22.10
N LEU D 240 -1.47 -0.21 22.76
CA LEU D 240 -1.31 -1.25 23.80
C LEU D 240 -1.71 -2.64 23.28
N LEU D 241 -2.17 -2.75 22.04
CA LEU D 241 -2.53 -4.06 21.42
C LEU D 241 -1.26 -4.92 21.36
N ASP D 242 -1.41 -6.22 21.60
CA ASP D 242 -0.31 -7.22 21.48
C ASP D 242 -0.25 -7.70 20.03
N GLU D 243 0.60 -8.71 19.77
CA GLU D 243 0.83 -9.34 18.44
C GLU D 243 -0.51 -9.83 17.83
N ASN D 244 -1.50 -10.18 18.66
CA ASN D 244 -2.79 -10.76 18.21
C ASN D 244 -3.88 -9.69 18.15
N GLY D 245 -3.53 -8.41 18.33
CA GLY D 245 -4.48 -7.29 18.23
C GLY D 245 -5.33 -7.15 19.48
N VAL D 246 -4.85 -7.65 20.63
CA VAL D 246 -5.61 -7.65 21.91
C VAL D 246 -4.88 -6.77 22.94
N GLY D 247 -5.60 -5.83 23.54
CA GLY D 247 -5.04 -4.94 24.58
C GLY D 247 -5.16 -5.61 25.94
N PRO D 248 -4.58 -5.03 27.01
CA PRO D 248 -4.83 -5.51 28.36
C PRO D 248 -6.33 -5.56 28.65
N LEU D 249 -6.79 -6.66 29.24
CA LEU D 249 -8.22 -6.87 29.55
C LEU D 249 -8.43 -6.71 31.05
N CYS D 250 -9.37 -5.87 31.46
CA CYS D 250 -9.47 -5.38 32.85
C CYS D 250 -10.33 -6.32 33.70
N LYS D 251 -9.64 -7.27 34.34
CA LYS D 251 -10.22 -8.26 35.29
C LYS D 251 -10.86 -7.48 36.43
N GLY D 252 -12.12 -7.78 36.73
CA GLY D 252 -12.85 -7.15 37.84
C GLY D 252 -13.08 -5.67 37.62
N ASP D 253 -12.99 -5.18 36.37
CA ASP D 253 -13.27 -3.76 36.03
C ASP D 253 -12.25 -2.87 36.74
N GLY D 254 -11.01 -3.33 36.81
CA GLY D 254 -9.89 -2.59 37.39
C GLY D 254 -8.83 -2.31 36.35
N LEU D 255 -8.39 -1.06 36.27
CA LEU D 255 -7.22 -0.67 35.45
C LEU D 255 -6.05 -0.40 36.39
N PHE D 256 -4.94 -1.09 36.15
CA PHE D 256 -3.74 -1.06 37.02
C PHE D 256 -2.68 -0.18 36.36
N LEU D 257 -2.32 0.89 37.06
CA LEU D 257 -1.26 1.85 36.67
C LEU D 257 -0.12 1.79 37.69
N SER D 258 1.10 1.68 37.20
CA SER D 258 2.33 1.63 38.03
C SER D 258 3.40 2.49 37.37
N CYS D 259 4.27 3.10 38.17
CA CYS D 259 5.41 3.83 37.62
C CYS D 259 6.49 4.06 38.67
N ALA D 260 7.64 4.51 38.18
CA ALA D 260 8.69 5.15 38.98
C ALA D 260 9.31 6.18 38.07
N ASP D 261 9.48 7.40 38.55
CA ASP D 261 10.05 8.53 37.78
C ASP D 261 11.06 9.25 38.66
N ILE D 262 12.23 8.63 38.78
CA ILE D 262 13.42 9.25 39.42
C ILE D 262 14.04 10.20 38.38
N VAL D 263 14.08 11.49 38.66
CA VAL D 263 14.65 12.43 37.63
CA VAL D 263 14.63 12.51 37.70
C VAL D 263 16.13 12.67 37.92
N GLY D 264 16.57 12.50 39.16
CA GLY D 264 18.00 12.64 39.52
C GLY D 264 18.13 12.99 40.99
N PHE D 265 19.23 13.66 41.35
CA PHE D 265 19.57 14.01 42.74
C PHE D 265 19.56 15.52 42.92
N PHE D 266 19.05 15.92 44.08
CA PHE D 266 19.20 17.25 44.66
C PHE D 266 20.45 17.25 45.54
N THR D 267 21.42 18.09 45.22
CA THR D 267 22.65 18.25 46.03
C THR D 267 22.57 19.57 46.80
N GLN D 268 22.59 19.50 48.13
CA GLN D 268 22.61 20.68 49.03
C GLN D 268 24.02 21.28 49.09
N HIS D 269 24.12 22.48 49.67
CA HIS D 269 25.42 23.19 49.84
C HIS D 269 26.42 22.30 50.61
N ASN D 270 25.94 21.52 51.58
CA ASN D 270 26.78 20.66 52.46
C ASN D 270 27.06 19.32 51.77
N LYS D 271 26.65 19.17 50.51
CA LYS D 271 26.95 18.01 49.63
C LYS D 271 26.03 16.82 49.95
N LYS D 272 25.06 16.96 50.84
CA LYS D 272 24.03 15.89 51.05
C LYS D 272 23.15 15.80 49.79
N MET D 273 22.90 14.55 49.38
CA MET D 273 22.20 14.26 48.10
C MET D 273 20.95 13.43 48.39
N SER D 274 19.86 13.79 47.73
CA SER D 274 18.53 13.14 47.86
C SER D 274 17.97 12.88 46.47
N PHE D 275 17.20 11.81 46.32
CA PHE D 275 16.42 11.56 45.10
C PHE D 275 15.35 12.64 44.94
N ARG D 276 15.11 13.08 43.71
CA ARG D 276 13.93 13.91 43.34
C ARG D 276 13.12 13.13 42.31
N GLY D 277 11.82 13.07 42.52
CA GLY D 277 10.86 12.42 41.62
C GLY D 277 9.83 13.39 41.10
N LEU D 278 9.17 12.97 40.03
CA LEU D 278 8.07 13.73 39.40
C LEU D 278 6.86 12.82 39.24
N PRO D 279 5.65 13.42 39.28
CA PRO D 279 4.41 12.70 39.06
C PRO D 279 4.21 12.34 37.58
N ARG D 280 3.42 11.30 37.36
CA ARG D 280 3.15 10.79 35.99
C ARG D 280 1.65 10.87 35.71
N TYR D 281 1.33 11.45 34.56
CA TYR D 281 -0.03 11.47 33.98
C TYR D 281 -0.28 10.22 33.14
N PHE D 282 -1.49 9.67 33.22
CA PHE D 282 -1.97 8.58 32.35
C PHE D 282 -3.31 8.97 31.72
N ARG D 283 -3.44 8.81 30.41
CA ARG D 283 -4.75 8.77 29.73
C ARG D 283 -4.86 7.42 29.03
N VAL D 284 -5.86 6.63 29.40
CA VAL D 284 -6.00 5.27 28.79
C VAL D 284 -7.33 5.24 28.06
N THR D 285 -7.28 4.85 26.80
CA THR D 285 -8.47 4.67 25.96
C THR D 285 -8.87 3.21 26.07
N LEU D 286 -10.09 2.95 26.51
CA LEU D 286 -10.61 1.56 26.64
C LEU D 286 -11.85 1.37 25.76
N ARG D 287 -12.03 0.16 25.26
CA ARG D 287 -13.29 -0.20 24.54
C ARG D 287 -13.87 -1.45 25.18
N LYS D 288 -15.19 -1.56 25.15
CA LYS D 288 -15.91 -2.77 25.61
C LYS D 288 -15.58 -3.91 24.65
N ARG D 289 -15.14 -5.05 25.18
CA ARG D 289 -14.74 -6.23 24.39
C ARG D 289 -15.49 -7.46 24.89
N VAL D 290 -16.05 -8.24 23.95
CA VAL D 290 -16.61 -9.59 24.23
C VAL D 290 -15.42 -10.56 24.24
N VAL D 291 -15.23 -11.27 25.35
CA VAL D 291 -14.04 -12.13 25.60
C VAL D 291 -14.45 -13.60 25.41
N ILE E 36 -7.37 27.60 2.59
CA ILE E 36 -6.29 27.65 3.62
C ILE E 36 -5.78 29.09 3.75
N THR E 37 -5.44 29.48 4.98
CA THR E 37 -4.83 30.79 5.36
C THR E 37 -3.59 30.48 6.21
N GLU E 38 -2.52 31.27 6.09
CA GLU E 38 -1.29 31.06 6.89
C GLU E 38 -1.06 32.25 7.82
N ILE E 39 -0.69 31.99 9.06
CA ILE E 39 -0.24 33.01 10.06
C ILE E 39 1.25 32.78 10.32
N GLU E 40 2.05 33.84 10.30
CA GLU E 40 3.47 33.77 10.75
C GLU E 40 3.60 34.74 11.92
N ALA E 41 4.28 34.32 12.98
CA ALA E 41 4.42 35.13 14.21
C ALA E 41 5.70 34.75 14.96
N TYR E 42 6.17 35.66 15.79
CA TYR E 42 7.34 35.43 16.65
C TYR E 42 6.95 35.65 18.10
N LEU E 43 7.63 34.95 18.99
CA LEU E 43 7.61 35.29 20.44
C LEU E 43 9.06 35.49 20.89
N ASN E 44 9.35 36.64 21.48
CA ASN E 44 10.66 36.91 22.10
C ASN E 44 10.70 36.23 23.46
N PRO E 45 11.90 35.83 23.92
CA PRO E 45 12.04 35.18 25.22
C PRO E 45 11.83 36.19 26.34
N ARG E 46 11.51 35.68 27.53
CA ARG E 46 11.30 36.48 28.75
C ARG E 46 12.18 35.89 29.87
N MET E 47 13.50 36.02 29.68
CA MET E 47 14.50 35.38 30.57
C MET E 47 14.62 36.15 31.89
N GLY E 48 14.18 37.41 31.95
CA GLY E 48 14.13 38.15 33.22
C GLY E 48 14.49 39.61 33.08
N GLN E 49 15.58 39.94 32.39
CA GLN E 49 16.01 41.35 32.22
C GLN E 49 14.99 42.06 31.35
N PRO E 50 14.66 43.32 31.69
CA PRO E 50 13.61 44.03 30.97
C PRO E 50 13.92 44.21 29.48
N GLN E 51 12.86 44.25 28.67
CA GLN E 51 12.91 44.46 27.22
C GLN E 51 13.67 45.75 26.93
N ASN E 52 14.48 45.71 25.86
CA ASN E 52 15.08 46.88 25.19
C ASN E 52 16.22 47.49 26.04
N GLU E 53 16.60 46.88 27.17
CA GLU E 53 17.77 47.31 27.98
C GLU E 53 18.92 46.37 27.61
N ASP E 54 20.15 46.68 28.03
CA ASP E 54 21.38 46.14 27.40
C ASP E 54 21.42 44.59 27.48
N PHE E 55 20.67 44.00 28.40
CA PHE E 55 20.75 42.54 28.72
C PHE E 55 19.48 41.83 28.28
N TYR E 56 18.70 42.44 27.40
CA TYR E 56 17.49 41.84 26.78
C TYR E 56 17.86 40.49 26.14
N GLY E 57 17.18 39.41 26.54
CA GLY E 57 17.47 38.03 26.12
C GLY E 57 18.13 37.22 27.21
N PHE E 58 18.58 37.90 28.27
CA PHE E 58 19.28 37.29 29.44
C PHE E 58 18.42 37.45 30.67
N SER E 59 18.66 36.61 31.67
CA SER E 59 18.26 36.89 33.07
C SER E 59 19.29 37.81 33.71
N ASP E 60 18.95 38.34 34.87
CA ASP E 60 19.94 38.89 35.82
C ASP E 60 20.76 37.71 36.38
N ASN E 61 21.91 38.00 36.99
CA ASN E 61 22.79 36.95 37.57
C ASN E 61 22.03 36.21 38.66
N VAL E 62 22.09 34.89 38.62
CA VAL E 62 21.26 34.03 39.51
C VAL E 62 21.91 33.99 40.89
N THR E 63 21.14 34.31 41.93
CA THR E 63 21.52 34.11 43.35
C THR E 63 20.88 32.81 43.83
N VAL E 64 21.45 32.21 44.88
CA VAL E 64 21.08 30.84 45.34
C VAL E 64 20.84 30.96 46.84
N SER E 65 19.72 30.47 47.31
CA SER E 65 19.37 30.50 48.75
C SER E 65 20.22 29.51 49.53
N ASP E 66 20.35 29.72 50.84
CA ASP E 66 21.06 28.83 51.79
C ASP E 66 20.15 27.64 52.13
N ASP E 67 18.83 27.81 52.05
CA ASP E 67 17.87 26.78 52.49
C ASP E 67 16.53 27.02 51.82
N PHE E 68 15.62 26.05 51.94
CA PHE E 68 14.27 26.09 51.32
C PHE E 68 13.38 27.13 52.02
N GLY E 69 13.49 27.26 53.34
CA GLY E 69 12.64 28.16 54.14
C GLY E 69 12.81 29.63 53.79
N SER E 70 14.02 30.07 53.47
CA SER E 70 14.33 31.52 53.20
C SER E 70 14.43 31.79 51.69
N ASP E 71 14.09 30.81 50.85
CA ASP E 71 14.26 30.88 49.38
C ASP E 71 13.36 31.98 48.81
N ALA E 72 13.94 32.96 48.14
CA ALA E 72 13.24 34.11 47.54
C ALA E 72 13.93 34.52 46.26
N PRO E 73 13.63 33.91 45.10
CA PRO E 73 14.30 34.27 43.85
C PRO E 73 13.89 35.69 43.47
N PRO E 74 14.81 36.69 43.45
CA PRO E 74 14.41 38.05 43.06
C PRO E 74 13.95 38.15 41.62
N TRP E 75 13.02 39.08 41.38
CA TRP E 75 12.55 39.41 40.02
C TRP E 75 13.76 39.66 39.11
N LYS E 76 13.70 39.15 37.88
CA LYS E 76 14.70 39.26 36.78
C LYS E 76 15.69 38.07 36.80
N GLN E 77 15.73 37.27 37.85
CA GLN E 77 16.72 36.16 37.95
C GLN E 77 16.14 34.83 37.46
N PHE E 78 14.91 34.79 37.00
CA PHE E 78 14.30 33.53 36.47
C PHE E 78 13.47 33.82 35.23
N PRO E 79 13.44 32.85 34.29
CA PRO E 79 12.64 32.95 33.08
C PRO E 79 11.13 32.73 33.29
N CYS E 80 10.35 33.39 32.45
CA CYS E 80 8.87 33.27 32.39
C CYS E 80 8.45 32.84 30.98
N TYR E 81 7.23 32.31 30.88
CA TYR E 81 6.66 31.89 29.58
C TYR E 81 6.38 33.13 28.74
N SER E 82 6.58 32.96 27.45
CA SER E 82 6.12 33.93 26.42
C SER E 82 4.75 33.48 25.92
N THR E 83 3.83 34.41 25.63
CA THR E 83 2.55 34.04 25.00
C THR E 83 2.03 35.21 24.18
N ALA E 84 1.27 34.92 23.13
CA ALA E 84 0.52 35.93 22.36
C ALA E 84 -0.81 35.33 21.90
N ARG E 85 -1.82 36.19 21.80
CA ARG E 85 -3.09 35.89 21.12
C ARG E 85 -3.04 36.56 19.75
N ILE E 86 -3.19 35.81 18.67
CA ILE E 86 -3.30 36.39 17.30
C ILE E 86 -4.80 36.52 16.99
N SER E 87 -5.25 37.75 16.68
CA SER E 87 -6.63 38.06 16.26
C SER E 87 -6.75 37.72 14.78
N LEU E 88 -7.45 36.63 14.47
CA LEU E 88 -7.62 36.13 13.09
C LEU E 88 -8.76 36.91 12.44
N PRO E 89 -8.88 36.87 11.11
CA PRO E 89 -9.98 37.57 10.41
C PRO E 89 -11.35 37.11 10.92
N MET E 90 -12.28 38.08 11.13
CA MET E 90 -13.69 37.82 11.54
C MET E 90 -14.31 36.83 10.55
N LEU E 91 -15.09 35.87 11.03
CA LEU E 91 -15.70 34.83 10.15
C LEU E 91 -17.23 34.97 10.06
N ASN E 92 -17.90 35.45 11.11
CA ASN E 92 -19.39 35.40 11.16
C ASN E 92 -19.95 36.83 11.09
N ILE E 100 -22.29 28.68 11.41
CA ILE E 100 -21.14 29.52 11.81
C ILE E 100 -19.84 28.78 11.48
N LEU E 101 -18.79 29.55 11.24
CA LEU E 101 -17.45 29.03 10.87
C LEU E 101 -16.49 29.34 12.03
N MET E 102 -15.49 28.48 12.19
CA MET E 102 -14.33 28.75 13.08
C MET E 102 -13.08 28.44 12.27
N TRP E 103 -11.99 29.17 12.56
CA TRP E 103 -10.65 28.86 12.02
C TRP E 103 -10.14 27.59 12.70
N GLU E 104 -9.65 26.63 11.92
CA GLU E 104 -9.07 25.35 12.39
C GLU E 104 -7.57 25.33 12.06
N ALA E 105 -6.70 25.22 13.07
CA ALA E 105 -5.25 25.07 12.87
C ALA E 105 -4.97 23.61 12.49
N ILE E 106 -4.53 23.37 11.26
CA ILE E 106 -4.39 21.97 10.74
C ILE E 106 -2.92 21.54 10.81
N SER E 107 -1.98 22.47 10.76
CA SER E 107 -0.53 22.14 10.81
C SER E 107 0.27 23.38 11.21
N CYS E 108 1.53 23.17 11.52
CA CYS E 108 2.42 24.30 11.85
C CYS E 108 3.84 23.95 11.46
N ARG E 109 4.65 24.98 11.37
CA ARG E 109 6.12 24.89 11.41
C ARG E 109 6.55 25.81 12.54
N THR E 110 7.64 25.46 13.20
CA THR E 110 8.21 26.29 14.27
C THR E 110 9.72 26.16 14.17
N GLU E 111 10.41 27.25 14.43
CA GLU E 111 11.89 27.34 14.41
C GLU E 111 12.34 28.18 15.59
N VAL E 112 13.39 27.75 16.27
CA VAL E 112 14.14 28.63 17.20
C VAL E 112 15.03 29.51 16.33
N MET E 113 14.91 30.82 16.50
CA MET E 113 15.66 31.79 15.69
C MET E 113 16.91 32.24 16.45
N GLY E 114 17.93 32.71 15.70
CA GLY E 114 19.14 33.29 16.31
C GLY E 114 20.09 32.21 16.84
N VAL E 115 19.96 30.96 16.42
CA VAL E 115 20.90 29.88 16.85
C VAL E 115 22.32 30.29 16.46
N ASN E 116 22.42 30.99 15.32
CA ASN E 116 23.68 31.53 14.77
C ASN E 116 24.46 32.29 15.87
N MET E 117 23.79 32.96 16.80
CA MET E 117 24.48 33.87 17.75
C MET E 117 25.36 33.05 18.71
N LEU E 118 25.07 31.75 18.85
CA LEU E 118 25.78 30.91 19.83
C LEU E 118 27.18 30.54 19.34
N THR E 119 27.57 30.98 18.13
CA THR E 119 28.94 30.83 17.59
C THR E 119 29.85 31.93 18.15
N ASN E 120 29.30 32.81 18.96
CA ASN E 120 30.05 33.90 19.63
C ASN E 120 30.75 33.35 20.87
N VAL E 121 32.09 33.35 20.85
CA VAL E 121 32.90 32.94 22.02
C VAL E 121 33.90 34.06 22.38
N HIS E 122 33.55 35.33 22.10
CA HIS E 122 34.42 36.50 22.38
C HIS E 122 33.78 37.48 23.38
N SER E 123 32.46 37.44 23.60
CA SER E 123 31.74 38.48 24.38
C SER E 123 31.77 38.20 25.88
N ALA E 124 32.83 38.65 26.56
CA ALA E 124 32.94 38.76 28.04
C ALA E 124 32.56 37.42 28.71
N GLN E 125 33.01 36.30 28.12
CA GLN E 125 32.72 34.94 28.64
C GLN E 125 33.93 34.44 29.44
N LYS E 126 33.68 33.74 30.55
CA LYS E 126 34.73 32.92 31.23
C LYS E 126 35.49 32.14 30.16
N ARG E 127 36.83 32.16 30.23
N ARG E 127 36.82 32.14 30.24
CA ARG E 127 37.69 31.54 29.20
CA ARG E 127 37.66 31.51 29.20
C ARG E 127 37.88 30.05 29.51
C ARG E 127 37.87 30.04 29.52
N VAL E 128 38.15 29.26 28.48
CA VAL E 128 38.40 27.80 28.58
C VAL E 128 39.56 27.56 29.54
N TYR E 129 40.62 28.37 29.44
CA TYR E 129 41.85 28.21 30.26
C TYR E 129 42.00 29.45 31.16
N GLU E 130 41.14 29.58 32.16
CA GLU E 130 41.09 30.83 32.97
C GLU E 130 42.40 30.96 33.75
N ASN E 131 43.02 29.85 34.16
CA ASN E 131 44.30 29.88 34.93
C ASN E 131 45.42 30.50 34.09
N ASP E 132 45.34 30.43 32.76
CA ASP E 132 46.34 30.96 31.81
C ASP E 132 45.81 32.22 31.11
N ARG E 133 44.59 32.65 31.46
CA ARG E 133 43.87 33.77 30.81
C ARG E 133 43.90 33.56 29.29
N GLU E 134 43.55 32.37 28.83
CA GLU E 134 43.71 32.01 27.39
C GLU E 134 42.53 31.16 26.92
N GLY E 135 42.38 31.08 25.62
CA GLY E 135 41.37 30.24 24.95
C GLY E 135 40.15 31.06 24.63
N THR E 136 39.19 30.46 23.93
CA THR E 136 37.90 31.10 23.61
C THR E 136 37.13 31.31 24.91
N GLY E 137 36.03 32.05 24.82
CA GLY E 137 34.95 31.97 25.81
C GLY E 137 34.41 30.55 25.86
N ILE E 138 33.83 30.15 26.97
CA ILE E 138 33.17 28.81 27.11
C ILE E 138 31.83 28.81 26.36
N GLY E 139 31.33 29.98 25.97
CA GLY E 139 30.06 30.11 25.23
C GLY E 139 28.87 29.81 26.13
N VAL E 140 27.69 29.65 25.53
CA VAL E 140 26.48 29.26 26.29
C VAL E 140 26.55 27.75 26.55
N GLU E 141 26.37 27.35 27.80
CA GLU E 141 26.38 25.92 28.21
C GLU E 141 25.26 25.71 29.23
N GLY E 142 24.84 24.47 29.40
CA GLY E 142 23.90 24.11 30.47
C GLY E 142 22.53 23.84 29.92
N MET E 143 21.52 24.07 30.73
CA MET E 143 20.20 23.45 30.52
C MET E 143 19.54 24.05 29.28
N GLY E 144 18.87 23.20 28.52
CA GLY E 144 17.94 23.58 27.45
C GLY E 144 16.52 23.26 27.89
N TYR E 145 15.64 24.24 27.86
CA TYR E 145 14.20 24.02 28.05
C TYR E 145 13.51 24.65 26.87
N HIS E 146 12.93 23.81 26.03
CA HIS E 146 12.28 24.21 24.76
C HIS E 146 10.85 23.67 24.78
N MET E 147 9.87 24.55 24.84
CA MET E 147 8.46 24.11 24.76
C MET E 147 7.68 25.13 23.92
N PHE E 148 6.76 24.62 23.13
CA PHE E 148 5.80 25.49 22.40
C PHE E 148 4.41 24.86 22.44
N ALA E 149 3.41 25.72 22.28
CA ALA E 149 1.99 25.34 22.36
C ALA E 149 1.24 26.19 21.34
N ILE E 150 0.35 25.55 20.61
CA ILE E 150 -0.52 26.20 19.59
C ILE E 150 -1.94 25.75 19.91
N GLY E 151 -2.85 26.70 20.13
CA GLY E 151 -4.22 26.32 20.51
C GLY E 151 -5.25 27.37 20.16
N GLY E 152 -6.51 27.02 20.38
CA GLY E 152 -7.67 27.89 20.10
C GLY E 152 -8.18 28.57 21.35
N GLU E 153 -7.44 28.46 22.46
CA GLU E 153 -7.70 29.13 23.74
C GLU E 153 -6.40 29.17 24.53
N PRO E 154 -6.34 29.93 25.63
CA PRO E 154 -5.10 30.04 26.41
C PRO E 154 -4.63 28.65 26.87
N LEU E 155 -3.31 28.48 26.89
CA LEU E 155 -2.66 27.25 27.40
C LEU E 155 -3.11 27.05 28.85
N GLU E 156 -3.56 25.84 29.18
CA GLU E 156 -3.97 25.49 30.57
C GLU E 156 -2.74 24.92 31.30
N LEU E 157 -2.52 25.41 32.51
CA LEU E 157 -1.30 25.20 33.30
C LEU E 157 -1.58 24.41 34.57
N GLN E 158 -0.58 23.64 34.95
CA GLN E 158 -0.50 22.98 36.28
C GLN E 158 0.61 23.67 37.06
N PHE E 159 0.30 24.12 38.26
CA PHE E 159 1.29 24.71 39.17
C PHE E 159 2.12 23.57 39.77
N MET E 160 3.44 23.66 39.68
CA MET E 160 4.33 22.65 40.31
C MET E 160 5.72 23.24 40.46
N VAL E 161 6.25 23.18 41.68
CA VAL E 161 7.52 23.86 42.04
C VAL E 161 8.49 22.87 42.67
N PHE E 162 9.77 23.19 42.58
CA PHE E 162 10.84 22.36 43.21
C PHE E 162 10.73 22.46 44.73
N ASN E 163 10.50 23.68 45.23
CA ASN E 163 10.45 24.03 46.67
C ASN E 163 9.20 24.87 46.92
N HIS E 164 8.20 24.34 47.62
CA HIS E 164 6.91 25.05 47.85
C HIS E 164 7.15 26.32 48.67
N ARG E 165 8.23 26.39 49.45
CA ARG E 165 8.46 27.53 50.39
C ARG E 165 9.16 28.69 49.67
N ALA E 166 9.50 28.57 48.38
CA ALA E 166 10.03 29.70 47.60
C ALA E 166 9.00 30.84 47.64
N THR E 167 9.45 32.04 47.96
CA THR E 167 8.62 33.27 47.91
C THR E 167 8.94 33.98 46.60
N TYR E 168 8.00 33.94 45.66
CA TYR E 168 8.15 34.61 44.35
C TYR E 168 7.87 36.10 44.52
N PRO E 169 8.48 36.92 43.66
CA PRO E 169 8.29 38.36 43.75
C PRO E 169 6.93 38.79 43.20
N ALA E 170 6.52 40.00 43.56
CA ALA E 170 5.21 40.59 43.24
C ALA E 170 5.00 40.63 41.72
N GLU E 171 6.06 40.82 40.96
CA GLU E 171 5.98 40.95 39.49
C GLU E 171 5.51 39.64 38.88
N ALA E 172 5.80 38.51 39.54
CA ALA E 172 5.48 37.16 39.01
C ALA E 172 4.03 36.78 39.29
N THR E 173 3.45 35.97 38.43
CA THR E 173 2.14 35.32 38.65
C THR E 173 2.37 33.89 39.12
N VAL E 174 2.04 33.62 40.38
CA VAL E 174 2.16 32.28 41.03
C VAL E 174 0.95 32.06 41.93
N ILE E 175 0.78 30.83 42.42
CA ILE E 175 -0.08 30.51 43.58
C ILE E 175 0.72 30.70 44.86
N LYS E 176 0.32 31.65 45.71
CA LYS E 176 1.08 32.02 46.93
C LYS E 176 0.81 30.96 48.01
N ASN E 177 1.81 30.69 48.87
CA ASN E 177 1.76 29.67 49.95
C ASN E 177 1.04 28.43 49.41
N PRO E 178 1.52 27.80 48.31
CA PRO E 178 0.78 26.74 47.65
C PRO E 178 0.76 25.39 48.40
N GLY E 179 1.67 25.22 49.37
CA GLY E 179 1.69 24.03 50.24
C GLY E 179 2.58 22.92 49.69
N ALA E 180 2.91 21.94 50.54
CA ALA E 180 3.89 20.88 50.21
C ALA E 180 3.42 20.07 48.99
N SER E 181 2.13 19.92 48.78
CA SER E 181 1.51 19.14 47.68
C SER E 181 1.96 19.69 46.31
N SER E 182 2.32 20.97 46.24
CA SER E 182 2.70 21.68 44.99
C SER E 182 4.10 21.25 44.55
N GLN E 183 4.81 20.47 45.36
CA GLN E 183 6.13 19.87 44.97
C GLN E 183 5.92 18.66 44.06
N VAL E 184 4.70 18.14 44.03
CA VAL E 184 4.27 17.05 43.10
C VAL E 184 2.90 17.46 42.53
N PHE E 185 2.07 16.53 42.10
CA PHE E 185 0.77 16.88 41.47
C PHE E 185 -0.29 17.09 42.54
N ASP E 186 -0.92 18.26 42.51
CA ASP E 186 -2.12 18.59 43.34
C ASP E 186 -3.21 19.08 42.40
N PRO E 187 -4.33 18.36 42.21
CA PRO E 187 -5.33 18.77 41.23
C PRO E 187 -6.02 20.13 41.50
N ASN E 188 -5.84 20.69 42.68
CA ASN E 188 -6.38 22.02 43.06
C ASN E 188 -5.53 23.13 42.47
N LEU E 189 -4.29 22.88 42.02
CA LEU E 189 -3.34 23.99 41.72
C LEU E 189 -3.25 24.22 40.21
N LYS E 190 -4.22 24.95 39.66
CA LYS E 190 -4.40 25.15 38.21
C LYS E 190 -4.24 26.62 37.86
N GLY E 191 -3.90 26.91 36.61
CA GLY E 191 -3.92 28.27 36.06
C GLY E 191 -4.06 28.25 34.56
N THR E 192 -4.12 29.43 33.96
CA THR E 192 -4.15 29.59 32.48
C THR E 192 -3.11 30.66 32.14
N LEU E 193 -2.41 30.47 31.03
CA LEU E 193 -1.32 31.39 30.62
C LEU E 193 -1.95 32.63 29.97
N THR E 194 -2.33 33.60 30.80
CA THR E 194 -3.14 34.79 30.39
C THR E 194 -2.25 36.01 30.13
N ALA E 195 -0.95 35.96 30.44
CA ALA E 195 -0.06 37.13 30.32
C ALA E 195 1.36 36.69 29.96
N ASP E 196 1.99 37.50 29.14
CA ASP E 196 3.38 37.32 28.66
C ASP E 196 4.36 37.70 29.76
N GLY E 197 5.43 36.92 29.92
CA GLY E 197 6.61 37.30 30.70
C GLY E 197 6.37 37.45 32.20
N VAL E 198 5.39 36.78 32.80
CA VAL E 198 5.12 36.87 34.26
C VAL E 198 4.87 35.51 34.91
N PHE E 199 4.54 34.46 34.16
CA PHE E 199 4.34 33.10 34.72
C PHE E 199 5.71 32.43 34.76
N PRO E 200 6.32 32.18 35.94
CA PRO E 200 7.65 31.59 35.98
C PRO E 200 7.68 30.18 35.38
N VAL E 201 8.68 29.90 34.57
CA VAL E 201 8.82 28.56 33.95
C VAL E 201 8.92 27.54 35.08
N GLU E 202 9.67 27.85 36.13
CA GLU E 202 9.98 26.87 37.22
C GLU E 202 8.74 26.62 38.09
N ALA E 203 7.61 27.31 37.88
CA ALA E 203 6.41 27.17 38.74
C ALA E 203 5.17 26.70 37.96
N TRP E 204 5.18 26.69 36.63
CA TRP E 204 4.01 26.31 35.81
C TRP E 204 4.45 25.41 34.67
N GLY E 205 3.65 24.40 34.38
CA GLY E 205 3.84 23.55 33.21
C GLY E 205 2.49 23.28 32.55
N PRO E 206 2.50 22.77 31.31
CA PRO E 206 1.26 22.44 30.62
C PRO E 206 0.50 21.36 31.40
N ASP E 207 -0.82 21.52 31.50
CA ASP E 207 -1.71 20.63 32.27
C ASP E 207 -2.21 19.53 31.33
N PRO E 208 -1.77 18.26 31.49
CA PRO E 208 -2.20 17.19 30.59
C PRO E 208 -3.67 16.77 30.80
N PHE E 209 -4.27 17.17 31.92
CA PHE E 209 -5.69 16.86 32.23
C PHE E 209 -6.63 17.78 31.45
N LYS E 210 -6.11 18.86 30.88
CA LYS E 210 -6.90 19.82 30.08
C LYS E 210 -6.23 19.97 28.71
N ASN E 211 -6.23 21.17 28.13
CA ASN E 211 -5.61 21.42 26.82
C ASN E 211 -6.20 20.49 25.76
N GLU E 212 -7.53 20.28 25.74
CA GLU E 212 -8.15 19.46 24.66
C GLU E 212 -8.09 20.24 23.33
N ASN E 213 -7.93 21.56 23.41
CA ASN E 213 -8.01 22.44 22.19
C ASN E 213 -6.66 23.11 21.96
N THR E 214 -5.58 22.53 22.48
CA THR E 214 -4.19 23.04 22.31
C THR E 214 -3.26 21.84 22.09
N ARG E 215 -2.24 21.98 21.24
CA ARG E 215 -1.17 20.96 21.14
C ARG E 215 0.08 21.56 21.77
N TYR E 216 0.74 20.84 22.68
CA TYR E 216 1.98 21.36 23.30
C TYR E 216 3.06 20.28 23.20
N PHE E 217 4.31 20.75 23.15
CA PHE E 217 5.51 19.95 22.86
C PHE E 217 6.66 20.54 23.66
N GLY E 218 7.38 19.71 24.42
CA GLY E 218 8.48 20.22 25.25
C GLY E 218 9.63 19.24 25.31
N GLN E 219 10.84 19.76 25.46
CA GLN E 219 12.05 18.93 25.75
C GLN E 219 12.90 19.67 26.77
N TYR E 220 13.39 18.95 27.77
CA TYR E 220 14.30 19.47 28.79
C TYR E 220 15.58 18.64 28.74
N THR E 221 16.70 19.32 28.66
CA THR E 221 18.04 18.76 28.94
C THR E 221 18.66 19.59 30.07
N GLY E 222 19.01 18.94 31.19
CA GLY E 222 19.45 19.63 32.41
C GLY E 222 20.95 19.88 32.43
N GLY E 223 21.46 20.27 33.60
CA GLY E 223 22.89 20.51 33.83
C GLY E 223 23.27 21.96 33.61
N THR E 224 24.53 22.27 33.85
CA THR E 224 25.06 23.66 33.87
C THR E 224 26.26 23.79 32.92
N GLN E 225 26.90 22.68 32.56
CA GLN E 225 28.02 22.64 31.58
C GLN E 225 27.62 21.81 30.36
N THR E 226 26.37 21.37 30.26
CA THR E 226 25.89 20.59 29.10
C THR E 226 26.09 21.35 27.79
N PRO E 227 26.58 20.69 26.72
CA PRO E 227 26.57 21.31 25.40
C PRO E 227 25.15 21.51 24.89
N PRO E 228 24.74 22.73 24.50
CA PRO E 228 23.46 22.94 23.85
C PRO E 228 23.47 22.26 22.48
N VAL E 229 22.32 21.71 22.12
CA VAL E 229 22.08 21.13 20.79
C VAL E 229 20.79 21.74 20.25
N LEU E 230 20.89 22.45 19.13
CA LEU E 230 19.72 23.11 18.49
C LEU E 230 19.76 22.82 17.00
N THR E 231 18.62 22.53 16.39
CA THR E 231 18.53 22.41 14.91
C THR E 231 17.55 23.46 14.42
N PHE E 232 17.66 23.85 13.15
CA PHE E 232 16.72 24.80 12.53
C PHE E 232 16.60 24.43 11.06
N THR E 233 15.40 24.53 10.53
CA THR E 233 15.13 24.33 9.09
C THR E 233 13.77 24.96 8.78
N ASN E 234 13.51 25.29 7.52
CA ASN E 234 12.18 25.78 7.11
C ASN E 234 11.39 24.66 6.40
N THR E 235 11.71 23.38 6.63
CA THR E 235 11.17 22.25 5.82
C THR E 235 10.35 21.27 6.66
N GLN E 236 10.20 21.47 7.97
CA GLN E 236 9.56 20.50 8.91
C GLN E 236 8.15 20.99 9.26
N THR E 237 7.14 20.17 8.93
CA THR E 237 5.72 20.44 9.27
C THR E 237 5.25 19.47 10.36
N THR E 238 4.55 19.97 11.37
CA THR E 238 3.86 19.16 12.41
C THR E 238 2.34 19.23 12.17
N ILE E 239 1.69 18.09 11.96
CA ILE E 239 0.22 17.99 11.82
C ILE E 239 -0.36 18.29 13.21
N LEU E 240 -1.40 19.14 13.28
CA LEU E 240 -2.04 19.50 14.55
C LEU E 240 -3.38 18.79 14.71
N LEU E 241 -3.81 17.99 13.73
CA LEU E 241 -5.08 17.23 13.80
C LEU E 241 -4.98 16.20 14.93
N ASP E 242 -6.02 16.08 15.74
CA ASP E 242 -6.16 15.02 16.78
C ASP E 242 -6.57 13.70 16.11
N GLU E 243 -6.85 12.68 16.94
CA GLU E 243 -7.15 11.29 16.49
C GLU E 243 -8.44 11.26 15.66
N ASN E 244 -9.32 12.27 15.80
CA ASN E 244 -10.60 12.37 15.05
C ASN E 244 -10.47 13.28 13.83
N GLY E 245 -9.27 13.77 13.50
CA GLY E 245 -9.00 14.58 12.30
C GLY E 245 -9.37 16.05 12.48
N VAL E 246 -9.44 16.52 13.73
CA VAL E 246 -9.82 17.91 14.09
C VAL E 246 -8.60 18.61 14.69
N GLY E 247 -8.24 19.76 14.13
CA GLY E 247 -7.19 20.64 14.69
C GLY E 247 -7.76 21.51 15.79
N PRO E 248 -6.91 22.27 16.53
CA PRO E 248 -7.39 23.28 17.46
C PRO E 248 -8.38 24.24 16.75
N LEU E 249 -9.49 24.57 17.40
CA LEU E 249 -10.53 25.48 16.85
C LEU E 249 -10.45 26.80 17.59
N CYS E 250 -10.34 27.89 16.84
CA CYS E 250 -9.95 29.21 17.38
C CYS E 250 -11.18 29.94 17.93
N LYS E 251 -11.41 29.82 19.23
CA LYS E 251 -12.58 30.41 19.94
C LYS E 251 -12.44 31.93 19.93
N GLY E 252 -13.52 32.65 19.60
CA GLY E 252 -13.47 34.11 19.42
C GLY E 252 -12.43 34.55 18.39
N ASP E 253 -12.15 33.71 17.40
CA ASP E 253 -11.19 33.97 16.28
C ASP E 253 -9.79 34.29 16.83
N GLY E 254 -9.40 33.65 17.93
CA GLY E 254 -8.09 33.87 18.56
C GLY E 254 -7.22 32.65 18.41
N LEU E 255 -5.98 32.85 17.96
CA LEU E 255 -4.97 31.77 17.86
C LEU E 255 -3.94 32.03 18.95
N PHE E 256 -3.70 31.04 19.82
CA PHE E 256 -2.90 31.23 21.04
C PHE E 256 -1.56 30.53 20.86
N LEU E 257 -0.48 31.31 20.92
CA LEU E 257 0.91 30.83 20.78
C LEU E 257 1.63 31.01 22.12
N SER E 258 2.32 29.96 22.58
CA SER E 258 3.04 30.01 23.89
C SER E 258 4.39 29.29 23.73
N CYS E 259 5.42 29.76 24.42
CA CYS E 259 6.71 29.06 24.40
C CYS E 259 7.62 29.48 25.54
N ALA E 260 8.67 28.68 25.73
CA ALA E 260 9.86 29.03 26.52
C ALA E 260 11.03 28.37 25.83
N ASP E 261 12.11 29.10 25.66
CA ASP E 261 13.31 28.62 24.94
C ASP E 261 14.54 29.09 25.69
N ILE E 262 14.82 28.44 26.81
CA ILE E 262 16.10 28.58 27.56
C ILE E 262 17.17 27.79 26.80
N VAL E 263 18.26 28.43 26.41
CA VAL E 263 19.33 27.80 25.60
CA VAL E 263 19.30 27.73 25.61
C VAL E 263 20.49 27.38 26.51
N GLY E 264 20.60 27.99 27.68
CA GLY E 264 21.63 27.64 28.66
C GLY E 264 22.01 28.86 29.45
N PHE E 265 23.24 28.86 29.98
CA PHE E 265 23.75 29.93 30.86
C PHE E 265 24.92 30.66 30.20
N PHE E 266 24.95 31.95 30.44
CA PHE E 266 26.10 32.83 30.14
C PHE E 266 26.86 32.96 31.45
N THR E 267 28.17 32.64 31.39
CA THR E 267 29.08 32.73 32.54
C THR E 267 30.10 33.83 32.26
N GLN E 268 30.11 34.84 33.14
CA GLN E 268 31.04 35.99 33.11
C GLN E 268 32.41 35.55 33.66
N HIS E 269 33.44 36.37 33.41
CA HIS E 269 34.80 36.20 33.97
C HIS E 269 34.73 36.01 35.49
N ASN E 270 33.81 36.72 36.14
CA ASN E 270 33.69 36.68 37.62
C ASN E 270 32.81 35.51 38.05
N LYS E 271 32.41 34.63 37.13
CA LYS E 271 31.69 33.34 37.38
C LYS E 271 30.21 33.59 37.68
N LYS E 272 29.70 34.81 37.59
CA LYS E 272 28.24 35.03 37.72
C LYS E 272 27.58 34.46 36.48
N MET E 273 26.43 33.82 36.67
CA MET E 273 25.74 33.05 35.62
C MET E 273 24.31 33.58 35.45
N SER E 274 23.89 33.67 34.19
CA SER E 274 22.56 34.17 33.78
C SER E 274 21.97 33.23 32.73
N PHE E 275 20.65 33.09 32.75
CA PHE E 275 19.89 32.42 31.68
C PHE E 275 20.05 33.21 30.38
N ARG E 276 20.22 32.52 29.26
CA ARG E 276 20.11 33.10 27.91
C ARG E 276 18.97 32.39 27.18
N GLY E 277 18.11 33.13 26.52
CA GLY E 277 16.98 32.60 25.75
C GLY E 277 17.02 33.05 24.31
N LEU E 278 16.23 32.40 23.45
CA LEU E 278 16.12 32.73 22.02
C LEU E 278 14.65 32.85 21.65
N PRO E 279 14.38 33.69 20.63
CA PRO E 279 13.03 33.84 20.11
C PRO E 279 12.62 32.65 19.25
N ARG E 280 11.31 32.46 19.13
CA ARG E 280 10.72 31.36 18.36
C ARG E 280 9.83 31.92 17.24
N TYR E 281 9.96 31.33 16.06
CA TYR E 281 9.06 31.56 14.91
C TYR E 281 7.95 30.50 14.93
N PHE E 282 6.74 30.95 14.61
CA PHE E 282 5.56 30.08 14.35
C PHE E 282 5.01 30.34 12.95
N ARG E 283 4.74 29.27 12.21
CA ARG E 283 3.88 29.33 11.01
C ARG E 283 2.71 28.38 11.21
N VAL E 284 1.48 28.89 11.17
CA VAL E 284 0.29 28.06 11.44
C VAL E 284 -0.61 28.11 10.22
N THR E 285 -0.95 26.94 9.69
CA THR E 285 -1.84 26.78 8.51
C THR E 285 -3.27 26.57 9.03
N LEU E 286 -4.21 27.40 8.61
CA LEU E 286 -5.59 27.38 9.14
C LEU E 286 -6.58 27.19 7.99
N ARG E 287 -7.71 26.56 8.28
CA ARG E 287 -8.82 26.45 7.30
C ARG E 287 -10.10 26.87 8.03
N LYS E 288 -11.09 27.31 7.25
CA LYS E 288 -12.44 27.58 7.77
C LYS E 288 -13.14 26.23 7.96
N ARG E 289 -13.71 25.99 9.13
CA ARG E 289 -14.50 24.77 9.39
C ARG E 289 -15.91 25.16 9.82
N VAL E 290 -16.91 24.57 9.19
CA VAL E 290 -18.33 24.66 9.63
C VAL E 290 -18.43 23.97 10.99
N VAL E 291 -18.78 24.69 12.07
CA VAL E 291 -18.92 24.03 13.40
C VAL E 291 -20.39 23.85 13.78
N LYS E 292 -21.26 24.84 13.53
CA LYS E 292 -22.72 24.78 13.82
C LYS E 292 -23.51 25.01 12.54
N ILE F 36 -22.96 16.11 7.18
CA ILE F 36 -23.71 15.27 6.18
C ILE F 36 -25.21 15.37 6.47
N THR F 37 -25.98 15.93 5.53
CA THR F 37 -27.46 15.78 5.44
C THR F 37 -27.78 14.80 4.32
N GLU F 38 -28.79 13.94 4.51
CA GLU F 38 -29.25 12.91 3.53
C GLU F 38 -30.67 13.26 3.07
N ILE F 39 -30.91 13.23 1.76
CA ILE F 39 -32.30 13.33 1.22
C ILE F 39 -32.61 12.02 0.46
N GLU F 40 -33.85 11.57 0.55
CA GLU F 40 -34.40 10.45 -0.25
C GLU F 40 -35.54 11.00 -1.10
N ALA F 41 -35.64 10.60 -2.36
CA ALA F 41 -36.72 11.01 -3.27
C ALA F 41 -37.04 9.84 -4.21
N TYR F 42 -38.20 9.90 -4.85
CA TYR F 42 -38.55 9.00 -5.97
C TYR F 42 -38.96 9.87 -7.16
N LEU F 43 -38.74 9.37 -8.37
CA LEU F 43 -39.30 9.95 -9.60
C LEU F 43 -40.13 8.85 -10.28
N ASN F 44 -41.43 9.10 -10.46
CA ASN F 44 -42.29 8.14 -11.19
C ASN F 44 -42.02 8.33 -12.67
N PRO F 45 -42.19 7.26 -13.47
CA PRO F 45 -41.93 7.34 -14.91
C PRO F 45 -43.01 8.17 -15.60
N ARG F 46 -42.67 8.73 -16.75
CA ARG F 46 -43.58 9.53 -17.59
C ARG F 46 -43.65 8.90 -18.98
N MET F 47 -44.25 7.71 -19.07
CA MET F 47 -44.26 6.91 -20.31
C MET F 47 -45.34 7.41 -21.28
N GLY F 48 -46.33 8.18 -20.82
CA GLY F 48 -47.31 8.79 -21.74
C GLY F 48 -48.74 8.83 -21.19
N GLN F 49 -49.25 7.74 -20.63
CA GLN F 49 -50.62 7.69 -20.05
C GLN F 49 -50.62 8.52 -18.75
N PRO F 50 -51.70 9.29 -18.49
CA PRO F 50 -51.75 10.13 -17.30
C PRO F 50 -51.91 9.38 -15.96
N GLN F 51 -51.51 10.04 -14.87
CA GLN F 51 -51.55 9.52 -13.47
C GLN F 51 -53.00 9.22 -13.09
N ASN F 52 -53.21 8.31 -12.14
CA ASN F 52 -54.53 8.05 -11.52
C ASN F 52 -55.53 7.59 -12.60
N GLU F 53 -55.03 7.09 -13.74
CA GLU F 53 -55.82 6.41 -14.79
C GLU F 53 -55.27 4.98 -14.92
N ASP F 54 -56.02 4.07 -15.55
CA ASP F 54 -55.77 2.61 -15.42
C ASP F 54 -54.44 2.20 -16.02
N PHE F 55 -53.82 3.02 -16.86
CA PHE F 55 -52.61 2.64 -17.63
C PHE F 55 -51.40 3.47 -17.17
N TYR F 56 -51.46 4.00 -15.96
CA TYR F 56 -50.34 4.79 -15.37
C TYR F 56 -49.12 3.88 -15.32
N GLY F 57 -47.99 4.33 -15.86
CA GLY F 57 -46.75 3.56 -15.99
C GLY F 57 -46.53 3.05 -17.41
N PHE F 58 -47.54 3.15 -18.26
CA PHE F 58 -47.48 2.72 -19.68
C PHE F 58 -47.60 3.95 -20.59
N SER F 59 -47.16 3.78 -21.83
CA SER F 59 -47.58 4.67 -22.93
C SER F 59 -48.92 4.18 -23.47
N ASP F 60 -49.55 5.03 -24.27
CA ASP F 60 -50.64 4.62 -25.17
C ASP F 60 -50.00 3.73 -26.23
N ASN F 61 -50.80 2.97 -26.96
CA ASN F 61 -50.29 2.01 -27.98
C ASN F 61 -49.57 2.82 -29.07
N VAL F 62 -48.38 2.37 -29.43
CA VAL F 62 -47.50 3.07 -30.40
C VAL F 62 -48.12 2.89 -31.79
N THR F 63 -48.27 3.98 -32.53
CA THR F 63 -48.61 3.99 -33.97
C THR F 63 -47.35 4.37 -34.73
N VAL F 64 -47.22 3.87 -35.95
CA VAL F 64 -45.98 3.99 -36.77
C VAL F 64 -46.36 4.66 -38.09
N SER F 65 -45.61 5.69 -38.43
CA SER F 65 -45.84 6.52 -39.64
C SER F 65 -45.42 5.74 -40.89
N ASP F 66 -45.95 6.16 -42.03
CA ASP F 66 -45.72 5.55 -43.35
C ASP F 66 -44.37 6.03 -43.87
N ASP F 67 -43.93 7.21 -43.46
CA ASP F 67 -42.69 7.83 -44.00
C ASP F 67 -42.29 9.01 -43.10
N PHE F 68 -41.07 9.49 -43.23
CA PHE F 68 -40.49 10.57 -42.38
C PHE F 68 -41.28 11.87 -42.58
N GLY F 69 -41.98 12.02 -43.71
CA GLY F 69 -42.78 13.22 -44.03
C GLY F 69 -44.21 13.15 -43.51
N SER F 70 -44.62 12.05 -42.89
CA SER F 70 -46.00 11.81 -42.39
C SER F 70 -45.95 11.37 -40.93
N ASP F 71 -45.00 11.94 -40.21
CA ASP F 71 -44.53 11.43 -38.91
C ASP F 71 -44.95 12.44 -37.86
N ALA F 72 -46.02 12.14 -37.15
CA ALA F 72 -46.67 13.02 -36.16
C ALA F 72 -47.11 12.17 -34.98
N PRO F 73 -46.16 11.75 -34.11
CA PRO F 73 -46.51 10.88 -33.00
C PRO F 73 -47.48 11.59 -32.07
N PRO F 74 -48.70 11.05 -31.87
CA PRO F 74 -49.66 11.66 -30.98
C PRO F 74 -49.19 11.70 -29.52
N TRP F 75 -49.69 12.69 -28.77
CA TRP F 75 -49.43 12.81 -27.32
C TRP F 75 -49.83 11.50 -26.64
N LYS F 76 -48.97 11.03 -25.72
CA LYS F 76 -49.17 9.85 -24.84
C LYS F 76 -48.53 8.59 -25.44
N GLN F 77 -48.06 8.62 -26.69
CA GLN F 77 -47.50 7.41 -27.36
C GLN F 77 -45.99 7.33 -27.20
N PHE F 78 -45.35 8.29 -26.51
CA PHE F 78 -43.88 8.29 -26.32
C PHE F 78 -43.53 8.76 -24.91
N PRO F 79 -42.42 8.22 -24.36
CA PRO F 79 -41.98 8.58 -23.02
C PRO F 79 -41.25 9.93 -23.00
N CYS F 80 -41.33 10.59 -21.84
CA CYS F 80 -40.62 11.86 -21.53
C CYS F 80 -39.76 11.69 -20.27
N TYR F 81 -38.79 12.57 -20.07
CA TYR F 81 -37.92 12.55 -18.87
C TYR F 81 -38.77 12.86 -17.64
N SER F 82 -38.38 12.30 -16.51
CA SER F 82 -38.85 12.68 -15.16
C SER F 82 -37.81 13.65 -14.58
N THR F 83 -38.28 14.64 -13.82
CA THR F 83 -37.37 15.59 -13.12
C THR F 83 -38.08 16.15 -11.88
N ALA F 84 -37.30 16.45 -10.84
CA ALA F 84 -37.75 17.18 -9.65
C ALA F 84 -36.60 18.02 -9.11
N ARG F 85 -36.95 19.16 -8.50
CA ARG F 85 -36.04 20.01 -7.69
C ARG F 85 -36.39 19.77 -6.22
N ILE F 86 -35.45 19.24 -5.44
CA ILE F 86 -35.61 19.06 -3.97
C ILE F 86 -35.14 20.36 -3.32
N SER F 87 -35.96 20.94 -2.45
CA SER F 87 -35.59 22.13 -1.64
C SER F 87 -34.71 21.69 -0.47
N LEU F 88 -33.47 22.21 -0.42
CA LEU F 88 -32.52 21.94 0.70
C LEU F 88 -32.67 23.07 1.73
N PRO F 89 -32.26 22.83 3.00
CA PRO F 89 -32.25 23.91 4.00
C PRO F 89 -31.61 25.19 3.44
N MET F 90 -32.35 26.30 3.52
CA MET F 90 -31.89 27.64 3.10
C MET F 90 -30.56 27.94 3.83
N LEU F 91 -29.58 28.48 3.10
CA LEU F 91 -28.26 28.88 3.64
C LEU F 91 -28.16 30.42 3.65
N ASN F 92 -28.02 31.02 4.83
CA ASN F 92 -27.88 32.49 5.03
C ASN F 92 -26.47 32.91 4.62
N GLN F 93 -26.35 33.77 3.60
CA GLN F 93 -25.06 34.29 3.05
C GLN F 93 -24.71 35.63 3.73
N ASP F 94 -23.49 36.13 3.51
CA ASP F 94 -22.96 37.39 4.12
C ASP F 94 -22.60 38.37 3.00
N MET F 95 -21.85 39.43 3.32
CA MET F 95 -21.61 40.59 2.41
C MET F 95 -20.25 40.48 1.69
N THR F 96 -19.43 39.50 2.05
CA THR F 96 -18.03 39.34 1.55
C THR F 96 -18.05 39.11 0.03
N ILE F 100 -19.63 32.34 -0.74
CA ILE F 100 -20.97 31.68 -0.77
C ILE F 100 -20.86 30.37 0.02
N LEU F 101 -21.81 30.12 0.93
CA LEU F 101 -22.01 28.80 1.58
C LEU F 101 -22.96 27.98 0.69
N MET F 102 -22.61 26.73 0.38
CA MET F 102 -23.38 25.87 -0.57
C MET F 102 -23.43 24.41 -0.12
N TRP F 103 -24.57 23.79 -0.38
CA TRP F 103 -24.75 22.32 -0.27
C TRP F 103 -23.97 21.66 -1.41
N GLU F 104 -23.12 20.70 -1.05
CA GLU F 104 -22.30 19.90 -1.99
C GLU F 104 -22.82 18.46 -1.91
N ALA F 105 -23.26 17.91 -3.04
CA ALA F 105 -23.65 16.49 -3.15
C ALA F 105 -22.37 15.66 -3.28
N ILE F 106 -22.06 14.82 -2.30
CA ILE F 106 -20.76 14.09 -2.26
C ILE F 106 -20.96 12.63 -2.74
N SER F 107 -22.15 12.06 -2.56
CA SER F 107 -22.43 10.64 -2.93
C SER F 107 -23.93 10.40 -3.09
N CYS F 108 -24.28 9.33 -3.78
CA CYS F 108 -25.68 8.95 -3.98
C CYS F 108 -25.82 7.43 -4.01
N ARG F 109 -27.03 6.98 -3.78
CA ARG F 109 -27.48 5.63 -4.15
C ARG F 109 -28.71 5.84 -5.02
N THR F 110 -28.89 5.01 -6.03
CA THR F 110 -30.13 5.03 -6.83
C THR F 110 -30.52 3.58 -7.10
N GLU F 111 -31.83 3.33 -7.12
CA GLU F 111 -32.41 2.00 -7.39
C GLU F 111 -33.59 2.17 -8.34
N VAL F 112 -33.69 1.28 -9.32
CA VAL F 112 -34.95 1.14 -10.09
C VAL F 112 -35.87 0.29 -9.21
N MET F 113 -37.03 0.83 -8.87
CA MET F 113 -38.01 0.14 -8.00
C MET F 113 -38.99 -0.63 -8.87
N GLY F 114 -39.55 -1.68 -8.28
CA GLY F 114 -40.67 -2.46 -8.82
C GLY F 114 -40.22 -3.44 -9.89
N VAL F 115 -38.93 -3.79 -9.92
CA VAL F 115 -38.41 -4.83 -10.85
C VAL F 115 -39.24 -6.10 -10.64
N ASN F 116 -39.65 -6.37 -9.40
CA ASN F 116 -40.49 -7.53 -9.02
C ASN F 116 -41.71 -7.68 -9.96
N MET F 117 -42.31 -6.61 -10.44
CA MET F 117 -43.60 -6.71 -11.18
C MET F 117 -43.37 -7.43 -12.51
N LEU F 118 -42.12 -7.47 -12.98
CA LEU F 118 -41.79 -8.03 -14.32
C LEU F 118 -41.89 -9.56 -14.29
N THR F 119 -42.13 -10.17 -13.13
CA THR F 119 -42.36 -11.64 -13.01
C THR F 119 -43.81 -11.96 -13.38
N ASN F 120 -44.61 -10.96 -13.73
CA ASN F 120 -46.05 -11.10 -14.13
C ASN F 120 -46.10 -11.50 -15.60
N VAL F 121 -46.51 -12.74 -15.88
CA VAL F 121 -46.74 -13.24 -17.26
C VAL F 121 -48.18 -13.74 -17.41
N HIS F 122 -49.13 -13.16 -16.66
CA HIS F 122 -50.58 -13.52 -16.73
C HIS F 122 -51.47 -12.36 -17.17
N SER F 123 -51.03 -11.09 -17.11
CA SER F 123 -51.90 -9.90 -17.32
C SER F 123 -52.02 -9.56 -18.82
N ALA F 124 -52.95 -10.20 -19.52
CA ALA F 124 -53.42 -9.78 -20.86
C ALA F 124 -52.27 -9.59 -21.85
N GLN F 125 -51.29 -10.49 -21.79
CA GLN F 125 -50.10 -10.44 -22.66
C GLN F 125 -50.24 -11.45 -23.82
N LYS F 126 -49.78 -11.07 -25.00
CA LYS F 126 -49.58 -12.00 -26.13
C LYS F 126 -48.85 -13.22 -25.57
N ARG F 127 -49.30 -14.42 -25.93
CA ARG F 127 -48.83 -15.68 -25.30
C ARG F 127 -47.65 -16.24 -26.09
N VAL F 128 -46.84 -17.03 -25.43
CA VAL F 128 -45.64 -17.64 -26.08
C VAL F 128 -46.13 -18.47 -27.28
N TYR F 129 -47.25 -19.21 -27.13
CA TYR F 129 -47.84 -20.05 -28.22
C TYR F 129 -49.23 -19.51 -28.58
N GLU F 130 -49.27 -18.31 -29.15
CA GLU F 130 -50.55 -17.54 -29.33
C GLU F 130 -51.51 -18.33 -30.24
N ASN F 131 -50.96 -19.05 -31.24
CA ASN F 131 -51.77 -19.80 -32.23
C ASN F 131 -52.48 -20.96 -31.52
N ASP F 132 -51.91 -21.46 -30.42
CA ASP F 132 -52.48 -22.57 -29.61
C ASP F 132 -53.20 -22.00 -28.37
N ARG F 133 -53.27 -20.68 -28.22
CA ARG F 133 -53.78 -19.98 -27.01
C ARG F 133 -53.15 -20.63 -25.77
N GLU F 134 -51.84 -20.87 -25.80
CA GLU F 134 -51.18 -21.61 -24.69
C GLU F 134 -49.87 -20.95 -24.32
N GLY F 135 -49.38 -21.29 -23.13
CA GLY F 135 -48.12 -20.78 -22.58
C GLY F 135 -48.35 -19.56 -21.71
N THR F 136 -47.28 -19.02 -21.14
CA THR F 136 -47.32 -17.75 -20.36
C THR F 136 -47.49 -16.59 -21.33
N GLY F 137 -47.77 -15.41 -20.81
CA GLY F 137 -47.51 -14.19 -21.57
C GLY F 137 -46.02 -14.09 -21.90
N ILE F 138 -45.69 -13.34 -22.93
CA ILE F 138 -44.26 -13.09 -23.30
C ILE F 138 -43.64 -12.11 -22.30
N GLY F 139 -44.45 -11.44 -21.47
CA GLY F 139 -43.95 -10.47 -20.48
C GLY F 139 -43.49 -9.19 -21.14
N VAL F 140 -42.81 -8.34 -20.37
CA VAL F 140 -42.17 -7.13 -20.92
C VAL F 140 -40.88 -7.55 -21.64
N GLU F 141 -40.72 -7.09 -22.87
CA GLU F 141 -39.52 -7.35 -23.71
C GLU F 141 -39.22 -6.10 -24.52
N GLY F 142 -37.99 -6.01 -25.01
CA GLY F 142 -37.55 -4.94 -25.91
C GLY F 142 -36.62 -3.96 -25.21
N MET F 143 -36.60 -2.73 -25.70
CA MET F 143 -35.51 -1.79 -25.37
C MET F 143 -35.54 -1.43 -23.89
N GLY F 144 -34.35 -1.29 -23.31
CA GLY F 144 -34.12 -0.67 -22.00
C GLY F 144 -33.41 0.64 -22.22
N TYR F 145 -33.95 1.73 -21.69
CA TYR F 145 -33.24 3.03 -21.64
C TYR F 145 -33.30 3.48 -20.19
N HIS F 146 -32.15 3.48 -19.54
CA HIS F 146 -32.01 3.77 -18.09
C HIS F 146 -30.99 4.87 -17.96
N MET F 147 -31.42 6.03 -17.47
CA MET F 147 -30.48 7.15 -17.24
C MET F 147 -30.93 7.87 -15.97
N PHE F 148 -29.96 8.40 -15.24
CA PHE F 148 -30.24 9.30 -14.10
C PHE F 148 -29.17 10.39 -14.05
N ALA F 149 -29.56 11.50 -13.43
CA ALA F 149 -28.67 12.67 -13.27
C ALA F 149 -28.96 13.30 -11.91
N ILE F 150 -27.89 13.78 -11.28
CA ILE F 150 -27.92 14.46 -9.95
C ILE F 150 -27.07 15.71 -10.09
N GLY F 151 -27.65 16.88 -9.83
CA GLY F 151 -26.93 18.14 -10.10
C GLY F 151 -27.37 19.27 -9.20
N GLY F 152 -26.63 20.40 -9.28
CA GLY F 152 -26.88 21.61 -8.48
C GLY F 152 -27.66 22.62 -9.29
N GLU F 153 -28.11 22.23 -10.48
CA GLU F 153 -28.92 23.06 -11.40
C GLU F 153 -29.55 22.11 -12.42
N PRO F 154 -30.55 22.56 -13.21
CA PRO F 154 -31.18 21.69 -14.19
C PRO F 154 -30.19 20.98 -15.13
N LEU F 155 -30.53 19.74 -15.50
CA LEU F 155 -29.81 18.97 -16.52
C LEU F 155 -29.79 19.76 -17.83
N GLU F 156 -28.62 19.93 -18.41
CA GLU F 156 -28.45 20.64 -19.69
C GLU F 156 -28.58 19.59 -20.80
N LEU F 157 -29.38 19.90 -21.81
CA LEU F 157 -29.82 18.93 -22.85
C LEU F 157 -29.25 19.33 -24.21
N GLN F 158 -28.90 18.32 -25.01
CA GLN F 158 -28.65 18.44 -26.48
C GLN F 158 -29.89 17.89 -27.18
N PHE F 159 -30.51 18.70 -28.04
CA PHE F 159 -31.65 18.23 -28.87
C PHE F 159 -31.09 17.37 -30.01
N MET F 160 -31.61 16.17 -30.16
CA MET F 160 -31.19 15.26 -31.27
C MET F 160 -32.30 14.24 -31.52
N VAL F 161 -32.67 14.06 -32.77
CA VAL F 161 -33.84 13.24 -33.18
C VAL F 161 -33.43 12.27 -34.28
N PHE F 162 -34.16 11.17 -34.38
CA PHE F 162 -33.97 10.13 -35.41
C PHE F 162 -34.37 10.75 -36.78
N ASN F 163 -35.50 11.46 -36.78
CA ASN F 163 -36.15 12.08 -37.98
C ASN F 163 -36.49 13.55 -37.65
N HIS F 164 -35.78 14.50 -38.27
CA HIS F 164 -35.94 15.96 -38.00
C HIS F 164 -37.37 16.40 -38.35
N ARG F 165 -38.03 15.74 -39.30
CA ARG F 165 -39.36 16.17 -39.82
C ARG F 165 -40.51 15.62 -38.96
N ALA F 166 -40.21 14.88 -37.89
CA ALA F 166 -41.24 14.45 -36.92
C ALA F 166 -41.90 15.70 -36.34
N THR F 167 -43.23 15.71 -36.28
CA THR F 167 -44.02 16.80 -35.66
C THR F 167 -44.51 16.33 -34.29
N TYR F 168 -43.96 16.91 -33.23
CA TYR F 168 -44.30 16.56 -31.83
C TYR F 168 -45.54 17.34 -31.43
N PRO F 169 -46.35 16.78 -30.51
CA PRO F 169 -47.57 17.43 -30.05
C PRO F 169 -47.28 18.58 -29.08
N ALA F 170 -48.30 19.40 -28.79
CA ALA F 170 -48.18 20.70 -28.08
C ALA F 170 -47.84 20.47 -26.60
N GLU F 171 -48.29 19.35 -26.04
CA GLU F 171 -48.02 18.97 -24.63
C GLU F 171 -46.50 18.80 -24.43
N ALA F 172 -45.74 18.57 -25.50
CA ALA F 172 -44.30 18.25 -25.43
C ALA F 172 -43.45 19.51 -25.62
N THR F 173 -42.34 19.61 -24.90
CA THR F 173 -41.30 20.65 -25.11
C THR F 173 -40.26 20.09 -26.08
N VAL F 174 -40.17 20.67 -27.28
CA VAL F 174 -39.14 20.38 -28.30
C VAL F 174 -38.66 21.69 -28.93
N ILE F 175 -37.59 21.62 -29.72
CA ILE F 175 -37.21 22.69 -30.68
C ILE F 175 -38.03 22.45 -31.96
N LYS F 176 -38.98 23.34 -32.24
CA LYS F 176 -39.84 23.27 -33.45
C LYS F 176 -38.98 23.52 -34.69
N ASN F 177 -39.34 22.89 -35.81
CA ASN F 177 -38.69 23.06 -37.13
C ASN F 177 -37.17 23.03 -36.97
N PRO F 178 -36.60 21.96 -36.35
CA PRO F 178 -35.19 21.95 -35.99
C PRO F 178 -34.24 21.86 -37.20
N GLY F 179 -34.73 21.34 -38.33
CA GLY F 179 -33.93 21.14 -39.54
C GLY F 179 -33.09 19.87 -39.48
N ALA F 180 -32.47 19.53 -40.60
CA ALA F 180 -31.83 18.22 -40.85
C ALA F 180 -30.59 18.02 -39.97
N SER F 181 -29.89 19.10 -39.60
CA SER F 181 -28.71 19.06 -38.69
C SER F 181 -29.07 18.42 -37.33
N SER F 182 -30.34 18.43 -36.91
CA SER F 182 -30.82 17.90 -35.60
C SER F 182 -30.79 16.36 -35.56
N GLN F 183 -30.55 15.71 -36.69
CA GLN F 183 -30.40 14.22 -36.79
C GLN F 183 -29.01 13.81 -36.33
N VAL F 184 -28.08 14.77 -36.24
CA VAL F 184 -26.73 14.57 -35.64
C VAL F 184 -26.46 15.74 -34.69
N PHE F 185 -25.21 16.09 -34.42
CA PHE F 185 -24.89 17.16 -33.45
C PHE F 185 -24.93 18.52 -34.14
N ASP F 186 -25.79 19.40 -33.63
CA ASP F 186 -25.88 20.83 -34.00
C ASP F 186 -25.65 21.66 -32.74
N PRO F 187 -24.52 22.41 -32.61
CA PRO F 187 -24.21 23.13 -31.38
C PRO F 187 -25.27 24.19 -31.02
N ASN F 188 -26.14 24.55 -31.97
CA ASN F 188 -27.20 25.58 -31.78
C ASN F 188 -28.41 24.99 -31.05
N LEU F 189 -28.59 23.66 -31.04
CA LEU F 189 -29.85 23.04 -30.52
C LEU F 189 -29.67 22.57 -29.08
N LYS F 190 -29.78 23.50 -28.14
CA LYS F 190 -29.62 23.26 -26.69
C LYS F 190 -30.98 23.40 -26.00
N GLY F 191 -31.10 22.79 -24.83
CA GLY F 191 -32.20 23.02 -23.89
C GLY F 191 -31.76 22.68 -22.49
N THR F 192 -32.63 22.88 -21.52
CA THR F 192 -32.43 22.48 -20.11
C THR F 192 -33.70 21.79 -19.66
N LEU F 193 -33.56 20.80 -18.77
CA LEU F 193 -34.67 19.94 -18.30
C LEU F 193 -35.36 20.63 -17.12
N THR F 194 -36.32 21.50 -17.45
CA THR F 194 -36.94 22.49 -16.54
C THR F 194 -38.33 22.01 -16.11
N ALA F 195 -38.87 20.95 -16.72
CA ALA F 195 -40.24 20.47 -16.41
C ALA F 195 -40.31 18.94 -16.53
N ASP F 196 -41.09 18.35 -15.64
CA ASP F 196 -41.39 16.89 -15.54
C ASP F 196 -42.34 16.48 -16.67
N GLY F 197 -42.07 15.35 -17.32
CA GLY F 197 -43.04 14.63 -18.17
C GLY F 197 -43.42 15.32 -19.47
N VAL F 198 -42.56 16.17 -20.04
CA VAL F 198 -42.88 16.88 -21.32
C VAL F 198 -41.69 16.95 -22.27
N PHE F 199 -40.46 16.64 -21.82
CA PHE F 199 -39.27 16.57 -22.70
C PHE F 199 -39.20 15.15 -23.24
N PRO F 200 -39.48 14.90 -24.54
CA PRO F 200 -39.50 13.53 -25.08
C PRO F 200 -38.10 12.92 -24.99
N VAL F 201 -38.01 11.71 -24.46
CA VAL F 201 -36.71 10.99 -24.40
C VAL F 201 -36.09 10.94 -25.80
N GLU F 202 -36.88 10.65 -26.84
CA GLU F 202 -36.36 10.46 -28.23
C GLU F 202 -35.90 11.77 -28.89
N ALA F 203 -36.04 12.93 -28.21
CA ALA F 203 -35.66 14.24 -28.79
C ALA F 203 -34.57 14.95 -27.97
N TRP F 204 -34.30 14.51 -26.73
CA TRP F 204 -33.32 15.18 -25.84
C TRP F 204 -32.39 14.15 -25.18
N GLY F 205 -31.10 14.46 -25.13
CA GLY F 205 -30.09 13.71 -24.36
C GLY F 205 -29.21 14.66 -23.55
N PRO F 206 -28.47 14.14 -22.55
CA PRO F 206 -27.59 14.99 -21.75
C PRO F 206 -26.54 15.62 -22.68
N ASP F 207 -26.22 16.89 -22.45
CA ASP F 207 -25.22 17.62 -23.26
C ASP F 207 -23.85 17.43 -22.61
N PRO F 208 -22.89 16.74 -23.26
CA PRO F 208 -21.56 16.55 -22.67
C PRO F 208 -20.65 17.79 -22.72
N PHE F 209 -21.05 18.80 -23.49
CA PHE F 209 -20.35 20.11 -23.60
C PHE F 209 -20.66 20.97 -22.39
N LYS F 210 -21.71 20.62 -21.65
CA LYS F 210 -22.10 21.35 -20.42
C LYS F 210 -22.11 20.37 -19.25
N ASN F 211 -23.01 20.55 -18.30
CA ASN F 211 -23.23 19.65 -17.14
C ASN F 211 -21.95 19.56 -16.29
N GLU F 212 -21.23 20.67 -16.10
CA GLU F 212 -20.03 20.73 -15.22
C GLU F 212 -20.46 20.56 -13.76
N ASN F 213 -21.72 20.87 -13.42
CA ASN F 213 -22.27 20.88 -12.04
C ASN F 213 -23.35 19.79 -11.90
N THR F 214 -23.34 18.82 -12.82
CA THR F 214 -24.25 17.64 -12.82
C THR F 214 -23.45 16.40 -13.21
N ARG F 215 -23.78 15.26 -12.59
CA ARG F 215 -23.28 13.93 -13.02
C ARG F 215 -24.46 13.15 -13.61
N TYR F 216 -24.28 12.59 -14.80
CA TYR F 216 -25.34 11.81 -15.46
C TYR F 216 -24.74 10.47 -15.88
N PHE F 217 -25.61 9.47 -15.96
CA PHE F 217 -25.24 8.06 -16.23
C PHE F 217 -26.38 7.43 -17.02
N GLY F 218 -26.06 6.68 -18.06
CA GLY F 218 -27.11 6.17 -18.96
C GLY F 218 -26.67 4.90 -19.64
N GLN F 219 -27.64 4.01 -19.84
CA GLN F 219 -27.44 2.82 -20.69
C GLN F 219 -28.69 2.59 -21.53
N TYR F 220 -28.44 2.25 -22.79
CA TYR F 220 -29.46 1.83 -23.77
C TYR F 220 -29.13 0.42 -24.24
N THR F 221 -30.13 -0.45 -24.20
CA THR F 221 -30.10 -1.75 -24.90
C THR F 221 -31.31 -1.80 -25.83
N GLY F 222 -31.11 -1.98 -27.12
CA GLY F 222 -32.19 -1.83 -28.09
C GLY F 222 -32.98 -3.11 -28.33
N GLY F 223 -33.72 -3.11 -29.43
CA GLY F 223 -34.52 -4.26 -29.90
C GLY F 223 -35.94 -4.18 -29.36
N THR F 224 -36.78 -5.11 -29.79
CA THR F 224 -38.22 -5.19 -29.41
C THR F 224 -38.54 -6.52 -28.73
N GLN F 225 -37.70 -7.55 -28.92
CA GLN F 225 -37.86 -8.87 -28.26
C GLN F 225 -36.69 -9.13 -27.29
N THR F 226 -35.83 -8.15 -27.04
CA THR F 226 -34.68 -8.27 -26.11
C THR F 226 -35.17 -8.58 -24.69
N PRO F 227 -34.57 -9.56 -23.98
CA PRO F 227 -34.89 -9.73 -22.56
C PRO F 227 -34.42 -8.56 -21.72
N PRO F 228 -35.29 -7.97 -20.87
CA PRO F 228 -34.86 -6.93 -19.94
C PRO F 228 -33.89 -7.51 -18.91
N VAL F 229 -32.87 -6.77 -18.56
CA VAL F 229 -31.92 -7.14 -17.48
C VAL F 229 -31.82 -5.97 -16.49
N LEU F 230 -32.20 -6.21 -15.24
CA LEU F 230 -32.25 -5.16 -14.19
C LEU F 230 -31.67 -5.75 -12.91
N THR F 231 -30.89 -4.96 -12.17
CA THR F 231 -30.35 -5.38 -10.85
C THR F 231 -30.85 -4.37 -9.82
N PHE F 232 -30.98 -4.78 -8.56
CA PHE F 232 -31.37 -3.85 -7.47
C PHE F 232 -30.61 -4.26 -6.21
N THR F 233 -30.13 -3.28 -5.45
CA THR F 233 -29.50 -3.54 -4.13
C THR F 233 -29.50 -2.23 -3.36
N ASN F 234 -29.49 -2.31 -2.03
CA ASN F 234 -29.34 -1.10 -1.17
C ASN F 234 -27.89 -0.96 -0.69
N THR F 235 -26.91 -1.58 -1.39
CA THR F 235 -25.50 -1.66 -0.91
C THR F 235 -24.54 -0.84 -1.78
N GLN F 236 -25.02 -0.18 -2.83
CA GLN F 236 -24.14 0.42 -3.87
C GLN F 236 -24.16 1.95 -3.72
N THR F 237 -23.00 2.55 -3.48
CA THR F 237 -22.82 4.01 -3.35
C THR F 237 -22.00 4.49 -4.55
N THR F 238 -22.42 5.59 -5.14
CA THR F 238 -21.74 6.26 -6.27
C THR F 238 -21.22 7.60 -5.74
N ILE F 239 -19.90 7.77 -5.75
CA ILE F 239 -19.23 9.05 -5.34
C ILE F 239 -19.46 10.06 -6.48
N LEU F 240 -19.86 11.27 -6.12
CA LEU F 240 -20.22 12.34 -7.07
C LEU F 240 -19.11 13.40 -7.15
N LEU F 241 -18.04 13.24 -6.37
CA LEU F 241 -16.88 14.15 -6.45
C LEU F 241 -16.27 14.05 -7.86
N ASP F 242 -15.90 15.18 -8.45
CA ASP F 242 -15.18 15.25 -9.75
C ASP F 242 -13.68 14.98 -9.51
N GLU F 243 -12.87 15.15 -10.54
CA GLU F 243 -11.41 14.87 -10.51
C GLU F 243 -10.70 15.80 -9.52
N ASN F 244 -11.36 16.86 -9.05
CA ASN F 244 -10.78 17.87 -8.10
C ASN F 244 -11.34 17.67 -6.68
N GLY F 245 -12.16 16.63 -6.47
CA GLY F 245 -12.74 16.33 -5.14
C GLY F 245 -13.89 17.25 -4.81
N VAL F 246 -14.54 17.83 -5.83
CA VAL F 246 -15.73 18.72 -5.66
C VAL F 246 -16.98 18.02 -6.23
N GLY F 247 -18.04 17.92 -5.43
CA GLY F 247 -19.36 17.40 -5.84
C GLY F 247 -20.21 18.49 -6.49
N PRO F 248 -21.37 18.13 -7.08
CA PRO F 248 -22.34 19.12 -7.55
C PRO F 248 -22.67 20.10 -6.41
N LEU F 249 -22.68 21.38 -6.72
CA LEU F 249 -22.94 22.50 -5.78
C LEU F 249 -24.33 23.08 -6.08
N CYS F 250 -25.21 23.06 -5.08
CA CYS F 250 -26.68 23.29 -5.25
C CYS F 250 -26.97 24.78 -5.26
N LYS F 251 -27.05 25.36 -6.46
CA LYS F 251 -27.40 26.77 -6.72
C LYS F 251 -28.86 26.99 -6.29
N GLY F 252 -29.11 28.05 -5.53
CA GLY F 252 -30.44 28.36 -4.97
C GLY F 252 -30.83 27.37 -3.89
N ASP F 253 -29.88 26.59 -3.37
CA ASP F 253 -30.15 25.55 -2.35
C ASP F 253 -31.17 24.55 -2.93
N GLY F 254 -31.06 24.26 -4.23
CA GLY F 254 -31.88 23.22 -4.91
C GLY F 254 -31.02 22.05 -5.39
N LEU F 255 -31.50 20.83 -5.16
CA LEU F 255 -30.91 19.56 -5.69
C LEU F 255 -31.78 19.09 -6.87
N PHE F 256 -31.19 18.93 -8.05
CA PHE F 256 -31.91 18.58 -9.30
C PHE F 256 -31.72 17.09 -9.60
N LEU F 257 -32.83 16.35 -9.64
CA LEU F 257 -32.88 14.90 -9.94
C LEU F 257 -33.61 14.70 -11.26
N SER F 258 -33.06 13.85 -12.12
CA SER F 258 -33.56 13.60 -13.49
C SER F 258 -33.40 12.11 -13.78
N CYS F 259 -34.34 11.52 -14.51
CA CYS F 259 -34.17 10.13 -14.99
C CYS F 259 -35.13 9.78 -16.14
N ALA F 260 -34.87 8.65 -16.76
CA ALA F 260 -35.82 7.91 -17.61
C ALA F 260 -35.51 6.43 -17.44
N ASP F 261 -36.55 5.61 -17.24
CA ASP F 261 -36.42 4.15 -16.98
C ASP F 261 -37.46 3.42 -17.81
N ILE F 262 -37.21 3.37 -19.12
CA ILE F 262 -37.99 2.49 -20.06
C ILE F 262 -37.49 1.07 -19.85
N VAL F 263 -38.36 0.13 -19.51
CA VAL F 263 -38.00 -1.27 -19.19
CA VAL F 263 -37.92 -1.26 -19.21
C VAL F 263 -38.18 -2.14 -20.43
N GLY F 264 -39.11 -1.75 -21.30
CA GLY F 264 -39.42 -2.48 -22.54
C GLY F 264 -40.86 -2.22 -22.95
N PHE F 265 -41.43 -3.15 -23.70
CA PHE F 265 -42.79 -3.02 -24.29
C PHE F 265 -43.70 -4.08 -23.68
N PHE F 266 -44.95 -3.66 -23.42
CA PHE F 266 -46.10 -4.54 -23.17
C PHE F 266 -46.80 -4.81 -24.51
N THR F 267 -46.94 -6.09 -24.84
CA THR F 267 -47.58 -6.56 -26.09
C THR F 267 -48.91 -7.24 -25.72
N GLN F 268 -50.02 -6.67 -26.20
CA GLN F 268 -51.38 -7.21 -25.94
C GLN F 268 -51.63 -8.41 -26.88
N HIS F 269 -52.72 -9.13 -26.63
CA HIS F 269 -53.15 -10.27 -27.48
C HIS F 269 -53.32 -9.81 -28.93
N ASN F 270 -53.74 -8.57 -29.18
CA ASN F 270 -54.02 -8.00 -30.53
C ASN F 270 -52.72 -7.39 -31.11
N LYS F 271 -51.59 -7.59 -30.45
CA LYS F 271 -50.23 -7.21 -30.91
C LYS F 271 -49.97 -5.71 -30.77
N LYS F 272 -50.91 -4.92 -30.23
CA LYS F 272 -50.61 -3.51 -29.90
C LYS F 272 -49.56 -3.45 -28.80
N MET F 273 -48.61 -2.54 -28.95
CA MET F 273 -47.43 -2.47 -28.08
C MET F 273 -47.35 -1.10 -27.44
N SER F 274 -47.01 -1.08 -26.15
CA SER F 274 -46.86 0.16 -25.35
C SER F 274 -45.54 0.11 -24.58
N PHE F 275 -44.94 1.26 -24.35
CA PHE F 275 -43.80 1.42 -23.43
C PHE F 275 -44.26 1.13 -22.00
N ARG F 276 -43.44 0.42 -21.22
CA ARG F 276 -43.60 0.22 -19.76
C ARG F 276 -42.38 0.82 -19.05
N GLY F 277 -42.63 1.64 -18.02
CA GLY F 277 -41.58 2.31 -17.24
C GLY F 277 -41.64 1.91 -15.78
N LEU F 278 -40.55 2.15 -15.06
CA LEU F 278 -40.50 1.92 -13.61
C LEU F 278 -40.00 3.18 -12.90
N PRO F 279 -40.41 3.36 -11.63
CA PRO F 279 -39.95 4.51 -10.84
C PRO F 279 -38.51 4.32 -10.37
N ARG F 280 -37.83 5.43 -10.07
CA ARG F 280 -36.44 5.43 -9.55
C ARG F 280 -36.37 6.07 -8.16
N TYR F 281 -35.68 5.38 -7.25
CA TYR F 281 -35.27 5.89 -5.90
C TYR F 281 -33.93 6.62 -6.00
N PHE F 282 -33.80 7.72 -5.25
CA PHE F 282 -32.57 8.54 -5.11
C PHE F 282 -32.30 8.77 -3.64
N ARG F 283 -31.06 8.55 -3.21
CA ARG F 283 -30.55 9.00 -1.90
C ARG F 283 -29.30 9.83 -2.18
N VAL F 284 -29.28 11.06 -1.70
CA VAL F 284 -28.12 11.96 -1.93
C VAL F 284 -27.65 12.43 -0.56
N THR F 285 -26.34 12.29 -0.31
CA THR F 285 -25.65 12.76 0.91
C THR F 285 -25.01 14.10 0.55
N LEU F 286 -25.31 15.16 1.31
CA LEU F 286 -24.72 16.50 1.06
C LEU F 286 -24.00 16.99 2.32
N ARG F 287 -22.97 17.83 2.11
CA ARG F 287 -22.25 18.54 3.19
C ARG F 287 -22.28 20.02 2.87
N LYS F 288 -22.25 20.88 3.88
CA LYS F 288 -22.06 22.34 3.68
C LYS F 288 -20.61 22.56 3.24
N ARG F 289 -20.40 23.42 2.26
CA ARG F 289 -19.06 23.79 1.75
C ARG F 289 -18.94 25.31 1.69
N VAL F 290 -17.84 25.85 2.23
CA VAL F 290 -17.41 27.26 2.00
C VAL F 290 -16.85 27.34 0.57
N VAL F 291 -17.49 28.11 -0.30
CA VAL F 291 -17.06 28.34 -1.72
C VAL F 291 -16.71 29.82 -1.88
N ILE G 36 -16.74 -15.11 16.80
CA ILE G 36 -17.69 -15.23 15.66
C ILE G 36 -18.49 -16.54 15.82
N THR G 37 -19.81 -16.50 15.59
CA THR G 37 -20.67 -17.70 15.38
C THR G 37 -21.09 -17.73 13.89
N GLU G 38 -21.29 -18.90 13.32
CA GLU G 38 -21.76 -19.07 11.92
C GLU G 38 -23.05 -19.88 11.95
N ILE G 39 -24.08 -19.43 11.26
CA ILE G 39 -25.29 -20.25 11.04
C ILE G 39 -25.36 -20.62 9.55
N GLU G 40 -25.90 -21.79 9.25
CA GLU G 40 -26.26 -22.21 7.89
C GLU G 40 -27.76 -22.47 7.86
N ALA G 41 -28.43 -22.07 6.78
CA ALA G 41 -29.87 -22.25 6.61
C ALA G 41 -30.15 -22.46 5.11
N TYR G 42 -31.31 -23.03 4.81
CA TYR G 42 -31.85 -23.08 3.43
C TYR G 42 -33.25 -22.50 3.43
N LEU G 43 -33.63 -21.92 2.29
CA LEU G 43 -35.02 -21.56 1.98
C LEU G 43 -35.43 -22.33 0.72
N ASN G 44 -36.47 -23.15 0.82
CA ASN G 44 -37.07 -23.81 -0.36
C ASN G 44 -37.90 -22.80 -1.13
N PRO G 45 -37.99 -22.91 -2.47
CA PRO G 45 -38.78 -21.99 -3.27
C PRO G 45 -40.28 -22.21 -3.03
N ARG G 46 -41.06 -21.16 -3.25
CA ARG G 46 -42.55 -21.14 -3.12
C ARG G 46 -43.15 -20.76 -4.47
N MET G 47 -43.00 -21.65 -5.46
CA MET G 47 -43.40 -21.36 -6.86
C MET G 47 -44.90 -21.53 -7.06
N GLY G 48 -45.63 -22.17 -6.14
CA GLY G 48 -47.10 -22.18 -6.14
C GLY G 48 -47.69 -23.54 -5.80
N GLN G 49 -47.15 -24.62 -6.36
CA GLN G 49 -47.62 -25.99 -6.02
C GLN G 49 -47.21 -26.31 -4.59
N PRO G 50 -48.08 -26.99 -3.83
CA PRO G 50 -47.76 -27.34 -2.44
C PRO G 50 -46.66 -28.39 -2.24
N GLN G 51 -46.08 -28.39 -1.03
CA GLN G 51 -45.14 -29.42 -0.52
C GLN G 51 -45.75 -30.81 -0.53
N ASN G 52 -44.92 -31.85 -0.61
CA ASN G 52 -45.29 -33.30 -0.52
C ASN G 52 -46.30 -33.68 -1.60
N GLU G 53 -46.38 -32.91 -2.67
CA GLU G 53 -47.17 -33.21 -3.89
C GLU G 53 -46.18 -33.29 -5.06
N ASP G 54 -46.59 -33.87 -6.18
CA ASP G 54 -45.64 -34.34 -7.21
C ASP G 54 -44.98 -33.17 -7.95
N PHE G 55 -45.52 -31.94 -7.85
CA PHE G 55 -45.04 -30.76 -8.60
C PHE G 55 -44.46 -29.70 -7.66
N TYR G 56 -44.06 -30.11 -6.45
CA TYR G 56 -43.32 -29.24 -5.51
C TYR G 56 -42.04 -28.72 -6.21
N GLY G 57 -41.83 -27.41 -6.20
CA GLY G 57 -40.74 -26.74 -6.96
C GLY G 57 -41.27 -26.00 -8.17
N PHE G 58 -42.49 -26.33 -8.61
CA PHE G 58 -43.14 -25.73 -9.80
C PHE G 58 -44.36 -24.91 -9.38
N SER G 59 -44.78 -23.99 -10.23
CA SER G 59 -46.13 -23.38 -10.23
C SER G 59 -47.08 -24.39 -10.87
N ASP G 60 -48.37 -24.17 -10.70
CA ASP G 60 -49.38 -24.74 -11.60
C ASP G 60 -49.21 -24.08 -12.98
N ASN G 61 -49.80 -24.67 -14.02
CA ASN G 61 -49.76 -24.11 -15.38
C ASN G 61 -50.31 -22.68 -15.39
N VAL G 62 -49.57 -21.77 -15.99
CA VAL G 62 -49.93 -20.32 -16.06
C VAL G 62 -51.09 -20.12 -17.03
N THR G 63 -52.20 -19.55 -16.53
CA THR G 63 -53.30 -19.03 -17.37
C THR G 63 -53.08 -17.52 -17.59
N VAL G 64 -53.59 -16.98 -18.69
CA VAL G 64 -53.38 -15.57 -19.08
C VAL G 64 -54.76 -14.93 -19.28
N SER G 65 -54.94 -13.73 -18.73
CA SER G 65 -56.23 -13.02 -18.77
C SER G 65 -56.46 -12.42 -20.17
N ASP G 66 -57.72 -12.15 -20.52
CA ASP G 66 -58.09 -11.56 -21.83
C ASP G 66 -57.86 -10.06 -21.78
N ASP G 67 -57.95 -9.44 -20.59
CA ASP G 67 -57.77 -7.97 -20.43
C ASP G 67 -57.35 -7.67 -19.00
N PHE G 68 -56.96 -6.42 -18.70
CA PHE G 68 -56.52 -5.99 -17.35
C PHE G 68 -57.72 -6.01 -16.39
N GLY G 69 -58.90 -5.64 -16.87
CA GLY G 69 -60.13 -5.56 -16.05
C GLY G 69 -60.50 -6.89 -15.39
N SER G 70 -60.41 -8.01 -16.11
CA SER G 70 -60.89 -9.34 -15.65
C SER G 70 -59.74 -10.20 -15.08
N ASP G 71 -58.55 -9.63 -14.98
CA ASP G 71 -57.31 -10.38 -14.63
C ASP G 71 -57.43 -10.93 -13.20
N ALA G 72 -57.32 -12.25 -13.06
CA ALA G 72 -57.41 -12.96 -11.76
C ALA G 72 -56.49 -14.18 -11.78
N PRO G 73 -55.20 -14.02 -11.40
CA PRO G 73 -54.27 -15.16 -11.37
C PRO G 73 -54.67 -16.15 -10.28
N PRO G 74 -55.07 -17.38 -10.64
CA PRO G 74 -55.45 -18.38 -9.65
C PRO G 74 -54.29 -18.74 -8.71
N TRP G 75 -54.63 -19.00 -7.45
CA TRP G 75 -53.68 -19.57 -6.47
C TRP G 75 -52.95 -20.76 -7.10
N LYS G 76 -51.62 -20.78 -6.92
CA LYS G 76 -50.63 -21.81 -7.31
C LYS G 76 -50.00 -21.46 -8.66
N GLN G 77 -50.49 -20.46 -9.38
CA GLN G 77 -50.00 -20.14 -10.75
C GLN G 77 -48.93 -19.04 -10.72
N PHE G 78 -48.53 -18.57 -9.54
CA PHE G 78 -47.49 -17.52 -9.43
C PHE G 78 -46.62 -17.74 -8.20
N PRO G 79 -45.32 -17.37 -8.30
CA PRO G 79 -44.40 -17.49 -7.19
C PRO G 79 -44.60 -16.45 -6.08
N CYS G 80 -44.26 -16.85 -4.86
CA CYS G 80 -44.26 -16.02 -3.64
C CYS G 80 -42.87 -16.04 -3.03
N TYR G 81 -42.53 -15.01 -2.25
CA TYR G 81 -41.25 -14.92 -1.53
C TYR G 81 -41.16 -16.03 -0.49
N SER G 82 -39.94 -16.52 -0.29
CA SER G 82 -39.54 -17.43 0.80
C SER G 82 -38.94 -16.56 1.90
N THR G 83 -39.25 -16.87 3.15
CA THR G 83 -38.66 -16.12 4.29
C THR G 83 -38.61 -17.02 5.52
N ALA G 84 -37.61 -16.79 6.38
CA ALA G 84 -37.47 -17.52 7.65
C ALA G 84 -36.80 -16.62 8.67
N ARG G 85 -37.12 -16.85 9.95
CA ARG G 85 -36.41 -16.20 11.08
C ARG G 85 -35.53 -17.27 11.73
N ILE G 86 -34.22 -17.03 11.81
CA ILE G 86 -33.27 -17.93 12.51
C ILE G 86 -33.18 -17.43 13.94
N SER G 87 -33.48 -18.29 14.91
CA SER G 87 -33.47 -17.94 16.36
CA SER G 87 -33.47 -17.95 16.35
C SER G 87 -32.03 -18.08 16.88
N LEU G 88 -31.42 -16.96 17.31
CA LEU G 88 -30.02 -16.94 17.82
C LEU G 88 -30.04 -17.00 19.34
N PRO G 89 -28.94 -17.46 19.98
CA PRO G 89 -28.85 -17.48 21.45
C PRO G 89 -29.29 -16.17 22.13
N MET G 90 -30.11 -16.25 23.19
CA MET G 90 -30.60 -15.06 23.93
C MET G 90 -29.38 -14.39 24.57
N LEU G 91 -29.26 -13.06 24.49
CA LEU G 91 -28.03 -12.34 24.94
C LEU G 91 -28.23 -11.58 26.26
N ASN G 92 -29.43 -11.04 26.54
CA ASN G 92 -29.63 -10.13 27.70
C ASN G 92 -30.47 -10.85 28.79
N THR G 99 -24.99 -1.58 28.77
CA THR G 99 -24.25 -2.44 27.81
C THR G 99 -25.23 -3.48 27.22
N ILE G 100 -25.95 -3.11 26.15
CA ILE G 100 -27.01 -3.96 25.50
C ILE G 100 -26.35 -4.76 24.38
N LEU G 101 -26.41 -6.10 24.40
CA LEU G 101 -25.68 -6.94 23.42
C LEU G 101 -26.64 -7.36 22.31
N MET G 102 -26.18 -7.30 21.07
CA MET G 102 -26.95 -7.79 19.90
C MET G 102 -26.03 -8.64 19.02
N TRP G 103 -26.60 -9.64 18.35
CA TRP G 103 -25.91 -10.35 17.25
C TRP G 103 -25.84 -9.41 16.05
N GLU G 104 -24.66 -9.32 15.45
CA GLU G 104 -24.38 -8.50 14.26
C GLU G 104 -23.92 -9.42 13.14
N ALA G 105 -24.65 -9.40 12.02
CA ALA G 105 -24.30 -10.17 10.81
C ALA G 105 -23.20 -9.39 10.08
N ILE G 106 -22.00 -9.93 10.00
CA ILE G 106 -20.85 -9.18 9.42
C ILE G 106 -20.59 -9.66 7.99
N SER G 107 -20.89 -10.91 7.65
CA SER G 107 -20.64 -11.40 6.27
C SER G 107 -21.55 -12.59 5.97
N CYS G 108 -21.63 -12.95 4.69
CA CYS G 108 -22.44 -14.12 4.31
C CYS G 108 -21.85 -14.77 3.06
N ARG G 109 -22.24 -16.02 2.86
CA ARG G 109 -22.13 -16.74 1.58
C ARG G 109 -23.54 -17.15 1.23
N THR G 110 -23.91 -17.08 -0.04
CA THR G 110 -25.21 -17.62 -0.48
C THR G 110 -24.97 -18.36 -1.79
N GLU G 111 -25.69 -19.44 -1.98
CA GLU G 111 -25.60 -20.26 -3.22
C GLU G 111 -27.00 -20.64 -3.63
N VAL G 112 -27.31 -20.63 -4.92
CA VAL G 112 -28.53 -21.29 -5.44
C VAL G 112 -28.17 -22.76 -5.55
N MET G 113 -28.93 -23.66 -4.93
CA MET G 113 -28.62 -25.11 -4.91
C MET G 113 -29.42 -25.82 -6.00
N GLY G 114 -28.94 -26.98 -6.41
CA GLY G 114 -29.64 -27.87 -7.35
C GLY G 114 -29.58 -27.37 -8.78
N VAL G 115 -28.63 -26.50 -9.09
CA VAL G 115 -28.44 -26.03 -10.50
C VAL G 115 -28.25 -27.26 -11.39
N ASN G 116 -27.61 -28.29 -10.86
CA ASN G 116 -27.39 -29.58 -11.57
C ASN G 116 -28.66 -30.13 -12.21
N MET G 117 -29.85 -29.89 -11.62
CA MET G 117 -31.05 -30.60 -12.11
C MET G 117 -31.43 -30.09 -13.50
N LEU G 118 -30.95 -28.91 -13.88
CA LEU G 118 -31.35 -28.25 -15.15
C LEU G 118 -30.64 -28.88 -16.34
N THR G 119 -29.77 -29.86 -16.09
CA THR G 119 -29.16 -30.69 -17.18
C THR G 119 -30.15 -31.79 -17.62
N ASN G 120 -31.33 -31.85 -17.02
CA ASN G 120 -32.38 -32.84 -17.38
C ASN G 120 -33.14 -32.30 -18.61
N VAL G 121 -33.05 -33.00 -19.71
CA VAL G 121 -33.81 -32.66 -20.95
C VAL G 121 -34.62 -33.89 -21.39
N HIS G 122 -34.99 -34.76 -20.46
CA HIS G 122 -35.77 -35.98 -20.77
C HIS G 122 -37.15 -35.97 -20.10
N SER G 123 -37.40 -35.15 -19.07
CA SER G 123 -38.64 -35.24 -18.25
C SER G 123 -39.81 -34.49 -18.89
N ALA G 124 -40.54 -35.14 -19.80
CA ALA G 124 -41.87 -34.70 -20.29
C ALA G 124 -41.83 -33.25 -20.75
N GLN G 125 -40.79 -32.86 -21.48
CA GLN G 125 -40.59 -31.48 -21.97
C GLN G 125 -40.93 -31.42 -23.45
N LYS G 126 -41.52 -30.30 -23.89
CA LYS G 126 -41.66 -29.99 -25.33
C LYS G 126 -40.29 -30.23 -25.99
N ARG G 127 -40.26 -30.91 -27.13
CA ARG G 127 -39.00 -31.32 -27.77
C ARG G 127 -38.52 -30.25 -28.76
N VAL G 128 -37.21 -30.22 -29.00
CA VAL G 128 -36.57 -29.21 -29.88
C VAL G 128 -37.21 -29.32 -31.29
N TYR G 129 -37.44 -30.54 -31.77
CA TYR G 129 -38.11 -30.84 -33.06
C TYR G 129 -39.48 -31.49 -32.79
N GLU G 130 -40.44 -30.70 -32.31
CA GLU G 130 -41.72 -31.25 -31.78
C GLU G 130 -42.51 -31.95 -32.90
N ASN G 131 -42.46 -31.45 -34.14
CA ASN G 131 -43.19 -32.07 -35.28
C ASN G 131 -42.59 -33.43 -35.66
N ASP G 132 -41.29 -33.60 -35.48
CA ASP G 132 -40.59 -34.88 -35.78
C ASP G 132 -40.66 -35.79 -34.54
N ARG G 133 -41.17 -35.26 -33.43
CA ARG G 133 -41.17 -35.95 -32.11
C ARG G 133 -39.74 -36.39 -31.82
N GLU G 134 -38.78 -35.47 -32.00
CA GLU G 134 -37.35 -35.80 -31.94
C GLU G 134 -36.55 -34.69 -31.26
N GLY G 135 -35.33 -35.03 -30.84
CA GLY G 135 -34.43 -34.09 -30.16
C GLY G 135 -34.64 -34.14 -28.65
N THR G 136 -33.82 -33.40 -27.91
CA THR G 136 -33.97 -33.31 -26.44
C THR G 136 -35.24 -32.55 -26.12
N GLY G 137 -35.64 -32.56 -24.85
CA GLY G 137 -36.53 -31.52 -24.31
C GLY G 137 -35.88 -30.16 -24.44
N ILE G 138 -36.67 -29.10 -24.49
CA ILE G 138 -36.10 -27.72 -24.54
C ILE G 138 -35.54 -27.33 -23.18
N GLY G 139 -35.82 -28.10 -22.11
CA GLY G 139 -35.36 -27.78 -20.76
C GLY G 139 -36.03 -26.55 -20.19
N VAL G 140 -35.54 -26.07 -19.07
CA VAL G 140 -36.03 -24.81 -18.45
C VAL G 140 -35.46 -23.61 -19.22
N GLU G 141 -36.32 -22.70 -19.64
CA GLU G 141 -35.92 -21.44 -20.33
C GLU G 141 -36.78 -20.31 -19.82
N GLY G 142 -36.35 -19.09 -20.08
CA GLY G 142 -37.13 -17.88 -19.79
C GLY G 142 -36.60 -17.16 -18.57
N MET G 143 -37.50 -16.51 -17.83
CA MET G 143 -37.12 -15.42 -16.90
C MET G 143 -36.33 -16.01 -15.74
N GLY G 144 -35.31 -15.26 -15.33
CA GLY G 144 -34.58 -15.49 -14.09
C GLY G 144 -34.86 -14.36 -13.14
N TYR G 145 -35.37 -14.65 -11.94
CA TYR G 145 -35.51 -13.63 -10.88
C TYR G 145 -34.85 -14.23 -9.65
N HIS G 146 -33.73 -13.63 -9.25
CA HIS G 146 -32.92 -14.08 -8.10
C HIS G 146 -32.72 -12.90 -7.17
N MET G 147 -33.19 -13.01 -5.93
CA MET G 147 -32.99 -11.95 -4.93
C MET G 147 -32.83 -12.62 -3.57
N PHE G 148 -32.01 -12.05 -2.70
CA PHE G 148 -31.92 -12.53 -1.31
C PHE G 148 -31.75 -11.30 -0.43
N ALA G 149 -32.15 -11.45 0.82
CA ALA G 149 -32.02 -10.40 1.83
C ALA G 149 -31.64 -11.06 3.14
N ILE G 150 -30.79 -10.36 3.89
CA ILE G 150 -30.31 -10.76 5.23
C ILE G 150 -30.44 -9.53 6.11
N GLY G 151 -31.20 -9.67 7.20
CA GLY G 151 -31.56 -8.52 8.03
C GLY G 151 -31.73 -8.88 9.49
N GLY G 152 -31.77 -7.84 10.33
CA GLY G 152 -32.03 -7.94 11.78
C GLY G 152 -33.50 -7.73 12.11
N GLU G 153 -34.36 -7.67 11.09
CA GLU G 153 -35.82 -7.56 11.23
C GLU G 153 -36.45 -7.96 9.89
N PRO G 154 -37.78 -8.17 9.81
CA PRO G 154 -38.40 -8.54 8.54
C PRO G 154 -38.07 -7.56 7.41
N LEU G 155 -37.95 -8.10 6.19
CA LEU G 155 -37.72 -7.31 4.97
C LEU G 155 -38.89 -6.33 4.77
N GLU G 156 -38.56 -5.05 4.59
CA GLU G 156 -39.57 -3.99 4.36
C GLU G 156 -39.88 -3.93 2.86
N LEU G 157 -41.16 -4.05 2.53
CA LEU G 157 -41.65 -4.23 1.14
C LEU G 157 -42.34 -2.96 0.63
N GLN G 158 -42.18 -2.70 -0.66
CA GLN G 158 -42.98 -1.74 -1.46
C GLN G 158 -43.93 -2.55 -2.35
N PHE G 159 -45.23 -2.28 -2.25
CA PHE G 159 -46.26 -2.91 -3.12
C PHE G 159 -46.17 -2.25 -4.50
N MET G 160 -46.02 -3.05 -5.55
CA MET G 160 -46.03 -2.53 -6.93
C MET G 160 -46.38 -3.67 -7.88
N VAL G 161 -47.33 -3.42 -8.79
CA VAL G 161 -47.93 -4.46 -9.67
C VAL G 161 -47.93 -3.94 -11.11
N PHE G 162 -47.89 -4.88 -12.05
CA PHE G 162 -47.91 -4.58 -13.49
C PHE G 162 -49.29 -4.01 -13.84
N ASN G 163 -50.32 -4.64 -13.29
CA ASN G 163 -51.75 -4.33 -13.54
C ASN G 163 -52.50 -4.22 -12.20
N HIS G 164 -52.92 -3.02 -11.82
CA HIS G 164 -53.56 -2.75 -10.51
C HIS G 164 -54.90 -3.48 -10.41
N ARG G 165 -55.55 -3.76 -11.53
CA ARG G 165 -56.88 -4.40 -11.54
C ARG G 165 -56.79 -5.92 -11.40
N ALA G 166 -55.59 -6.50 -11.33
CA ALA G 166 -55.43 -7.93 -11.01
C ALA G 166 -56.11 -8.24 -9.66
N THR G 167 -56.97 -9.25 -9.63
CA THR G 167 -57.58 -9.79 -8.39
C THR G 167 -56.77 -10.99 -7.93
N TYR G 168 -56.01 -10.81 -6.85
CA TYR G 168 -55.18 -11.88 -6.27
C TYR G 168 -56.09 -12.78 -5.44
N PRO G 169 -55.76 -14.09 -5.36
CA PRO G 169 -56.55 -15.03 -4.58
C PRO G 169 -56.43 -14.76 -3.06
N ALA G 170 -57.39 -15.30 -2.31
CA ALA G 170 -57.49 -15.14 -0.83
C ALA G 170 -56.26 -15.71 -0.12
N GLU G 171 -55.61 -16.73 -0.69
CA GLU G 171 -54.40 -17.35 -0.08
C GLU G 171 -53.23 -16.36 -0.03
N ALA G 172 -53.18 -15.39 -0.93
CA ALA G 172 -52.04 -14.47 -1.10
C ALA G 172 -52.20 -13.31 -0.12
N THR G 173 -51.10 -12.72 0.34
CA THR G 173 -51.12 -11.44 1.09
C THR G 173 -50.82 -10.33 0.09
N VAL G 174 -51.78 -9.46 -0.19
CA VAL G 174 -51.61 -8.29 -1.08
C VAL G 174 -52.35 -7.10 -0.47
N ILE G 175 -52.20 -5.94 -1.08
CA ILE G 175 -53.11 -4.79 -0.85
C ILE G 175 -54.25 -4.94 -1.86
N LYS G 176 -55.45 -5.27 -1.38
CA LYS G 176 -56.69 -5.36 -2.22
C LYS G 176 -56.98 -4.01 -2.88
N ASN G 177 -57.49 -4.02 -4.11
CA ASN G 177 -57.95 -2.82 -4.87
C ASN G 177 -56.94 -1.68 -4.71
N PRO G 178 -55.66 -1.92 -5.07
CA PRO G 178 -54.59 -0.96 -4.79
C PRO G 178 -54.60 0.35 -5.59
N GLY G 179 -55.36 0.41 -6.69
CA GLY G 179 -55.52 1.62 -7.50
C GLY G 179 -54.43 1.80 -8.55
N ALA G 180 -54.63 2.75 -9.46
CA ALA G 180 -53.73 3.02 -10.60
C ALA G 180 -52.34 3.39 -10.07
N SER G 181 -52.24 4.06 -8.91
CA SER G 181 -50.96 4.52 -8.30
C SER G 181 -49.99 3.33 -8.05
N SER G 182 -50.53 2.12 -7.82
CA SER G 182 -49.76 0.91 -7.44
C SER G 182 -48.99 0.32 -8.64
N GLN G 183 -49.22 0.85 -9.84
CA GLN G 183 -48.53 0.42 -11.08
C GLN G 183 -47.16 1.08 -11.14
N VAL G 184 -46.96 2.14 -10.34
CA VAL G 184 -45.64 2.82 -10.13
C VAL G 184 -45.46 3.04 -8.63
N PHE G 185 -44.64 4.00 -8.19
CA PHE G 185 -44.33 4.18 -6.76
C PHE G 185 -45.46 4.97 -6.09
N ASP G 186 -46.04 4.40 -5.04
CA ASP G 186 -47.03 5.11 -4.17
C ASP G 186 -46.57 4.94 -2.73
N PRO G 187 -46.13 6.03 -2.06
CA PRO G 187 -45.59 5.93 -0.69
C PRO G 187 -46.56 5.35 0.35
N ASN G 188 -47.86 5.26 0.05
CA ASN G 188 -48.89 4.74 0.99
C ASN G 188 -49.04 3.21 0.85
N LEU G 189 -48.33 2.55 -0.07
CA LEU G 189 -48.56 1.09 -0.30
C LEU G 189 -47.34 0.28 0.16
N LYS G 190 -47.24 0.05 1.46
CA LYS G 190 -46.07 -0.61 2.08
C LYS G 190 -46.52 -1.91 2.74
N GLY G 191 -45.55 -2.75 3.03
CA GLY G 191 -45.74 -3.99 3.79
C GLY G 191 -44.43 -4.48 4.35
N THR G 192 -44.49 -5.56 5.10
CA THR G 192 -43.28 -6.24 5.63
C THR G 192 -43.48 -7.73 5.37
N LEU G 193 -42.38 -8.42 5.06
CA LEU G 193 -42.42 -9.83 4.66
C LEU G 193 -42.45 -10.67 5.94
N THR G 194 -43.67 -10.91 6.45
CA THR G 194 -43.91 -11.52 7.77
C THR G 194 -44.29 -12.99 7.61
N ALA G 195 -44.44 -13.50 6.38
CA ALA G 195 -44.86 -14.90 6.20
C ALA G 195 -44.28 -15.48 4.91
N ASP G 196 -43.98 -16.77 4.95
CA ASP G 196 -43.36 -17.57 3.86
C ASP G 196 -44.44 -18.01 2.86
N GLY G 197 -44.16 -17.92 1.56
CA GLY G 197 -45.00 -18.55 0.52
C GLY G 197 -46.36 -17.88 0.30
N VAL G 198 -46.55 -16.60 0.66
CA VAL G 198 -47.87 -15.92 0.44
C VAL G 198 -47.77 -14.50 -0.13
N PHE G 199 -46.61 -13.84 -0.09
CA PHE G 199 -46.40 -12.51 -0.68
C PHE G 199 -46.00 -12.73 -2.13
N PRO G 200 -46.88 -12.45 -3.13
CA PRO G 200 -46.54 -12.67 -4.53
C PRO G 200 -45.29 -11.88 -4.93
N VAL G 201 -44.35 -12.56 -5.58
CA VAL G 201 -43.15 -11.84 -6.12
C VAL G 201 -43.63 -10.69 -7.01
N GLU G 202 -44.66 -10.89 -7.85
CA GLU G 202 -45.08 -9.89 -8.85
C GLU G 202 -45.82 -8.70 -8.21
N ALA G 203 -46.10 -8.71 -6.90
CA ALA G 203 -46.84 -7.63 -6.19
C ALA G 203 -45.96 -6.89 -5.18
N TRP G 204 -44.81 -7.45 -4.77
CA TRP G 204 -43.99 -6.89 -3.66
C TRP G 204 -42.51 -6.86 -4.07
N GLY G 205 -41.81 -5.79 -3.73
CA GLY G 205 -40.36 -5.65 -3.91
C GLY G 205 -39.73 -5.04 -2.67
N PRO G 206 -38.40 -5.10 -2.53
CA PRO G 206 -37.71 -4.40 -1.45
C PRO G 206 -37.94 -2.89 -1.51
N ASP G 207 -38.23 -2.30 -0.34
CA ASP G 207 -38.47 -0.85 -0.20
C ASP G 207 -37.14 -0.16 0.09
N PRO G 208 -36.60 0.64 -0.84
CA PRO G 208 -35.30 1.26 -0.62
C PRO G 208 -35.40 2.46 0.34
N PHE G 209 -36.62 2.91 0.66
CA PHE G 209 -36.86 4.00 1.64
C PHE G 209 -36.66 3.48 3.06
N LYS G 210 -36.64 2.16 3.25
CA LYS G 210 -36.48 1.52 4.57
C LYS G 210 -35.33 0.53 4.48
N ASN G 211 -35.39 -0.58 5.20
CA ASN G 211 -34.37 -1.65 5.19
C ASN G 211 -32.98 -1.08 5.57
N GLU G 212 -32.94 -0.13 6.50
CA GLU G 212 -31.67 0.38 7.11
C GLU G 212 -30.94 -0.78 7.81
N ASN G 213 -31.65 -1.83 8.22
CA ASN G 213 -31.11 -2.92 9.07
C ASN G 213 -31.16 -4.25 8.29
N THR G 214 -31.20 -4.18 6.96
CA THR G 214 -31.23 -5.34 6.03
C THR G 214 -30.39 -4.99 4.80
N ARG G 215 -29.66 -5.96 4.26
CA ARG G 215 -28.98 -5.87 2.95
C ARG G 215 -29.76 -6.73 1.97
N TYR G 216 -30.14 -6.17 0.84
CA TYR G 216 -30.81 -6.99 -0.20
C TYR G 216 -30.09 -6.80 -1.52
N PHE G 217 -30.22 -7.83 -2.37
CA PHE G 217 -29.56 -7.96 -3.68
C PHE G 217 -30.51 -8.73 -4.60
N GLY G 218 -30.70 -8.24 -5.83
CA GLY G 218 -31.56 -8.97 -6.78
C GLY G 218 -31.14 -8.73 -8.20
N GLN G 219 -31.42 -9.72 -9.06
CA GLN G 219 -31.23 -9.59 -10.52
C GLN G 219 -32.42 -10.24 -11.21
N TYR G 220 -32.88 -9.57 -12.25
CA TYR G 220 -33.99 -10.02 -13.14
C TYR G 220 -33.45 -10.07 -14.56
N THR G 221 -33.63 -11.22 -15.20
CA THR G 221 -33.49 -11.38 -16.68
C THR G 221 -34.84 -11.85 -17.19
N GLY G 222 -35.40 -11.13 -18.15
CA GLY G 222 -36.75 -11.38 -18.67
C GLY G 222 -36.75 -12.38 -19.80
N GLY G 223 -37.88 -12.45 -20.49
CA GLY G 223 -38.08 -13.35 -21.64
C GLY G 223 -38.68 -14.67 -21.21
N THR G 224 -39.05 -15.47 -22.21
CA THR G 224 -39.72 -16.78 -22.02
C THR G 224 -38.89 -17.90 -22.65
N GLN G 225 -38.00 -17.58 -23.60
CA GLN G 225 -37.07 -18.57 -24.24
C GLN G 225 -35.62 -18.23 -23.90
N THR G 226 -35.37 -17.28 -22.99
CA THR G 226 -34.02 -16.85 -22.55
C THR G 226 -33.23 -18.01 -21.95
N PRO G 227 -31.94 -18.22 -22.34
CA PRO G 227 -31.11 -19.24 -21.69
C PRO G 227 -30.86 -18.86 -20.22
N PRO G 228 -31.19 -19.73 -19.25
CA PRO G 228 -30.86 -19.45 -17.85
C PRO G 228 -29.34 -19.47 -17.69
N VAL G 229 -28.81 -18.57 -16.88
CA VAL G 229 -27.37 -18.56 -16.54
C VAL G 229 -27.24 -18.57 -15.03
N LEU G 230 -26.62 -19.59 -14.48
CA LEU G 230 -26.46 -19.74 -13.01
C LEU G 230 -25.03 -20.17 -12.70
N THR G 231 -24.44 -19.57 -11.68
CA THR G 231 -23.11 -19.97 -11.18
C THR G 231 -23.25 -20.42 -9.73
N PHE G 232 -22.32 -21.24 -9.26
CA PHE G 232 -22.30 -21.75 -7.88
C PHE G 232 -20.83 -21.97 -7.50
N THR G 233 -20.51 -21.65 -6.26
CA THR G 233 -19.17 -21.87 -5.70
C THR G 233 -19.29 -21.74 -4.19
N ASN G 234 -18.45 -22.44 -3.45
CA ASN G 234 -18.38 -22.31 -1.98
C ASN G 234 -17.26 -21.33 -1.58
N THR G 235 -16.78 -20.48 -2.50
CA THR G 235 -15.56 -19.66 -2.25
C THR G 235 -15.85 -18.16 -2.21
N GLN G 236 -17.10 -17.73 -2.29
CA GLN G 236 -17.43 -16.29 -2.40
CA GLN G 236 -17.47 -16.30 -2.42
C GLN G 236 -18.11 -15.82 -1.11
N THR G 237 -17.57 -14.75 -0.53
CA THR G 237 -18.11 -14.07 0.68
C THR G 237 -18.56 -12.66 0.31
N THR G 238 -19.72 -12.25 0.82
CA THR G 238 -20.21 -10.86 0.73
C THR G 238 -20.15 -10.20 2.10
N ILE G 239 -19.48 -9.06 2.21
CA ILE G 239 -19.43 -8.25 3.46
C ILE G 239 -20.80 -7.57 3.65
N LEU G 240 -21.34 -7.61 4.87
CA LEU G 240 -22.70 -7.05 5.18
C LEU G 240 -22.57 -5.75 5.96
N LEU G 241 -21.35 -5.33 6.30
CA LEU G 241 -21.08 -4.04 6.99
C LEU G 241 -21.56 -2.90 6.08
N ASP G 242 -22.26 -1.91 6.65
CA ASP G 242 -22.61 -0.63 5.97
C ASP G 242 -21.38 0.28 5.95
N GLU G 243 -21.58 1.52 5.47
CA GLU G 243 -20.53 2.56 5.30
C GLU G 243 -19.95 2.97 6.66
N ASN G 244 -20.68 2.75 7.76
CA ASN G 244 -20.25 3.05 9.15
C ASN G 244 -19.65 1.79 9.81
N GLY G 245 -19.42 0.73 9.03
CA GLY G 245 -18.79 -0.50 9.53
C GLY G 245 -19.73 -1.30 10.44
N VAL G 246 -21.04 -1.15 10.29
CA VAL G 246 -22.04 -1.88 11.14
C VAL G 246 -22.83 -2.83 10.25
N GLY G 247 -22.88 -4.12 10.60
CA GLY G 247 -23.72 -5.13 9.93
C GLY G 247 -25.15 -5.08 10.45
N PRO G 248 -26.11 -5.80 9.82
CA PRO G 248 -27.45 -5.93 10.39
C PRO G 248 -27.39 -6.38 11.85
N LEU G 249 -28.21 -5.76 12.69
CA LEU G 249 -28.29 -6.06 14.14
C LEU G 249 -29.61 -6.78 14.42
N CYS G 250 -29.53 -7.96 15.03
CA CYS G 250 -30.64 -8.93 15.14
C CYS G 250 -31.56 -8.56 16.30
N LYS G 251 -32.61 -7.78 16.01
CA LYS G 251 -33.64 -7.40 17.01
C LYS G 251 -34.35 -8.68 17.47
N GLY G 252 -34.44 -8.87 18.79
CA GLY G 252 -35.09 -10.05 19.39
C GLY G 252 -34.26 -11.30 19.20
N ASP G 253 -32.97 -11.16 18.88
CA ASP G 253 -32.05 -12.29 18.63
C ASP G 253 -32.58 -13.12 17.45
N GLY G 254 -33.20 -12.43 16.49
CA GLY G 254 -33.73 -13.00 15.24
C GLY G 254 -32.93 -12.53 14.03
N LEU G 255 -32.51 -13.48 13.18
CA LEU G 255 -31.88 -13.22 11.86
C LEU G 255 -32.90 -13.56 10.77
N PHE G 256 -33.24 -12.60 9.93
CA PHE G 256 -34.28 -12.73 8.88
C PHE G 256 -33.59 -12.97 7.52
N LEU G 257 -33.91 -14.12 6.94
CA LEU G 257 -33.49 -14.51 5.58
C LEU G 257 -34.71 -14.50 4.66
N SER G 258 -34.57 -13.92 3.48
CA SER G 258 -35.65 -13.81 2.47
C SER G 258 -35.05 -14.07 1.10
N CYS G 259 -35.80 -14.72 0.21
CA CYS G 259 -35.36 -14.87 -1.19
C CYS G 259 -36.51 -15.20 -2.14
N ALA G 260 -36.20 -15.10 -3.42
CA ALA G 260 -36.98 -15.66 -4.56
C ALA G 260 -35.95 -16.11 -5.60
N ASP G 261 -36.07 -17.33 -6.09
CA ASP G 261 -35.16 -17.92 -7.10
C ASP G 261 -35.98 -18.61 -8.18
N ILE G 262 -36.58 -17.81 -9.05
CA ILE G 262 -37.23 -18.27 -10.31
C ILE G 262 -36.14 -18.54 -11.34
N VAL G 263 -36.05 -19.77 -11.83
CA VAL G 263 -34.96 -20.12 -12.78
CA VAL G 263 -34.97 -20.19 -12.78
C VAL G 263 -35.49 -20.13 -14.22
N GLY G 264 -36.80 -20.22 -14.41
CA GLY G 264 -37.40 -20.12 -15.75
C GLY G 264 -38.70 -20.89 -15.79
N PHE G 265 -39.08 -21.34 -16.98
CA PHE G 265 -40.35 -22.06 -17.22
C PHE G 265 -40.07 -23.47 -17.74
N PHE G 266 -40.90 -24.38 -17.23
CA PHE G 266 -41.07 -25.77 -17.70
C PHE G 266 -42.22 -25.75 -18.70
N THR G 267 -41.94 -26.21 -19.90
CA THR G 267 -42.91 -26.28 -21.01
C THR G 267 -43.19 -27.75 -21.31
N GLN G 268 -44.45 -28.16 -21.15
CA GLN G 268 -44.89 -29.56 -21.41
C GLN G 268 -45.10 -29.76 -22.91
N HIS G 269 -45.26 -31.00 -23.32
CA HIS G 269 -45.55 -31.36 -24.74
C HIS G 269 -46.75 -30.57 -25.24
N ASN G 270 -47.76 -30.34 -24.40
CA ASN G 270 -49.02 -29.66 -24.79
C ASN G 270 -48.85 -28.14 -24.72
N LYS G 271 -47.63 -27.66 -24.46
CA LYS G 271 -47.23 -26.24 -24.48
C LYS G 271 -47.68 -25.49 -23.21
N LYS G 272 -48.25 -26.18 -22.22
CA LYS G 272 -48.56 -25.55 -20.91
C LYS G 272 -47.23 -25.26 -20.19
N MET G 273 -47.16 -24.07 -19.59
CA MET G 273 -45.90 -23.53 -19.01
C MET G 273 -46.10 -23.28 -17.52
N SER G 274 -45.09 -23.60 -16.73
CA SER G 274 -45.10 -23.42 -15.27
C SER G 274 -43.74 -22.86 -14.84
N PHE G 275 -43.73 -22.01 -13.83
CA PHE G 275 -42.51 -21.54 -13.13
C PHE G 275 -41.78 -22.73 -12.51
N ARG G 276 -40.45 -22.71 -12.57
CA ARG G 276 -39.58 -23.66 -11.83
C ARG G 276 -38.64 -22.81 -10.96
N GLY G 277 -38.51 -23.21 -9.70
CA GLY G 277 -37.70 -22.55 -8.67
C GLY G 277 -36.64 -23.46 -8.11
N LEU G 278 -35.62 -22.88 -7.50
CA LEU G 278 -34.58 -23.64 -6.80
C LEU G 278 -34.42 -23.07 -5.39
N PRO G 279 -33.98 -23.94 -4.47
CA PRO G 279 -33.73 -23.55 -3.09
C PRO G 279 -32.42 -22.76 -2.98
N ARG G 280 -32.28 -22.01 -1.88
CA ARG G 280 -31.11 -21.13 -1.65
C ARG G 280 -30.47 -21.47 -0.29
N TYR G 281 -29.14 -21.58 -0.31
CA TYR G 281 -28.27 -21.76 0.86
C TYR G 281 -27.82 -20.39 1.38
N PHE G 282 -27.80 -20.24 2.70
CA PHE G 282 -27.24 -19.05 3.38
C PHE G 282 -26.26 -19.53 4.45
N ARG G 283 -25.07 -18.94 4.45
CA ARG G 283 -24.14 -18.98 5.61
C ARG G 283 -23.96 -17.54 6.09
N VAL G 284 -24.22 -17.28 7.35
CA VAL G 284 -24.11 -15.91 7.89
C VAL G 284 -23.14 -15.99 9.07
N THR G 285 -22.09 -15.17 9.04
CA THR G 285 -21.13 -15.03 10.14
C THR G 285 -21.63 -13.89 11.04
N LEU G 286 -21.76 -14.15 12.34
CA LEU G 286 -22.25 -13.16 13.31
C LEU G 286 -21.22 -12.95 14.43
N ARG G 287 -21.26 -11.78 15.03
CA ARG G 287 -20.47 -11.49 16.26
C ARG G 287 -21.42 -10.80 17.23
N LYS G 288 -21.08 -10.82 18.52
CA LYS G 288 -21.80 -10.04 19.53
C LYS G 288 -21.28 -8.60 19.50
N ARG G 289 -22.17 -7.63 19.59
CA ARG G 289 -21.82 -6.19 19.61
C ARG G 289 -22.55 -5.52 20.75
N VAL G 290 -21.87 -4.59 21.45
CA VAL G 290 -22.52 -3.69 22.44
C VAL G 290 -23.23 -2.55 21.69
N VAL G 291 -24.43 -2.19 22.12
CA VAL G 291 -25.30 -1.17 21.45
C VAL G 291 -25.86 -0.22 22.52
N SER H 35 8.38 -27.31 0.87
CA SER H 35 8.37 -28.70 0.29
C SER H 35 7.13 -28.85 -0.59
N ILE H 36 7.27 -28.42 -1.84
CA ILE H 36 6.17 -28.19 -2.81
C ILE H 36 6.26 -29.25 -3.89
N THR H 37 5.13 -29.90 -4.18
CA THR H 37 4.96 -30.86 -5.29
C THR H 37 3.81 -30.34 -6.15
N GLU H 38 3.97 -30.41 -7.48
CA GLU H 38 2.87 -30.15 -8.44
C GLU H 38 2.41 -31.50 -8.98
N ILE H 39 1.10 -31.70 -9.06
CA ILE H 39 0.53 -32.87 -9.79
C ILE H 39 -0.26 -32.36 -11.01
N GLU H 40 -0.23 -33.12 -12.09
CA GLU H 40 -1.04 -32.86 -13.30
C GLU H 40 -1.92 -34.07 -13.52
N ALA H 41 -3.20 -33.86 -13.82
CA ALA H 41 -4.13 -34.99 -14.10
C ALA H 41 -5.16 -34.57 -15.13
N TYR H 42 -5.79 -35.53 -15.78
CA TYR H 42 -6.97 -35.27 -16.63
C TYR H 42 -8.16 -36.10 -16.12
N LEU H 43 -9.36 -35.59 -16.30
CA LEU H 43 -10.60 -36.39 -16.18
C LEU H 43 -11.28 -36.36 -17.55
N ASN H 44 -11.45 -37.53 -18.15
CA ASN H 44 -12.26 -37.68 -19.38
C ASN H 44 -13.74 -37.57 -19.00
N PRO H 45 -14.57 -37.03 -19.92
CA PRO H 45 -16.00 -36.87 -19.66
C PRO H 45 -16.70 -38.22 -19.64
N ARG H 46 -17.83 -38.29 -18.93
CA ARG H 46 -18.67 -39.50 -18.85
C ARG H 46 -20.08 -39.13 -19.33
N MET H 47 -20.21 -38.88 -20.63
CA MET H 47 -21.46 -38.36 -21.21
C MET H 47 -22.46 -39.52 -21.43
N GLY H 48 -22.00 -40.78 -21.43
CA GLY H 48 -22.90 -41.95 -21.43
C GLY H 48 -22.44 -43.10 -22.31
N GLN H 49 -21.96 -42.84 -23.53
CA GLN H 49 -21.46 -43.91 -24.45
C GLN H 49 -20.15 -44.45 -23.88
N PRO H 50 -19.90 -45.77 -24.05
CA PRO H 50 -18.78 -46.44 -23.41
C PRO H 50 -17.42 -46.03 -23.96
N GLN H 51 -16.40 -46.11 -23.12
CA GLN H 51 -15.00 -45.80 -23.50
C GLN H 51 -14.56 -46.70 -24.65
N ASN H 52 -13.67 -46.16 -25.49
CA ASN H 52 -12.88 -46.85 -26.53
C ASN H 52 -13.82 -47.51 -27.53
N GLU H 53 -14.99 -46.90 -27.72
CA GLU H 53 -15.98 -47.24 -28.77
C GLU H 53 -16.31 -45.94 -29.50
N ASP H 54 -17.00 -46.04 -30.64
CA ASP H 54 -16.98 -45.00 -31.69
C ASP H 54 -17.61 -43.70 -31.20
N PHE H 55 -18.39 -43.73 -30.12
CA PHE H 55 -19.13 -42.52 -29.66
C PHE H 55 -18.63 -42.06 -28.29
N TYR H 56 -17.42 -42.47 -27.92
CA TYR H 56 -16.74 -42.02 -26.68
C TYR H 56 -16.68 -40.48 -26.69
N GLY H 57 -17.24 -39.86 -25.66
CA GLY H 57 -17.32 -38.38 -25.55
C GLY H 57 -18.74 -37.88 -25.76
N PHE H 58 -19.62 -38.76 -26.25
CA PHE H 58 -21.05 -38.48 -26.51
C PHE H 58 -21.93 -39.28 -25.56
N SER H 59 -23.16 -38.82 -25.34
CA SER H 59 -24.27 -39.67 -24.86
C SER H 59 -24.85 -40.45 -26.04
N ASP H 60 -25.66 -41.45 -25.70
CA ASP H 60 -26.61 -42.05 -26.66
C ASP H 60 -27.69 -41.00 -26.92
N ASN H 61 -28.47 -41.19 -27.97
CA ASN H 61 -29.49 -40.17 -28.37
C ASN H 61 -30.55 -40.06 -27.27
N VAL H 62 -30.91 -38.83 -26.95
CA VAL H 62 -31.79 -38.51 -25.80
C VAL H 62 -33.24 -38.83 -26.17
N THR H 63 -33.91 -39.66 -25.36
CA THR H 63 -35.36 -39.93 -25.44
C THR H 63 -36.05 -39.05 -24.41
N VAL H 64 -37.31 -38.72 -24.66
CA VAL H 64 -38.09 -37.81 -23.81
C VAL H 64 -39.37 -38.53 -23.42
N SER H 65 -39.68 -38.55 -22.14
CA SER H 65 -40.89 -39.22 -21.62
C SER H 65 -42.14 -38.41 -21.99
N ASP H 66 -43.30 -39.07 -22.02
CA ASP H 66 -44.62 -38.44 -22.26
C ASP H 66 -45.08 -37.69 -21.01
N ASP H 67 -44.67 -38.12 -19.81
CA ASP H 67 -45.13 -37.50 -18.53
C ASP H 67 -44.12 -37.79 -17.41
N PHE H 68 -44.25 -37.12 -16.27
CA PHE H 68 -43.35 -37.31 -15.09
C PHE H 68 -43.47 -38.75 -14.55
N GLY H 69 -44.70 -39.29 -14.49
CA GLY H 69 -44.97 -40.60 -13.87
C GLY H 69 -44.22 -41.75 -14.51
N SER H 70 -44.14 -41.77 -15.84
CA SER H 70 -43.56 -42.89 -16.64
C SER H 70 -42.08 -42.61 -16.99
N ASP H 71 -41.53 -41.52 -16.50
CA ASP H 71 -40.19 -41.01 -16.91
C ASP H 71 -39.12 -42.02 -16.48
N ALA H 72 -38.28 -42.46 -17.42
CA ALA H 72 -37.22 -43.46 -17.17
C ALA H 72 -36.06 -43.20 -18.11
N PRO H 73 -35.11 -42.31 -17.76
CA PRO H 73 -34.00 -42.00 -18.67
C PRO H 73 -33.12 -43.23 -18.81
N PRO H 74 -32.99 -43.82 -20.01
CA PRO H 74 -32.19 -45.03 -20.14
C PRO H 74 -30.71 -44.77 -19.91
N TRP H 75 -30.01 -45.78 -19.42
CA TRP H 75 -28.54 -45.73 -19.29
C TRP H 75 -27.92 -45.40 -20.64
N LYS H 76 -26.98 -44.46 -20.61
CA LYS H 76 -26.12 -43.93 -21.70
C LYS H 76 -26.70 -42.63 -22.28
N GLN H 77 -27.92 -42.25 -21.90
CA GLN H 77 -28.59 -41.05 -22.49
C GLN H 77 -28.40 -39.82 -21.62
N PHE H 78 -27.65 -39.90 -20.53
CA PHE H 78 -27.41 -38.72 -19.68
C PHE H 78 -26.00 -38.74 -19.12
N PRO H 79 -25.41 -37.55 -18.88
CA PRO H 79 -24.07 -37.49 -18.30
C PRO H 79 -24.00 -37.74 -16.80
N CYS H 80 -22.86 -38.27 -16.36
CA CYS H 80 -22.48 -38.48 -14.95
C CYS H 80 -21.21 -37.68 -14.63
N TYR H 81 -20.98 -37.43 -13.35
CA TYR H 81 -19.73 -36.78 -12.90
C TYR H 81 -18.52 -37.68 -13.18
N SER H 82 -17.41 -37.01 -13.49
CA SER H 82 -16.06 -37.63 -13.52
C SER H 82 -15.40 -37.40 -12.16
N THR H 83 -14.65 -38.37 -11.68
CA THR H 83 -13.88 -38.19 -10.43
C THR H 83 -12.66 -39.10 -10.42
N ALA H 84 -11.63 -38.67 -9.70
CA ALA H 84 -10.43 -39.50 -9.48
C ALA H 84 -9.79 -39.11 -8.16
N ARG H 85 -9.18 -40.09 -7.50
CA ARG H 85 -8.27 -39.87 -6.35
C ARG H 85 -6.85 -39.96 -6.88
N ILE H 86 -6.07 -38.90 -6.69
CA ILE H 86 -4.62 -38.89 -7.04
C ILE H 86 -3.85 -39.27 -5.77
N SER H 87 -2.99 -40.29 -5.87
CA SER H 87 -2.12 -40.79 -4.78
C SER H 87 -0.94 -39.85 -4.62
N LEU H 88 -0.81 -39.20 -3.47
CA LEU H 88 0.31 -38.28 -3.19
C LEU H 88 1.37 -39.07 -2.45
N PRO H 89 2.63 -38.58 -2.43
CA PRO H 89 3.69 -39.28 -1.70
C PRO H 89 3.26 -39.51 -0.24
N MET H 90 3.47 -40.73 0.25
CA MET H 90 3.21 -41.14 1.66
C MET H 90 3.99 -40.21 2.60
N LEU H 91 3.34 -39.65 3.61
CA LEU H 91 3.98 -38.78 4.62
C LEU H 91 3.99 -39.49 5.98
N ASN H 92 5.19 -39.64 6.55
CA ASN H 92 5.45 -40.29 7.87
C ASN H 92 4.70 -39.52 8.98
N GLN H 93 4.05 -40.25 9.89
CA GLN H 93 3.35 -39.66 11.06
C GLN H 93 4.08 -40.03 12.35
N ASP H 94 3.63 -39.44 13.47
CA ASP H 94 4.14 -39.69 14.86
C ASP H 94 2.96 -39.72 15.83
N SER H 97 2.72 -37.45 18.81
CA SER H 97 2.69 -35.98 18.57
C SER H 97 1.24 -35.47 18.58
N ASP H 98 1.06 -34.20 18.94
CA ASP H 98 -0.25 -33.49 18.86
C ASP H 98 -0.45 -32.97 17.42
N THR H 99 0.41 -33.38 16.48
CA THR H 99 0.43 -32.91 15.06
C THR H 99 0.18 -34.07 14.11
N ILE H 100 -0.36 -33.78 12.92
CA ILE H 100 -0.35 -34.71 11.76
C ILE H 100 0.26 -33.96 10.57
N LEU H 101 1.02 -34.65 9.74
CA LEU H 101 1.64 -34.06 8.53
C LEU H 101 0.74 -34.37 7.34
N MET H 102 0.29 -33.34 6.62
CA MET H 102 -0.64 -33.51 5.47
C MET H 102 -0.21 -32.66 4.29
N TRP H 103 -0.51 -33.15 3.09
CA TRP H 103 -0.41 -32.32 1.86
C TRP H 103 -1.55 -31.30 1.85
N GLU H 104 -1.22 -30.04 1.60
CA GLU H 104 -2.17 -28.90 1.53
C GLU H 104 -2.20 -28.40 0.09
N ALA H 105 -3.36 -28.42 -0.58
CA ALA H 105 -3.51 -27.86 -1.95
C ALA H 105 -3.61 -26.35 -1.81
N ILE H 106 -2.63 -25.59 -2.30
CA ILE H 106 -2.60 -24.11 -2.11
C ILE H 106 -3.11 -23.40 -3.36
N SER H 107 -3.01 -24.04 -4.52
CA SER H 107 -3.47 -23.42 -5.79
C SER H 107 -3.64 -24.48 -6.86
N CYS H 108 -4.30 -24.07 -7.94
CA CYS H 108 -4.54 -24.94 -9.10
C CYS H 108 -4.59 -24.09 -10.37
N ARG H 109 -4.37 -24.77 -11.47
CA ARG H 109 -4.81 -24.32 -12.81
C ARG H 109 -5.75 -25.41 -13.32
N THR H 110 -6.80 -25.03 -14.04
CA THR H 110 -7.65 -26.04 -14.71
C THR H 110 -8.00 -25.49 -16.07
N GLU H 111 -8.14 -26.40 -17.03
CA GLU H 111 -8.46 -26.03 -18.43
C GLU H 111 -9.41 -27.07 -18.99
N VAL H 112 -10.41 -26.65 -19.76
CA VAL H 112 -11.19 -27.59 -20.59
C VAL H 112 -10.36 -27.86 -21.84
N MET H 113 -10.02 -29.12 -22.11
CA MET H 113 -9.17 -29.49 -23.27
C MET H 113 -10.06 -29.81 -24.48
N GLY H 114 -9.50 -29.69 -25.69
CA GLY H 114 -10.19 -30.08 -26.91
C GLY H 114 -11.21 -29.06 -27.41
N VAL H 115 -11.21 -27.82 -26.89
CA VAL H 115 -12.15 -26.77 -27.34
C VAL H 115 -12.02 -26.63 -28.87
N ASN H 116 -10.80 -26.84 -29.36
CA ASN H 116 -10.47 -26.80 -30.81
C ASN H 116 -11.45 -27.66 -31.62
N MET H 117 -11.90 -28.80 -31.10
CA MET H 117 -12.70 -29.74 -31.93
C MET H 117 -14.05 -29.11 -32.31
N LEU H 118 -14.48 -28.07 -31.59
CA LEU H 118 -15.83 -27.49 -31.79
C LEU H 118 -15.83 -26.62 -33.05
N THR H 119 -14.70 -26.42 -33.73
CA THR H 119 -14.61 -25.73 -35.04
C THR H 119 -15.06 -26.68 -36.17
N ASN H 120 -15.32 -27.94 -35.85
CA ASN H 120 -15.84 -28.96 -36.79
C ASN H 120 -17.33 -28.71 -37.07
N VAL H 121 -17.68 -28.36 -38.31
CA VAL H 121 -19.09 -28.22 -38.77
C VAL H 121 -19.30 -29.07 -40.03
N HIS H 122 -18.58 -30.18 -40.17
CA HIS H 122 -18.68 -31.10 -41.34
C HIS H 122 -19.10 -32.52 -40.92
N SER H 123 -18.99 -32.92 -39.64
CA SER H 123 -19.17 -34.34 -39.23
C SER H 123 -20.66 -34.67 -38.98
N ALA H 124 -21.38 -35.06 -40.03
CA ALA H 124 -22.74 -35.65 -39.98
C ALA H 124 -23.68 -34.83 -39.10
N GLN H 125 -23.65 -33.50 -39.23
CA GLN H 125 -24.49 -32.57 -38.43
C GLN H 125 -25.67 -32.06 -39.27
N LYS H 126 -26.84 -31.94 -38.64
CA LYS H 126 -27.96 -31.15 -39.19
C LYS H 126 -27.41 -29.82 -39.72
N ARG H 127 -27.75 -29.48 -40.97
CA ARG H 127 -27.18 -28.30 -41.68
C ARG H 127 -28.01 -27.05 -41.38
N VAL H 128 -27.38 -25.90 -41.50
CA VAL H 128 -28.02 -24.57 -41.29
C VAL H 128 -29.26 -24.50 -42.20
N TYR H 129 -29.13 -24.91 -43.45
CA TYR H 129 -30.20 -24.82 -44.48
C TYR H 129 -30.62 -26.23 -44.92
N GLU H 130 -31.17 -27.01 -44.01
CA GLU H 130 -31.34 -28.48 -44.21
C GLU H 130 -32.31 -28.73 -45.37
N ASN H 131 -33.27 -27.82 -45.59
CA ASN H 131 -34.30 -27.98 -46.66
C ASN H 131 -33.60 -27.93 -48.03
N ASP H 132 -32.50 -27.19 -48.13
CA ASP H 132 -31.72 -26.96 -49.38
C ASP H 132 -30.49 -27.88 -49.40
N ARG H 133 -30.33 -28.75 -48.40
CA ARG H 133 -29.10 -29.57 -48.20
C ARG H 133 -27.87 -28.67 -48.32
N GLU H 134 -27.90 -27.50 -47.69
CA GLU H 134 -26.81 -26.51 -47.85
C GLU H 134 -26.39 -25.96 -46.49
N GLY H 135 -25.24 -25.30 -46.50
CA GLY H 135 -24.64 -24.63 -45.34
C GLY H 135 -23.76 -25.56 -44.55
N THR H 136 -23.10 -25.02 -43.52
CA THR H 136 -22.31 -25.83 -42.57
C THR H 136 -23.27 -26.70 -41.75
N GLY H 137 -22.72 -27.66 -41.01
CA GLY H 137 -23.42 -28.24 -39.88
C GLY H 137 -23.70 -27.15 -38.85
N ILE H 138 -24.71 -27.33 -38.01
CA ILE H 138 -25.00 -26.34 -36.94
C ILE H 138 -23.94 -26.44 -35.84
N GLY H 139 -23.14 -27.52 -35.85
CA GLY H 139 -22.11 -27.76 -34.82
C GLY H 139 -22.72 -28.07 -33.47
N VAL H 140 -21.92 -28.04 -32.42
CA VAL H 140 -22.40 -28.32 -31.04
C VAL H 140 -23.06 -27.05 -30.53
N GLU H 141 -24.29 -27.16 -30.05
CA GLU H 141 -24.95 -26.00 -29.42
C GLU H 141 -25.90 -26.49 -28.33
N GLY H 142 -26.30 -25.55 -27.49
CA GLY H 142 -27.21 -25.82 -26.38
C GLY H 142 -26.50 -25.68 -25.06
N MET H 143 -26.91 -26.50 -24.11
CA MET H 143 -26.60 -26.27 -22.68
C MET H 143 -25.10 -26.46 -22.43
N GLY H 144 -24.55 -25.58 -21.62
CA GLY H 144 -23.20 -25.71 -21.07
C GLY H 144 -23.33 -26.00 -19.60
N TYR H 145 -22.66 -27.03 -19.10
CA TYR H 145 -22.57 -27.26 -17.64
C TYR H 145 -21.11 -27.59 -17.37
N HIS H 146 -20.44 -26.70 -16.66
CA HIS H 146 -18.99 -26.77 -16.38
C HIS H 146 -18.81 -26.60 -14.88
N MET H 147 -18.34 -27.66 -14.23
CA MET H 147 -18.03 -27.60 -12.80
C MET H 147 -16.78 -28.42 -12.53
N PHE H 148 -15.98 -27.94 -11.59
CA PHE H 148 -14.83 -28.72 -11.09
C PHE H 148 -14.77 -28.55 -9.58
N ALA H 149 -14.17 -29.54 -8.92
CA ALA H 149 -13.94 -29.49 -7.46
C ALA H 149 -12.56 -30.07 -7.20
N ILE H 150 -11.87 -29.48 -6.24
CA ILE H 150 -10.55 -29.99 -5.77
C ILE H 150 -10.62 -30.03 -4.24
N GLY H 151 -10.35 -31.19 -3.64
CA GLY H 151 -10.53 -31.36 -2.20
C GLY H 151 -9.60 -32.40 -1.61
N GLY H 152 -9.58 -32.47 -0.29
CA GLY H 152 -8.75 -33.43 0.47
C GLY H 152 -9.54 -34.69 0.81
N GLU H 153 -10.73 -34.81 0.25
CA GLU H 153 -11.67 -35.93 0.46
C GLU H 153 -12.73 -35.87 -0.64
N PRO H 154 -13.51 -36.95 -0.84
CA PRO H 154 -14.55 -36.95 -1.88
C PRO H 154 -15.49 -35.75 -1.76
N LEU H 155 -15.94 -35.26 -2.91
CA LEU H 155 -16.93 -34.17 -2.98
C LEU H 155 -18.23 -34.63 -2.32
N GLU H 156 -18.75 -33.82 -1.42
CA GLU H 156 -20.02 -34.09 -0.73
C GLU H 156 -21.18 -33.56 -1.60
N LEU H 157 -22.21 -34.38 -1.77
CA LEU H 157 -23.31 -34.11 -2.74
C LEU H 157 -24.64 -33.91 -2.01
N GLN H 158 -25.47 -33.08 -2.62
CA GLN H 158 -26.91 -32.95 -2.32
C GLN H 158 -27.66 -33.61 -3.47
N PHE H 159 -28.53 -34.56 -3.17
CA PHE H 159 -29.45 -35.15 -4.16
C PHE H 159 -30.55 -34.14 -4.46
N MET H 160 -30.78 -33.84 -5.73
CA MET H 160 -31.88 -32.95 -6.16
C MET H 160 -32.15 -33.18 -7.65
N VAL H 161 -33.42 -33.34 -7.99
CA VAL H 161 -33.85 -33.80 -9.34
C VAL H 161 -35.00 -32.92 -9.79
N PHE H 162 -35.17 -32.84 -11.10
CA PHE H 162 -36.22 -32.02 -11.74
C PHE H 162 -37.58 -32.65 -11.45
N ASN H 163 -37.62 -33.98 -11.57
CA ASN H 163 -38.81 -34.85 -11.47
C ASN H 163 -38.48 -36.05 -10.59
N HIS H 164 -39.04 -36.08 -9.39
CA HIS H 164 -38.75 -37.13 -8.37
C HIS H 164 -39.23 -38.51 -8.85
N ARG H 165 -40.21 -38.56 -9.75
CA ARG H 165 -40.80 -39.84 -10.20
C ARG H 165 -39.97 -40.46 -11.32
N ALA H 166 -38.91 -39.79 -11.79
CA ALA H 166 -37.95 -40.39 -12.74
C ALA H 166 -37.40 -41.67 -12.12
N THR H 167 -37.45 -42.77 -12.87
CA THR H 167 -36.78 -44.03 -12.50
C THR H 167 -35.43 -44.08 -13.21
N TYR H 168 -34.36 -43.84 -12.49
CA TYR H 168 -32.98 -43.88 -13.02
C TYR H 168 -32.62 -45.34 -13.22
N PRO H 169 -31.73 -45.62 -14.18
CA PRO H 169 -31.30 -46.99 -14.45
C PRO H 169 -30.41 -47.52 -13.32
N ALA H 170 -30.36 -48.85 -13.20
CA ALA H 170 -29.68 -49.54 -12.06
C ALA H 170 -28.17 -49.30 -12.11
N GLU H 171 -27.60 -48.97 -13.28
CA GLU H 171 -26.16 -48.63 -13.42
C GLU H 171 -25.84 -47.34 -12.66
N ALA H 172 -26.80 -46.44 -12.50
CA ALA H 172 -26.60 -45.11 -11.88
C ALA H 172 -26.71 -45.20 -10.35
N THR H 173 -25.88 -44.45 -9.65
CA THR H 173 -26.04 -44.24 -8.18
C THR H 173 -26.98 -43.06 -7.92
N VAL H 174 -28.15 -43.33 -7.34
CA VAL H 174 -29.18 -42.32 -6.98
C VAL H 174 -29.80 -42.71 -5.64
N ILE H 175 -30.62 -41.82 -5.10
CA ILE H 175 -31.57 -42.17 -4.02
C ILE H 175 -32.86 -42.65 -4.71
N LYS H 176 -33.13 -43.95 -4.62
CA LYS H 176 -34.36 -44.57 -5.19
C LYS H 176 -35.58 -44.08 -4.40
N ASN H 177 -36.71 -43.92 -5.09
CA ASN H 177 -38.01 -43.46 -4.52
C ASN H 177 -37.77 -42.30 -3.58
N PRO H 178 -37.10 -41.22 -4.05
CA PRO H 178 -36.64 -40.17 -3.15
C PRO H 178 -37.76 -39.25 -2.64
N GLY H 179 -38.93 -39.26 -3.29
CA GLY H 179 -40.10 -38.47 -2.88
C GLY H 179 -40.07 -37.05 -3.40
N ALA H 180 -41.21 -36.37 -3.28
CA ALA H 180 -41.46 -35.01 -3.81
C ALA H 180 -40.48 -33.97 -3.25
N SER H 181 -40.02 -34.13 -2.01
CA SER H 181 -39.08 -33.20 -1.33
C SER H 181 -37.75 -33.13 -2.10
N SER H 182 -37.42 -34.16 -2.90
CA SER H 182 -36.15 -34.22 -3.67
C SER H 182 -36.19 -33.28 -4.88
N GLN H 183 -37.32 -32.62 -5.16
CA GLN H 183 -37.43 -31.62 -6.27
C GLN H 183 -36.88 -30.29 -5.80
N VAL H 184 -36.71 -30.15 -4.49
CA VAL H 184 -36.06 -28.98 -3.84
C VAL H 184 -35.09 -29.52 -2.79
N PHE H 185 -34.71 -28.73 -1.79
CA PHE H 185 -33.68 -29.14 -0.81
C PHE H 185 -34.33 -29.95 0.32
N ASP H 186 -33.78 -31.12 0.57
CA ASP H 186 -34.17 -32.00 1.71
C ASP H 186 -32.87 -32.43 2.39
N PRO H 187 -32.64 -32.03 3.67
CA PRO H 187 -31.38 -32.33 4.35
C PRO H 187 -31.15 -33.84 4.55
N ASN H 188 -32.14 -34.69 4.30
CA ASN H 188 -31.97 -36.16 4.45
C ASN H 188 -31.28 -36.74 3.23
N LEU H 189 -31.31 -36.03 2.09
CA LEU H 189 -30.94 -36.62 0.79
C LEU H 189 -29.51 -36.24 0.41
N LYS H 190 -28.57 -36.92 1.05
CA LYS H 190 -27.11 -36.62 0.94
C LYS H 190 -26.41 -37.76 0.21
N GLY H 191 -25.22 -37.45 -0.31
CA GLY H 191 -24.34 -38.44 -0.93
C GLY H 191 -22.92 -37.93 -0.96
N THR H 192 -22.02 -38.77 -1.44
CA THR H 192 -20.59 -38.49 -1.59
C THR H 192 -20.17 -39.00 -2.96
N LEU H 193 -19.36 -38.23 -3.70
CA LEU H 193 -18.96 -38.63 -5.06
C LEU H 193 -17.82 -39.63 -4.98
N THR H 194 -18.16 -40.92 -4.88
CA THR H 194 -17.22 -42.00 -4.50
C THR H 194 -16.93 -42.90 -5.70
N ALA H 195 -17.49 -42.63 -6.88
CA ALA H 195 -17.19 -43.42 -8.10
C ALA H 195 -17.34 -42.55 -9.35
N ASP H 196 -16.51 -42.81 -10.34
CA ASP H 196 -16.50 -42.14 -11.66
C ASP H 196 -17.61 -42.71 -12.56
N GLY H 197 -18.27 -41.85 -13.35
CA GLY H 197 -19.15 -42.28 -14.46
C GLY H 197 -20.48 -42.87 -14.03
N VAL H 198 -20.95 -42.72 -12.78
CA VAL H 198 -22.23 -43.37 -12.31
C VAL H 198 -23.16 -42.42 -11.55
N PHE H 199 -22.70 -41.26 -11.08
CA PHE H 199 -23.57 -40.28 -10.40
C PHE H 199 -24.14 -39.36 -11.46
N PRO H 200 -25.46 -39.39 -11.76
CA PRO H 200 -26.02 -38.52 -12.79
C PRO H 200 -25.86 -37.04 -12.42
N VAL H 201 -25.37 -36.26 -13.38
CA VAL H 201 -25.25 -34.78 -13.17
C VAL H 201 -26.62 -34.24 -12.80
N GLU H 202 -27.68 -34.70 -13.46
CA GLU H 202 -29.04 -34.13 -13.26
C GLU H 202 -29.65 -34.55 -11.91
N ALA H 203 -28.99 -35.41 -11.13
CA ALA H 203 -29.51 -35.87 -9.81
C ALA H 203 -28.66 -35.43 -8.61
N TRP H 204 -27.43 -34.98 -8.83
CA TRP H 204 -26.53 -34.62 -7.70
C TRP H 204 -25.85 -33.30 -8.01
N GLY H 205 -25.71 -32.47 -6.99
CA GLY H 205 -24.88 -31.27 -7.03
C GLY H 205 -24.05 -31.15 -5.76
N PRO H 206 -23.06 -30.23 -5.76
CA PRO H 206 -22.27 -29.97 -4.55
C PRO H 206 -23.15 -29.49 -3.39
N ASP H 207 -22.87 -30.02 -2.20
CA ASP H 207 -23.61 -29.73 -0.95
C ASP H 207 -22.92 -28.59 -0.21
N PRO H 208 -23.51 -27.38 -0.20
CA PRO H 208 -22.84 -26.25 0.43
C PRO H 208 -22.83 -26.34 1.97
N PHE H 209 -23.62 -27.24 2.55
CA PHE H 209 -23.66 -27.48 4.02
C PHE H 209 -22.40 -28.25 4.46
N LYS H 210 -21.68 -28.85 3.52
CA LYS H 210 -20.45 -29.62 3.82
C LYS H 210 -19.32 -29.06 2.95
N ASN H 211 -18.40 -29.90 2.52
CA ASN H 211 -17.31 -29.50 1.59
C ASN H 211 -16.46 -28.40 2.23
N GLU H 212 -16.20 -28.47 3.53
CA GLU H 212 -15.29 -27.54 4.24
C GLU H 212 -13.85 -27.76 3.75
N ASN H 213 -13.56 -28.91 3.17
CA ASN H 213 -12.19 -29.35 2.81
C ASN H 213 -12.09 -29.53 1.30
N THR H 214 -13.01 -28.90 0.56
CA THR H 214 -13.09 -28.94 -0.93
C THR H 214 -13.44 -27.54 -1.39
N ARG H 215 -12.88 -27.11 -2.51
CA ARG H 215 -13.32 -25.90 -3.25
C ARG H 215 -14.02 -26.37 -4.51
N TYR H 216 -15.24 -25.90 -4.76
CA TYR H 216 -15.96 -26.24 -6.01
C TYR H 216 -16.42 -24.96 -6.69
N PHE H 217 -16.56 -25.05 -8.01
CA PHE H 217 -16.88 -23.92 -8.90
C PHE H 217 -17.74 -24.46 -10.04
N GLY H 218 -18.84 -23.79 -10.38
CA GLY H 218 -19.71 -24.29 -11.45
C GLY H 218 -20.40 -23.17 -12.19
N GLN H 219 -20.73 -23.43 -13.45
CA GLN H 219 -21.54 -22.51 -14.26
C GLN H 219 -22.44 -23.33 -15.18
N TYR H 220 -23.71 -22.97 -15.22
CA TYR H 220 -24.73 -23.56 -16.10
C TYR H 220 -25.23 -22.45 -17.04
N THR H 221 -25.21 -22.73 -18.33
CA THR H 221 -25.90 -21.92 -19.36
C THR H 221 -26.89 -22.84 -20.07
N GLY H 222 -28.18 -22.54 -20.00
CA GLY H 222 -29.20 -23.44 -20.56
C GLY H 222 -29.48 -23.17 -22.02
N GLY H 223 -30.56 -23.78 -22.51
CA GLY H 223 -31.00 -23.69 -23.91
C GLY H 223 -30.58 -24.94 -24.69
N THR H 224 -31.14 -25.08 -25.89
CA THR H 224 -30.81 -26.18 -26.82
C THR H 224 -30.14 -25.61 -28.08
N GLN H 225 -30.25 -24.32 -28.34
CA GLN H 225 -29.56 -23.65 -29.50
C GLN H 225 -28.60 -22.54 -29.03
N THR H 226 -28.28 -22.49 -27.74
CA THR H 226 -27.32 -21.51 -27.16
C THR H 226 -25.93 -21.77 -27.73
N PRO H 227 -25.18 -20.75 -28.19
CA PRO H 227 -23.80 -20.99 -28.61
C PRO H 227 -22.92 -21.32 -27.40
N PRO H 228 -22.11 -22.38 -27.45
CA PRO H 228 -21.14 -22.62 -26.38
C PRO H 228 -20.11 -21.49 -26.33
N VAL H 229 -19.70 -21.12 -25.12
CA VAL H 229 -18.63 -20.11 -24.87
C VAL H 229 -17.60 -20.76 -23.94
N LEU H 230 -16.37 -20.90 -24.42
CA LEU H 230 -15.30 -21.58 -23.67
C LEU H 230 -14.00 -20.80 -23.86
N THR H 231 -13.25 -20.61 -22.79
CA THR H 231 -11.91 -19.98 -22.85
C THR H 231 -10.89 -21.02 -22.39
N PHE H 232 -9.63 -20.84 -22.79
CA PHE H 232 -8.52 -21.75 -22.40
C PHE H 232 -7.24 -20.91 -22.40
N THR H 233 -6.41 -21.12 -21.37
CA THR H 233 -5.08 -20.48 -21.21
C THR H 233 -4.29 -21.31 -20.20
N ASN H 234 -2.96 -21.27 -20.28
CA ASN H 234 -2.07 -21.90 -19.28
C ASN H 234 -1.56 -20.83 -18.31
N THR H 235 -2.19 -19.66 -18.21
CA THR H 235 -1.66 -18.52 -17.41
C THR H 235 -2.53 -18.19 -16.18
N GLN H 236 -3.63 -18.91 -15.96
CA GLN H 236 -4.63 -18.56 -14.92
C GLN H 236 -4.45 -19.50 -13.72
N THR H 237 -4.13 -18.95 -12.56
CA THR H 237 -4.01 -19.73 -11.30
C THR H 237 -5.16 -19.34 -10.38
N THR H 238 -5.83 -20.33 -9.78
CA THR H 238 -6.85 -20.12 -8.74
C THR H 238 -6.24 -20.50 -7.39
N ILE H 239 -6.19 -19.55 -6.44
CA ILE H 239 -5.70 -19.85 -5.07
C ILE H 239 -6.80 -20.64 -4.35
N LEU H 240 -6.43 -21.69 -3.60
CA LEU H 240 -7.41 -22.60 -2.93
C LEU H 240 -7.43 -22.38 -1.42
N LEU H 241 -6.63 -21.45 -0.90
CA LEU H 241 -6.68 -21.02 0.52
C LEU H 241 -8.07 -20.48 0.88
N ASP H 242 -8.62 -20.89 2.03
CA ASP H 242 -9.91 -20.39 2.58
C ASP H 242 -9.67 -19.05 3.28
N GLU H 243 -10.70 -18.49 3.91
CA GLU H 243 -10.64 -17.17 4.60
C GLU H 243 -9.62 -17.21 5.76
N ASN H 244 -9.23 -18.39 6.26
CA ASN H 244 -8.22 -18.56 7.34
C ASN H 244 -6.82 -18.83 6.76
N GLY H 245 -6.63 -18.77 5.44
CA GLY H 245 -5.33 -19.02 4.80
C GLY H 245 -4.98 -20.50 4.73
N VAL H 246 -5.97 -21.38 4.80
CA VAL H 246 -5.76 -22.86 4.78
C VAL H 246 -6.35 -23.44 3.49
N GLY H 247 -5.57 -24.26 2.78
CA GLY H 247 -6.05 -24.99 1.58
C GLY H 247 -6.66 -26.34 1.95
N PRO H 248 -7.30 -27.03 0.97
CA PRO H 248 -7.72 -28.42 1.17
C PRO H 248 -6.57 -29.26 1.71
N LEU H 249 -6.83 -30.06 2.76
CA LEU H 249 -5.83 -30.92 3.42
C LEU H 249 -6.13 -32.37 3.05
N CYS H 250 -5.17 -33.06 2.46
CA CYS H 250 -5.40 -34.36 1.77
C CYS H 250 -5.41 -35.51 2.78
N LYS H 251 -6.60 -35.96 3.15
CA LYS H 251 -6.79 -37.07 4.11
C LYS H 251 -6.21 -38.34 3.48
N GLY H 252 -5.34 -39.03 4.22
CA GLY H 252 -4.70 -40.27 3.75
C GLY H 252 -3.91 -40.07 2.49
N ASP H 253 -3.33 -38.88 2.30
CA ASP H 253 -2.41 -38.56 1.19
C ASP H 253 -3.15 -38.72 -0.15
N GLY H 254 -4.44 -38.39 -0.16
CA GLY H 254 -5.32 -38.47 -1.34
C GLY H 254 -5.84 -37.11 -1.75
N LEU H 255 -5.58 -36.72 -3.01
CA LEU H 255 -6.17 -35.51 -3.64
C LEU H 255 -7.37 -35.93 -4.50
N PHE H 256 -8.54 -35.33 -4.27
CA PHE H 256 -9.79 -35.68 -4.99
C PHE H 256 -10.10 -34.58 -6.02
N LEU H 257 -10.20 -34.98 -7.28
CA LEU H 257 -10.59 -34.15 -8.43
C LEU H 257 -11.94 -34.65 -8.96
N SER H 258 -12.84 -33.73 -9.25
CA SER H 258 -14.20 -34.05 -9.75
C SER H 258 -14.56 -33.00 -10.80
N CYS H 259 -15.33 -33.37 -11.79
CA CYS H 259 -15.83 -32.39 -12.77
C CYS H 259 -16.99 -32.92 -13.59
N ALA H 260 -17.62 -32.01 -14.30
CA ALA H 260 -18.53 -32.30 -15.42
C ALA H 260 -18.34 -31.17 -16.42
N ASP H 261 -18.25 -31.51 -17.70
CA ASP H 261 -18.02 -30.53 -18.78
C ASP H 261 -18.90 -30.89 -19.96
N ILE H 262 -20.19 -30.59 -19.81
CA ILE H 262 -21.19 -30.72 -20.90
C ILE H 262 -21.04 -29.48 -21.77
N VAL H 263 -20.66 -29.65 -23.04
CA VAL H 263 -20.40 -28.45 -23.89
CA VAL H 263 -20.38 -28.51 -23.95
C VAL H 263 -21.66 -28.11 -24.69
N GLY H 264 -22.52 -29.08 -24.96
CA GLY H 264 -23.79 -28.87 -25.69
C GLY H 264 -24.25 -30.15 -26.32
N PHE H 265 -25.06 -30.05 -27.36
CA PHE H 265 -25.66 -31.22 -28.04
C PHE H 265 -25.10 -31.34 -29.45
N PHE H 266 -24.95 -32.57 -29.90
CA PHE H 266 -24.72 -32.95 -31.31
C PHE H 266 -26.07 -33.33 -31.88
N THR H 267 -26.49 -32.66 -32.94
CA THR H 267 -27.75 -32.94 -33.67
C THR H 267 -27.40 -33.58 -35.01
N GLN H 268 -27.93 -34.78 -35.24
CA GLN H 268 -27.74 -35.56 -36.49
C GLN H 268 -28.71 -35.04 -37.56
N HIS H 269 -28.51 -35.42 -38.82
CA HIS H 269 -29.41 -35.05 -39.93
C HIS H 269 -30.86 -35.43 -39.59
N ASN H 270 -31.07 -36.54 -38.89
CA ASN H 270 -32.41 -37.09 -38.57
C ASN H 270 -32.96 -36.47 -37.27
N LYS H 271 -32.27 -35.46 -36.73
CA LYS H 271 -32.68 -34.61 -35.59
C LYS H 271 -32.47 -35.32 -34.24
N LYS H 272 -31.85 -36.49 -34.22
CA LYS H 272 -31.45 -37.13 -32.95
C LYS H 272 -30.35 -36.31 -32.28
N MET H 273 -30.45 -36.12 -30.97
CA MET H 273 -29.56 -35.20 -30.24
C MET H 273 -28.87 -35.97 -29.11
N SER H 274 -27.58 -35.74 -28.94
CA SER H 274 -26.74 -36.39 -27.92
C SER H 274 -25.90 -35.33 -27.18
N PHE H 275 -25.66 -35.53 -25.90
CA PHE H 275 -24.69 -34.70 -25.15
C PHE H 275 -23.29 -34.93 -25.76
N ARG H 276 -22.51 -33.85 -25.85
CA ARG H 276 -21.06 -33.91 -26.14
C ARG H 276 -20.34 -33.30 -24.94
N GLY H 277 -19.30 -33.97 -24.46
CA GLY H 277 -18.46 -33.52 -23.34
C GLY H 277 -17.00 -33.38 -23.75
N LEU H 278 -16.25 -32.64 -22.97
CA LEU H 278 -14.79 -32.50 -23.15
C LEU H 278 -14.07 -32.88 -21.87
N PRO H 279 -12.81 -33.31 -22.01
CA PRO H 279 -11.95 -33.60 -20.86
C PRO H 279 -11.42 -32.32 -20.20
N ARG H 280 -11.05 -32.45 -18.93
CA ARG H 280 -10.56 -31.34 -18.10
C ARG H 280 -9.16 -31.69 -17.59
N TYR H 281 -8.28 -30.72 -17.72
CA TYR H 281 -6.91 -30.74 -17.15
C TYR H 281 -6.93 -30.11 -15.77
N PHE H 282 -6.18 -30.70 -14.85
CA PHE H 282 -5.92 -30.13 -13.51
C PHE H 282 -4.40 -30.08 -13.28
N ARG H 283 -3.92 -28.94 -12.81
CA ARG H 283 -2.60 -28.82 -12.17
C ARG H 283 -2.85 -28.35 -10.74
N VAL H 284 -2.37 -29.09 -9.75
CA VAL H 284 -2.56 -28.66 -8.35
C VAL H 284 -1.18 -28.55 -7.71
N THR H 285 -0.94 -27.45 -7.03
CA THR H 285 0.32 -27.19 -6.28
C THR H 285 0.05 -27.47 -4.80
N LEU H 286 0.83 -28.34 -4.20
CA LEU H 286 0.66 -28.79 -2.80
C LEU H 286 1.95 -28.58 -2.03
N ARG H 287 1.82 -28.30 -0.74
CA ARG H 287 2.98 -28.22 0.19
C ARG H 287 2.69 -29.15 1.36
N LYS H 288 3.74 -29.65 1.99
CA LYS H 288 3.61 -30.43 3.24
C LYS H 288 3.32 -29.44 4.38
N ARG H 289 2.28 -29.71 5.17
CA ARG H 289 1.86 -28.80 6.27
C ARG H 289 1.71 -29.63 7.55
N VAL H 290 2.19 -29.09 8.67
CA VAL H 290 1.96 -29.67 10.02
C VAL H 290 0.59 -29.16 10.48
N VAL H 291 -0.28 -30.06 10.91
CA VAL H 291 -1.72 -29.80 11.22
C VAL H 291 -1.99 -30.20 12.68
N LYS H 292 -2.65 -29.31 13.45
CA LYS H 292 -3.27 -29.59 14.78
C LYS H 292 -3.28 -31.10 15.07
N SER I 35 18.69 -7.38 -23.44
CA SER I 35 18.79 -5.94 -23.67
C SER I 35 17.57 -5.47 -24.46
N ILE I 36 16.63 -4.81 -23.78
CA ILE I 36 15.27 -4.39 -24.24
C ILE I 36 15.20 -4.32 -25.77
N THR I 37 14.72 -5.37 -26.46
CA THR I 37 14.44 -5.35 -27.92
C THR I 37 12.96 -5.68 -28.18
N GLU I 38 12.37 -5.09 -29.22
CA GLU I 38 10.96 -5.31 -29.61
C GLU I 38 10.90 -5.95 -30.99
N ILE I 39 10.12 -7.02 -31.16
CA ILE I 39 9.78 -7.53 -32.52
C ILE I 39 8.29 -7.29 -32.77
N GLU I 40 7.96 -6.94 -34.00
CA GLU I 40 6.57 -6.89 -34.51
C GLU I 40 6.48 -7.89 -35.65
N ALA I 41 5.36 -8.59 -35.72
CA ALA I 41 5.11 -9.61 -36.75
C ALA I 41 3.61 -9.69 -37.01
N TYR I 42 3.25 -10.24 -38.16
CA TYR I 42 1.85 -10.58 -38.49
C TYR I 42 1.80 -12.04 -38.89
N LEU I 43 0.68 -12.70 -38.58
CA LEU I 43 0.34 -14.03 -39.10
C LEU I 43 -0.97 -13.90 -39.87
N ASN I 44 -0.94 -14.20 -41.17
CA ASN I 44 -2.16 -14.20 -42.00
C ASN I 44 -2.92 -15.48 -41.67
N PRO I 45 -4.26 -15.43 -41.78
CA PRO I 45 -5.10 -16.60 -41.52
C PRO I 45 -4.92 -17.69 -42.59
N ARG I 46 -5.17 -18.94 -42.20
CA ARG I 46 -5.10 -20.11 -43.09
C ARG I 46 -6.48 -20.81 -43.06
N MET I 47 -7.47 -20.14 -43.63
CA MET I 47 -8.87 -20.62 -43.62
C MET I 47 -9.10 -21.72 -44.67
N GLY I 48 -8.23 -21.84 -45.68
CA GLY I 48 -8.27 -22.99 -46.60
C GLY I 48 -8.00 -22.63 -48.05
N GLN I 49 -8.52 -21.51 -48.54
CA GLN I 49 -8.34 -21.15 -49.98
C GLN I 49 -6.91 -20.65 -50.14
N PRO I 50 -6.25 -20.91 -51.29
CA PRO I 50 -4.85 -20.52 -51.48
C PRO I 50 -4.54 -19.01 -51.44
N GLN I 51 -3.32 -18.69 -51.01
CA GLN I 51 -2.74 -17.34 -50.97
C GLN I 51 -2.77 -16.73 -52.37
N ASN I 52 -3.01 -15.43 -52.45
CA ASN I 52 -2.86 -14.61 -53.67
C ASN I 52 -3.75 -15.15 -54.80
N GLU I 53 -4.82 -15.87 -54.45
CA GLU I 53 -5.99 -16.16 -55.33
C GLU I 53 -7.21 -15.44 -54.73
N ASP I 54 -8.33 -15.42 -55.46
CA ASP I 54 -9.43 -14.44 -55.24
C ASP I 54 -10.15 -14.67 -53.89
N PHE I 55 -9.99 -15.83 -53.25
CA PHE I 55 -10.73 -16.17 -52.01
C PHE I 55 -9.77 -16.32 -50.82
N TYR I 56 -8.62 -15.67 -50.87
CA TYR I 56 -7.63 -15.62 -49.79
C TYR I 56 -8.29 -14.97 -48.57
N GLY I 57 -8.23 -15.65 -47.42
CA GLY I 57 -8.93 -15.21 -46.21
C GLY I 57 -10.17 -16.06 -45.94
N PHE I 58 -10.65 -16.80 -46.93
CA PHE I 58 -11.88 -17.64 -46.83
C PHE I 58 -11.49 -19.11 -46.89
N SER I 59 -12.35 -19.98 -46.41
CA SER I 59 -12.37 -21.41 -46.80
C SER I 59 -13.14 -21.56 -48.11
N ASP I 60 -12.98 -22.72 -48.74
CA ASP I 60 -13.90 -23.25 -49.76
C ASP I 60 -15.24 -23.54 -49.06
N ASN I 61 -16.31 -23.68 -49.82
CA ASN I 61 -17.66 -23.88 -49.22
C ASN I 61 -17.68 -25.22 -48.50
N VAL I 62 -18.26 -25.24 -47.30
CA VAL I 62 -18.21 -26.42 -46.38
C VAL I 62 -19.20 -27.46 -46.87
N THR I 63 -18.72 -28.70 -47.04
CA THR I 63 -19.56 -29.89 -47.31
C THR I 63 -19.70 -30.65 -46.00
N VAL I 64 -20.77 -31.40 -45.86
CA VAL I 64 -21.16 -32.11 -44.60
C VAL I 64 -21.40 -33.57 -44.94
N SER I 65 -20.72 -34.47 -44.21
CA SER I 65 -20.85 -35.93 -44.39
C SER I 65 -22.25 -36.38 -43.96
N ASP I 66 -22.69 -37.54 -44.47
CA ASP I 66 -23.97 -38.20 -44.09
C ASP I 66 -23.81 -38.92 -42.75
N ASP I 67 -22.60 -39.37 -42.40
CA ASP I 67 -22.37 -40.19 -41.19
C ASP I 67 -20.91 -40.04 -40.76
N PHE I 68 -20.58 -40.50 -39.55
CA PHE I 68 -19.19 -40.41 -39.02
C PHE I 68 -18.27 -41.33 -39.83
N GLY I 69 -18.77 -42.49 -40.26
CA GLY I 69 -17.97 -43.52 -40.95
C GLY I 69 -17.32 -43.01 -42.23
N SER I 70 -18.05 -42.25 -43.05
CA SER I 70 -17.66 -41.81 -44.42
C SER I 70 -17.12 -40.37 -44.41
N ASP I 71 -17.04 -39.76 -43.23
CA ASP I 71 -16.65 -38.34 -43.04
C ASP I 71 -15.24 -38.11 -43.61
N ALA I 72 -15.13 -37.20 -44.56
CA ALA I 72 -13.88 -36.84 -45.25
C ALA I 72 -13.91 -35.36 -45.62
N PRO I 73 -13.48 -34.45 -44.72
CA PRO I 73 -13.48 -33.03 -45.03
C PRO I 73 -12.43 -32.71 -46.11
N PRO I 74 -12.85 -32.28 -47.33
CA PRO I 74 -11.88 -31.97 -48.38
C PRO I 74 -10.97 -30.81 -48.00
N TRP I 75 -9.74 -30.88 -48.51
CA TRP I 75 -8.76 -29.78 -48.39
C TRP I 75 -9.41 -28.48 -48.87
N LYS I 76 -9.15 -27.39 -48.15
CA LYS I 76 -9.60 -25.99 -48.38
C LYS I 76 -10.88 -25.71 -47.59
N GLN I 77 -11.56 -26.72 -47.07
CA GLN I 77 -12.91 -26.57 -46.46
C GLN I 77 -12.81 -26.40 -44.94
N PHE I 78 -11.61 -26.43 -44.36
CA PHE I 78 -11.44 -26.23 -42.89
C PHE I 78 -10.20 -25.38 -42.63
N PRO I 79 -10.22 -24.57 -41.55
CA PRO I 79 -9.07 -23.78 -41.15
C PRO I 79 -7.96 -24.60 -40.45
N CYS I 80 -6.73 -24.10 -40.59
CA CYS I 80 -5.51 -24.62 -39.95
C CYS I 80 -4.86 -23.50 -39.13
N TYR I 81 -4.00 -23.88 -38.20
CA TYR I 81 -3.24 -22.91 -37.38
C TYR I 81 -2.25 -22.19 -38.29
N SER I 82 -2.08 -20.92 -37.99
CA SER I 82 -0.96 -20.07 -38.48
C SER I 82 0.22 -20.19 -37.51
N THR I 83 1.46 -20.18 -38.02
CA THR I 83 2.65 -20.18 -37.15
C THR I 83 3.84 -19.59 -37.92
N ALA I 84 4.73 -18.92 -37.19
CA ALA I 84 6.02 -18.43 -37.70
C ALA I 84 7.06 -18.51 -36.58
N ARG I 85 8.31 -18.82 -36.96
CA ARG I 85 9.49 -18.66 -36.09
C ARG I 85 10.19 -17.36 -36.51
N ILE I 86 10.32 -16.40 -35.61
CA ILE I 86 11.05 -15.13 -35.86
C ILE I 86 12.49 -15.33 -35.40
N SER I 87 13.46 -15.12 -36.31
CA SER I 87 14.91 -15.16 -35.99
C SER I 87 15.24 -13.98 -35.10
N LEU I 88 15.79 -14.21 -33.92
CA LEU I 88 16.30 -13.11 -33.04
C LEU I 88 17.80 -12.95 -33.24
N PRO I 89 18.41 -11.83 -32.79
CA PRO I 89 19.87 -11.70 -32.81
C PRO I 89 20.60 -12.88 -32.16
N MET I 90 21.63 -13.40 -32.84
CA MET I 90 22.37 -14.61 -32.39
C MET I 90 23.12 -14.27 -31.10
N LEU I 91 23.13 -15.20 -30.13
CA LEU I 91 23.90 -15.10 -28.87
C LEU I 91 24.86 -16.30 -28.81
N ASN I 92 25.54 -16.52 -27.68
CA ASN I 92 26.24 -17.80 -27.41
C ASN I 92 26.07 -18.15 -25.92
N THR I 99 29.25 -18.23 -19.59
CA THR I 99 27.97 -17.49 -19.40
C THR I 99 27.08 -17.67 -20.65
N ILE I 100 25.97 -18.43 -20.52
CA ILE I 100 24.99 -18.66 -21.63
C ILE I 100 23.82 -17.68 -21.52
N LEU I 101 23.52 -16.97 -22.62
CA LEU I 101 22.45 -15.93 -22.67
C LEU I 101 21.28 -16.49 -23.51
N MET I 102 20.04 -16.16 -23.15
CA MET I 102 18.88 -16.44 -24.03
C MET I 102 18.00 -15.20 -24.07
N TRP I 103 17.30 -14.97 -25.18
CA TRP I 103 16.25 -13.93 -25.25
C TRP I 103 15.07 -14.42 -24.41
N GLU I 104 14.54 -13.53 -23.58
CA GLU I 104 13.38 -13.77 -22.69
C GLU I 104 12.26 -12.82 -23.11
N ALA I 105 11.12 -13.37 -23.55
CA ALA I 105 9.90 -12.61 -23.87
C ALA I 105 9.22 -12.25 -22.54
N ILE I 106 9.16 -10.97 -22.19
CA ILE I 106 8.64 -10.51 -20.87
C ILE I 106 7.22 -9.97 -21.04
N SER I 107 6.85 -9.50 -22.23
CA SER I 107 5.52 -8.88 -22.47
C SER I 107 5.16 -8.92 -23.97
N CYS I 108 3.88 -8.72 -24.27
CA CYS I 108 3.41 -8.70 -25.67
C CYS I 108 2.19 -7.81 -25.80
N ARG I 109 1.93 -7.40 -27.03
CA ARG I 109 0.63 -6.85 -27.46
C ARG I 109 0.20 -7.71 -28.64
N THR I 110 -1.10 -7.96 -28.79
CA THR I 110 -1.61 -8.69 -29.96
C THR I 110 -2.95 -8.05 -30.31
N GLU I 111 -3.23 -7.96 -31.61
CA GLU I 111 -4.46 -7.33 -32.14
C GLU I 111 -4.90 -8.19 -33.30
N VAL I 112 -6.20 -8.44 -33.39
CA VAL I 112 -6.81 -8.98 -34.64
C VAL I 112 -6.98 -7.77 -35.55
N MET I 113 -6.42 -7.85 -36.75
CA MET I 113 -6.43 -6.74 -37.73
C MET I 113 -7.59 -6.94 -38.70
N GLY I 114 -8.04 -5.86 -39.32
CA GLY I 114 -9.03 -5.89 -40.40
C GLY I 114 -10.44 -6.09 -39.88
N VAL I 115 -10.68 -5.87 -38.59
CA VAL I 115 -12.05 -5.92 -38.00
C VAL I 115 -12.98 -4.98 -38.80
N ASN I 116 -12.44 -3.82 -39.23
CA ASN I 116 -13.14 -2.85 -40.10
C ASN I 116 -13.88 -3.52 -41.28
N MET I 117 -13.32 -4.59 -41.87
CA MET I 117 -13.87 -5.18 -43.13
C MET I 117 -15.26 -5.80 -42.90
N LEU I 118 -15.60 -6.11 -41.65
CA LEU I 118 -16.87 -6.79 -41.30
C LEU I 118 -18.05 -5.80 -41.35
N THR I 119 -17.81 -4.52 -41.62
CA THR I 119 -18.87 -3.51 -41.84
C THR I 119 -19.39 -3.59 -43.29
N ASN I 120 -18.79 -4.47 -44.09
CA ASN I 120 -19.21 -4.76 -45.49
C ASN I 120 -20.43 -5.68 -45.46
N VAL I 121 -21.60 -5.18 -45.86
CA VAL I 121 -22.85 -5.98 -46.02
C VAL I 121 -23.37 -5.84 -47.46
N HIS I 122 -22.49 -5.64 -48.44
CA HIS I 122 -22.87 -5.52 -49.87
C HIS I 122 -22.25 -6.61 -50.76
N SER I 123 -21.16 -7.26 -50.34
CA SER I 123 -20.40 -8.18 -51.23
C SER I 123 -21.03 -9.58 -51.26
N ALA I 124 -21.98 -9.80 -52.18
CA ALA I 124 -22.49 -11.12 -52.60
C ALA I 124 -22.94 -11.96 -51.39
N GLN I 125 -23.65 -11.35 -50.45
CA GLN I 125 -24.11 -11.99 -49.20
C GLN I 125 -25.61 -12.29 -49.27
N LYS I 126 -26.03 -13.45 -48.76
CA LYS I 126 -27.47 -13.73 -48.55
C LYS I 126 -28.08 -12.51 -47.85
N ARG I 127 -29.23 -12.05 -48.31
CA ARG I 127 -29.84 -10.81 -47.78
C ARG I 127 -30.72 -11.15 -46.56
N VAL I 128 -30.91 -10.15 -45.70
CA VAL I 128 -31.79 -10.26 -44.50
C VAL I 128 -33.18 -10.73 -44.95
N TYR I 129 -33.72 -10.15 -46.02
CA TYR I 129 -35.09 -10.45 -46.56
C TYR I 129 -34.97 -11.12 -47.92
N GLU I 130 -34.47 -12.37 -47.88
CA GLU I 130 -34.10 -13.23 -49.03
C GLU I 130 -35.21 -13.25 -50.08
N ASN I 131 -36.43 -13.54 -49.62
CA ASN I 131 -37.63 -13.79 -50.47
C ASN I 131 -38.01 -12.51 -51.19
N ASP I 132 -37.80 -11.35 -50.54
CA ASP I 132 -38.14 -10.01 -51.08
C ASP I 132 -36.96 -9.45 -51.87
N ARG I 133 -35.83 -10.17 -51.91
CA ARG I 133 -34.54 -9.71 -52.48
C ARG I 133 -34.22 -8.31 -51.93
N GLU I 134 -34.35 -8.12 -50.61
CA GLU I 134 -34.21 -6.78 -50.00
C GLU I 134 -33.42 -6.89 -48.70
N GLY I 135 -32.91 -5.74 -48.26
CA GLY I 135 -32.12 -5.62 -47.02
C GLY I 135 -30.63 -5.70 -47.30
N THR I 136 -29.86 -5.47 -46.25
CA THR I 136 -28.39 -5.61 -46.29
C THR I 136 -28.04 -7.08 -46.50
N GLY I 137 -26.78 -7.37 -46.81
CA GLY I 137 -26.26 -8.72 -46.59
C GLY I 137 -26.34 -9.07 -45.11
N ILE I 138 -26.39 -10.36 -44.78
CA ILE I 138 -26.37 -10.81 -43.36
C ILE I 138 -24.96 -10.67 -42.76
N GLY I 139 -23.95 -10.42 -43.60
CA GLY I 139 -22.56 -10.25 -43.16
C GLY I 139 -22.02 -11.55 -42.63
N VAL I 140 -20.93 -11.46 -41.89
CA VAL I 140 -20.24 -12.64 -41.29
C VAL I 140 -20.92 -12.91 -39.95
N GLU I 141 -21.39 -14.13 -39.76
CA GLU I 141 -22.03 -14.57 -38.50
C GLU I 141 -21.50 -15.95 -38.12
N GLY I 142 -21.69 -16.32 -36.86
CA GLY I 142 -21.45 -17.69 -36.41
C GLY I 142 -20.18 -17.74 -35.59
N MET I 143 -19.50 -18.86 -35.64
CA MET I 143 -18.51 -19.19 -34.60
C MET I 143 -17.31 -18.24 -34.67
N GLY I 144 -16.80 -17.91 -33.50
CA GLY I 144 -15.52 -17.21 -33.31
C GLY I 144 -14.57 -18.13 -32.59
N TYR I 145 -13.40 -18.36 -33.17
CA TYR I 145 -12.30 -19.11 -32.51
C TYR I 145 -11.07 -18.24 -32.65
N HIS I 146 -10.61 -17.72 -31.53
CA HIS I 146 -9.47 -16.78 -31.42
C HIS I 146 -8.49 -17.34 -30.42
N MET I 147 -7.29 -17.69 -30.88
CA MET I 147 -6.25 -18.19 -29.97
C MET I 147 -4.91 -17.67 -30.46
N PHE I 148 -4.01 -17.40 -29.53
CA PHE I 148 -2.61 -17.05 -29.89
C PHE I 148 -1.70 -17.71 -28.86
N ALA I 149 -0.44 -17.91 -29.26
CA ALA I 149 0.60 -18.52 -28.43
C ALA I 149 1.92 -17.81 -28.75
N ILE I 150 2.67 -17.50 -27.70
CA ILE I 150 4.03 -16.89 -27.80
C ILE I 150 4.94 -17.76 -26.94
N GLY I 151 5.99 -18.31 -27.54
CA GLY I 151 6.90 -19.21 -26.81
C GLY I 151 8.32 -19.20 -27.32
N GLY I 152 9.19 -19.91 -26.60
CA GLY I 152 10.62 -20.05 -26.92
C GLY I 152 10.90 -21.33 -27.67
N GLU I 153 9.85 -22.04 -28.07
CA GLU I 153 9.91 -23.26 -28.90
C GLU I 153 8.54 -23.49 -29.51
N PRO I 154 8.40 -24.42 -30.47
CA PRO I 154 7.11 -24.68 -31.10
C PRO I 154 6.03 -25.03 -30.07
N LEU I 155 4.81 -24.58 -30.36
CA LEU I 155 3.63 -24.87 -29.52
C LEU I 155 3.42 -26.39 -29.47
N GLU I 156 3.32 -26.94 -28.26
CA GLU I 156 3.05 -28.39 -28.06
C GLU I 156 1.53 -28.59 -28.12
N LEU I 157 1.12 -29.61 -28.87
CA LEU I 157 -0.29 -29.85 -29.26
C LEU I 157 -0.78 -31.17 -28.68
N GLN I 158 -2.06 -31.18 -28.35
CA GLN I 158 -2.84 -32.39 -28.03
C GLN I 158 -3.77 -32.63 -29.21
N PHE I 159 -3.70 -33.84 -29.78
CA PHE I 159 -4.62 -34.28 -30.85
C PHE I 159 -5.98 -34.54 -30.20
N MET I 160 -7.04 -33.91 -30.72
CA MET I 160 -8.41 -34.23 -30.25
C MET I 160 -9.42 -33.79 -31.32
N VAL I 161 -10.30 -34.72 -31.70
CA VAL I 161 -11.25 -34.58 -32.84
C VAL I 161 -12.67 -34.88 -32.36
N PHE I 162 -13.63 -34.27 -33.02
CA PHE I 162 -15.07 -34.50 -32.79
C PHE I 162 -15.42 -35.95 -33.16
N ASN I 163 -14.93 -36.41 -34.31
CA ASN I 163 -15.23 -37.73 -34.89
C ASN I 163 -13.91 -38.39 -35.31
N HIS I 164 -13.50 -39.44 -34.60
CA HIS I 164 -12.17 -40.07 -34.80
C HIS I 164 -12.08 -40.67 -36.21
N ARG I 165 -13.22 -41.01 -36.82
CA ARG I 165 -13.25 -41.70 -38.14
C ARG I 165 -13.18 -40.71 -39.30
N ALA I 166 -13.10 -39.40 -39.06
CA ALA I 166 -12.88 -38.42 -40.14
C ALA I 166 -11.57 -38.77 -40.86
N THR I 167 -11.58 -38.77 -42.18
CA THR I 167 -10.36 -38.90 -43.03
C THR I 167 -9.90 -37.51 -43.44
N TYR I 168 -8.78 -37.06 -42.90
CA TYR I 168 -8.18 -35.75 -43.24
C TYR I 168 -7.39 -35.91 -44.53
N PRO I 169 -7.30 -34.85 -45.36
CA PRO I 169 -6.64 -34.93 -46.66
C PRO I 169 -5.11 -34.85 -46.54
N ALA I 170 -4.42 -35.15 -47.65
CA ALA I 170 -2.95 -35.32 -47.68
C ALA I 170 -2.23 -34.02 -47.32
N GLU I 171 -2.83 -32.87 -47.61
CA GLU I 171 -2.25 -31.53 -47.36
C GLU I 171 -2.10 -31.31 -45.84
N ALA I 172 -2.94 -31.95 -45.04
CA ALA I 172 -3.05 -31.71 -43.58
C ALA I 172 -2.04 -32.58 -42.82
N THR I 173 -1.63 -32.14 -41.64
CA THR I 173 -0.85 -32.94 -40.67
C THR I 173 -1.81 -33.37 -39.56
N VAL I 174 -2.04 -34.68 -39.45
CA VAL I 174 -2.86 -35.29 -38.37
C VAL I 174 -2.23 -36.61 -37.95
N ILE I 175 -2.77 -37.20 -36.90
CA ILE I 175 -2.53 -38.63 -36.55
C ILE I 175 -3.53 -39.48 -37.33
N LYS I 176 -3.06 -40.33 -38.24
CA LYS I 176 -3.95 -41.22 -39.03
C LYS I 176 -4.52 -42.31 -38.13
N ASN I 177 -5.75 -42.76 -38.42
CA ASN I 177 -6.49 -43.82 -37.68
C ASN I 177 -6.25 -43.65 -36.17
N PRO I 178 -6.58 -42.48 -35.61
CA PRO I 178 -6.19 -42.16 -34.23
C PRO I 178 -6.94 -42.97 -33.14
N GLY I 179 -8.09 -43.56 -33.48
CA GLY I 179 -8.88 -44.42 -32.59
C GLY I 179 -9.88 -43.63 -31.77
N ALA I 180 -10.81 -44.32 -31.12
CA ALA I 180 -11.97 -43.72 -30.44
C ALA I 180 -11.52 -42.81 -29.28
N SER I 181 -10.38 -43.10 -28.65
CA SER I 181 -9.89 -42.33 -27.48
C SER I 181 -9.48 -40.90 -27.90
N SER I 182 -9.29 -40.64 -29.19
CA SER I 182 -8.93 -39.31 -29.73
C SER I 182 -10.13 -38.36 -29.69
N GLN I 183 -11.32 -38.85 -29.38
CA GLN I 183 -12.55 -38.02 -29.23
C GLN I 183 -12.56 -37.38 -27.86
N VAL I 184 -11.68 -37.85 -26.96
CA VAL I 184 -11.43 -37.18 -25.66
C VAL I 184 -9.91 -37.15 -25.45
N PHE I 185 -9.44 -37.17 -24.21
CA PHE I 185 -8.00 -37.05 -23.94
C PHE I 185 -7.35 -38.44 -24.00
N ASP I 186 -6.34 -38.58 -24.85
CA ASP I 186 -5.47 -39.76 -24.93
C ASP I 186 -4.02 -39.27 -24.80
N PRO I 187 -3.28 -39.62 -23.72
CA PRO I 187 -1.93 -39.12 -23.53
C PRO I 187 -0.93 -39.54 -24.62
N ASN I 188 -1.24 -40.54 -25.43
CA ASN I 188 -0.37 -40.97 -26.54
C ASN I 188 -0.41 -39.99 -27.74
N LEU I 189 -1.43 -39.13 -27.84
CA LEU I 189 -1.74 -38.45 -29.13
C LEU I 189 -1.23 -37.01 -29.09
N LYS I 190 0.07 -36.84 -29.31
CA LYS I 190 0.79 -35.55 -29.15
C LYS I 190 1.33 -35.11 -30.51
N GLY I 191 1.56 -33.82 -30.66
CA GLY I 191 2.25 -33.22 -31.81
C GLY I 191 2.91 -31.92 -31.40
N THR I 192 3.59 -31.27 -32.33
CA THR I 192 4.07 -29.88 -32.15
C THR I 192 3.76 -29.12 -33.43
N LEU I 193 3.53 -27.83 -33.27
CA LEU I 193 3.09 -26.96 -34.39
C LEU I 193 4.34 -26.51 -35.16
N THR I 194 4.76 -27.34 -36.11
CA THR I 194 6.06 -27.21 -36.81
C THR I 194 5.87 -26.60 -38.20
N ALA I 195 4.63 -26.43 -38.68
CA ALA I 195 4.40 -25.89 -40.03
C ALA I 195 3.15 -25.02 -40.04
N ASP I 196 3.20 -23.97 -40.86
CA ASP I 196 2.09 -23.03 -41.09
C ASP I 196 1.05 -23.67 -42.01
N GLY I 197 -0.23 -23.50 -41.67
CA GLY I 197 -1.36 -23.70 -42.58
C GLY I 197 -1.66 -25.14 -42.92
N VAL I 198 -1.31 -26.11 -42.06
CA VAL I 198 -1.52 -27.56 -42.32
C VAL I 198 -2.06 -28.33 -41.11
N PHE I 199 -1.95 -27.80 -39.90
CA PHE I 199 -2.49 -28.47 -38.69
C PHE I 199 -3.94 -28.03 -38.56
N PRO I 200 -4.93 -28.91 -38.75
CA PRO I 200 -6.33 -28.46 -38.70
C PRO I 200 -6.67 -27.97 -37.29
N VAL I 201 -7.35 -26.84 -37.21
CA VAL I 201 -7.83 -26.33 -35.90
C VAL I 201 -8.69 -27.42 -35.26
N GLU I 202 -9.53 -28.10 -36.03
CA GLU I 202 -10.52 -29.03 -35.46
C GLU I 202 -9.87 -30.35 -35.00
N ALA I 203 -8.56 -30.53 -35.21
CA ALA I 203 -7.87 -31.79 -34.81
C ALA I 203 -6.79 -31.56 -33.74
N TRP I 204 -6.36 -30.33 -33.49
CA TRP I 204 -5.25 -30.02 -32.56
C TRP I 204 -5.62 -28.83 -31.68
N GLY I 205 -5.19 -28.91 -30.42
CA GLY I 205 -5.28 -27.80 -29.47
C GLY I 205 -4.01 -27.76 -28.63
N PRO I 206 -3.78 -26.66 -27.88
CA PRO I 206 -2.62 -26.55 -27.03
C PRO I 206 -2.65 -27.64 -25.95
N ASP I 207 -1.50 -28.25 -25.69
CA ASP I 207 -1.34 -29.33 -24.70
C ASP I 207 -1.02 -28.70 -23.35
N PRO I 208 -1.93 -28.73 -22.36
CA PRO I 208 -1.64 -28.12 -21.06
C PRO I 208 -0.66 -28.94 -20.22
N PHE I 209 -0.39 -30.19 -20.62
CA PHE I 209 0.59 -31.07 -19.93
C PHE I 209 2.01 -30.63 -20.28
N LYS I 210 2.18 -29.81 -21.32
CA LYS I 210 3.51 -29.32 -21.77
C LYS I 210 3.43 -27.80 -21.85
N ASN I 211 4.12 -27.17 -22.82
CA ASN I 211 4.08 -25.71 -23.00
C ASN I 211 4.57 -25.00 -21.73
N GLU I 212 5.56 -25.52 -21.01
CA GLU I 212 6.19 -24.79 -19.87
C GLU I 212 6.86 -23.51 -20.39
N ASN I 213 7.23 -23.47 -21.66
CA ASN I 213 8.07 -22.38 -22.25
C ASN I 213 7.26 -21.59 -23.28
N THR I 214 5.93 -21.67 -23.20
CA THR I 214 4.98 -21.00 -24.13
C THR I 214 3.80 -20.47 -23.30
N ARG I 215 3.29 -19.28 -23.60
CA ARG I 215 2.00 -18.82 -23.05
C ARG I 215 0.97 -18.90 -24.17
N TYR I 216 -0.20 -19.50 -23.94
CA TYR I 216 -1.28 -19.54 -24.95
C TYR I 216 -2.58 -19.07 -24.32
N PHE I 217 -3.44 -18.51 -25.17
CA PHE I 217 -4.72 -17.87 -24.78
C PHE I 217 -5.73 -18.15 -25.90
N GLY I 218 -6.94 -18.56 -25.54
CA GLY I 218 -7.96 -18.91 -26.54
C GLY I 218 -9.35 -18.63 -26.05
N GLN I 219 -10.24 -18.32 -26.99
CA GLN I 219 -11.68 -18.12 -26.72
C GLN I 219 -12.44 -18.68 -27.90
N TYR I 220 -13.47 -19.46 -27.62
CA TYR I 220 -14.39 -20.05 -28.63
C TYR I 220 -15.80 -19.59 -28.28
N THR I 221 -16.49 -19.05 -29.28
CA THR I 221 -17.96 -18.86 -29.25
C THR I 221 -18.55 -19.64 -30.42
N GLY I 222 -19.49 -20.54 -30.18
CA GLY I 222 -20.02 -21.46 -31.20
C GLY I 222 -21.18 -20.89 -31.98
N GLY I 223 -21.89 -21.76 -32.69
CA GLY I 223 -23.09 -21.42 -33.49
C GLY I 223 -22.74 -21.00 -34.91
N THR I 224 -23.78 -20.71 -35.68
CA THR I 224 -23.71 -20.43 -37.13
C THR I 224 -24.36 -19.08 -37.45
N GLN I 225 -25.23 -18.57 -36.57
CA GLN I 225 -25.89 -17.25 -36.76
C GLN I 225 -25.47 -16.31 -35.62
N THR I 226 -24.51 -16.72 -34.80
CA THR I 226 -24.04 -15.94 -33.64
C THR I 226 -23.49 -14.59 -34.10
N PRO I 227 -23.85 -13.47 -33.44
CA PRO I 227 -23.20 -12.18 -33.71
C PRO I 227 -21.72 -12.23 -33.33
N PRO I 228 -20.79 -11.94 -34.26
CA PRO I 228 -19.37 -11.82 -33.90
C PRO I 228 -19.17 -10.58 -33.02
N VAL I 229 -18.26 -10.71 -32.07
CA VAL I 229 -17.83 -9.61 -31.17
C VAL I 229 -16.31 -9.58 -31.19
N LEU I 230 -15.74 -8.47 -31.69
CA LEU I 230 -14.28 -8.28 -31.77
C LEU I 230 -13.93 -6.89 -31.26
N THR I 231 -12.89 -6.81 -30.44
CA THR I 231 -12.34 -5.53 -29.92
C THR I 231 -10.92 -5.38 -30.49
N PHE I 232 -10.43 -4.15 -30.57
CA PHE I 232 -9.06 -3.85 -31.02
C PHE I 232 -8.63 -2.54 -30.36
N THR I 233 -7.39 -2.52 -29.86
CA THR I 233 -6.78 -1.33 -29.24
C THR I 233 -5.28 -1.53 -29.29
N ASN I 234 -4.51 -0.44 -29.26
CA ASN I 234 -3.03 -0.52 -29.18
C ASN I 234 -2.60 -0.21 -27.75
N THR I 235 -3.51 -0.23 -26.77
CA THR I 235 -3.24 0.16 -25.36
C THR I 235 -3.10 -1.04 -24.41
N GLN I 236 -3.21 -2.30 -24.88
CA GLN I 236 -3.26 -3.48 -23.98
C GLN I 236 -1.95 -4.28 -24.08
N THR I 237 -1.27 -4.44 -22.95
CA THR I 237 -0.05 -5.27 -22.79
C THR I 237 -0.38 -6.48 -21.91
N THR I 238 0.06 -7.67 -22.34
CA THR I 238 0.04 -8.91 -21.52
C THR I 238 1.46 -9.19 -21.06
N ILE I 239 1.68 -9.24 -19.74
CA ILE I 239 2.95 -9.70 -19.13
C ILE I 239 3.07 -11.21 -19.39
N LEU I 240 4.23 -11.69 -19.82
CA LEU I 240 4.45 -13.12 -20.16
C LEU I 240 5.28 -13.82 -19.09
N LEU I 241 5.63 -13.13 -18.00
CA LEU I 241 6.39 -13.73 -16.87
C LEU I 241 5.50 -14.78 -16.20
N ASP I 242 6.09 -15.92 -15.84
CA ASP I 242 5.41 -17.01 -15.09
C ASP I 242 5.46 -16.69 -13.59
N GLU I 243 4.93 -17.58 -12.76
CA GLU I 243 4.84 -17.41 -11.28
C GLU I 243 6.24 -17.15 -10.69
N ASN I 244 7.31 -17.62 -11.36
CA ASN I 244 8.72 -17.47 -10.89
C ASN I 244 9.39 -16.21 -11.47
N GLY I 245 8.66 -15.33 -12.14
CA GLY I 245 9.22 -14.10 -12.74
C GLY I 245 9.99 -14.35 -14.03
N VAL I 246 9.75 -15.47 -14.70
CA VAL I 246 10.52 -15.91 -15.90
C VAL I 246 9.60 -15.97 -17.12
N GLY I 247 9.99 -15.28 -18.20
CA GLY I 247 9.25 -15.29 -19.48
C GLY I 247 9.68 -16.47 -20.33
N PRO I 248 8.97 -16.74 -21.46
CA PRO I 248 9.45 -17.72 -22.43
C PRO I 248 10.92 -17.46 -22.81
N LEU I 249 11.75 -18.51 -22.83
CA LEU I 249 13.18 -18.39 -23.18
C LEU I 249 13.38 -18.99 -24.57
N CYS I 250 13.93 -18.19 -25.48
CA CYS I 250 13.94 -18.48 -26.94
C CYS I 250 15.09 -19.45 -27.26
N LYS I 251 14.75 -20.73 -27.42
CA LYS I 251 15.72 -21.79 -27.78
C LYS I 251 16.20 -21.54 -29.21
N GLY I 252 17.50 -21.69 -29.45
CA GLY I 252 18.11 -21.44 -30.77
C GLY I 252 17.87 -20.02 -31.24
N ASP I 253 17.65 -19.09 -30.32
CA ASP I 253 17.40 -17.65 -30.65
C ASP I 253 16.19 -17.52 -31.60
N GLY I 254 15.15 -18.32 -31.37
CA GLY I 254 13.91 -18.23 -32.15
C GLY I 254 12.72 -17.92 -31.26
N LEU I 255 11.87 -16.97 -31.70
CA LEU I 255 10.57 -16.63 -31.06
C LEU I 255 9.45 -17.28 -31.87
N PHE I 256 8.57 -18.05 -31.22
CA PHE I 256 7.55 -18.88 -31.90
C PHE I 256 6.18 -18.27 -31.66
N LEU I 257 5.54 -17.83 -32.75
CA LEU I 257 4.19 -17.20 -32.74
C LEU I 257 3.22 -18.13 -33.45
N SER I 258 2.03 -18.31 -32.88
CA SER I 258 0.99 -19.23 -33.38
C SER I 258 -0.37 -18.59 -33.12
N CYS I 259 -1.33 -18.82 -33.99
CA CYS I 259 -2.68 -18.26 -33.82
C CYS I 259 -3.68 -18.95 -34.76
N ALA I 260 -4.95 -18.75 -34.44
CA ALA I 260 -6.10 -19.06 -35.32
C ALA I 260 -7.14 -17.99 -35.00
N ASP I 261 -7.70 -17.37 -36.02
CA ASP I 261 -8.70 -16.27 -35.83
C ASP I 261 -9.80 -16.48 -36.85
N ILE I 262 -10.67 -17.43 -36.55
CA ILE I 262 -11.96 -17.66 -37.25
C ILE I 262 -12.94 -16.59 -36.77
N VAL I 263 -13.44 -15.75 -37.66
CA VAL I 263 -14.39 -14.68 -37.23
CA VAL I 263 -14.39 -14.65 -37.30
C VAL I 263 -15.83 -15.15 -37.48
N GLY I 264 -16.02 -16.12 -38.35
CA GLY I 264 -17.37 -16.68 -38.59
C GLY I 264 -17.50 -17.14 -40.01
N PHE I 265 -18.75 -17.19 -40.50
CA PHE I 265 -19.09 -17.74 -41.81
C PHE I 265 -19.61 -16.64 -42.74
N PHE I 266 -19.20 -16.76 -43.98
CA PHE I 266 -19.72 -16.01 -45.14
C PHE I 266 -20.77 -16.87 -45.81
N THR I 267 -22.00 -16.36 -45.94
CA THR I 267 -23.12 -17.10 -46.56
C THR I 267 -23.49 -16.44 -47.89
N GLN I 268 -23.36 -17.16 -48.99
CA GLN I 268 -23.70 -16.67 -50.36
C GLN I 268 -25.22 -16.70 -50.55
N HIS I 269 -25.70 -16.10 -51.65
CA HIS I 269 -27.15 -16.11 -52.01
C HIS I 269 -27.66 -17.55 -52.10
N ASN I 270 -26.86 -18.48 -52.61
CA ASN I 270 -27.25 -19.91 -52.79
C ASN I 270 -27.06 -20.70 -51.48
N LYS I 271 -26.76 -20.02 -50.37
CA LYS I 271 -26.75 -20.61 -49.00
C LYS I 271 -25.47 -21.41 -48.75
N LYS I 272 -24.53 -21.42 -49.70
CA LYS I 272 -23.19 -22.02 -49.45
C LYS I 272 -22.43 -21.17 -48.42
N MET I 273 -21.79 -21.82 -47.46
CA MET I 273 -21.14 -21.19 -46.30
C MET I 273 -19.66 -21.53 -46.29
N SER I 274 -18.84 -20.53 -45.98
CA SER I 274 -17.37 -20.65 -45.88
C SER I 274 -16.87 -19.94 -44.61
N PHE I 275 -15.76 -20.43 -44.05
CA PHE I 275 -15.06 -19.74 -42.94
C PHE I 275 -14.47 -18.43 -43.49
N ARG I 276 -14.49 -17.39 -42.69
CA ARG I 276 -13.71 -16.13 -42.91
C ARG I 276 -12.78 -15.95 -41.71
N GLY I 277 -11.50 -15.69 -42.00
CA GLY I 277 -10.46 -15.42 -40.99
C GLY I 277 -9.86 -14.04 -41.12
N LEU I 278 -9.19 -13.59 -40.07
CA LEU I 278 -8.47 -12.30 -40.05
C LEU I 278 -7.03 -12.54 -39.62
N PRO I 279 -6.10 -11.68 -40.07
CA PRO I 279 -4.71 -11.74 -39.64
C PRO I 279 -4.54 -11.17 -38.23
N ARG I 280 -3.44 -11.56 -37.59
CA ARG I 280 -3.13 -11.15 -36.21
C ARG I 280 -1.78 -10.45 -36.18
N TYR I 281 -1.71 -9.33 -35.46
CA TYR I 281 -0.48 -8.56 -35.15
C TYR I 281 0.10 -9.08 -33.84
N PHE I 282 1.42 -9.20 -33.78
CA PHE I 282 2.16 -9.50 -32.54
C PHE I 282 3.22 -8.42 -32.33
N ARG I 283 3.28 -7.87 -31.11
CA ARG I 283 4.47 -7.14 -30.62
C ARG I 283 4.99 -7.89 -29.39
N VAL I 284 6.27 -8.24 -29.38
CA VAL I 284 6.88 -8.97 -28.24
C VAL I 284 8.11 -8.19 -27.77
N THR I 285 8.15 -7.85 -26.49
CA THR I 285 9.32 -7.19 -25.83
C THR I 285 10.20 -8.29 -25.24
N LEU I 286 11.49 -8.29 -25.58
CA LEU I 286 12.44 -9.32 -25.07
C LEU I 286 13.64 -8.64 -24.39
N ARG I 287 14.27 -9.38 -23.46
CA ARG I 287 15.52 -8.96 -22.80
C ARG I 287 16.46 -10.16 -22.81
N LYS I 288 17.76 -9.89 -22.79
CA LYS I 288 18.82 -10.92 -22.63
C LYS I 288 18.81 -11.39 -21.18
N ARG I 289 18.88 -12.70 -20.98
CA ARG I 289 18.87 -13.34 -19.65
C ARG I 289 19.98 -14.40 -19.60
N VAL I 290 20.82 -14.34 -18.56
CA VAL I 290 21.78 -15.43 -18.25
C VAL I 290 20.97 -16.61 -17.72
N VAL I 291 21.20 -17.83 -18.22
CA VAL I 291 20.41 -19.02 -17.79
C VAL I 291 21.34 -20.10 -17.21
N SER J 35 0.72 23.54 -16.04
CA SER J 35 -0.35 24.22 -16.81
C SER J 35 -1.10 23.18 -17.67
N ILE J 36 -2.39 22.97 -17.35
CA ILE J 36 -3.31 22.02 -18.05
C ILE J 36 -4.21 22.83 -18.98
N THR J 37 -4.66 22.21 -20.07
CA THR J 37 -5.75 22.77 -20.92
C THR J 37 -6.68 21.61 -21.31
N GLU J 38 -7.98 21.85 -21.22
CA GLU J 38 -9.06 20.95 -21.71
C GLU J 38 -9.51 21.50 -23.07
N ILE J 39 -9.58 20.65 -24.09
CA ILE J 39 -10.32 20.97 -25.34
C ILE J 39 -11.53 20.03 -25.42
N GLU J 40 -12.63 20.54 -25.96
CA GLU J 40 -13.86 19.77 -26.23
C GLU J 40 -14.11 19.84 -27.73
N ALA J 41 -14.58 18.75 -28.33
CA ALA J 41 -14.92 18.74 -29.77
C ALA J 41 -15.96 17.65 -30.05
N TYR J 42 -16.55 17.72 -31.23
CA TYR J 42 -17.49 16.70 -31.73
C TYR J 42 -17.08 16.31 -33.14
N LEU J 43 -17.38 15.06 -33.50
CA LEU J 43 -17.32 14.54 -34.87
C LEU J 43 -18.70 13.99 -35.22
N ASN J 44 -19.32 14.56 -36.25
CA ASN J 44 -20.58 14.03 -36.82
C ASN J 44 -20.27 12.79 -37.64
N PRO J 45 -21.21 11.82 -37.69
CA PRO J 45 -21.05 10.59 -38.44
C PRO J 45 -21.05 10.88 -39.94
N ARG J 46 -20.37 10.04 -40.71
CA ARG J 46 -20.33 10.17 -42.18
C ARG J 46 -20.87 8.86 -42.75
N MET J 47 -22.16 8.62 -42.56
CA MET J 47 -22.83 7.33 -42.93
C MET J 47 -23.10 7.24 -44.43
N GLY J 48 -23.13 8.37 -45.15
CA GLY J 48 -23.16 8.35 -46.63
C GLY J 48 -24.01 9.45 -47.23
N GLN J 49 -25.19 9.71 -46.66
CA GLN J 49 -26.09 10.79 -47.13
C GLN J 49 -25.48 12.15 -46.80
N PRO J 50 -25.63 13.15 -47.69
CA PRO J 50 -25.02 14.46 -47.51
C PRO J 50 -25.57 15.27 -46.32
N GLN J 51 -24.73 16.14 -45.78
CA GLN J 51 -25.08 17.03 -44.65
C GLN J 51 -26.27 17.92 -45.05
N ASN J 52 -27.10 18.28 -44.06
CA ASN J 52 -28.14 19.34 -44.18
C ASN J 52 -29.10 19.00 -45.32
N GLU J 53 -29.22 17.70 -45.64
CA GLU J 53 -30.34 17.10 -46.41
C GLU J 53 -31.09 16.15 -45.48
N ASP J 54 -32.24 15.65 -45.92
CA ASP J 54 -33.28 15.03 -45.06
C ASP J 54 -32.78 13.74 -44.40
N PHE J 55 -31.74 13.10 -44.92
CA PHE J 55 -31.27 11.76 -44.45
C PHE J 55 -29.87 11.85 -43.84
N TYR J 56 -29.45 13.04 -43.41
CA TYR J 56 -28.19 13.29 -42.68
C TYR J 56 -28.17 12.41 -41.42
N GLY J 57 -27.11 11.64 -41.24
CA GLY J 57 -26.94 10.63 -40.18
C GLY J 57 -27.15 9.21 -40.66
N PHE J 58 -27.72 9.06 -41.86
CA PHE J 58 -28.03 7.76 -42.51
C PHE J 58 -27.15 7.57 -43.74
N SER J 59 -27.00 6.32 -44.15
CA SER J 59 -26.58 5.94 -45.52
C SER J 59 -27.80 5.95 -46.43
N ASP J 60 -27.56 5.95 -47.75
CA ASP J 60 -28.57 5.55 -48.75
C ASP J 60 -28.85 4.05 -48.56
N ASN J 61 -29.96 3.54 -49.09
CA ASN J 61 -30.38 2.13 -48.85
C ASN J 61 -29.34 1.20 -49.44
N VAL J 62 -28.96 0.17 -48.70
CA VAL J 62 -27.85 -0.75 -49.07
C VAL J 62 -28.33 -1.67 -50.18
N THR J 63 -27.56 -1.74 -51.26
CA THR J 63 -27.75 -2.73 -52.33
C THR J 63 -26.63 -3.77 -52.22
N VAL J 64 -26.93 -4.97 -52.66
CA VAL J 64 -26.06 -6.18 -52.47
C VAL J 64 -25.79 -6.77 -53.84
N SER J 65 -24.52 -7.08 -54.11
CA SER J 65 -24.05 -7.63 -55.39
C SER J 65 -24.37 -9.13 -55.44
N ASP J 66 -24.34 -9.73 -56.62
CA ASP J 66 -24.62 -11.18 -56.79
C ASP J 66 -23.30 -11.97 -56.77
N ASP J 67 -22.17 -11.28 -56.97
CA ASP J 67 -20.86 -11.91 -57.27
C ASP J 67 -19.78 -10.96 -56.77
N PHE J 68 -18.67 -11.47 -56.24
CA PHE J 68 -17.46 -10.68 -55.87
C PHE J 68 -16.92 -9.95 -57.12
N GLY J 69 -17.07 -10.56 -58.29
CA GLY J 69 -16.53 -10.05 -59.57
C GLY J 69 -17.30 -8.86 -60.11
N SER J 70 -18.57 -8.69 -59.72
CA SER J 70 -19.41 -7.55 -60.18
C SER J 70 -20.03 -6.87 -58.94
N ASP J 71 -19.15 -6.37 -58.08
CA ASP J 71 -19.45 -5.80 -56.74
C ASP J 71 -18.98 -4.34 -56.74
N ALA J 72 -19.93 -3.40 -56.77
CA ALA J 72 -19.65 -1.95 -56.94
C ALA J 72 -20.56 -1.17 -55.99
N PRO J 73 -20.20 -1.03 -54.70
CA PRO J 73 -21.07 -0.32 -53.77
C PRO J 73 -21.12 1.14 -54.20
N PRO J 74 -22.32 1.68 -54.53
CA PRO J 74 -22.43 3.07 -54.94
C PRO J 74 -22.13 4.03 -53.79
N TRP J 75 -21.56 5.18 -54.15
CA TRP J 75 -21.38 6.31 -53.20
C TRP J 75 -22.68 6.58 -52.46
N LYS J 76 -22.58 6.78 -51.14
CA LYS J 76 -23.68 7.11 -50.18
C LYS J 76 -24.19 5.84 -49.47
N GLN J 77 -23.84 4.64 -49.93
CA GLN J 77 -24.42 3.38 -49.39
C GLN J 77 -23.50 2.71 -48.37
N PHE J 78 -22.38 3.32 -48.00
CA PHE J 78 -21.46 2.74 -46.99
C PHE J 78 -20.86 3.86 -46.17
N PRO J 79 -20.58 3.62 -44.88
CA PRO J 79 -20.01 4.65 -44.02
C PRO J 79 -18.51 4.86 -44.24
N CYS J 80 -18.05 6.06 -43.90
CA CYS J 80 -16.64 6.47 -43.91
C CYS J 80 -16.26 6.98 -42.53
N TYR J 81 -14.96 7.02 -42.24
CA TYR J 81 -14.41 7.57 -40.98
C TYR J 81 -14.67 9.07 -40.92
N SER J 82 -14.91 9.53 -39.71
CA SER J 82 -14.89 10.95 -39.32
C SER J 82 -13.51 11.30 -38.76
N THR J 83 -12.99 12.50 -39.09
CA THR J 83 -11.67 12.96 -38.60
C THR J 83 -11.63 14.49 -38.59
N ALA J 84 -10.85 15.05 -37.65
CA ALA J 84 -10.60 16.51 -37.49
C ALA J 84 -9.24 16.75 -36.82
N ARG J 85 -8.57 17.85 -37.17
CA ARG J 85 -7.39 18.40 -36.43
C ARG J 85 -7.87 19.56 -35.55
N ILE J 86 -7.76 19.46 -34.22
CA ILE J 86 -8.07 20.58 -33.29
C ILE J 86 -6.78 21.40 -33.12
N SER J 87 -6.85 22.72 -33.32
CA SER J 87 -5.72 23.66 -33.10
C SER J 87 -5.58 23.89 -31.60
N LEU J 88 -4.41 23.58 -31.04
CA LEU J 88 -4.16 23.78 -29.58
C LEU J 88 -3.54 25.16 -29.38
N PRO J 89 -3.68 25.78 -28.19
CA PRO J 89 -3.05 27.08 -27.96
C PRO J 89 -1.58 27.03 -28.41
N MET J 90 -1.17 27.93 -29.33
CA MET J 90 0.18 27.94 -29.95
C MET J 90 1.22 28.01 -28.83
N LEU J 91 2.25 27.16 -28.88
CA LEU J 91 3.37 27.17 -27.90
C LEU J 91 4.46 28.10 -28.42
N ASN J 92 4.87 29.08 -27.62
CA ASN J 92 5.96 30.02 -27.95
C ASN J 92 7.29 29.31 -27.65
N GLN J 93 7.94 28.83 -28.71
CA GLN J 93 9.15 27.99 -28.63
C GLN J 93 10.38 28.87 -28.38
N ASP J 94 11.39 28.22 -27.84
CA ASP J 94 12.75 28.78 -27.65
C ASP J 94 13.47 28.70 -28.99
N MET J 95 13.70 29.85 -29.64
CA MET J 95 14.34 29.89 -30.97
C MET J 95 15.84 29.53 -30.89
N THR J 96 16.41 29.30 -29.70
CA THR J 96 17.79 28.74 -29.61
C THR J 96 17.74 27.22 -29.84
N SER J 97 16.56 26.59 -29.75
CA SER J 97 16.30 25.13 -29.90
C SER J 97 16.84 24.36 -28.70
N ASP J 98 17.19 25.07 -27.61
CA ASP J 98 17.78 24.44 -26.40
C ASP J 98 16.69 23.74 -25.59
N THR J 99 15.44 24.23 -25.64
CA THR J 99 14.27 23.59 -25.00
C THR J 99 13.13 23.50 -26.02
N ILE J 100 12.59 22.30 -26.23
CA ILE J 100 11.34 22.08 -27.03
C ILE J 100 10.15 21.78 -26.09
N LEU J 101 9.06 22.52 -26.28
CA LEU J 101 7.74 22.28 -25.64
C LEU J 101 6.85 21.53 -26.63
N MET J 102 5.92 20.74 -26.09
CA MET J 102 4.84 20.04 -26.85
C MET J 102 3.66 19.86 -25.90
N TRP J 103 2.42 20.01 -26.40
CA TRP J 103 1.20 19.61 -25.66
C TRP J 103 1.19 18.08 -25.54
N GLU J 104 0.95 17.57 -24.34
CA GLU J 104 0.90 16.10 -24.08
C GLU J 104 -0.53 15.78 -23.66
N ALA J 105 -1.22 14.96 -24.45
CA ALA J 105 -2.60 14.50 -24.13
C ALA J 105 -2.49 13.40 -23.07
N ILE J 106 -2.95 13.66 -21.84
CA ILE J 106 -2.72 12.77 -20.68
C ILE J 106 -3.97 11.93 -20.38
N SER J 107 -5.16 12.46 -20.69
CA SER J 107 -6.45 11.78 -20.44
C SER J 107 -7.51 12.28 -21.43
N CYS J 108 -8.63 11.56 -21.51
CA CYS J 108 -9.80 12.01 -22.30
C CYS J 108 -11.10 11.47 -21.69
N ARG J 109 -12.20 12.13 -22.02
CA ARG J 109 -13.56 11.57 -21.92
C ARG J 109 -14.08 11.52 -23.35
N THR J 110 -14.82 10.49 -23.70
CA THR J 110 -15.47 10.39 -25.02
C THR J 110 -16.86 9.80 -24.79
N GLU J 111 -17.85 10.31 -25.51
CA GLU J 111 -19.26 9.90 -25.34
C GLU J 111 -19.86 9.80 -26.74
N VAL J 112 -20.62 8.73 -27.00
CA VAL J 112 -21.53 8.72 -28.18
C VAL J 112 -22.73 9.56 -27.77
N MET J 113 -23.05 10.59 -28.57
CA MET J 113 -24.16 11.51 -28.25
C MET J 113 -25.41 11.05 -29.01
N GLY J 114 -26.57 11.42 -28.48
CA GLY J 114 -27.86 11.19 -29.18
C GLY J 114 -28.33 9.75 -29.03
N VAL J 115 -27.83 9.02 -28.04
CA VAL J 115 -28.30 7.64 -27.75
C VAL J 115 -29.81 7.69 -27.48
N ASN J 116 -30.26 8.79 -26.84
CA ASN J 116 -31.69 9.05 -26.56
C ASN J 116 -32.53 8.85 -27.82
N MET J 117 -32.04 9.19 -29.01
CA MET J 117 -32.88 9.16 -30.24
C MET J 117 -33.32 7.72 -30.56
N LEU J 118 -32.60 6.71 -30.05
CA LEU J 118 -32.90 5.29 -30.40
C LEU J 118 -34.14 4.78 -29.69
N THR J 119 -34.78 5.59 -28.84
CA THR J 119 -36.06 5.22 -28.17
C THR J 119 -37.23 5.50 -29.12
N ASN J 120 -36.93 6.03 -30.31
CA ASN J 120 -37.93 6.30 -31.38
C ASN J 120 -38.26 4.99 -32.11
N VAL J 121 -39.48 4.51 -31.96
CA VAL J 121 -40.02 3.31 -32.66
C VAL J 121 -41.30 3.70 -33.40
N HIS J 122 -41.47 4.97 -33.78
CA HIS J 122 -42.65 5.43 -34.56
C HIS J 122 -42.28 5.92 -35.96
N SER J 123 -41.03 6.26 -36.26
CA SER J 123 -40.65 6.99 -37.51
C SER J 123 -40.41 6.01 -38.66
N ALA J 124 -41.47 5.60 -39.36
CA ALA J 124 -41.43 4.93 -40.69
C ALA J 124 -40.57 3.65 -40.63
N GLN J 125 -40.65 2.90 -39.54
CA GLN J 125 -39.85 1.66 -39.34
C GLN J 125 -40.71 0.42 -39.60
N LYS J 126 -40.15 -0.62 -40.23
CA LYS J 126 -40.79 -1.95 -40.33
C LYS J 126 -41.32 -2.33 -38.94
N ARG J 127 -42.57 -2.81 -38.85
CA ARG J 127 -43.22 -3.08 -37.54
C ARG J 127 -42.81 -4.47 -37.03
N VAL J 128 -42.90 -4.66 -35.71
CA VAL J 128 -42.64 -5.98 -35.08
C VAL J 128 -43.55 -7.05 -35.69
N TYR J 129 -44.84 -6.74 -35.88
CA TYR J 129 -45.83 -7.70 -36.44
C TYR J 129 -46.27 -7.18 -37.81
N GLU J 130 -45.35 -7.14 -38.78
CA GLU J 130 -45.60 -6.42 -40.06
C GLU J 130 -46.78 -7.07 -40.78
N ASN J 131 -46.92 -8.39 -40.71
CA ASN J 131 -48.04 -9.12 -41.34
C ASN J 131 -49.38 -8.59 -40.81
N ASP J 132 -49.46 -8.32 -39.49
CA ASP J 132 -50.69 -7.84 -38.81
C ASP J 132 -50.77 -6.32 -38.85
N ARG J 133 -49.80 -5.66 -39.48
CA ARG J 133 -49.69 -4.17 -39.56
C ARG J 133 -49.77 -3.60 -38.14
N GLU J 134 -49.06 -4.20 -37.18
CA GLU J 134 -49.23 -3.85 -35.75
C GLU J 134 -47.90 -3.92 -35.02
N GLY J 135 -47.83 -3.25 -33.88
CA GLY J 135 -46.66 -3.24 -33.00
C GLY J 135 -45.84 -1.99 -33.22
N THR J 136 -44.79 -1.82 -32.43
CA THR J 136 -43.84 -0.71 -32.60
C THR J 136 -43.06 -0.93 -33.88
N GLY J 137 -42.32 0.09 -34.32
CA GLY J 137 -41.18 -0.11 -35.24
C GLY J 137 -40.16 -1.03 -34.60
N ILE J 138 -39.36 -1.72 -35.40
CA ILE J 138 -38.29 -2.60 -34.82
C ILE J 138 -37.12 -1.75 -34.35
N GLY J 139 -37.12 -0.44 -34.64
CA GLY J 139 -36.03 0.47 -34.25
C GLY J 139 -34.75 0.16 -35.00
N VAL J 140 -33.65 0.72 -34.53
CA VAL J 140 -32.29 0.48 -35.08
C VAL J 140 -31.77 -0.85 -34.49
N GLU J 141 -31.36 -1.77 -35.36
CA GLU J 141 -30.69 -3.00 -34.90
C GLU J 141 -29.73 -3.47 -36.00
N GLY J 142 -28.87 -4.40 -35.60
CA GLY J 142 -27.86 -5.01 -36.46
C GLY J 142 -26.48 -4.59 -35.98
N MET J 143 -25.53 -4.52 -36.91
CA MET J 143 -24.10 -4.37 -36.56
C MET J 143 -23.82 -3.03 -35.86
N GLY J 144 -23.06 -3.11 -34.78
CA GLY J 144 -22.42 -1.96 -34.13
C GLY J 144 -20.97 -1.91 -34.53
N TYR J 145 -20.47 -0.75 -34.93
CA TYR J 145 -19.01 -0.55 -35.05
C TYR J 145 -18.70 0.80 -34.42
N HIS J 146 -17.94 0.77 -33.33
CA HIS J 146 -17.62 1.96 -32.49
C HIS J 146 -16.10 2.02 -32.32
N MET J 147 -15.46 3.00 -32.94
CA MET J 147 -14.00 3.16 -32.80
C MET J 147 -13.68 4.65 -32.66
N PHE J 148 -12.66 4.97 -31.88
CA PHE J 148 -12.16 6.36 -31.76
C PHE J 148 -10.64 6.29 -31.61
N ALA J 149 -9.98 7.37 -32.04
CA ALA J 149 -8.50 7.51 -31.94
C ALA J 149 -8.18 8.95 -31.53
N ILE J 150 -7.22 9.11 -30.64
CA ILE J 150 -6.71 10.44 -30.18
C ILE J 150 -5.20 10.42 -30.35
N GLY J 151 -4.65 11.35 -31.15
CA GLY J 151 -3.23 11.31 -31.53
C GLY J 151 -2.62 12.70 -31.67
N GLY J 152 -1.29 12.75 -31.67
CA GLY J 152 -0.48 13.95 -31.98
C GLY J 152 -0.14 14.03 -33.45
N GLU J 153 -0.62 13.08 -34.26
CA GLU J 153 -0.48 13.07 -35.74
C GLU J 153 -1.67 12.32 -36.33
N PRO J 154 -1.84 12.33 -37.67
CA PRO J 154 -2.93 11.59 -38.32
C PRO J 154 -2.91 10.09 -38.00
N LEU J 155 -4.09 9.49 -37.86
CA LEU J 155 -4.27 8.05 -37.64
C LEU J 155 -3.68 7.27 -38.83
N GLU J 156 -2.77 6.34 -38.57
CA GLU J 156 -2.15 5.54 -39.64
C GLU J 156 -3.03 4.31 -39.88
N LEU J 157 -3.26 3.98 -41.15
CA LEU J 157 -4.28 3.01 -41.61
C LEU J 157 -3.62 1.84 -42.32
N GLN J 158 -4.22 0.68 -42.14
CA GLN J 158 -3.95 -0.55 -42.91
C GLN J 158 -5.16 -0.73 -43.82
N PHE J 159 -4.91 -0.86 -45.12
CA PHE J 159 -5.97 -1.14 -46.10
C PHE J 159 -6.33 -2.62 -45.97
N MET J 160 -7.61 -2.93 -45.77
CA MET J 160 -8.05 -4.34 -45.73
C MET J 160 -9.55 -4.42 -46.01
N VAL J 161 -9.92 -5.30 -46.94
CA VAL J 161 -11.30 -5.37 -47.50
C VAL J 161 -11.75 -6.82 -47.43
N PHE J 162 -13.07 -6.99 -47.37
CA PHE J 162 -13.73 -8.32 -47.42
C PHE J 162 -13.51 -8.97 -48.78
N ASN J 163 -13.67 -8.17 -49.85
CA ASN J 163 -13.61 -8.62 -51.28
C ASN J 163 -12.72 -7.64 -52.05
N HIS J 164 -11.53 -8.05 -52.46
CA HIS J 164 -10.51 -7.18 -53.09
C HIS J 164 -11.05 -6.64 -54.43
N ARG J 165 -11.91 -7.40 -55.10
CA ARG J 165 -12.44 -7.04 -56.45
C ARG J 165 -13.56 -6.01 -56.35
N ALA J 166 -13.96 -5.59 -55.15
CA ALA J 166 -14.98 -4.54 -54.98
C ALA J 166 -14.49 -3.31 -55.74
N THR J 167 -15.36 -2.68 -56.52
CA THR J 167 -15.02 -1.41 -57.20
C THR J 167 -15.63 -0.26 -56.42
N TYR J 168 -14.81 0.50 -55.72
CA TYR J 168 -15.25 1.65 -54.90
C TYR J 168 -15.47 2.83 -55.83
N PRO J 169 -16.37 3.76 -55.46
CA PRO J 169 -16.69 4.90 -56.29
C PRO J 169 -15.57 5.95 -56.23
N ALA J 170 -15.57 6.86 -57.21
CA ALA J 170 -14.54 7.91 -57.37
C ALA J 170 -14.46 8.79 -56.11
N GLU J 171 -15.59 9.02 -55.44
CA GLU J 171 -15.71 9.90 -54.23
C GLU J 171 -14.92 9.34 -53.05
N ALA J 172 -14.69 8.03 -53.02
CA ALA J 172 -14.05 7.35 -51.87
C ALA J 172 -12.53 7.32 -52.07
N THR J 173 -11.77 7.47 -50.98
CA THR J 173 -10.30 7.27 -50.95
C THR J 173 -10.05 5.79 -50.65
N VAL J 174 -9.58 5.03 -51.64
CA VAL J 174 -9.16 3.61 -51.49
C VAL J 174 -7.85 3.39 -52.24
N ILE J 175 -7.24 2.24 -52.05
CA ILE J 175 -6.15 1.72 -52.93
C ILE J 175 -6.82 0.99 -54.10
N LYS J 176 -6.69 1.54 -55.30
CA LYS J 176 -7.28 0.98 -56.54
C LYS J 176 -6.54 -0.32 -56.86
N ASN J 177 -7.29 -1.32 -57.35
CA ASN J 177 -6.80 -2.65 -57.80
C ASN J 177 -5.83 -3.20 -56.76
N PRO J 178 -6.27 -3.33 -55.47
CA PRO J 178 -5.37 -3.68 -54.38
C PRO J 178 -4.81 -5.10 -54.42
N GLY J 179 -5.48 -6.01 -55.14
CA GLY J 179 -5.10 -7.42 -55.26
C GLY J 179 -5.57 -8.25 -54.08
N ALA J 180 -5.49 -9.58 -54.25
CA ALA J 180 -6.05 -10.62 -53.35
C ALA J 180 -5.45 -10.53 -51.95
N SER J 181 -4.19 -10.13 -51.80
CA SER J 181 -3.52 -10.04 -50.49
C SER J 181 -4.20 -8.99 -49.60
N SER J 182 -5.02 -8.10 -50.18
CA SER J 182 -5.72 -6.99 -49.46
C SER J 182 -6.88 -7.55 -48.64
N GLN J 183 -7.21 -8.82 -48.85
CA GLN J 183 -8.30 -9.51 -48.11
C GLN J 183 -7.78 -9.94 -46.73
N VAL J 184 -6.46 -9.95 -46.57
CA VAL J 184 -5.74 -10.18 -45.29
C VAL J 184 -4.68 -9.09 -45.16
N PHE J 185 -3.59 -9.35 -44.43
CA PHE J 185 -2.54 -8.33 -44.22
C PHE J 185 -1.56 -8.35 -45.40
N ASP J 186 -1.35 -7.17 -45.97
CA ASP J 186 -0.26 -6.93 -46.96
C ASP J 186 0.48 -5.68 -46.49
N PRO J 187 1.78 -5.79 -46.13
CA PRO J 187 2.52 -4.66 -45.57
C PRO J 187 2.62 -3.47 -46.53
N ASN J 188 2.39 -3.70 -47.82
CA ASN J 188 2.44 -2.63 -48.86
C ASN J 188 1.23 -1.69 -48.80
N LEU J 189 0.10 -2.08 -48.20
CA LEU J 189 -1.19 -1.35 -48.39
C LEU J 189 -1.47 -0.43 -47.19
N LYS J 190 -0.74 0.70 -47.13
CA LYS J 190 -0.76 1.67 -46.01
C LYS J 190 -1.52 2.92 -46.43
N GLY J 191 -2.03 3.66 -45.46
CA GLY J 191 -2.64 4.97 -45.67
C GLY J 191 -2.60 5.76 -44.40
N THR J 192 -3.02 7.02 -44.47
CA THR J 192 -3.17 7.86 -43.26
C THR J 192 -4.52 8.55 -43.40
N LEU J 193 -5.23 8.71 -42.28
CA LEU J 193 -6.59 9.29 -42.26
C LEU J 193 -6.48 10.81 -42.32
N THR J 194 -6.46 11.34 -43.55
CA THR J 194 -6.12 12.74 -43.87
C THR J 194 -7.36 13.52 -44.32
N ALA J 195 -8.52 12.88 -44.43
CA ALA J 195 -9.74 13.58 -44.87
C ALA J 195 -10.98 12.97 -44.22
N ASP J 196 -11.94 13.83 -43.86
CA ASP J 196 -13.24 13.45 -43.24
C ASP J 196 -14.18 12.91 -44.32
N GLY J 197 -14.90 11.84 -44.02
CA GLY J 197 -16.08 11.41 -44.78
C GLY J 197 -15.78 10.79 -46.14
N VAL J 198 -14.53 10.33 -46.40
CA VAL J 198 -14.18 9.72 -47.71
C VAL J 198 -13.43 8.39 -47.58
N PHE J 199 -12.86 8.04 -46.42
CA PHE J 199 -12.15 6.75 -46.22
C PHE J 199 -13.16 5.71 -45.76
N PRO J 200 -13.53 4.71 -46.59
CA PRO J 200 -14.56 3.74 -46.20
C PRO J 200 -14.13 2.92 -44.97
N VAL J 201 -15.02 2.85 -43.99
CA VAL J 201 -14.81 2.00 -42.78
C VAL J 201 -14.48 0.58 -43.24
N GLU J 202 -15.15 0.06 -44.27
CA GLU J 202 -15.00 -1.35 -44.69
C GLU J 202 -13.71 -1.60 -45.47
N ALA J 203 -12.92 -0.55 -45.77
CA ALA J 203 -11.64 -0.68 -46.53
C ALA J 203 -10.41 -0.33 -45.67
N TRP J 204 -10.57 0.33 -44.53
CA TRP J 204 -9.42 0.81 -43.72
C TRP J 204 -9.67 0.55 -42.24
N GLY J 205 -8.60 0.25 -41.51
CA GLY J 205 -8.57 0.12 -40.05
C GLY J 205 -7.26 0.60 -39.47
N PRO J 206 -7.19 0.82 -38.14
CA PRO J 206 -5.95 1.25 -37.51
C PRO J 206 -4.80 0.28 -37.83
N ASP J 207 -3.62 0.83 -38.09
CA ASP J 207 -2.39 0.05 -38.37
C ASP J 207 -1.62 -0.16 -37.08
N PRO J 208 -1.59 -1.40 -36.51
CA PRO J 208 -0.91 -1.62 -35.24
C PRO J 208 0.62 -1.56 -35.36
N PHE J 209 1.14 -1.60 -36.60
CA PHE J 209 2.60 -1.46 -36.90
C PHE J 209 3.04 0.00 -36.73
N LYS J 210 2.12 0.95 -36.74
CA LYS J 210 2.45 2.38 -36.55
C LYS J 210 1.65 2.91 -35.36
N ASN J 211 1.22 4.16 -35.41
CA ASN J 211 0.36 4.78 -34.37
C ASN J 211 1.07 4.77 -33.01
N GLU J 212 2.40 4.96 -32.98
CA GLU J 212 3.16 5.05 -31.71
C GLU J 212 2.75 6.32 -30.94
N ASN J 213 2.15 7.32 -31.60
CA ASN J 213 1.81 8.64 -30.99
C ASN J 213 0.29 8.85 -31.00
N THR J 214 -0.47 7.75 -31.06
CA THR J 214 -1.96 7.73 -31.12
C THR J 214 -2.44 6.57 -30.25
N ARG J 215 -3.54 6.77 -29.52
CA ARG J 215 -4.26 5.68 -28.81
C ARG J 215 -5.56 5.46 -29.58
N TYR J 216 -5.84 4.22 -30.01
CA TYR J 216 -7.14 3.88 -30.65
C TYR J 216 -7.78 2.70 -29.91
N PHE J 217 -9.10 2.61 -30.04
CA PHE J 217 -10.00 1.69 -29.31
C PHE J 217 -11.15 1.39 -30.26
N GLY J 218 -11.51 0.12 -30.43
CA GLY J 218 -12.62 -0.22 -31.31
C GLY J 218 -13.37 -1.42 -30.81
N GLN J 219 -14.67 -1.47 -31.10
CA GLN J 219 -15.50 -2.67 -30.86
C GLN J 219 -16.47 -2.86 -32.02
N TYR J 220 -16.48 -4.06 -32.58
CA TYR J 220 -17.44 -4.54 -33.58
C TYR J 220 -18.38 -5.55 -32.91
N THR J 221 -19.69 -5.35 -33.05
CA THR J 221 -20.71 -6.38 -32.74
C THR J 221 -21.55 -6.58 -34.00
N GLY J 222 -21.46 -7.76 -34.60
CA GLY J 222 -22.09 -8.04 -35.90
C GLY J 222 -23.52 -8.51 -35.75
N GLY J 223 -24.06 -9.07 -36.83
CA GLY J 223 -25.45 -9.53 -36.91
C GLY J 223 -26.29 -8.45 -37.57
N THR J 224 -27.50 -8.80 -38.00
CA THR J 224 -28.44 -7.81 -38.60
C THR J 224 -29.63 -7.61 -37.66
N GLN J 225 -29.83 -8.50 -36.68
CA GLN J 225 -30.93 -8.40 -35.67
C GLN J 225 -30.40 -8.11 -34.26
N THR J 226 -29.10 -7.89 -34.08
CA THR J 226 -28.45 -7.61 -32.78
C THR J 226 -28.93 -6.28 -32.22
N PRO J 227 -29.32 -6.21 -30.93
CA PRO J 227 -29.68 -4.92 -30.34
C PRO J 227 -28.43 -4.08 -30.08
N PRO J 228 -28.46 -2.77 -30.38
CA PRO J 228 -27.41 -1.87 -29.93
C PRO J 228 -27.35 -1.85 -28.41
N VAL J 229 -26.13 -1.72 -27.90
CA VAL J 229 -25.85 -1.56 -26.45
C VAL J 229 -24.90 -0.37 -26.36
N LEU J 230 -25.39 0.75 -25.84
CA LEU J 230 -24.60 2.00 -25.73
C LEU J 230 -24.74 2.53 -24.31
N THR J 231 -23.64 3.02 -23.75
CA THR J 231 -23.64 3.68 -22.42
C THR J 231 -23.15 5.11 -22.64
N PHE J 232 -23.49 6.00 -21.73
CA PHE J 232 -23.05 7.41 -21.79
C PHE J 232 -22.98 7.90 -20.34
N THR J 233 -21.91 8.61 -20.02
CA THR J 233 -21.74 9.28 -18.69
C THR J 233 -20.73 10.40 -18.89
N ASN J 234 -20.78 11.42 -18.04
CA ASN J 234 -19.74 12.49 -18.03
C ASN J 234 -18.73 12.18 -16.92
N THR J 235 -18.73 10.96 -16.37
CA THR J 235 -17.91 10.63 -15.18
C THR J 235 -16.72 9.73 -15.54
N GLN J 236 -16.62 9.25 -16.78
CA GLN J 236 -15.61 8.25 -17.20
C GLN J 236 -14.41 8.93 -17.87
N THR J 237 -13.22 8.74 -17.32
CA THR J 237 -11.94 9.25 -17.86
C THR J 237 -11.08 8.08 -18.34
N THR J 238 -10.49 8.18 -19.53
CA THR J 238 -9.52 7.20 -20.09
C THR J 238 -8.13 7.84 -20.03
N ILE J 239 -7.20 7.20 -19.32
CA ILE J 239 -5.76 7.62 -19.26
C ILE J 239 -5.15 7.35 -20.64
N LEU J 240 -4.41 8.30 -21.22
CA LEU J 240 -3.75 8.14 -22.54
C LEU J 240 -2.24 7.92 -22.39
N LEU J 241 -1.70 7.94 -21.16
CA LEU J 241 -0.26 7.68 -20.93
C LEU J 241 0.10 6.26 -21.38
N ASP J 242 1.23 6.07 -22.05
CA ASP J 242 1.72 4.74 -22.50
C ASP J 242 2.44 4.06 -21.34
N GLU J 243 3.08 2.92 -21.61
CA GLU J 243 3.84 2.11 -20.60
C GLU J 243 4.89 3.00 -19.92
N ASN J 244 5.50 3.93 -20.67
CA ASN J 244 6.61 4.81 -20.18
C ASN J 244 6.07 6.08 -19.51
N GLY J 245 4.75 6.19 -19.28
CA GLY J 245 4.13 7.33 -18.58
C GLY J 245 4.00 8.56 -19.46
N VAL J 246 4.12 8.39 -20.78
CA VAL J 246 4.09 9.46 -21.81
C VAL J 246 2.77 9.37 -22.58
N GLY J 247 2.05 10.48 -22.68
CA GLY J 247 0.84 10.58 -23.51
C GLY J 247 1.20 10.88 -24.96
N PRO J 248 0.21 10.90 -25.89
CA PRO J 248 0.46 11.36 -27.27
C PRO J 248 0.99 12.79 -27.29
N LEU J 249 2.03 13.03 -28.08
CA LEU J 249 2.73 14.35 -28.11
C LEU J 249 2.29 15.10 -29.36
N CYS J 250 1.64 16.23 -29.18
CA CYS J 250 0.96 16.94 -30.30
C CYS J 250 1.98 17.74 -31.09
N LYS J 251 2.56 17.06 -32.10
CA LYS J 251 3.35 17.63 -33.21
C LYS J 251 2.58 18.82 -33.77
N GLY J 252 3.18 20.01 -33.71
CA GLY J 252 2.66 21.24 -34.34
C GLY J 252 1.47 21.81 -33.60
N ASP J 253 1.30 21.44 -32.32
CA ASP J 253 0.21 21.97 -31.46
C ASP J 253 -1.12 21.55 -32.12
N GLY J 254 -1.12 20.37 -32.72
CA GLY J 254 -2.28 19.74 -33.40
C GLY J 254 -2.72 18.49 -32.64
N LEU J 255 -4.00 18.44 -32.28
CA LEU J 255 -4.64 17.25 -31.67
C LEU J 255 -5.54 16.60 -32.70
N PHE J 256 -5.27 15.34 -33.07
CA PHE J 256 -5.98 14.60 -34.15
C PHE J 256 -7.01 13.66 -33.52
N LEU J 257 -8.28 13.85 -33.89
CA LEU J 257 -9.45 13.04 -33.45
C LEU J 257 -9.98 12.27 -34.65
N SER J 258 -10.28 10.98 -34.48
CA SER J 258 -10.91 10.15 -35.53
C SER J 258 -11.92 9.20 -34.90
N CYS J 259 -12.97 8.85 -35.63
CA CYS J 259 -13.96 7.87 -35.11
C CYS J 259 -14.82 7.29 -36.24
N ALA J 260 -15.53 6.22 -35.90
CA ALA J 260 -16.67 5.66 -36.66
C ALA J 260 -17.66 5.12 -35.62
N ASP J 261 -18.94 5.51 -35.74
CA ASP J 261 -20.00 5.12 -34.79
C ASP J 261 -21.25 4.70 -35.57
N ILE J 262 -21.16 3.52 -36.16
CA ILE J 262 -22.31 2.80 -36.78
C ILE J 262 -23.11 2.18 -35.63
N VAL J 263 -24.34 2.63 -35.45
CA VAL J 263 -25.24 2.14 -34.36
C VAL J 263 -25.92 0.84 -34.82
N GLY J 264 -26.29 0.76 -36.09
CA GLY J 264 -26.99 -0.40 -36.68
C GLY J 264 -27.74 0.06 -37.91
N PHE J 265 -28.78 -0.70 -38.31
CA PHE J 265 -29.56 -0.39 -39.53
C PHE J 265 -30.95 0.13 -39.18
N PHE J 266 -31.43 1.07 -40.00
CA PHE J 266 -32.83 1.52 -40.11
C PHE J 266 -33.49 0.69 -41.20
N THR J 267 -34.56 -0.01 -40.86
CA THR J 267 -35.34 -0.87 -41.79
C THR J 267 -36.70 -0.22 -42.06
N GLN J 268 -36.96 0.12 -43.33
CA GLN J 268 -38.22 0.75 -43.75
C GLN J 268 -39.31 -0.32 -43.89
N HIS J 269 -40.56 0.10 -44.03
CA HIS J 269 -41.71 -0.81 -44.26
C HIS J 269 -41.45 -1.69 -45.51
N ASN J 270 -40.77 -1.17 -46.53
CA ASN J 270 -40.50 -1.92 -47.79
C ASN J 270 -39.25 -2.79 -47.64
N LYS J 271 -38.70 -2.90 -46.42
CA LYS J 271 -37.55 -3.77 -46.04
C LYS J 271 -36.22 -3.20 -46.52
N LYS J 272 -36.19 -1.99 -47.08
CA LYS J 272 -34.91 -1.36 -47.46
C LYS J 272 -34.17 -0.97 -46.19
N MET J 273 -32.87 -1.18 -46.16
CA MET J 273 -32.06 -1.02 -44.93
C MET J 273 -30.93 -0.01 -45.19
N SER J 274 -30.71 0.89 -44.23
CA SER J 274 -29.65 1.92 -44.28
C SER J 274 -28.87 1.94 -42.96
N PHE J 275 -27.58 2.26 -43.04
CA PHE J 275 -26.75 2.51 -41.83
C PHE J 275 -27.27 3.77 -41.13
N ARG J 276 -27.31 3.75 -39.80
CA ARG J 276 -27.57 4.93 -38.95
C ARG J 276 -26.36 5.10 -38.04
N GLY J 277 -25.83 6.32 -37.96
CA GLY J 277 -24.67 6.66 -37.13
C GLY J 277 -25.03 7.72 -36.11
N LEU J 278 -24.18 7.89 -35.11
CA LEU J 278 -24.33 8.96 -34.10
C LEU J 278 -23.02 9.73 -34.02
N PRO J 279 -23.10 10.99 -33.56
CA PRO J 279 -21.90 11.79 -33.35
C PRO J 279 -21.21 11.47 -32.01
N ARG J 280 -19.91 11.78 -31.96
CA ARG J 280 -19.04 11.47 -30.81
C ARG J 280 -18.51 12.77 -30.23
N TYR J 281 -18.62 12.92 -28.92
CA TYR J 281 -18.00 13.98 -28.11
C TYR J 281 -16.58 13.56 -27.68
N PHE J 282 -15.65 14.51 -27.73
CA PHE J 282 -14.30 14.33 -27.12
C PHE J 282 -14.02 15.48 -26.17
N ARG J 283 -13.55 15.14 -24.96
CA ARG J 283 -12.83 16.07 -24.06
C ARG J 283 -11.41 15.52 -23.88
N VAL J 284 -10.39 16.30 -24.24
CA VAL J 284 -8.98 15.89 -24.09
C VAL J 284 -8.31 16.88 -23.12
N THR J 285 -7.67 16.35 -22.08
CA THR J 285 -6.83 17.11 -21.12
C THR J 285 -5.38 17.01 -21.58
N LEU J 286 -4.71 18.15 -21.75
CA LEU J 286 -3.28 18.20 -22.16
C LEU J 286 -2.48 19.05 -21.16
N ARG J 287 -1.19 18.75 -21.05
CA ARG J 287 -0.23 19.55 -20.25
C ARG J 287 0.95 19.87 -21.16
N LYS J 288 1.62 20.99 -20.91
CA LYS J 288 2.87 21.35 -21.64
C LYS J 288 4.01 20.47 -21.09
N ARG J 289 4.76 19.86 -21.99
CA ARG J 289 5.79 18.83 -21.72
C ARG J 289 7.10 19.35 -22.32
N VAL J 290 8.18 19.38 -21.53
CA VAL J 290 9.54 19.56 -22.10
C VAL J 290 9.95 18.23 -22.72
N VAL J 291 10.31 18.18 -24.00
CA VAL J 291 10.77 16.94 -24.68
C VAL J 291 12.29 17.04 -24.93
N LYS J 292 13.00 15.91 -25.05
CA LYS J 292 14.48 15.87 -25.16
C LYS J 292 14.91 16.53 -26.48
C1 GAL K . 45.00 46.00 25.35
C2 GAL K . 44.06 46.06 24.15
C3 GAL K . 44.18 44.80 23.31
C4 GAL K . 45.61 44.45 22.93
C5 GAL K . 46.50 44.62 24.15
C6 GAL K . 47.96 44.49 23.75
O1 GAL K . 44.93 47.18 26.19
O2 GAL K . 42.71 46.18 24.59
O3 GAL K . 43.38 44.96 22.13
O4 GAL K . 46.09 45.24 21.83
O5 GAL K . 46.30 45.87 24.79
O6 GAL K . 48.65 44.17 24.96
C1 SIA K . 43.45 42.63 21.28
C2 SIA K . 42.62 43.75 21.87
C3 SIA K . 41.58 44.29 20.88
C4 SIA K . 40.36 43.38 20.71
C5 SIA K . 39.84 42.81 22.04
C6 SIA K . 41.00 42.29 22.88
C7 SIA K . 40.60 41.81 24.26
C8 SIA K . 41.86 41.51 25.07
C9 SIA K . 41.50 41.01 26.46
C10 SIA K . 37.64 41.78 21.96
C11 SIA K . 36.87 40.56 21.60
N5 SIA K . 38.95 41.68 21.77
O1A SIA K . 43.83 41.69 22.03
O1B SIA K . 43.70 42.68 20.07
O4 SIA K . 39.33 44.16 20.09
O6 SIA K . 41.97 43.32 23.07
O7 SIA K . 39.80 42.82 24.88
O8 SIA K . 42.65 40.53 24.40
O9 SIA K . 42.68 41.10 27.28
O10 SIA K . 37.08 42.77 22.37
C1 GAL L . 64.94 16.85 16.61
C2 GAL L . 64.28 15.48 16.57
C3 GAL L . 62.88 15.52 17.18
C4 GAL L . 62.92 16.21 18.55
C5 GAL L . 63.69 17.52 18.51
C6 GAL L . 63.81 18.17 19.89
O1 GAL L . 66.26 16.76 16.07
O2 GAL L . 64.21 14.99 15.23
O3 GAL L . 62.42 14.15 17.29
O4 GAL L . 63.54 15.33 19.47
O5 GAL L . 64.99 17.28 17.97
O6 GAL L . 64.37 19.48 19.72
C1 SIA L . 60.71 12.57 17.33
C2 SIA L . 61.05 13.95 16.86
C3 SIA L . 60.82 14.11 15.33
C4 SIA L . 59.32 14.04 14.96
C5 SIA L . 58.48 14.96 15.83
C6 SIA L . 58.80 14.71 17.31
C7 SIA L . 58.12 15.69 18.25
C8 SIA L . 58.74 15.68 19.65
C9 SIA L . 58.05 16.72 20.55
C10 SIA L . 56.34 15.54 14.84
C11 SIA L . 54.90 15.11 14.67
N5 SIA L . 57.07 14.74 15.60
O1A SIA L . 60.39 12.44 18.55
O1B SIA L . 60.78 11.64 16.51
O4 SIA L . 59.19 14.43 13.58
O6 SIA L . 60.21 14.87 17.52
O7 SIA L . 58.31 16.99 17.72
O8 SIA L . 58.63 14.35 20.18
O9 SIA L . 58.91 17.20 21.59
O10 SIA L . 56.79 16.55 14.31
C1 GAL M . -42.64 -47.34 -26.21
C2 GAL M . -41.50 -47.34 -25.21
C3 GAL M . -40.20 -46.89 -25.81
C4 GAL M . -39.82 -47.65 -27.08
C5 GAL M . -41.05 -47.92 -27.98
C6 GAL M . -40.79 -49.11 -28.91
O1 GAL M . -43.80 -47.84 -25.52
O2 GAL M . -41.79 -46.42 -24.16
O3 GAL M . -39.25 -47.13 -24.76
O4 GAL M . -39.08 -48.82 -26.71
O5 GAL M . -42.30 -48.19 -27.30
O6 GAL M . -39.49 -49.04 -29.54
C1 SIA M . -37.28 -45.87 -25.24
C2 SIA M . -38.50 -45.96 -24.35
C3 SIA M . -38.21 -46.21 -22.86
C4 SIA M . -37.56 -45.00 -22.19
C5 SIA M . -38.35 -43.73 -22.47
C6 SIA M . -38.66 -43.58 -23.97
C7 SIA M . -39.61 -42.44 -24.36
C8 SIA M . -40.04 -42.59 -25.81
C9 SIA M . -40.94 -41.44 -26.27
C10 SIA M . -37.87 -41.86 -20.98
C11 SIA M . -36.96 -40.67 -20.78
N5 SIA M . -37.58 -42.58 -22.05
O1A SIA M . -36.27 -46.54 -24.88
O1B SIA M . -37.33 -45.19 -26.28
O4 SIA M . -37.47 -45.22 -20.76
O6 SIA M . -39.28 -44.77 -24.44
O7 SIA M . -40.76 -42.45 -23.51
O8 SIA M . -38.88 -42.75 -26.65
O9 SIA M . -41.67 -41.90 -27.42
O10 SIA M . -38.80 -42.07 -20.22
C1 GAL N . -21.55 -36.51 -54.57
C2 GAL N . -20.42 -37.01 -53.68
C3 GAL N . -19.49 -35.85 -53.39
C4 GAL N . -18.90 -35.32 -54.68
C5 GAL N . -20.02 -34.98 -55.68
C6 GAL N . -19.38 -34.69 -57.03
O1 GAL N . -22.47 -37.59 -54.81
O2 GAL N . -20.93 -37.55 -52.46
O3 GAL N . -18.43 -36.27 -52.52
O4 GAL N . -17.99 -36.31 -55.20
O5 GAL N . -21.00 -36.02 -55.81
O6 GAL N . -20.30 -33.94 -57.83
C1 SIA N . -17.80 -33.90 -51.99
C2 SIA N . -18.11 -35.29 -51.48
C3 SIA N . -16.89 -35.91 -50.77
C4 SIA N . -16.61 -35.21 -49.44
C5 SIA N . -17.89 -35.14 -48.59
C6 SIA N . -19.03 -34.50 -49.39
C7 SIA N . -20.40 -34.48 -48.72
C8 SIA N . -21.51 -34.11 -49.72
C9 SIA N . -22.89 -33.94 -49.09
C10 SIA N . -17.44 -34.85 -46.20
C11 SIA N . -17.27 -33.84 -45.10
N5 SIA N . -17.64 -34.33 -47.41
O1A SIA N . -16.63 -33.60 -52.23
O1B SIA N . -18.73 -33.10 -52.14
O4 SIA N . -15.59 -35.99 -48.80
O6 SIA N . -19.23 -35.26 -50.58
O7 SIA N . -20.64 -35.77 -48.23
O8 SIA N . -21.16 -32.91 -50.42
O9 SIA N . -23.66 -35.13 -49.21
O10 SIA N . -17.47 -36.03 -45.95
C1 MPD O . 47.59 32.97 14.47
C2 MPD O . 48.38 31.67 14.44
O2 MPD O . 48.48 31.18 15.78
CM MPD O . 49.80 31.89 13.96
C3 MPD O . 47.68 30.58 13.60
C4 MPD O . 46.19 30.37 13.83
O4 MPD O . 45.44 31.23 12.94
C5 MPD O . 45.75 28.96 13.58
C1 MPD P . 29.34 44.22 34.85
C2 MPD P . 30.05 43.88 33.53
O2 MPD P . 31.42 43.60 33.86
CM MPD P . 30.08 45.11 32.63
C3 MPD P . 29.49 42.60 32.88
C4 MPD P . 28.99 42.53 31.43
O4 MPD P . 29.68 43.36 30.52
C5 MPD P . 29.05 41.14 30.87
MG MG Q . 6.71 34.18 4.71
C1 MPD R . 55.67 1.43 20.87
C2 MPD R . 55.16 0.57 22.01
O2 MPD R . 54.90 1.43 23.13
CM MPD R . 56.24 -0.42 22.45
C3 MPD R . 53.85 -0.15 21.66
C4 MPD R . 52.75 0.67 21.04
O4 MPD R . 52.92 0.74 19.60
C5 MPD R . 51.35 0.16 21.32
C1 MPD S . 52.76 30.51 15.59
C2 MPD S . 53.34 29.18 16.01
O2 MPD S . 53.82 29.33 17.37
CM MPD S . 54.57 28.82 15.19
C3 MPD S . 52.28 28.06 16.05
C4 MPD S . 51.66 27.58 14.75
O4 MPD S . 52.56 26.76 14.04
C5 MPD S . 50.39 26.81 14.93
C1 MPD T . 56.89 -0.29 27.05
C2 MPD T . 55.87 -1.38 27.37
O2 MPD T . 55.46 -1.12 28.73
CM MPD T . 56.52 -2.75 27.29
C3 MPD T . 54.64 -1.25 26.46
C4 MPD T . 53.48 -2.23 26.50
O4 MPD T . 53.79 -3.54 26.95
C5 MPD T . 52.29 -1.76 27.29
MG MG U . 29.46 -17.35 5.00
C1 MPD V . 36.44 -9.09 45.67
C2 MPD V . 35.45 -8.31 46.52
O2 MPD V . 35.95 -6.98 46.73
CM MPD V . 35.35 -8.91 47.92
C3 MPD V . 34.08 -8.22 45.85
C4 MPD V . 34.01 -7.91 44.35
O4 MPD V . 33.82 -9.11 43.59
C5 MPD V . 32.89 -6.99 43.97
MG MG W . 4.92 -16.07 30.15
C1 MPD X . 16.49 15.84 54.95
C2 MPD X . 16.56 17.24 54.40
O2 MPD X . 17.94 17.59 54.12
CM MPD X . 16.09 18.24 55.45
C3 MPD X . 15.78 17.43 53.09
C4 MPD X . 15.90 16.38 51.99
O4 MPD X . 14.99 15.27 52.22
C5 MPD X . 15.59 16.98 50.66
C1 MPD Y . 36.07 -6.25 50.35
C2 MPD Y . 34.80 -5.57 50.85
O2 MPD Y . 35.18 -4.43 51.67
CM MPD Y . 34.06 -6.51 51.78
C3 MPD Y . 33.96 -5.00 49.69
C4 MPD Y . 32.47 -5.33 49.51
O4 MPD Y . 31.77 -5.37 50.73
C5 MPD Y . 31.81 -4.31 48.64
MG MG Z . -9.12 15.79 29.89
MG MG AA . -21.82 -10.21 31.89
C1 SIA BA . 20.37 38.80 47.40
C2 SIA BA . 19.84 38.19 48.67
C3 SIA BA . 18.31 38.06 48.59
C4 SIA BA . 17.81 36.95 47.65
C5 SIA BA . 18.55 35.63 47.93
C6 SIA BA . 20.04 35.90 47.96
C7 SIA BA . 20.90 34.69 48.31
C8 SIA BA . 22.32 35.12 48.64
C9 SIA BA . 23.21 33.90 48.91
C10 SIA BA . 17.45 33.61 47.02
C11 SIA BA . 17.28 32.78 45.77
N5 SIA BA . 18.27 34.64 46.87
O1A SIA BA . 21.56 38.58 47.06
O1B SIA BA . 19.61 39.51 46.71
O2 SIA BA . 20.24 39.04 49.77
O4 SIA BA . 16.38 36.84 47.85
O6 SIA BA . 20.40 36.91 48.93
O7 SIA BA . 20.33 34.07 49.45
O8 SIA BA . 22.79 35.91 47.53
O9 SIA BA . 24.33 34.23 49.76
O10 SIA BA . 16.87 33.36 48.07
C1 MPD CA . 23.48 41.66 35.48
C2 MPD CA . 24.65 41.79 34.50
O2 MPD CA . 25.74 41.00 35.00
CM MPD CA . 25.15 43.22 34.42
C3 MPD CA . 24.30 41.24 33.11
C4 MPD CA . 23.63 39.87 33.05
O4 MPD CA . 22.21 40.02 33.15
C5 MPD CA . 23.93 39.10 31.79
C1 MPD DA . 18.43 21.19 56.44
C2 MPD DA . 17.87 22.19 55.42
O2 MPD DA . 18.98 23.00 54.98
CM MPD DA . 16.81 23.06 56.08
C3 MPD DA . 17.34 21.47 54.17
C4 MPD DA . 16.91 22.27 52.95
O4 MPD DA . 16.47 23.59 53.24
C5 MPD DA . 17.93 22.35 51.84
C1 MPD EA . -51.35 9.21 -37.54
C2 MPD EA . -50.12 8.35 -37.80
O2 MPD EA . -49.44 8.94 -38.93
CM MPD EA . -50.49 6.93 -38.24
C3 MPD EA . -49.18 8.35 -36.60
C4 MPD EA . -47.69 8.41 -36.90
O4 MPD EA . -47.38 9.60 -37.65
C5 MPD EA . -46.79 8.34 -35.70
C1 MPD FA . -54.56 1.94 -24.68
C2 MPD FA . -54.77 0.61 -23.95
O2 MPD FA . -54.57 -0.44 -24.91
CM MPD FA . -56.21 0.45 -23.47
C3 MPD FA . -53.77 0.43 -22.79
C4 MPD FA . -52.28 0.63 -23.09
O4 MPD FA . -51.89 2.01 -22.89
C5 MPD FA . -51.37 -0.23 -22.25
C1 MPD GA . -37.63 7.64 -48.97
C2 MPD GA . -39.02 7.53 -48.36
O2 MPD GA . -39.78 6.72 -49.28
CM MPD GA . -39.70 8.89 -48.29
C3 MPD GA . -38.98 6.79 -47.01
C4 MPD GA . -38.39 7.57 -45.84
O4 MPD GA . -39.41 8.37 -45.27
C5 MPD GA . -37.80 6.73 -44.74
MG MG HA . -34.42 5.51 4.86
MG MG IA . -17.67 22.18 -20.95
C1 SIA JA . -59.22 -20.27 -15.59
C2 SIA JA . -60.05 -19.02 -15.82
C3 SIA JA . -60.07 -18.06 -14.63
C4 SIA JA . -58.72 -17.37 -14.40
C5 SIA JA . -58.14 -16.76 -15.67
C6 SIA JA . -58.13 -17.86 -16.74
C7 SIA JA . -57.64 -17.45 -18.12
C8 SIA JA . -57.85 -18.53 -19.22
C9 SIA JA . -56.90 -18.53 -20.42
C10 SIA JA . -56.46 -15.01 -15.31
C11 SIA JA . -54.98 -14.75 -15.16
N5 SIA JA . -56.78 -16.29 -15.45
O1A SIA JA . -59.03 -20.71 -14.44
O1B SIA JA . -58.75 -20.83 -16.60
O2 SIA JA . -61.39 -19.40 -16.17
O4 SIA JA . -58.90 -16.35 -13.39
O6 SIA JA . -59.47 -18.34 -16.92
O7 SIA JA . -58.35 -16.26 -18.40
O8 SIA JA . -57.56 -19.82 -18.73
O9 SIA JA . -55.55 -18.99 -20.09
O10 SIA JA . -57.26 -14.08 -15.33
C1 MPD KA . -50.25 -29.10 -13.26
C2 MPD KA . -49.31 -30.09 -13.92
O2 MPD KA . -49.28 -29.87 -15.34
CM MPD KA . -49.80 -31.52 -13.75
C3 MPD KA . -47.88 -29.93 -13.41
C4 MPD KA . -47.27 -28.53 -13.38
O4 MPD KA . -47.53 -27.85 -12.12
C5 MPD KA . -45.78 -28.55 -13.62
C1 MPD LA . -58.18 -2.47 -24.62
C2 MPD LA . -58.08 -3.57 -23.57
O2 MPD LA . -58.63 -4.76 -24.17
CM MPD LA . -58.91 -3.23 -22.34
C3 MPD LA . -56.60 -3.91 -23.25
C4 MPD LA . -56.08 -3.98 -21.82
O4 MPD LA . -56.99 -4.63 -20.95
C5 MPD LA . -54.78 -4.73 -21.72
MG MG MA . -20.91 -26.53 7.10
C1 MPD NA . -26.28 -43.59 -31.08
C2 MPD NA . -25.60 -42.97 -32.30
O2 MPD NA . -26.57 -42.20 -33.04
CM MPD NA . -25.14 -44.04 -33.28
C3 MPD NA . -24.42 -42.10 -31.90
C4 MPD NA . -24.64 -41.04 -30.83
O4 MPD NA . -24.42 -41.58 -29.49
C5 MPD NA . -23.72 -39.87 -31.03
C1 MPD OA . -50.02 -33.43 -16.99
C2 MPD OA . -49.13 -34.55 -17.50
O2 MPD OA . -49.60 -34.95 -18.80
CM MPD OA . -49.21 -35.77 -16.59
C3 MPD OA . -47.70 -34.06 -17.75
C4 MPD OA . -46.82 -33.95 -16.54
O4 MPD OA . -46.52 -35.24 -16.12
C5 MPD OA . -45.54 -33.19 -16.79
MG MG PA . 3.85 -30.08 -17.28
C1 MPD QA . -15.72 -21.40 -53.41
C2 MPD QA . -16.30 -20.04 -53.77
O2 MPD QA . -17.72 -20.09 -53.58
CM MPD QA . -16.10 -19.73 -55.25
C3 MPD QA . -15.74 -18.90 -52.90
C4 MPD QA . -15.67 -19.13 -51.39
O4 MPD QA . -14.46 -19.85 -51.03
C5 MPD QA . -15.70 -17.83 -50.61
C1 MPD RA . -26.40 -43.82 -37.17
C2 MPD RA . -25.36 -42.93 -37.85
O2 MPD RA . -26.01 -42.40 -39.03
CM MPD RA . -24.16 -43.75 -38.29
C3 MPD RA . -25.01 -41.70 -37.00
C4 MPD RA . -23.58 -41.22 -36.83
O4 MPD RA . -22.73 -41.49 -37.94
C5 MPD RA . -23.54 -39.74 -36.58
MG MG SA . 5.70 -0.05 -34.50
MG MG TA . 0.77 -33.94 -44.80
C1 MPD UA . -32.79 6.26 -49.37
C2 MPD UA . -34.00 6.78 -48.59
O2 MPD UA . -34.95 5.70 -48.47
CM MPD UA . -34.65 7.93 -49.34
C3 MPD UA . -33.66 7.18 -47.15
C4 MPD UA . -32.53 6.45 -46.46
O4 MPD UA . -31.29 7.11 -46.74
C5 MPD UA . -32.70 6.36 -44.97
C1 MPD VA . -19.27 -18.57 -57.32
C2 MPD VA . -19.29 -17.08 -57.02
O2 MPD VA . -20.68 -16.65 -57.05
CM MPD VA . -18.49 -16.33 -58.08
C3 MPD VA . -18.81 -16.80 -55.59
C4 MPD VA . -18.48 -15.40 -55.06
O4 MPD VA . -18.41 -14.35 -56.01
C5 MPD VA . -19.34 -14.95 -53.92
C1 MPD WA . -25.05 -1.86 -58.42
C2 MPD WA . -25.42 -3.02 -57.50
O2 MPD WA . -26.85 -2.93 -57.33
CM MPD WA . -25.22 -4.37 -58.17
C3 MPD WA . -24.74 -2.88 -56.12
C4 MPD WA . -23.68 -3.86 -55.71
O4 MPD WA . -22.70 -4.08 -56.72
C5 MPD WA . -23.00 -3.49 -54.41
#